data_3JD4
#
_entry.id   3JD4
#
_cell.length_a   1.000
_cell.length_b   1.000
_cell.length_c   1.000
_cell.angle_alpha   90.00
_cell.angle_beta   90.00
_cell.angle_gamma   90.00
#
_symmetry.space_group_name_H-M   'P 1'
#
loop_
_entity.id
_entity.type
_entity.pdbx_description
1 polymer 'Glutamate dehydrogenase 1, mitochondrial'
2 non-polymer '1,4-DIHYDRONICOTINAMIDE ADENINE DINUCLEOTIDE'
3 non-polymer "GUANOSINE-5'-TRIPHOSPHATE"
#
_entity_poly.entity_id   1
_entity_poly.type   'polypeptide(L)'
_entity_poly.pdbx_seq_one_letter_code
;ADREDDPNFFKMVEGFFDRGASIVEDKLVEDLKTRETEEQKRNRVRSILRIIKPCNHVLSLSFPIRRDDGSWEVIEGYRA
QHSQHRTPCKGGIRYSTDVSVDEVKALASLMTYKCAVVDVPFGGAKAGVKINPKNYTDNELEKITRRFTMELAKKGFIGP
GVDVPAPDMSTGEREMSWIADTYASTIGHYDINAHACVTGKPISQGGIHGRISATGRGVFHGIENFINEASYMSILGMTP
GFGDKTFVVQGFGNVGLHSMRYLHRFGAKCITVGESDGSIWNPDGIDPKELEDFKLQHGTILGFPKAKIYEGSILEVDCD
ILIPAASEKQLTKSNAPRVKAKIIAEGANGPTTPEADKIFLERNIMVIPDLYLNAGGVTVSYFEWLNNLNHVSYGRLTFK
YERDSNYHLLMSVQESLERKFGKHGGTIPIVPTAEFQDRISGASEKDIVHSGLAYTMERSARQIMRTAMKYNLGLDLRTA
AYVNAIEKVFRVYNEAGVTFT
;
_entity_poly.pdbx_strand_id   A,B,C,D,E,F
#
loop_
_chem_comp.id
_chem_comp.type
_chem_comp.name
_chem_comp.formula
GTP non-polymer GUANOSINE-5'-TRIPHOSPHATE 'C10 H16 N5 O14 P3'
NAI non-polymer '1,4-DIHYDRONICOTINAMIDE ADENINE DINUCLEOTIDE' 'C21 H29 N7 O14 P2'
#
# COMPACT_ATOMS: atom_id res chain seq x y z
N ASP A 5 35.99 20.65 30.52
CA ASP A 5 35.99 19.65 29.47
C ASP A 5 34.71 18.84 29.48
N ASP A 6 33.66 19.41 28.90
CA ASP A 6 32.38 18.73 28.74
C ASP A 6 31.72 19.23 27.47
N PRO A 7 32.25 18.87 26.30
CA PRO A 7 31.70 19.40 25.06
C PRO A 7 30.32 18.82 24.79
N ASN A 8 29.55 19.54 23.99
CA ASN A 8 28.33 18.97 23.43
C ASN A 8 28.67 17.67 22.72
N PHE A 9 28.06 16.58 23.17
CA PHE A 9 28.47 15.26 22.71
C PHE A 9 28.44 15.14 21.20
N PHE A 10 27.62 15.96 20.53
CA PHE A 10 27.61 15.97 19.07
C PHE A 10 28.73 16.84 18.52
N LYS A 11 29.10 17.90 19.24
CA LYS A 11 30.25 18.69 18.83
C LYS A 11 31.54 17.94 19.05
N MET A 12 31.52 16.91 19.90
CA MET A 12 32.72 16.11 20.14
C MET A 12 32.96 15.13 19.00
N VAL A 13 31.97 14.29 18.70
CA VAL A 13 32.10 13.31 17.63
C VAL A 13 32.38 14.01 16.31
N GLU A 14 31.74 15.15 16.09
CA GLU A 14 32.12 15.99 14.96
C GLU A 14 33.59 16.34 15.02
N GLY A 15 34.10 16.61 16.23
CA GLY A 15 35.51 16.95 16.36
C GLY A 15 36.43 15.84 15.89
N PHE A 16 36.06 14.59 16.16
CA PHE A 16 36.87 13.47 15.68
C PHE A 16 36.77 13.36 14.17
N PHE A 17 35.56 13.45 13.65
CA PHE A 17 35.32 13.44 12.21
C PHE A 17 36.16 14.51 11.53
N ASP A 18 36.33 15.64 12.22
CA ASP A 18 37.13 16.73 11.66
C ASP A 18 38.57 16.30 11.41
N ARG A 19 39.25 15.85 12.47
CA ARG A 19 40.63 15.42 12.32
C ARG A 19 40.74 14.28 11.32
N GLY A 20 39.66 13.51 11.16
CA GLY A 20 39.64 12.51 10.12
C GLY A 20 39.66 13.11 8.73
N ALA A 21 38.78 14.08 8.48
CA ALA A 21 38.75 14.73 7.18
C ALA A 21 40.04 15.49 6.91
N SER A 22 40.69 15.99 7.95
CA SER A 22 41.89 16.79 7.77
C SER A 22 43.04 15.98 7.20
N ILE A 23 43.00 14.66 7.33
CA ILE A 23 44.04 13.80 6.81
C ILE A 23 43.62 13.09 5.53
N VAL A 24 42.36 12.68 5.42
CA VAL A 24 41.90 11.99 4.22
C VAL A 24 41.82 12.93 3.03
N GLU A 25 41.54 14.21 3.27
CA GLU A 25 41.21 15.14 2.20
C GLU A 25 42.22 15.10 1.06
N ASP A 26 43.48 14.81 1.38
CA ASP A 26 44.51 14.79 0.36
C ASP A 26 44.52 13.47 -0.40
N LYS A 27 44.61 12.36 0.33
CA LYS A 27 44.61 11.05 -0.31
C LYS A 27 43.26 10.69 -0.90
N LEU A 28 42.29 11.62 -0.86
CA LEU A 28 40.98 11.32 -1.39
C LEU A 28 40.73 12.05 -2.69
N VAL A 29 41.40 13.19 -2.90
CA VAL A 29 41.33 13.88 -4.17
C VAL A 29 41.96 13.05 -5.28
N GLU A 30 43.09 12.41 -4.97
CA GLU A 30 43.81 11.65 -5.98
C GLU A 30 43.07 10.40 -6.39
N ASP A 31 42.17 9.91 -5.54
CA ASP A 31 41.33 8.77 -5.86
C ASP A 31 40.02 9.16 -6.53
N LEU A 32 39.69 10.45 -6.52
CA LEU A 32 38.57 10.97 -7.28
C LEU A 32 38.97 11.01 -8.75
N LYS A 33 38.25 10.25 -9.59
CA LYS A 33 38.61 10.07 -10.98
C LYS A 33 37.90 11.01 -11.93
N THR A 34 37.05 11.91 -11.43
CA THR A 34 36.39 12.86 -12.32
C THR A 34 37.42 13.79 -12.96
N ARG A 35 36.99 14.50 -14.00
CA ARG A 35 37.88 15.36 -14.77
C ARG A 35 37.56 16.81 -14.44
N GLU A 36 38.27 17.35 -13.46
CA GLU A 36 38.09 18.75 -13.04
C GLU A 36 39.47 19.32 -12.70
N THR A 37 39.47 20.50 -12.11
CA THR A 37 40.71 21.11 -11.66
C THR A 37 41.02 20.63 -10.24
N GLU A 38 42.29 20.71 -9.86
CA GLU A 38 42.72 20.30 -8.53
C GLU A 38 41.87 20.97 -7.46
N GLU A 39 41.87 22.31 -7.44
CA GLU A 39 41.12 23.04 -6.42
C GLU A 39 39.63 22.68 -6.50
N GLN A 40 39.12 22.54 -7.72
CA GLN A 40 37.73 22.11 -7.90
C GLN A 40 37.46 20.79 -7.21
N LYS A 41 38.30 19.79 -7.44
CA LYS A 41 38.13 18.50 -6.80
C LYS A 41 38.09 18.65 -5.29
N ARG A 42 38.91 19.55 -4.74
CA ARG A 42 38.87 19.78 -3.30
C ARG A 42 37.58 20.49 -2.92
N ASN A 43 37.07 21.36 -3.79
CA ASN A 43 35.76 21.94 -3.55
C ASN A 43 34.66 20.91 -3.71
N ARG A 44 35.01 19.74 -4.25
CA ARG A 44 34.05 18.65 -4.31
C ARG A 44 34.14 17.78 -3.06
N VAL A 45 35.35 17.53 -2.58
CA VAL A 45 35.53 16.69 -1.41
C VAL A 45 34.93 17.35 -0.19
N ARG A 46 35.43 18.53 0.18
CA ARG A 46 34.94 19.23 1.35
C ARG A 46 33.43 19.32 1.36
N SER A 47 32.82 19.46 0.19
CA SER A 47 31.37 19.52 0.11
C SER A 47 30.72 18.21 0.55
N ILE A 48 31.17 17.08 -0.01
CA ILE A 48 30.61 15.80 0.39
C ILE A 48 30.85 15.55 1.87
N LEU A 49 31.97 16.01 2.40
CA LEU A 49 32.21 15.85 3.84
C LEU A 49 31.19 16.62 4.65
N ARG A 50 30.75 17.79 4.18
CA ARG A 50 29.71 18.52 4.88
C ARG A 50 28.36 17.85 4.78
N ILE A 51 28.19 16.91 3.85
CA ILE A 51 26.94 16.17 3.76
C ILE A 51 26.93 14.97 4.69
N ILE A 52 28.09 14.33 4.85
CA ILE A 52 28.16 13.17 5.73
C ILE A 52 27.88 13.59 7.17
N LYS A 53 28.60 14.61 7.64
CA LYS A 53 28.62 15.00 9.04
C LYS A 53 27.25 15.12 9.71
N PRO A 54 26.28 15.86 9.19
CA PRO A 54 25.05 16.07 9.94
C PRO A 54 24.10 14.89 9.80
N CYS A 55 23.10 14.87 10.68
CA CYS A 55 22.08 13.83 10.68
C CYS A 55 21.01 14.17 9.66
N ASN A 56 20.52 13.15 8.95
CA ASN A 56 19.55 13.41 7.90
C ASN A 56 18.11 13.46 8.43
N HIS A 57 17.86 12.91 9.60
CA HIS A 57 16.52 12.93 10.18
C HIS A 57 16.64 12.83 11.69
N VAL A 58 15.99 13.74 12.40
CA VAL A 58 15.93 13.65 13.84
C VAL A 58 14.50 13.87 14.29
N LEU A 59 13.76 12.78 14.45
CA LEU A 59 12.39 12.85 14.90
C LEU A 59 12.39 13.22 16.37
N SER A 60 11.25 13.61 16.89
CA SER A 60 11.10 13.98 18.29
C SER A 60 9.64 13.87 18.66
N LEU A 61 9.36 13.22 19.78
CA LEU A 61 8.03 12.73 20.07
C LEU A 61 7.51 13.31 21.37
N SER A 62 6.33 12.83 21.75
CA SER A 62 5.73 13.13 23.05
C SER A 62 4.60 12.14 23.26
N PHE A 63 4.59 11.46 24.41
CA PHE A 63 3.70 10.33 24.62
C PHE A 63 2.75 10.63 25.74
N PRO A 64 1.45 10.67 25.50
CA PRO A 64 0.51 10.54 26.60
C PRO A 64 0.47 9.09 27.05
N ILE A 65 0.75 8.87 28.33
CA ILE A 65 0.66 7.54 28.93
C ILE A 65 -0.22 7.61 30.15
N ARG A 66 -0.74 6.45 30.55
CA ARG A 66 -1.57 6.32 31.75
C ARG A 66 -0.84 5.42 32.72
N ARG A 67 -0.19 6.04 33.70
CA ARG A 67 0.43 5.27 34.75
C ARG A 67 -0.62 4.46 35.51
N ASP A 68 -0.17 3.43 36.23
CA ASP A 68 -1.11 2.54 36.92
C ASP A 68 -1.95 3.26 37.96
N ASP A 69 -1.50 4.41 38.47
CA ASP A 69 -2.32 5.20 39.38
C ASP A 69 -3.26 6.13 38.62
N GLY A 70 -3.43 5.93 37.31
CA GLY A 70 -4.38 6.68 36.54
C GLY A 70 -3.91 8.02 36.04
N SER A 71 -2.85 8.58 36.63
CA SER A 71 -2.35 9.88 36.20
C SER A 71 -1.70 9.78 34.82
N TRP A 72 -1.71 10.90 34.10
CA TRP A 72 -1.10 10.98 32.79
C TRP A 72 0.32 11.54 32.90
N GLU A 73 1.13 11.23 31.89
CA GLU A 73 2.44 11.85 31.74
C GLU A 73 2.74 12.01 30.26
N VAL A 74 3.69 12.88 29.98
CA VAL A 74 4.27 12.99 28.66
C VAL A 74 5.65 12.35 28.71
N ILE A 75 6.07 11.80 27.57
CA ILE A 75 7.36 11.13 27.50
C ILE A 75 8.05 11.54 26.22
N GLU A 76 9.00 12.45 26.31
CA GLU A 76 9.78 12.83 25.15
C GLU A 76 10.58 11.65 24.65
N GLY A 77 10.52 11.41 23.35
CA GLY A 77 11.29 10.34 22.75
C GLY A 77 11.91 10.82 21.46
N TYR A 78 13.09 10.33 21.13
CA TYR A 78 13.89 10.83 20.03
C TYR A 78 14.27 9.67 19.13
N ARG A 79 14.56 9.98 17.88
CA ARG A 79 15.23 9.01 17.03
C ARG A 79 15.90 9.74 15.88
N ALA A 80 17.18 9.46 15.70
CA ALA A 80 17.93 10.05 14.61
C ALA A 80 18.30 8.96 13.62
N GLN A 81 18.31 9.32 12.34
CA GLN A 81 18.88 8.48 11.30
C GLN A 81 20.02 9.29 10.72
N HIS A 82 21.24 8.97 11.11
CA HIS A 82 22.36 9.77 10.66
C HIS A 82 22.47 9.81 9.15
N SER A 83 22.69 8.66 8.51
CA SER A 83 22.90 8.70 7.08
C SER A 83 22.01 7.68 6.38
N GLN A 84 21.80 7.87 5.09
CA GLN A 84 20.95 6.98 4.31
C GLN A 84 21.69 6.30 3.18
N HIS A 85 23.01 6.32 3.20
CA HIS A 85 23.79 5.76 2.12
C HIS A 85 23.69 4.24 2.12
N ARG A 86 22.98 3.70 3.10
CA ARG A 86 22.97 2.26 3.31
C ARG A 86 21.72 1.84 4.08
N THR A 87 20.82 1.23 3.44
CA THR A 87 19.65 0.91 4.25
C THR A 87 19.61 -0.57 4.60
N PRO A 88 19.01 -0.94 5.74
CA PRO A 88 18.35 -0.09 6.72
C PRO A 88 19.34 0.60 7.62
N CYS A 89 18.84 1.26 8.66
CA CYS A 89 19.68 1.92 9.64
C CYS A 89 19.43 1.30 11.00
N LYS A 90 20.47 0.69 11.57
CA LYS A 90 20.35 0.16 12.91
C LYS A 90 20.71 1.19 13.96
N GLY A 91 20.31 0.89 15.19
CA GLY A 91 20.61 1.74 16.32
C GLY A 91 19.81 1.35 17.53
N GLY A 92 20.45 1.36 18.69
CA GLY A 92 19.81 0.94 19.91
C GLY A 92 18.72 1.90 20.33
N ILE A 93 17.99 1.47 21.37
CA ILE A 93 17.02 2.32 22.04
C ILE A 93 17.45 2.44 23.49
N ARG A 94 17.83 3.64 23.88
CA ARG A 94 18.34 3.89 25.23
C ARG A 94 17.24 4.47 26.09
N TYR A 95 17.13 3.99 27.31
CA TYR A 95 16.25 4.57 28.31
C TYR A 95 17.10 5.22 29.39
N SER A 96 17.06 6.54 29.47
CA SER A 96 17.78 7.26 30.50
C SER A 96 17.24 8.67 30.58
N THR A 97 17.21 9.22 31.79
CA THR A 97 16.78 10.59 31.99
C THR A 97 17.82 11.59 31.55
N ASP A 98 18.93 11.13 30.97
CA ASP A 98 19.98 12.00 30.48
C ASP A 98 20.08 12.02 28.96
N VAL A 99 19.10 11.49 28.27
CA VAL A 99 19.13 11.45 26.81
C VAL A 99 18.55 12.75 26.28
N SER A 100 19.04 13.18 25.12
CA SER A 100 18.54 14.38 24.46
C SER A 100 18.89 14.29 22.98
N VAL A 101 18.33 15.19 22.19
CA VAL A 101 18.62 15.17 20.76
C VAL A 101 20.10 15.43 20.52
N ASP A 102 20.72 16.23 21.37
CA ASP A 102 22.13 16.52 21.20
C ASP A 102 22.98 15.29 21.45
N GLU A 103 22.48 14.37 22.27
CA GLU A 103 23.17 13.11 22.48
C GLU A 103 22.86 12.12 21.37
N VAL A 104 21.57 11.94 21.08
CA VAL A 104 21.15 10.94 20.10
C VAL A 104 21.77 11.22 18.74
N LYS A 105 21.81 12.49 18.34
CA LYS A 105 22.42 12.85 17.07
C LYS A 105 23.84 12.31 16.94
N ALA A 106 24.60 12.31 18.03
CA ALA A 106 25.98 11.86 17.93
C ALA A 106 26.08 10.34 17.98
N LEU A 107 25.40 9.72 18.94
CA LEU A 107 25.36 8.27 18.99
C LEU A 107 24.85 7.72 17.66
N ALA A 108 23.92 8.43 17.04
CA ALA A 108 23.47 8.04 15.71
C ALA A 108 24.62 8.09 14.72
N SER A 109 25.47 9.11 14.85
CA SER A 109 26.59 9.25 13.92
C SER A 109 27.58 8.11 14.08
N LEU A 110 27.94 7.81 15.33
CA LEU A 110 28.92 6.75 15.57
C LEU A 110 28.55 5.47 14.85
N MET A 111 27.28 5.05 14.96
CA MET A 111 26.93 3.79 14.33
C MET A 111 26.95 3.86 12.83
N THR A 112 26.92 5.05 12.24
CA THR A 112 27.22 5.13 10.82
C THR A 112 28.68 4.79 10.56
N TYR A 113 29.54 5.02 11.54
CA TYR A 113 30.95 4.72 11.32
C TYR A 113 31.32 3.35 11.85
N LYS A 114 30.79 2.97 13.01
CA LYS A 114 30.93 1.60 13.48
C LYS A 114 30.61 0.63 12.37
N CYS A 115 29.42 0.77 11.79
CA CYS A 115 29.01 -0.12 10.71
C CYS A 115 29.93 0.00 9.50
N ALA A 116 30.59 1.14 9.34
CA ALA A 116 31.52 1.29 8.23
C ALA A 116 32.88 0.69 8.55
N VAL A 117 33.28 0.74 9.83
CA VAL A 117 34.58 0.18 10.21
C VAL A 117 34.57 -1.34 10.13
N VAL A 118 33.42 -1.96 10.40
CA VAL A 118 33.34 -3.41 10.37
C VAL A 118 32.52 -3.90 9.18
N ASP A 119 32.31 -3.04 8.19
CA ASP A 119 31.82 -3.47 6.88
C ASP A 119 30.44 -4.11 6.96
N VAL A 120 29.57 -3.51 7.76
CA VAL A 120 28.22 -4.04 7.94
C VAL A 120 27.25 -3.14 7.21
N PRO A 121 26.41 -3.68 6.34
CA PRO A 121 25.48 -2.86 5.58
C PRO A 121 24.39 -2.04 6.32
N PHE A 122 24.74 -1.11 7.22
CA PHE A 122 23.67 -0.35 7.84
C PHE A 122 24.10 1.10 7.96
N GLY A 123 23.16 2.00 7.72
CA GLY A 123 23.33 3.36 8.19
C GLY A 123 23.25 3.43 9.69
N GLY A 124 23.53 4.60 10.24
CA GLY A 124 23.47 4.78 11.68
C GLY A 124 22.10 5.25 12.13
N ALA A 125 21.79 4.96 13.39
CA ALA A 125 20.55 5.42 13.98
C ALA A 125 20.68 5.30 15.49
N LYS A 126 19.75 5.93 16.20
CA LYS A 126 19.73 5.82 17.64
C LYS A 126 18.42 6.41 18.12
N ALA A 127 17.85 5.84 19.16
CA ALA A 127 16.60 6.33 19.71
C ALA A 127 16.72 6.42 21.22
N GLY A 128 16.24 7.53 21.77
CA GLY A 128 16.27 7.71 23.20
C GLY A 128 14.87 7.96 23.73
N VAL A 129 14.73 7.77 25.03
CA VAL A 129 13.48 8.06 25.73
C VAL A 129 13.84 8.65 27.08
N LYS A 130 13.42 9.89 27.34
CA LYS A 130 13.67 10.46 28.66
C LYS A 130 12.81 9.73 29.66
N ILE A 131 13.43 8.83 30.42
CA ILE A 131 12.71 7.90 31.27
C ILE A 131 13.72 7.28 32.22
N ASN A 132 13.25 6.83 33.37
CA ASN A 132 14.11 6.06 34.28
C ASN A 132 13.44 4.73 34.55
N PRO A 133 13.86 3.66 33.90
CA PRO A 133 13.15 2.38 34.01
C PRO A 133 13.08 1.84 35.43
N LYS A 134 13.93 2.34 36.32
CA LYS A 134 13.91 1.88 37.70
C LYS A 134 12.71 2.43 38.46
N ASN A 135 11.96 3.34 37.83
CA ASN A 135 10.82 3.95 38.50
C ASN A 135 9.49 3.33 38.13
N TYR A 136 9.37 2.75 36.96
CA TYR A 136 8.05 2.42 36.41
C TYR A 136 7.75 0.95 36.55
N THR A 137 6.47 0.64 36.72
CA THR A 137 5.97 -0.72 36.71
C THR A 137 6.37 -1.43 35.41
N ASP A 138 6.55 -2.74 35.51
CA ASP A 138 6.85 -3.52 34.31
C ASP A 138 5.63 -3.68 33.43
N ASN A 139 4.52 -3.04 33.80
CA ASN A 139 3.40 -2.89 32.88
C ASN A 139 3.58 -1.57 32.15
N GLU A 140 3.98 -0.53 32.88
CA GLU A 140 4.10 0.79 32.28
C GLU A 140 5.19 0.80 31.22
N LEU A 141 6.28 0.08 31.45
CA LEU A 141 7.32 0.00 30.42
C LEU A 141 6.78 -0.65 29.16
N GLU A 142 5.79 -1.53 29.28
CA GLU A 142 5.19 -2.06 28.06
C GLU A 142 4.34 -1.02 27.36
N LYS A 143 3.46 -0.34 28.07
CA LYS A 143 2.67 0.71 27.47
C LYS A 143 3.52 1.83 26.89
N ILE A 144 4.74 2.00 27.38
CA ILE A 144 5.64 3.00 26.85
C ILE A 144 6.37 2.49 25.61
N THR A 145 6.91 1.28 25.70
CA THR A 145 7.64 0.74 24.56
C THR A 145 6.73 0.50 23.37
N ARG A 146 5.51 0.02 23.60
CA ARG A 146 4.61 -0.22 22.48
C ARG A 146 4.15 1.08 21.85
N ARG A 147 3.87 2.09 22.67
CA ARG A 147 3.48 3.37 22.12
C ARG A 147 4.62 4.03 21.35
N PHE A 148 5.85 3.91 21.86
CA PHE A 148 7.00 4.47 21.19
C PHE A 148 7.24 3.88 19.81
N THR A 149 6.84 2.63 19.58
CA THR A 149 6.98 2.05 18.26
C THR A 149 5.78 2.38 17.39
N MET A 150 4.60 2.43 18.00
CA MET A 150 3.41 2.85 17.27
C MET A 150 3.62 4.23 16.65
N GLU A 151 4.30 5.11 17.38
CA GLU A 151 4.55 6.44 16.87
C GLU A 151 5.60 6.42 15.76
N LEU A 152 6.69 5.71 15.97
CA LEU A 152 7.73 5.65 14.94
C LEU A 152 7.20 4.99 13.69
N ALA A 153 6.58 3.82 13.83
CA ALA A 153 6.17 3.05 12.66
C ALA A 153 5.31 3.87 11.73
N LYS A 154 4.31 4.57 12.27
CA LYS A 154 3.44 5.33 11.39
C LYS A 154 4.15 6.48 10.70
N LYS A 155 5.33 6.88 11.19
CA LYS A 155 6.11 7.93 10.54
C LYS A 155 7.35 7.40 9.85
N GLY A 156 7.41 6.09 9.58
CA GLY A 156 8.52 5.55 8.82
C GLY A 156 9.86 5.61 9.52
N PHE A 157 9.93 5.11 10.76
CA PHE A 157 11.18 5.01 11.48
C PHE A 157 11.39 3.64 12.10
N ILE A 158 10.52 2.66 11.80
CA ILE A 158 10.74 1.27 12.13
C ILE A 158 10.29 0.45 10.95
N GLY A 159 10.99 -0.65 10.68
CA GLY A 159 10.66 -1.50 9.59
C GLY A 159 11.90 -2.00 8.91
N PRO A 160 11.90 -3.28 8.52
CA PRO A 160 13.13 -3.90 8.02
C PRO A 160 13.72 -3.23 6.79
N GLY A 161 13.07 -2.21 6.25
CA GLY A 161 13.62 -1.52 5.12
C GLY A 161 14.12 -0.13 5.46
N VAL A 162 13.81 0.34 6.65
CA VAL A 162 14.20 1.69 7.04
C VAL A 162 15.08 1.66 8.28
N ASP A 163 14.55 1.21 9.41
CA ASP A 163 15.29 1.20 10.65
C ASP A 163 15.11 -0.12 11.36
N VAL A 164 16.10 -0.48 12.17
CA VAL A 164 16.06 -1.71 12.94
C VAL A 164 16.54 -1.38 14.35
N PRO A 165 15.65 -1.18 15.31
CA PRO A 165 16.08 -0.93 16.68
C PRO A 165 16.90 -2.07 17.27
N ALA A 166 17.51 -1.85 18.41
CA ALA A 166 18.36 -2.85 19.03
C ALA A 166 18.49 -2.56 20.52
N PRO A 167 18.95 -3.50 21.33
CA PRO A 167 19.14 -3.20 22.75
C PRO A 167 20.23 -2.18 22.96
N ASP A 168 20.11 -1.46 24.07
CA ASP A 168 21.13 -0.53 24.50
C ASP A 168 20.90 -0.30 26.00
N MET A 169 21.51 0.75 26.53
CA MET A 169 21.43 1.06 27.96
C MET A 169 20.01 0.91 28.49
N SER A 170 19.88 0.18 29.60
CA SER A 170 18.63 0.03 30.32
C SER A 170 17.54 -0.61 29.47
N THR A 171 17.92 -1.31 28.41
CA THR A 171 16.99 -2.12 27.65
C THR A 171 17.63 -3.48 27.38
N GLY A 172 16.80 -4.50 27.30
CA GLY A 172 17.26 -5.86 27.09
C GLY A 172 16.38 -6.58 26.11
N GLU A 173 16.41 -7.91 26.18
CA GLU A 173 15.59 -8.71 25.30
C GLU A 173 14.12 -8.60 25.66
N ARG A 174 13.81 -8.17 26.88
CA ARG A 174 12.43 -7.97 27.27
C ARG A 174 11.78 -6.90 26.42
N GLU A 175 12.42 -5.74 26.31
CA GLU A 175 11.85 -4.65 25.54
C GLU A 175 11.79 -4.98 24.05
N MET A 176 12.88 -5.52 23.50
CA MET A 176 12.93 -5.77 22.07
C MET A 176 11.85 -6.73 21.62
N SER A 177 11.30 -7.52 22.54
CA SER A 177 10.22 -8.41 22.16
C SER A 177 8.89 -7.66 22.07
N TRP A 178 8.70 -6.66 22.94
CA TRP A 178 7.51 -5.83 22.86
C TRP A 178 7.45 -5.05 21.56
N ILE A 179 8.61 -4.65 21.05
CA ILE A 179 8.63 -3.89 19.79
C ILE A 179 8.26 -4.79 18.63
N ALA A 180 8.95 -5.91 18.50
CA ALA A 180 8.71 -6.81 17.37
C ALA A 180 7.28 -7.29 17.33
N ASP A 181 6.67 -7.42 18.51
CA ASP A 181 5.29 -7.91 18.56
C ASP A 181 4.31 -6.81 18.19
N THR A 182 4.60 -5.58 18.56
CA THR A 182 3.72 -4.48 18.21
C THR A 182 3.80 -4.17 16.72
N TYR A 183 5.00 -4.17 16.16
CA TYR A 183 5.15 -3.88 14.75
C TYR A 183 4.54 -4.98 13.91
N ALA A 184 4.77 -6.24 14.29
CA ALA A 184 4.29 -7.35 13.46
C ALA A 184 2.78 -7.37 13.41
N SER A 185 2.13 -6.91 14.47
CA SER A 185 0.68 -7.06 14.56
C SER A 185 -0.10 -5.81 14.18
N THR A 186 0.58 -4.70 13.89
CA THR A 186 -0.15 -3.50 13.50
C THR A 186 0.19 -3.03 12.11
N ILE A 187 1.45 -2.78 11.81
CA ILE A 187 1.80 -2.08 10.58
C ILE A 187 2.23 -3.10 9.54
N GLY A 188 3.29 -3.83 9.83
CA GLY A 188 3.79 -4.80 8.90
C GLY A 188 3.20 -6.17 9.08
N HIS A 189 1.87 -6.26 9.20
CA HIS A 189 1.26 -7.57 9.35
C HIS A 189 1.47 -8.41 8.10
N TYR A 190 1.12 -7.88 6.93
CA TYR A 190 1.23 -8.65 5.71
C TYR A 190 2.68 -8.87 5.29
N ASP A 191 3.56 -7.94 5.63
CA ASP A 191 4.95 -8.02 5.21
C ASP A 191 5.55 -9.34 5.67
N ILE A 192 6.29 -10.01 4.78
CA ILE A 192 6.89 -11.28 5.15
C ILE A 192 8.03 -11.09 6.13
N ASN A 193 8.65 -9.91 6.12
CA ASN A 193 9.79 -9.62 6.97
C ASN A 193 9.39 -8.89 8.24
N ALA A 194 8.18 -9.12 8.73
CA ALA A 194 7.67 -8.38 9.87
C ALA A 194 8.57 -8.55 11.08
N HIS A 195 8.71 -9.78 11.56
CA HIS A 195 9.48 -10.05 12.76
C HIS A 195 10.92 -9.60 12.66
N ALA A 196 11.41 -9.30 11.48
CA ALA A 196 12.78 -8.86 11.30
C ALA A 196 12.97 -7.39 11.52
N CYS A 197 12.04 -6.72 12.19
CA CYS A 197 12.13 -5.28 12.35
C CYS A 197 13.11 -4.86 13.43
N VAL A 198 13.39 -5.71 14.41
CA VAL A 198 14.31 -5.40 15.48
C VAL A 198 15.27 -6.57 15.66
N THR A 199 16.42 -6.27 16.26
CA THR A 199 17.39 -7.28 16.62
C THR A 199 17.42 -7.37 18.14
N GLY A 200 18.23 -8.28 18.66
CA GLY A 200 18.27 -8.46 20.09
C GLY A 200 17.04 -9.12 20.66
N LYS A 201 16.20 -9.70 19.82
CA LYS A 201 15.03 -10.41 20.28
C LYS A 201 15.42 -11.67 21.04
N PRO A 202 14.53 -12.20 21.86
CA PRO A 202 14.80 -13.49 22.50
C PRO A 202 14.93 -14.58 21.45
N ILE A 203 15.59 -15.67 21.85
CA ILE A 203 15.83 -16.75 20.90
C ILE A 203 14.51 -17.31 20.39
N SER A 204 13.58 -17.59 21.29
CA SER A 204 12.29 -18.14 20.88
C SER A 204 11.53 -17.19 19.97
N GLN A 205 11.88 -15.91 19.96
CA GLN A 205 11.24 -14.93 19.09
C GLN A 205 12.11 -14.58 17.90
N GLY A 206 13.12 -15.37 17.58
CA GLY A 206 13.96 -15.12 16.45
C GLY A 206 15.30 -14.50 16.75
N GLY A 207 15.89 -14.79 17.90
CA GLY A 207 17.17 -14.24 18.26
C GLY A 207 18.32 -15.03 17.67
N ILE A 208 19.50 -14.82 18.24
CA ILE A 208 20.74 -15.48 17.84
C ILE A 208 21.45 -15.94 19.10
N HIS A 209 22.03 -17.14 19.04
CA HIS A 209 22.90 -17.59 20.11
C HIS A 209 23.90 -16.51 20.48
N GLY A 210 23.92 -16.15 21.74
CA GLY A 210 24.89 -15.18 22.22
C GLY A 210 24.69 -13.77 21.72
N ARG A 211 23.45 -13.31 21.58
CA ARG A 211 23.25 -11.90 21.29
C ARG A 211 23.59 -11.04 22.48
N ILE A 212 23.40 -11.58 23.69
CA ILE A 212 23.75 -10.83 24.89
C ILE A 212 25.27 -10.72 25.02
N SER A 213 25.96 -11.85 24.97
CA SER A 213 27.41 -11.83 25.08
C SER A 213 28.08 -11.34 23.81
N ALA A 214 27.31 -10.90 22.82
CA ALA A 214 27.88 -10.49 21.54
C ALA A 214 28.86 -9.34 21.72
N THR A 215 28.42 -8.29 22.41
CA THR A 215 29.28 -7.12 22.57
C THR A 215 30.53 -7.46 23.37
N GLY A 216 30.40 -8.31 24.39
CA GLY A 216 31.55 -8.70 25.17
C GLY A 216 32.63 -9.33 24.32
N ARG A 217 32.25 -10.32 23.51
CA ARG A 217 33.20 -10.92 22.58
C ARG A 217 33.88 -9.86 21.73
N GLY A 218 33.13 -8.82 21.37
CA GLY A 218 33.71 -7.72 20.63
C GLY A 218 34.88 -7.14 21.38
N VAL A 219 34.62 -6.64 22.59
CA VAL A 219 35.68 -6.11 23.44
C VAL A 219 36.81 -7.12 23.59
N PHE A 220 36.49 -8.41 23.63
CA PHE A 220 37.53 -9.41 23.75
C PHE A 220 38.36 -9.52 22.48
N HIS A 221 37.73 -9.89 21.37
CA HIS A 221 38.47 -10.06 20.13
C HIS A 221 39.18 -8.78 19.71
N GLY A 222 38.68 -7.63 20.13
CA GLY A 222 39.37 -6.39 19.86
C GLY A 222 40.68 -6.31 20.60
N ILE A 223 40.61 -6.44 21.92
CA ILE A 223 41.81 -6.41 22.76
C ILE A 223 42.80 -7.46 22.28
N GLU A 224 42.32 -8.66 22.02
CA GLU A 224 43.20 -9.74 21.55
C GLU A 224 43.91 -9.36 20.27
N ASN A 225 43.20 -8.75 19.32
CA ASN A 225 43.81 -8.37 18.06
C ASN A 225 44.88 -7.33 18.20
N PHE A 226 45.03 -6.69 19.37
CA PHE A 226 46.07 -5.72 19.60
C PHE A 226 47.12 -6.20 20.60
N ILE A 227 46.69 -6.76 21.74
CA ILE A 227 47.63 -7.34 22.69
C ILE A 227 48.59 -8.29 22.00
N ASN A 228 48.09 -9.07 21.04
CA ASN A 228 48.93 -10.01 20.32
C ASN A 228 49.59 -9.37 19.12
N GLU A 229 49.74 -8.04 19.12
CA GLU A 229 50.50 -7.31 18.11
C GLU A 229 51.70 -6.66 18.77
N ALA A 230 52.88 -7.25 18.57
CA ALA A 230 54.08 -6.77 19.25
C ALA A 230 54.48 -5.38 18.81
N SER A 231 54.12 -4.98 17.59
CA SER A 231 54.52 -3.68 17.07
C SER A 231 54.12 -2.55 17.98
N TYR A 232 53.01 -2.71 18.70
CA TYR A 232 52.55 -1.71 19.67
C TYR A 232 52.99 -2.04 21.08
N MET A 233 52.97 -3.33 21.44
CA MET A 233 53.36 -3.72 22.79
C MET A 233 54.83 -3.41 23.06
N SER A 234 55.64 -3.38 22.00
CA SER A 234 56.99 -2.87 22.12
C SER A 234 57.01 -1.38 22.44
N ILE A 235 56.01 -0.63 21.98
CA ILE A 235 55.93 0.79 22.26
C ILE A 235 55.34 1.00 23.64
N LEU A 236 54.20 0.37 23.91
CA LEU A 236 53.57 0.49 25.22
C LEU A 236 54.42 -0.09 26.33
N GLY A 237 55.32 -1.02 26.01
CA GLY A 237 56.14 -1.62 27.03
C GLY A 237 55.41 -2.65 27.87
N MET A 238 54.77 -3.62 27.24
CA MET A 238 54.06 -4.69 27.92
C MET A 238 54.32 -6.01 27.18
N THR A 239 53.54 -7.03 27.52
CA THR A 239 53.76 -8.36 27.00
C THR A 239 52.53 -8.87 26.27
N PRO A 240 52.69 -9.41 25.07
CA PRO A 240 51.56 -10.05 24.39
C PRO A 240 51.06 -11.26 25.16
N GLY A 241 49.84 -11.14 25.67
CA GLY A 241 49.22 -12.19 26.45
C GLY A 241 48.23 -11.64 27.46
N PHE A 242 47.36 -12.48 27.98
CA PHE A 242 46.35 -12.04 28.94
C PHE A 242 46.63 -12.48 30.37
N GLY A 243 46.97 -13.74 30.60
CA GLY A 243 47.21 -14.23 31.95
C GLY A 243 48.32 -13.50 32.67
N ASP A 244 49.11 -12.72 31.96
CA ASP A 244 50.21 -11.98 32.52
C ASP A 244 49.83 -10.56 32.94
N LYS A 245 48.61 -10.12 32.63
CA LYS A 245 48.21 -8.75 32.93
C LYS A 245 46.77 -8.75 33.42
N THR A 246 46.33 -7.61 33.94
CA THR A 246 45.01 -7.49 34.54
C THR A 246 44.20 -6.42 33.84
N PHE A 247 43.01 -6.13 34.36
CA PHE A 247 42.11 -5.16 33.75
C PHE A 247 41.01 -4.87 34.76
N VAL A 248 40.34 -3.75 34.55
CA VAL A 248 39.24 -3.32 35.40
C VAL A 248 38.04 -3.05 34.51
N VAL A 249 36.90 -2.79 35.13
CA VAL A 249 35.65 -2.62 34.39
C VAL A 249 34.82 -1.52 35.04
N GLN A 250 34.36 -0.59 34.22
CA GLN A 250 33.38 0.42 34.62
C GLN A 250 32.03 -0.04 34.10
N GLY A 251 31.01 0.01 34.94
CA GLY A 251 29.69 -0.32 34.43
C GLY A 251 29.40 -1.79 34.27
N PHE A 252 29.23 -2.51 35.38
CA PHE A 252 29.12 -3.96 35.38
C PHE A 252 27.97 -4.50 34.52
N GLY A 253 27.21 -3.62 33.88
CA GLY A 253 26.12 -4.05 33.02
C GLY A 253 26.55 -4.90 31.83
N ASN A 254 25.61 -5.13 30.90
CA ASN A 254 25.79 -6.12 29.84
C ASN A 254 27.18 -6.15 29.25
N VAL A 255 27.68 -5.01 28.77
CA VAL A 255 29.02 -4.97 28.22
C VAL A 255 30.03 -5.32 29.28
N GLY A 256 30.06 -4.53 30.37
CA GLY A 256 31.02 -4.77 31.43
C GLY A 256 30.98 -6.20 31.96
N LEU A 257 29.77 -6.75 32.10
CA LEU A 257 29.65 -8.12 32.60
C LEU A 257 30.36 -9.09 31.67
N HIS A 258 29.90 -9.17 30.42
CA HIS A 258 30.46 -10.16 29.51
C HIS A 258 31.84 -9.78 29.01
N SER A 259 32.23 -8.52 29.14
CA SER A 259 33.62 -8.18 28.92
C SER A 259 34.51 -8.87 29.94
N MET A 260 33.99 -9.08 31.14
CA MET A 260 34.76 -9.78 32.16
C MET A 260 34.96 -11.24 31.78
N ARG A 261 33.86 -12.00 31.69
CA ARG A 261 33.98 -13.45 31.60
C ARG A 261 34.87 -13.88 30.43
N TYR A 262 34.62 -13.31 29.25
CA TYR A 262 35.43 -13.65 28.10
C TYR A 262 36.87 -13.18 28.24
N LEU A 263 37.10 -12.13 29.04
CA LEU A 263 38.46 -11.72 29.31
C LEU A 263 38.96 -12.31 30.62
N HIS A 264 38.07 -12.84 31.45
CA HIS A 264 38.43 -13.55 32.67
C HIS A 264 38.85 -15.00 32.42
N ARG A 265 38.26 -15.62 31.39
CA ARG A 265 38.53 -17.04 31.15
C ARG A 265 39.93 -17.28 30.61
N PHE A 266 40.65 -16.23 30.23
CA PHE A 266 41.99 -16.36 29.69
C PHE A 266 43.03 -15.72 30.58
N GLY A 267 42.91 -15.92 31.89
CA GLY A 267 43.95 -15.56 32.83
C GLY A 267 43.98 -14.11 33.25
N ALA A 268 43.49 -13.20 32.39
CA ALA A 268 43.46 -11.79 32.76
C ALA A 268 42.61 -11.62 34.01
N LYS A 269 43.19 -11.00 35.03
CA LYS A 269 42.63 -10.97 36.36
C LYS A 269 41.88 -9.66 36.55
N CYS A 270 40.55 -9.73 36.52
CA CYS A 270 39.74 -8.53 36.67
C CYS A 270 39.89 -7.96 38.07
N ILE A 271 40.58 -6.82 38.17
CA ILE A 271 40.87 -6.22 39.46
C ILE A 271 39.61 -5.70 40.14
N THR A 272 38.94 -4.73 39.54
CA THR A 272 37.83 -4.10 40.23
C THR A 272 36.66 -3.90 39.27
N VAL A 273 35.58 -3.36 39.81
CA VAL A 273 34.36 -3.09 39.06
C VAL A 273 33.59 -2.04 39.85
N GLY A 274 32.84 -1.20 39.15
CA GLY A 274 32.04 -0.18 39.80
C GLY A 274 30.74 0.05 39.06
N GLU A 275 29.93 0.94 39.64
CA GLU A 275 28.67 1.33 39.04
C GLU A 275 28.23 2.64 39.65
N SER A 276 26.98 3.02 39.40
CA SER A 276 26.47 4.28 39.92
C SER A 276 26.59 4.40 41.43
N ASP A 277 26.59 3.27 42.16
CA ASP A 277 26.74 3.29 43.61
C ASP A 277 28.19 3.43 44.06
N GLY A 278 29.04 2.46 43.74
CA GLY A 278 30.41 2.47 44.24
C GLY A 278 31.28 1.41 43.61
N SER A 279 32.52 1.32 44.06
CA SER A 279 33.51 0.46 43.45
C SER A 279 33.76 -0.76 44.34
N ILE A 280 34.25 -1.83 43.71
CA ILE A 280 34.50 -3.11 44.36
C ILE A 280 35.91 -3.53 43.95
N TRP A 281 36.89 -3.23 44.79
CA TRP A 281 38.30 -3.33 44.41
C TRP A 281 38.95 -4.52 45.08
N ASN A 282 39.48 -5.43 44.28
CA ASN A 282 40.24 -6.59 44.78
C ASN A 282 41.39 -6.84 43.82
N PRO A 283 42.63 -6.63 44.24
CA PRO A 283 43.75 -6.80 43.32
C PRO A 283 44.07 -8.26 42.99
N ASP A 284 43.16 -9.17 43.32
CA ASP A 284 43.41 -10.60 43.10
C ASP A 284 42.34 -11.30 42.28
N GLY A 285 41.31 -10.59 41.84
CA GLY A 285 40.38 -11.24 40.92
C GLY A 285 39.00 -11.42 41.51
N ILE A 286 37.98 -11.11 40.71
CA ILE A 286 36.58 -11.25 41.11
C ILE A 286 35.91 -12.26 40.18
N ASP A 287 35.29 -13.28 40.76
CA ASP A 287 34.58 -14.29 40.00
C ASP A 287 33.37 -13.67 39.32
N PRO A 288 33.37 -13.60 37.99
CA PRO A 288 32.22 -13.00 37.30
C PRO A 288 30.93 -13.78 37.50
N LYS A 289 31.01 -15.07 37.85
CA LYS A 289 29.81 -15.82 38.16
C LYS A 289 29.22 -15.38 39.50
N GLU A 290 30.04 -15.40 40.55
CA GLU A 290 29.55 -15.07 41.89
C GLU A 290 28.98 -13.66 41.95
N LEU A 291 29.71 -12.69 41.41
CA LEU A 291 29.22 -11.32 41.45
C LEU A 291 27.93 -11.18 40.65
N GLU A 292 27.81 -11.92 39.55
CA GLU A 292 26.57 -11.88 38.78
C GLU A 292 25.38 -12.30 39.63
N ASP A 293 25.60 -13.18 40.61
CA ASP A 293 24.52 -13.60 41.49
C ASP A 293 23.98 -12.42 42.30
N PHE A 294 24.87 -11.60 42.84
CA PHE A 294 24.43 -10.52 43.72
C PHE A 294 23.62 -9.48 42.95
N LYS A 295 23.95 -9.24 41.70
CA LYS A 295 23.13 -8.35 40.88
C LYS A 295 21.70 -8.87 40.78
N LEU A 296 21.52 -10.18 40.94
CA LEU A 296 20.20 -10.77 40.98
C LEU A 296 19.73 -11.05 42.41
N GLN A 297 20.59 -10.85 43.41
CA GLN A 297 20.23 -11.09 44.80
C GLN A 297 20.28 -9.83 45.64
N HIS A 298 21.39 -9.09 45.62
CA HIS A 298 21.58 -7.96 46.49
C HIS A 298 21.46 -6.61 45.78
N GLY A 299 21.02 -6.59 44.52
CA GLY A 299 20.70 -5.36 43.84
C GLY A 299 21.89 -4.52 43.44
N THR A 300 23.08 -4.82 43.94
CA THR A 300 24.26 -4.03 43.63
C THR A 300 25.50 -4.88 43.79
N ILE A 301 26.57 -4.48 43.11
CA ILE A 301 27.85 -5.14 43.30
C ILE A 301 28.44 -4.84 44.67
N LEU A 302 27.92 -3.84 45.37
CA LEU A 302 28.37 -3.59 46.74
C LEU A 302 27.97 -4.73 47.65
N GLY A 303 28.58 -4.77 48.83
CA GLY A 303 28.36 -5.85 49.76
C GLY A 303 29.05 -7.14 49.40
N PHE A 304 29.76 -7.19 48.28
CA PHE A 304 30.39 -8.42 47.80
C PHE A 304 31.47 -8.84 48.77
N PRO A 305 31.26 -9.88 49.58
CA PRO A 305 32.14 -10.15 50.71
C PRO A 305 33.50 -10.69 50.32
N LYS A 306 33.78 -10.86 49.03
CA LYS A 306 35.13 -11.25 48.64
C LYS A 306 35.92 -10.09 48.05
N ALA A 307 35.56 -8.86 48.41
CA ALA A 307 36.30 -7.66 48.03
C ALA A 307 35.91 -6.56 49.01
N LYS A 308 36.27 -5.33 48.69
CA LYS A 308 36.01 -4.20 49.57
C LYS A 308 35.55 -3.01 48.75
N ILE A 309 34.90 -2.07 49.42
CA ILE A 309 34.51 -0.81 48.81
C ILE A 309 35.75 0.04 48.61
N TYR A 310 35.81 0.74 47.48
CA TYR A 310 36.98 1.52 47.09
C TYR A 310 36.62 3.00 47.11
N GLU A 311 37.30 3.76 47.97
CA GLU A 311 37.07 5.20 48.04
C GLU A 311 37.74 5.91 46.86
N GLY A 312 37.22 5.69 45.66
CA GLY A 312 37.80 6.31 44.48
C GLY A 312 37.16 5.74 43.22
N SER A 313 37.26 6.52 42.16
CA SER A 313 36.72 6.11 40.87
C SER A 313 37.62 5.05 40.23
N ILE A 314 36.98 4.16 39.46
CA ILE A 314 37.72 3.11 38.78
C ILE A 314 38.76 3.70 37.84
N LEU A 315 38.44 4.81 37.18
CA LEU A 315 39.29 5.35 36.14
C LEU A 315 40.69 5.69 36.62
N GLU A 316 40.88 5.84 37.94
CA GLU A 316 42.20 6.10 38.49
C GLU A 316 42.85 4.85 39.06
N VAL A 317 42.16 3.71 39.07
CA VAL A 317 42.71 2.51 39.67
C VAL A 317 43.91 2.02 38.86
N ASP A 318 44.95 1.62 39.58
CA ASP A 318 46.11 1.01 38.95
C ASP A 318 45.71 -0.34 38.37
N CYS A 319 46.00 -0.52 37.09
CA CYS A 319 45.69 -1.76 36.38
C CYS A 319 46.56 -1.79 35.12
N ASP A 320 46.21 -2.69 34.20
CA ASP A 320 46.87 -2.75 32.91
C ASP A 320 45.95 -2.39 31.75
N ILE A 321 44.67 -2.73 31.84
CA ILE A 321 43.71 -2.46 30.77
C ILE A 321 42.45 -1.87 31.38
N LEU A 322 42.25 -0.59 31.16
CA LEU A 322 41.06 0.10 31.63
C LEU A 322 39.95 -0.06 30.61
N ILE A 323 38.77 -0.42 31.08
CA ILE A 323 37.61 -0.56 30.20
C ILE A 323 36.46 0.26 30.76
N PRO A 324 36.28 1.50 30.32
CA PRO A 324 35.04 2.22 30.63
C PRO A 324 33.90 1.64 29.79
N ALA A 325 32.87 1.16 30.46
CA ALA A 325 31.75 0.54 29.77
C ALA A 325 30.44 0.95 30.41
N ALA A 326 30.33 2.20 30.86
CA ALA A 326 29.13 2.61 31.57
C ALA A 326 28.40 3.80 30.98
N SER A 327 29.09 4.82 30.49
CA SER A 327 28.42 6.04 30.04
C SER A 327 29.42 6.85 29.22
N GLU A 328 29.00 8.04 28.85
CA GLU A 328 29.78 8.90 27.97
C GLU A 328 30.61 9.88 28.79
N LYS A 329 31.73 10.31 28.20
CA LYS A 329 32.52 11.42 28.70
C LYS A 329 33.11 11.16 30.07
N GLN A 330 33.27 9.89 30.44
CA GLN A 330 33.75 9.57 31.78
C GLN A 330 35.21 9.99 31.96
N LEU A 331 36.11 9.44 31.15
CA LEU A 331 37.42 10.05 31.08
C LEU A 331 37.30 11.45 30.54
N THR A 332 38.13 12.35 31.05
CA THR A 332 38.07 13.74 30.67
C THR A 332 39.39 14.40 31.06
N LYS A 333 39.47 15.72 30.84
CA LYS A 333 40.69 16.46 31.10
C LYS A 333 41.09 16.41 32.57
N SER A 334 40.12 16.22 33.46
CA SER A 334 40.41 16.13 34.88
C SER A 334 40.77 14.73 35.34
N ASN A 335 40.34 13.70 34.62
CA ASN A 335 40.69 12.32 34.95
C ASN A 335 41.89 11.80 34.18
N ALA A 336 42.19 12.37 33.03
CA ALA A 336 43.33 11.93 32.24
C ALA A 336 44.66 12.00 32.99
N PRO A 337 44.97 13.02 33.79
CA PRO A 337 46.27 13.05 34.47
C PRO A 337 46.47 11.92 35.46
N ARG A 338 45.42 11.23 35.86
CA ARG A 338 45.52 10.23 36.93
C ARG A 338 45.00 8.89 36.47
N VAL A 339 45.36 8.46 35.25
CA VAL A 339 44.87 7.18 34.78
C VAL A 339 45.66 6.04 35.39
N LYS A 340 46.99 6.09 35.30
CA LYS A 340 47.88 5.03 35.79
C LYS A 340 47.49 3.69 35.18
N ALA A 341 47.56 3.63 33.86
CA ALA A 341 47.28 2.40 33.14
C ALA A 341 48.11 2.40 31.86
N LYS A 342 47.92 1.36 31.05
CA LYS A 342 48.63 1.20 29.80
C LYS A 342 47.74 1.23 28.59
N ILE A 343 46.63 0.51 28.60
CA ILE A 343 45.69 0.50 27.49
C ILE A 343 44.30 0.85 28.02
N ILE A 344 43.61 1.70 27.27
CA ILE A 344 42.23 2.04 27.59
C ILE A 344 41.35 1.53 26.45
N ALA A 345 40.76 0.35 26.66
CA ALA A 345 39.74 -0.17 25.76
C ALA A 345 38.50 0.67 25.97
N GLU A 346 37.49 0.49 25.12
CA GLU A 346 36.26 1.26 25.23
C GLU A 346 35.07 0.39 24.88
N GLY A 347 34.31 0.00 25.90
CA GLY A 347 33.02 -0.61 25.64
C GLY A 347 31.94 0.42 25.45
N ALA A 348 31.94 1.46 26.26
CA ALA A 348 30.98 2.53 26.12
C ALA A 348 31.23 3.29 24.82
N ASN A 349 30.28 4.16 24.47
CA ASN A 349 30.32 4.90 23.22
C ASN A 349 30.89 6.27 23.49
N GLY A 350 32.07 6.54 22.95
CA GLY A 350 32.77 7.78 23.17
C GLY A 350 32.92 8.14 24.64
N PRO A 351 33.50 7.24 25.44
CA PRO A 351 33.69 7.56 26.86
C PRO A 351 34.85 8.49 27.11
N THR A 352 35.59 8.89 26.09
CA THR A 352 36.75 9.74 26.25
C THR A 352 36.55 11.05 25.50
N THR A 353 36.79 12.13 26.20
CA THR A 353 36.73 13.46 25.63
C THR A 353 37.95 13.71 24.73
N PRO A 354 37.80 14.53 23.69
CA PRO A 354 38.93 14.71 22.76
C PRO A 354 40.13 15.35 23.42
N GLU A 355 39.90 16.16 24.46
CA GLU A 355 41.01 16.76 25.19
C GLU A 355 41.86 15.70 25.86
N ALA A 356 41.22 14.66 26.40
CA ALA A 356 41.96 13.62 27.10
C ALA A 356 42.75 12.75 26.14
N ASP A 357 42.41 12.77 24.85
CA ASP A 357 43.14 11.96 23.88
C ASP A 357 44.59 12.41 23.77
N LYS A 358 44.81 13.72 23.58
CA LYS A 358 46.17 14.22 23.53
C LYS A 358 46.96 13.83 24.76
N ILE A 359 46.33 13.95 25.94
CA ILE A 359 47.00 13.58 27.17
C ILE A 359 47.35 12.10 27.15
N PHE A 360 46.49 11.28 26.54
CA PHE A 360 46.75 9.86 26.46
C PHE A 360 47.84 9.55 25.45
N LEU A 361 47.81 10.22 24.30
CA LEU A 361 48.92 10.12 23.36
C LEU A 361 50.20 10.66 23.98
N GLU A 362 50.07 11.74 24.77
CA GLU A 362 51.24 12.30 25.43
C GLU A 362 51.76 11.36 26.51
N ARG A 363 50.88 10.87 27.38
CA ARG A 363 51.28 9.89 28.37
C ARG A 363 51.71 8.57 27.76
N ASN A 364 51.66 8.45 26.42
CA ASN A 364 52.07 7.24 25.71
C ASN A 364 51.26 6.04 26.18
N ILE A 365 49.93 6.18 26.14
CA ILE A 365 49.02 5.08 26.45
C ILE A 365 48.06 4.94 25.29
N MET A 366 47.95 3.71 24.80
CA MET A 366 47.17 3.41 23.61
C MET A 366 45.69 3.38 23.93
N VAL A 367 44.90 4.13 23.15
CA VAL A 367 43.46 4.14 23.28
C VAL A 367 42.87 3.45 22.06
N ILE A 368 42.12 2.39 22.31
CA ILE A 368 41.48 1.61 21.26
C ILE A 368 40.10 2.22 21.01
N PRO A 369 39.78 2.62 19.79
CA PRO A 369 38.55 3.38 19.56
C PRO A 369 37.31 2.54 19.80
N ASP A 370 36.28 3.18 20.35
CA ASP A 370 35.01 2.50 20.54
C ASP A 370 34.41 2.10 19.20
N LEU A 371 34.75 2.82 18.13
CA LEU A 371 34.31 2.43 16.80
C LEU A 371 34.68 0.98 16.51
N TYR A 372 35.81 0.54 17.06
CA TYR A 372 36.25 -0.81 16.76
C TYR A 372 35.80 -1.83 17.80
N LEU A 373 35.75 -1.46 19.08
CA LEU A 373 35.52 -2.49 20.08
C LEU A 373 34.07 -2.90 20.19
N ASN A 374 33.17 -1.98 20.56
CA ASN A 374 31.79 -2.38 20.75
C ASN A 374 31.07 -2.60 19.43
N ALA A 375 31.81 -2.61 18.33
CA ALA A 375 31.24 -2.95 17.03
C ALA A 375 30.90 -4.42 16.92
N GLY A 376 31.38 -5.24 17.85
CA GLY A 376 30.98 -6.65 17.83
C GLY A 376 29.49 -6.82 17.97
N GLY A 377 28.88 -6.08 18.88
CA GLY A 377 27.44 -6.17 19.07
C GLY A 377 26.66 -5.96 17.78
N VAL A 378 27.08 -5.00 16.97
CA VAL A 378 26.41 -4.76 15.69
C VAL A 378 26.55 -5.97 14.79
N THR A 379 27.77 -6.43 14.59
CA THR A 379 28.08 -7.52 13.67
C THR A 379 27.37 -8.82 14.04
N VAL A 380 26.82 -8.90 15.26
CA VAL A 380 25.99 -10.04 15.59
C VAL A 380 24.52 -9.72 15.38
N SER A 381 24.11 -8.51 15.74
CA SER A 381 22.75 -8.09 15.42
C SER A 381 22.53 -8.02 13.92
N TYR A 382 23.59 -7.93 13.13
CA TYR A 382 23.46 -8.08 11.68
C TYR A 382 23.13 -9.51 11.31
N PHE A 383 23.82 -10.47 11.94
CA PHE A 383 23.52 -11.87 11.68
C PHE A 383 22.09 -12.20 12.08
N GLU A 384 21.59 -11.57 13.14
CA GLU A 384 20.19 -11.77 13.51
C GLU A 384 19.26 -11.21 12.45
N TRP A 385 19.38 -9.92 12.16
CA TRP A 385 18.59 -9.32 11.09
C TRP A 385 18.70 -10.10 9.79
N LEU A 386 19.81 -10.80 9.59
CA LEU A 386 20.00 -11.61 8.41
C LEU A 386 19.52 -13.03 8.60
N ASN A 387 19.56 -13.54 9.82
CA ASN A 387 18.93 -14.83 10.12
C ASN A 387 17.46 -14.79 9.79
N ASN A 388 16.71 -13.94 10.47
CA ASN A 388 15.27 -13.95 10.34
C ASN A 388 14.80 -13.19 9.12
N LEU A 389 15.70 -12.91 8.20
CA LEU A 389 15.32 -12.43 6.87
C LEU A 389 15.36 -13.57 5.85
N ASN A 390 15.94 -14.72 6.21
CA ASN A 390 15.99 -15.89 5.37
C ASN A 390 15.05 -16.99 5.82
N HIS A 391 14.48 -16.89 7.01
CA HIS A 391 13.40 -17.76 7.45
C HIS A 391 13.86 -19.20 7.63
N VAL A 392 15.16 -19.41 7.81
CA VAL A 392 15.66 -20.76 7.96
C VAL A 392 16.73 -20.78 9.03
N SER A 393 16.68 -21.79 9.87
CA SER A 393 17.77 -22.04 10.82
C SER A 393 19.03 -22.30 10.03
N TYR A 394 19.99 -21.38 10.12
CA TYR A 394 21.15 -21.43 9.25
C TYR A 394 21.85 -22.78 9.36
N GLY A 395 22.10 -23.40 8.20
CA GLY A 395 22.75 -24.68 8.16
C GLY A 395 21.84 -25.88 8.30
N ARG A 396 20.55 -25.67 8.56
CA ARG A 396 19.65 -26.81 8.72
C ARG A 396 19.50 -27.59 7.42
N LEU A 397 19.51 -26.89 6.29
CA LEU A 397 19.30 -27.58 5.02
C LEU A 397 20.35 -28.64 4.77
N THR A 398 21.58 -28.42 5.22
CA THR A 398 22.70 -29.28 4.88
C THR A 398 23.43 -29.76 6.12
N PHE A 399 22.69 -30.27 7.09
CA PHE A 399 23.32 -31.03 8.16
C PHE A 399 23.60 -32.47 7.77
N LYS A 400 22.58 -33.24 7.42
CA LYS A 400 22.78 -34.62 7.04
C LYS A 400 23.55 -34.76 5.75
N TYR A 401 23.64 -33.72 4.94
CA TYR A 401 24.32 -33.84 3.66
C TYR A 401 25.82 -33.64 3.83
N GLU A 402 26.23 -32.56 4.49
CA GLU A 402 27.65 -32.34 4.74
C GLU A 402 28.24 -33.49 5.53
N ARG A 403 27.51 -33.96 6.54
CA ARG A 403 27.98 -35.11 7.31
C ARG A 403 28.25 -36.31 6.42
N ASP A 404 27.42 -36.52 5.41
CA ASP A 404 27.68 -37.60 4.49
C ASP A 404 28.86 -37.27 3.58
N SER A 405 28.85 -36.10 2.97
CA SER A 405 29.88 -35.77 2.00
C SER A 405 31.26 -35.82 2.63
N ASN A 406 31.40 -35.35 3.87
CA ASN A 406 32.70 -35.46 4.53
C ASN A 406 33.07 -36.91 4.76
N TYR A 407 32.10 -37.76 5.10
CA TYR A 407 32.39 -39.17 5.27
C TYR A 407 32.74 -39.83 3.94
N HIS A 408 32.68 -39.09 2.84
CA HIS A 408 33.10 -39.66 1.58
C HIS A 408 34.42 -39.08 1.10
N LEU A 409 34.78 -37.89 1.55
CA LEU A 409 36.16 -37.45 1.38
C LEU A 409 37.11 -38.38 2.12
N LEU A 410 36.89 -38.54 3.42
CA LEU A 410 37.79 -39.37 4.22
C LEU A 410 37.77 -40.80 3.74
N MET A 411 36.62 -41.29 3.28
CA MET A 411 36.56 -42.65 2.76
C MET A 411 37.35 -42.76 1.46
N SER A 412 37.12 -41.84 0.53
CA SER A 412 37.83 -41.87 -0.74
C SER A 412 39.33 -41.86 -0.54
N VAL A 413 39.81 -41.02 0.39
CA VAL A 413 41.22 -41.03 0.72
C VAL A 413 41.65 -42.40 1.22
N GLN A 414 40.84 -43.00 2.09
CA GLN A 414 41.14 -44.34 2.57
C GLN A 414 41.14 -45.34 1.42
N GLU A 415 40.05 -45.39 0.65
CA GLU A 415 39.96 -46.34 -0.45
C GLU A 415 41.07 -46.11 -1.46
N SER A 416 41.51 -44.86 -1.64
CA SER A 416 42.59 -44.59 -2.57
C SER A 416 43.90 -45.17 -2.05
N LEU A 417 44.17 -45.01 -0.77
CA LEU A 417 45.42 -45.52 -0.21
C LEU A 417 45.43 -47.04 -0.15
N GLU A 418 44.30 -47.66 0.12
CA GLU A 418 44.26 -49.12 0.20
C GLU A 418 44.45 -49.78 -1.15
N ARG A 419 44.70 -49.00 -2.20
CA ARG A 419 45.14 -49.58 -3.46
C ARG A 419 46.62 -49.38 -3.69
N LYS A 420 47.21 -48.32 -3.12
CA LYS A 420 48.65 -48.12 -3.27
C LYS A 420 49.42 -48.86 -2.20
N PHE A 421 49.12 -48.61 -0.94
CA PHE A 421 49.73 -49.37 0.14
C PHE A 421 48.88 -50.54 0.60
N GLY A 422 47.74 -50.76 -0.02
CA GLY A 422 46.87 -51.85 0.34
C GLY A 422 47.27 -53.21 -0.17
N LYS A 423 48.49 -53.36 -0.68
CA LYS A 423 48.95 -54.69 -1.09
C LYS A 423 48.88 -55.67 0.06
N HIS A 424 49.12 -55.20 1.29
CA HIS A 424 49.01 -56.01 2.48
C HIS A 424 47.57 -56.19 2.94
N GLY A 425 46.63 -55.49 2.30
CA GLY A 425 45.26 -55.51 2.74
C GLY A 425 44.98 -54.69 3.98
N GLY A 426 45.99 -54.05 4.57
CA GLY A 426 45.85 -53.32 5.80
C GLY A 426 44.84 -52.20 5.75
N THR A 427 43.82 -52.28 6.60
CA THR A 427 42.76 -51.28 6.64
C THR A 427 43.20 -49.92 7.18
N ILE A 428 43.46 -48.99 6.27
CA ILE A 428 43.85 -47.64 6.67
C ILE A 428 42.61 -46.98 7.27
N PRO A 429 42.72 -46.57 8.59
CA PRO A 429 41.50 -45.99 9.13
C PRO A 429 41.44 -44.46 9.16
N ILE A 430 41.08 -43.85 8.03
CA ILE A 430 40.97 -42.39 7.98
C ILE A 430 39.72 -41.98 8.74
N VAL A 431 39.91 -41.41 9.93
CA VAL A 431 38.79 -41.04 10.77
C VAL A 431 38.99 -39.61 11.26
N PRO A 432 37.92 -38.86 11.49
CA PRO A 432 38.07 -37.47 11.94
C PRO A 432 38.79 -37.37 13.27
N THR A 433 39.27 -36.17 13.57
CA THR A 433 39.90 -35.89 14.84
C THR A 433 38.82 -35.64 15.89
N ALA A 434 39.22 -35.11 17.04
CA ALA A 434 38.22 -34.64 17.99
C ALA A 434 37.62 -33.32 17.54
N GLU A 435 38.45 -32.40 17.05
CA GLU A 435 37.98 -31.08 16.65
C GLU A 435 37.07 -31.17 15.44
N PHE A 436 37.57 -31.78 14.37
CA PHE A 436 36.77 -31.89 13.14
C PHE A 436 35.45 -32.61 13.41
N GLN A 437 35.47 -33.59 14.30
CA GLN A 437 34.26 -34.35 14.62
C GLN A 437 33.10 -33.43 14.98
N ASP A 438 33.40 -32.26 15.53
CA ASP A 438 32.37 -31.28 15.81
C ASP A 438 31.88 -30.57 14.57
N ARG A 439 32.78 -30.27 13.64
CA ARG A 439 32.46 -29.51 12.44
C ARG A 439 32.06 -30.40 11.27
N ILE A 440 31.64 -31.64 11.51
CA ILE A 440 31.27 -32.51 10.40
C ILE A 440 29.99 -32.03 9.75
N SER A 441 28.92 -31.95 10.53
CA SER A 441 27.62 -31.62 9.96
C SER A 441 27.57 -30.21 9.40
N GLY A 442 28.65 -29.44 9.47
CA GLY A 442 28.69 -28.14 8.85
C GLY A 442 28.70 -27.01 9.86
N ALA A 443 28.21 -25.86 9.43
CA ALA A 443 28.18 -24.66 10.24
C ALA A 443 26.80 -24.54 10.90
N SER A 444 26.76 -24.75 12.21
CA SER A 444 25.52 -24.52 12.94
C SER A 444 25.32 -23.03 13.17
N GLU A 445 24.24 -22.69 13.86
CA GLU A 445 23.93 -21.28 14.07
C GLU A 445 24.96 -20.61 14.95
N LYS A 446 25.42 -21.31 15.99
CA LYS A 446 26.36 -20.69 16.91
C LYS A 446 27.76 -20.63 16.32
N ASP A 447 28.09 -21.54 15.41
CA ASP A 447 29.44 -21.56 14.87
C ASP A 447 29.72 -20.34 14.02
N ILE A 448 28.77 -19.94 13.18
CA ILE A 448 29.01 -18.78 12.31
C ILE A 448 29.10 -17.51 13.15
N VAL A 449 28.38 -17.49 14.28
CA VAL A 449 28.46 -16.32 15.16
C VAL A 449 29.83 -16.21 15.78
N HIS A 450 30.30 -17.29 16.41
CA HIS A 450 31.61 -17.24 17.04
C HIS A 450 32.72 -17.05 16.03
N SER A 451 32.45 -17.29 14.74
CA SER A 451 33.43 -17.05 13.70
C SER A 451 33.19 -15.73 12.99
N GLY A 452 31.98 -15.52 12.47
CA GLY A 452 31.69 -14.26 11.80
C GLY A 452 32.00 -13.05 12.65
N LEU A 453 31.92 -13.19 13.96
CA LEU A 453 32.33 -12.11 14.85
C LEU A 453 33.84 -12.05 14.97
N ALA A 454 34.47 -13.20 15.18
CA ALA A 454 35.92 -13.21 15.30
C ALA A 454 36.59 -12.86 13.98
N TYR A 455 35.89 -13.07 12.86
CA TYR A 455 36.45 -12.74 11.57
C TYR A 455 36.25 -11.27 11.24
N THR A 456 35.03 -10.78 11.43
CA THR A 456 34.75 -9.37 11.16
C THR A 456 35.68 -8.46 11.93
N MET A 457 36.00 -8.84 13.17
CA MET A 457 36.92 -8.02 13.94
C MET A 457 38.36 -8.46 13.73
N GLU A 458 38.61 -9.28 12.72
CA GLU A 458 39.98 -9.50 12.28
C GLU A 458 40.32 -8.57 11.13
N ARG A 459 39.47 -8.56 10.10
CA ARG A 459 39.69 -7.66 8.97
C ARG A 459 39.73 -6.21 9.42
N SER A 460 38.86 -5.86 10.37
CA SER A 460 38.79 -4.48 10.81
C SER A 460 40.08 -4.07 11.52
N ALA A 461 40.61 -4.93 12.38
CA ALA A 461 41.83 -4.60 13.11
C ALA A 461 42.99 -4.41 12.16
N ARG A 462 43.01 -5.14 11.05
CA ARG A 462 44.07 -4.95 10.06
C ARG A 462 43.91 -3.62 9.35
N GLN A 463 42.72 -3.36 8.80
CA GLN A 463 42.49 -2.11 8.08
C GLN A 463 42.80 -0.90 8.96
N ILE A 464 42.69 -1.04 10.26
CA ILE A 464 43.07 0.05 11.15
C ILE A 464 44.58 0.11 11.30
N MET A 465 45.21 -1.04 11.53
CA MET A 465 46.67 -1.07 11.54
C MET A 465 47.22 -0.62 10.20
N ARG A 466 46.65 -1.15 9.11
CA ARG A 466 47.13 -0.83 7.78
C ARG A 466 47.04 0.66 7.48
N THR A 467 46.13 1.36 8.14
CA THR A 467 46.00 2.80 7.91
C THR A 467 46.95 3.58 8.83
N ALA A 468 46.99 3.23 10.10
CA ALA A 468 47.80 3.99 11.05
C ALA A 468 49.28 3.94 10.71
N MET A 469 49.68 3.01 9.85
CA MET A 469 51.06 3.01 9.37
C MET A 469 51.18 3.81 8.09
N LYS A 470 50.15 3.76 7.25
CA LYS A 470 50.20 4.50 5.99
C LYS A 470 50.28 6.00 6.22
N TYR A 471 49.69 6.48 7.31
CA TYR A 471 49.63 7.90 7.61
C TYR A 471 50.42 8.27 8.85
N ASN A 472 51.04 7.29 9.51
CA ASN A 472 51.88 7.53 10.67
C ASN A 472 51.12 8.24 11.77
N LEU A 473 50.08 7.57 12.27
CA LEU A 473 49.30 8.06 13.38
C LEU A 473 49.70 7.44 14.71
N GLY A 474 50.73 6.60 14.72
CA GLY A 474 51.26 6.09 15.97
C GLY A 474 50.24 5.29 16.73
N LEU A 475 49.85 5.78 17.89
CA LEU A 475 48.90 5.08 18.74
C LEU A 475 47.50 5.66 18.66
N ASP A 476 47.30 6.74 17.91
CA ASP A 476 45.98 7.31 17.70
C ASP A 476 45.19 6.45 16.70
N LEU A 477 44.93 5.22 17.12
CA LEU A 477 44.14 4.32 16.29
C LEU A 477 42.77 4.90 16.02
N ARG A 478 42.23 5.67 16.96
CA ARG A 478 40.95 6.33 16.77
C ARG A 478 40.91 7.12 15.46
N THR A 479 41.85 8.03 15.29
CA THR A 479 41.94 8.79 14.05
C THR A 479 42.12 7.85 12.86
N ALA A 480 42.91 6.80 13.04
CA ALA A 480 43.07 5.82 11.97
C ALA A 480 41.75 5.13 11.66
N ALA A 481 40.89 4.97 12.66
CA ALA A 481 39.61 4.31 12.44
C ALA A 481 38.70 5.18 11.59
N TYR A 482 38.55 6.44 11.96
CA TYR A 482 37.71 7.36 11.21
C TYR A 482 38.18 7.50 9.77
N VAL A 483 39.49 7.44 9.55
CA VAL A 483 40.00 7.50 8.18
C VAL A 483 39.43 6.35 7.36
N ASN A 484 39.49 5.13 7.88
CA ASN A 484 38.89 4.02 7.17
C ASN A 484 37.38 4.18 7.07
N ALA A 485 36.76 4.77 8.09
CA ALA A 485 35.33 4.98 8.04
C ALA A 485 34.97 6.00 6.96
N ILE A 486 35.63 7.15 6.98
CA ILE A 486 35.29 8.21 6.03
C ILE A 486 35.57 7.78 4.61
N GLU A 487 36.70 7.11 4.38
CA GLU A 487 37.01 6.68 3.03
C GLU A 487 35.93 5.77 2.46
N LYS A 488 35.26 4.99 3.30
CA LYS A 488 34.26 4.07 2.80
C LYS A 488 32.95 4.79 2.50
N VAL A 489 32.44 5.58 3.44
CA VAL A 489 31.19 6.28 3.21
C VAL A 489 31.35 7.29 2.07
N PHE A 490 32.57 7.75 1.83
CA PHE A 490 32.77 8.72 0.76
C PHE A 490 32.52 8.08 -0.59
N ARG A 491 33.11 6.92 -0.85
CA ARG A 491 32.93 6.25 -2.13
C ARG A 491 31.47 5.94 -2.42
N VAL A 492 30.60 5.98 -1.41
CA VAL A 492 29.20 5.70 -1.62
C VAL A 492 28.54 6.96 -2.15
N TYR A 493 28.76 8.08 -1.47
CA TYR A 493 28.23 9.35 -1.95
C TYR A 493 28.83 9.73 -3.29
N ASN A 494 30.15 9.63 -3.41
CA ASN A 494 30.83 10.02 -4.64
C ASN A 494 30.19 9.37 -5.87
N GLU A 495 30.09 8.05 -5.86
CA GLU A 495 29.62 7.33 -7.05
C GLU A 495 28.11 7.38 -7.21
N ALA A 496 27.37 7.66 -6.15
CA ALA A 496 25.92 7.57 -6.22
C ALA A 496 25.28 8.69 -7.03
N GLY A 497 26.06 9.66 -7.51
CA GLY A 497 25.43 10.83 -8.10
C GLY A 497 24.57 11.47 -7.04
N VAL A 498 25.23 12.04 -6.02
CA VAL A 498 24.76 12.06 -4.63
C VAL A 498 23.26 12.28 -4.54
N THR A 499 22.74 13.22 -5.34
CA THR A 499 21.33 13.56 -5.28
C THR A 499 20.81 13.75 -6.69
N PHE A 500 19.48 13.85 -6.79
CA PHE A 500 18.81 14.29 -8.00
C PHE A 500 18.80 15.81 -8.11
N THR A 501 19.64 16.48 -7.32
CA THR A 501 19.68 17.93 -7.24
C THR A 501 20.90 18.45 -8.01
N ASP B 5 17.33 -6.52 -48.09
CA ASP B 5 17.40 -7.31 -46.85
C ASP B 5 17.51 -6.41 -45.63
N ASP B 6 16.37 -5.87 -45.21
CA ASP B 6 16.29 -5.07 -44.00
C ASP B 6 14.92 -5.26 -43.37
N PRO B 7 14.64 -6.43 -42.82
CA PRO B 7 13.31 -6.70 -42.29
C PRO B 7 13.05 -5.88 -41.05
N ASN B 8 11.77 -5.66 -40.76
CA ASN B 8 11.39 -5.14 -39.46
C ASN B 8 11.99 -6.01 -38.38
N PHE B 9 12.81 -5.41 -37.51
CA PHE B 9 13.60 -6.19 -36.58
C PHE B 9 12.74 -7.11 -35.72
N PHE B 10 11.46 -6.77 -35.55
CA PHE B 10 10.55 -7.66 -34.83
C PHE B 10 10.01 -8.75 -35.74
N LYS B 11 9.84 -8.45 -37.02
CA LYS B 11 9.45 -9.49 -37.96
C LYS B 11 10.58 -10.47 -38.20
N MET B 12 11.82 -10.07 -37.89
CA MET B 12 12.96 -10.96 -38.07
C MET B 12 13.04 -11.98 -36.95
N VAL B 13 13.07 -11.49 -35.70
CA VAL B 13 13.15 -12.40 -34.55
C VAL B 13 11.96 -13.32 -34.52
N GLU B 14 10.79 -12.81 -34.90
CA GLU B 14 9.64 -13.67 -35.11
C GLU B 14 9.97 -14.75 -36.14
N GLY B 15 10.71 -14.37 -37.18
CA GLY B 15 11.05 -15.34 -38.21
C GLY B 15 11.89 -16.49 -37.67
N PHE B 16 12.79 -16.20 -36.74
CA PHE B 16 13.57 -17.28 -36.13
C PHE B 16 12.69 -18.14 -35.25
N PHE B 17 11.86 -17.50 -34.43
CA PHE B 17 10.90 -18.20 -33.60
C PHE B 17 10.04 -19.12 -34.44
N ASP B 18 9.73 -18.69 -35.66
CA ASP B 18 8.91 -19.51 -36.54
C ASP B 18 9.59 -20.83 -36.87
N ARG B 19 10.80 -20.77 -37.42
CA ARG B 19 11.52 -22.00 -37.75
C ARG B 19 11.73 -22.85 -36.51
N GLY B 20 11.77 -22.21 -35.34
CA GLY B 20 11.84 -22.97 -34.11
C GLY B 20 10.57 -23.75 -33.86
N ALA B 21 9.42 -23.09 -33.96
CA ALA B 21 8.16 -23.78 -33.76
C ALA B 21 7.92 -24.85 -34.81
N SER B 22 8.45 -24.64 -36.02
CA SER B 22 8.20 -25.59 -37.10
C SER B 22 8.84 -26.95 -36.83
N ILE B 23 9.83 -27.01 -35.95
CA ILE B 23 10.49 -28.26 -35.63
C ILE B 23 10.06 -28.81 -34.27
N VAL B 24 9.81 -27.96 -33.29
CA VAL B 24 9.40 -28.42 -31.98
C VAL B 24 7.98 -28.96 -32.01
N GLU B 25 7.13 -28.42 -32.88
CA GLU B 25 5.69 -28.69 -32.83
C GLU B 25 5.38 -30.17 -32.76
N ASP B 26 6.25 -31.01 -33.35
CA ASP B 26 6.00 -32.44 -33.36
C ASP B 26 6.47 -33.09 -32.06
N LYS B 27 7.72 -32.86 -31.69
CA LYS B 27 8.26 -33.43 -30.45
C LYS B 27 7.65 -32.78 -29.22
N LEU B 28 6.68 -31.89 -29.40
CA LEU B 28 6.08 -31.23 -28.25
C LEU B 28 4.67 -31.74 -27.99
N VAL B 29 4.00 -32.23 -29.02
CA VAL B 29 2.70 -32.86 -28.84
C VAL B 29 2.85 -34.14 -28.03
N GLU B 30 3.88 -34.93 -28.32
CA GLU B 30 4.06 -36.21 -27.66
C GLU B 30 4.42 -36.04 -26.19
N ASP B 31 4.95 -34.89 -25.81
CA ASP B 31 5.25 -34.59 -24.42
C ASP B 31 4.10 -33.92 -23.70
N LEU B 32 3.07 -33.49 -24.43
CA LEU B 32 1.84 -33.02 -23.84
C LEU B 32 1.05 -34.22 -23.33
N LYS B 33 0.81 -34.28 -22.03
CA LYS B 33 0.21 -35.44 -21.40
C LYS B 33 -1.30 -35.34 -21.22
N THR B 34 -1.93 -34.25 -21.67
CA THR B 34 -3.38 -34.16 -21.55
C THR B 34 -4.05 -35.22 -22.41
N ARG B 35 -5.34 -35.42 -22.17
CA ARG B 35 -6.09 -36.47 -22.85
C ARG B 35 -7.02 -35.83 -23.87
N GLU B 36 -6.55 -35.70 -25.10
CA GLU B 36 -7.33 -35.13 -26.19
C GLU B 36 -7.02 -35.91 -27.46
N THR B 37 -7.48 -35.39 -28.59
CA THR B 37 -7.18 -36.00 -29.88
C THR B 37 -5.87 -35.44 -30.40
N GLU B 38 -5.23 -36.19 -31.30
CA GLU B 38 -3.97 -35.75 -31.89
C GLU B 38 -4.08 -34.35 -32.46
N GLU B 39 -5.01 -34.15 -33.40
CA GLU B 39 -5.17 -32.84 -34.03
C GLU B 39 -5.50 -31.78 -32.99
N GLN B 40 -6.34 -32.15 -32.02
CA GLN B 40 -6.66 -31.25 -30.92
C GLN B 40 -5.40 -30.78 -30.19
N LYS B 41 -4.54 -31.72 -29.82
CA LYS B 41 -3.31 -31.36 -29.13
C LYS B 41 -2.50 -30.39 -29.98
N ARG B 42 -2.49 -30.57 -31.29
CA ARG B 42 -1.79 -29.62 -32.14
C ARG B 42 -2.52 -28.29 -32.18
N ASN B 43 -3.85 -28.31 -32.09
CA ASN B 43 -4.58 -27.06 -31.95
C ASN B 43 -4.35 -26.44 -30.58
N ARG B 44 -3.74 -27.20 -29.67
CA ARG B 44 -3.36 -26.64 -28.39
C ARG B 44 -1.95 -26.06 -28.44
N VAL B 45 -1.05 -26.75 -29.13
CA VAL B 45 0.33 -26.29 -29.21
C VAL B 45 0.41 -24.97 -29.98
N ARG B 46 -0.02 -24.99 -31.24
CA ARG B 46 0.04 -23.78 -32.06
C ARG B 46 -0.57 -22.58 -31.36
N SER B 47 -1.61 -22.81 -30.56
CA SER B 47 -2.22 -21.73 -29.82
C SER B 47 -1.27 -21.13 -28.80
N ILE B 48 -0.67 -21.97 -27.96
CA ILE B 48 0.28 -21.46 -26.97
C ILE B 48 1.44 -20.77 -27.65
N LEU B 49 1.86 -21.26 -28.81
CA LEU B 49 2.94 -20.59 -29.52
C LEU B 49 2.53 -19.20 -29.96
N ARG B 50 1.26 -18.99 -30.30
CA ARG B 50 0.80 -17.65 -30.64
C ARG B 50 0.72 -16.74 -29.42
N ILE B 51 0.75 -17.30 -28.22
CA ILE B 51 0.75 -16.49 -27.01
C ILE B 51 2.17 -16.08 -26.64
N ILE B 52 3.14 -16.96 -26.86
CA ILE B 52 4.52 -16.63 -26.52
C ILE B 52 5.00 -15.48 -27.38
N LYS B 53 4.83 -15.62 -28.69
CA LYS B 53 5.43 -14.72 -29.69
C LYS B 53 5.26 -13.23 -29.40
N PRO B 54 4.08 -12.69 -29.16
CA PRO B 54 3.94 -11.23 -29.04
C PRO B 54 4.33 -10.74 -27.66
N CYS B 55 4.53 -9.43 -27.57
CA CYS B 55 4.89 -8.77 -26.33
C CYS B 55 3.63 -8.53 -25.50
N ASN B 56 3.73 -8.71 -24.19
CA ASN B 56 2.55 -8.56 -23.35
C ASN B 56 2.32 -7.12 -22.92
N HIS B 57 3.33 -6.27 -22.98
CA HIS B 57 3.20 -4.88 -22.59
C HIS B 57 4.23 -4.07 -23.35
N VAL B 58 3.79 -3.00 -23.99
CA VAL B 58 4.73 -2.08 -24.62
C VAL B 58 4.33 -0.67 -24.26
N LEU B 59 4.91 -0.14 -23.20
CA LEU B 59 4.65 1.22 -22.76
C LEU B 59 5.30 2.16 -23.76
N SER B 60 4.92 3.43 -23.70
CA SER B 60 5.47 4.45 -24.58
C SER B 60 5.25 5.80 -23.94
N LEU B 61 6.29 6.62 -23.90
CA LEU B 61 6.32 7.77 -23.01
C LEU B 61 6.53 9.06 -23.80
N SER B 62 6.68 10.14 -23.05
CA SER B 62 7.05 11.44 -23.60
C SER B 62 7.47 12.31 -22.43
N PHE B 63 8.63 12.93 -22.51
CA PHE B 63 9.23 13.60 -21.38
C PHE B 63 9.37 15.08 -21.66
N PRO B 64 8.72 15.94 -20.91
CA PRO B 64 9.16 17.33 -20.88
C PRO B 64 10.43 17.45 -20.06
N ILE B 65 11.48 17.97 -20.68
CA ILE B 65 12.73 18.24 -20.00
C ILE B 65 13.12 19.69 -20.20
N ARG B 66 13.99 20.18 -19.33
CA ARG B 66 14.51 21.53 -19.40
C ARG B 66 16.01 21.44 -19.64
N ARG B 67 16.42 21.63 -20.89
CA ARG B 67 17.84 21.68 -21.19
C ARG B 67 18.47 22.85 -20.45
N ASP B 68 19.80 22.81 -20.33
CA ASP B 68 20.51 23.84 -19.57
C ASP B 68 20.33 25.23 -20.15
N ASP B 69 20.01 25.34 -21.44
CA ASP B 69 19.71 26.65 -22.02
C ASP B 69 18.26 27.05 -21.82
N GLY B 70 17.54 26.34 -20.95
CA GLY B 70 16.18 26.71 -20.60
C GLY B 70 15.11 26.22 -21.54
N SER B 71 15.47 25.83 -22.75
CA SER B 71 14.47 25.35 -23.71
C SER B 71 13.94 23.99 -23.29
N TRP B 72 12.71 23.70 -23.71
CA TRP B 72 12.06 22.44 -23.44
C TRP B 72 12.25 21.48 -24.60
N GLU B 73 12.14 20.19 -24.30
CA GLU B 73 12.09 19.16 -25.33
C GLU B 73 11.18 18.03 -24.86
N VAL B 74 10.73 17.24 -25.82
CA VAL B 74 10.06 15.98 -25.54
C VAL B 74 11.04 14.86 -25.81
N ILE B 75 10.88 13.76 -25.09
CA ILE B 75 11.77 12.62 -25.24
C ILE B 75 10.94 11.36 -25.25
N GLU B 76 10.71 10.80 -26.42
CA GLU B 76 10.00 9.53 -26.51
C GLU B 76 10.82 8.44 -25.84
N GLY B 77 10.18 7.66 -24.99
CA GLY B 77 10.83 6.54 -24.36
C GLY B 77 9.92 5.34 -24.36
N TYR B 78 10.50 4.15 -24.44
CA TYR B 78 9.77 2.93 -24.68
C TYR B 78 10.16 1.92 -23.60
N ARG B 79 9.28 0.97 -23.34
CA ARG B 79 9.68 -0.20 -22.60
C ARG B 79 8.71 -1.33 -22.87
N ALA B 80 9.25 -2.47 -23.24
CA ALA B 80 8.45 -3.65 -23.50
C ALA B 80 8.72 -4.69 -22.43
N GLN B 81 7.70 -5.43 -22.07
CA GLN B 81 7.85 -6.63 -21.24
C GLN B 81 7.35 -7.76 -22.10
N HIS B 82 8.26 -8.53 -22.70
CA HIS B 82 7.82 -9.56 -23.61
C HIS B 82 6.90 -10.56 -22.94
N SER B 83 7.39 -11.28 -21.95
CA SER B 83 6.57 -12.32 -21.36
C SER B 83 6.53 -12.19 -19.85
N GLN B 84 5.52 -12.80 -19.23
CA GLN B 84 5.35 -12.73 -17.78
C GLN B 84 5.40 -14.08 -17.12
N HIS B 85 5.89 -15.10 -17.83
CA HIS B 85 5.90 -16.45 -17.28
C HIS B 85 6.92 -16.57 -16.18
N ARG B 86 7.66 -15.49 -15.92
CA ARG B 86 8.78 -15.55 -15.01
C ARG B 86 9.10 -14.17 -14.46
N THR B 87 8.82 -13.93 -13.25
CA THR B 87 9.10 -12.57 -12.83
C THR B 87 10.35 -12.52 -11.95
N PRO B 88 11.09 -11.41 -11.94
CA PRO B 88 10.85 -10.17 -12.69
C PRO B 88 11.29 -10.30 -14.14
N CYS B 89 11.27 -9.19 -14.85
CA CYS B 89 11.71 -9.15 -16.24
C CYS B 89 12.90 -8.21 -16.34
N LYS B 90 14.05 -8.74 -16.73
CA LYS B 90 15.20 -7.90 -16.96
C LYS B 90 15.26 -7.41 -18.39
N GLY B 91 16.09 -6.39 -18.59
CA GLY B 91 16.28 -5.81 -19.90
C GLY B 91 17.01 -4.49 -19.83
N GLY B 92 17.95 -4.28 -20.73
CA GLY B 92 18.76 -3.09 -20.71
C GLY B 92 17.97 -1.85 -21.04
N ILE B 93 18.62 -0.71 -20.88
CA ILE B 93 18.10 0.57 -21.31
C ILE B 93 19.05 1.14 -22.32
N ARG B 94 18.60 1.25 -23.56
CA ARG B 94 19.44 1.70 -24.66
C ARG B 94 19.16 3.17 -24.94
N TYR B 95 20.22 3.94 -25.15
CA TYR B 95 20.09 5.32 -25.61
C TYR B 95 20.61 5.41 -27.03
N SER B 96 19.71 5.67 -27.98
CA SER B 96 20.12 5.82 -29.36
C SER B 96 18.97 6.50 -30.10
N THR B 97 19.32 7.33 -31.07
CA THR B 97 18.33 7.98 -31.91
C THR B 97 17.73 7.02 -32.93
N ASP B 98 18.10 5.74 -32.89
CA ASP B 98 17.57 4.75 -33.80
C ASP B 98 16.67 3.74 -33.10
N VAL B 99 16.25 4.01 -31.88
CA VAL B 99 15.40 3.09 -31.16
C VAL B 99 13.94 3.38 -31.51
N SER B 100 13.11 2.35 -31.48
CA SER B 100 11.69 2.49 -31.74
C SER B 100 10.97 1.30 -31.11
N VAL B 101 9.65 1.38 -31.07
CA VAL B 101 8.88 0.28 -30.49
C VAL B 101 9.09 -0.99 -31.31
N ASP B 102 9.28 -0.84 -32.62
CA ASP B 102 9.48 -2.02 -33.46
C ASP B 102 10.82 -2.68 -33.16
N GLU B 103 11.78 -1.91 -32.67
CA GLU B 103 13.04 -2.50 -32.23
C GLU B 103 12.93 -3.07 -30.83
N VAL B 104 12.42 -2.26 -29.90
CA VAL B 104 12.35 -2.67 -28.50
C VAL B 104 11.56 -3.95 -28.35
N LYS B 105 10.43 -4.06 -29.04
CA LYS B 105 9.62 -5.26 -28.98
C LYS B 105 10.43 -6.52 -29.26
N ALA B 106 11.38 -6.45 -30.19
CA ALA B 106 12.14 -7.63 -30.54
C ALA B 106 13.26 -7.88 -29.56
N LEU B 107 14.04 -6.85 -29.25
CA LEU B 107 15.07 -6.99 -28.23
C LEU B 107 14.46 -7.47 -26.92
N ALA B 108 13.24 -7.05 -26.64
CA ALA B 108 12.54 -7.57 -25.47
C ALA B 108 12.31 -9.06 -25.61
N SER B 109 11.98 -9.51 -26.82
CA SER B 109 11.71 -10.91 -27.03
C SER B 109 12.97 -11.74 -26.82
N LEU B 110 14.08 -11.31 -27.42
CA LEU B 110 15.32 -12.06 -27.30
C LEU B 110 15.65 -12.38 -25.86
N MET B 111 15.55 -11.39 -24.96
CA MET B 111 15.92 -11.66 -23.58
C MET B 111 14.95 -12.60 -22.90
N THR B 112 13.75 -12.78 -23.43
CA THR B 112 12.93 -13.87 -22.93
C THR B 112 13.54 -15.20 -23.30
N TYR B 113 14.30 -15.25 -24.39
CA TYR B 113 14.87 -16.52 -24.80
C TYR B 113 16.29 -16.67 -24.29
N LYS B 114 17.09 -15.59 -24.33
CA LYS B 114 18.38 -15.59 -23.68
C LYS B 114 18.26 -16.16 -22.28
N CYS B 115 17.37 -15.57 -21.48
CA CYS B 115 17.19 -16.04 -20.11
C CYS B 115 16.69 -17.47 -20.07
N ALA B 116 16.05 -17.94 -21.13
CA ALA B 116 15.60 -19.32 -21.15
C ALA B 116 16.70 -20.26 -21.59
N VAL B 117 17.60 -19.79 -22.46
CA VAL B 117 18.69 -20.62 -22.93
C VAL B 117 19.70 -20.87 -21.82
N VAL B 118 19.89 -19.92 -20.93
CA VAL B 118 20.85 -20.06 -19.85
C VAL B 118 20.17 -20.22 -18.50
N ASP B 119 18.88 -20.54 -18.50
CA ASP B 119 18.19 -21.03 -17.31
C ASP B 119 18.20 -19.99 -16.19
N VAL B 120 17.96 -18.74 -16.55
CA VAL B 120 17.96 -17.65 -15.59
C VAL B 120 16.51 -17.21 -15.36
N PRO B 121 16.06 -17.17 -14.11
CA PRO B 121 14.66 -16.80 -13.84
C PRO B 121 14.17 -15.40 -14.22
N PHE B 122 14.20 -14.98 -15.50
CA PHE B 122 13.64 -13.67 -15.78
C PHE B 122 12.87 -13.72 -17.08
N GLY B 123 11.74 -13.02 -17.12
CA GLY B 123 11.15 -12.70 -18.39
C GLY B 123 11.99 -11.69 -19.13
N GLY B 124 11.60 -11.42 -20.38
CA GLY B 124 12.34 -10.47 -21.20
C GLY B 124 11.80 -9.06 -21.03
N ALA B 125 12.65 -8.09 -21.31
CA ALA B 125 12.25 -6.69 -21.29
C ALA B 125 13.31 -5.89 -22.02
N LYS B 126 12.97 -4.65 -22.35
CA LYS B 126 13.92 -3.75 -22.97
C LYS B 126 13.33 -2.37 -22.95
N ALA B 127 14.17 -1.36 -22.76
CA ALA B 127 13.70 0.01 -22.75
C ALA B 127 14.61 0.86 -23.62
N GLY B 128 14.00 1.72 -24.42
CA GLY B 128 14.76 2.60 -25.27
C GLY B 128 14.41 4.04 -24.99
N VAL B 129 15.28 4.92 -25.44
CA VAL B 129 15.06 6.36 -25.35
C VAL B 129 15.60 6.99 -26.61
N LYS B 130 14.75 7.64 -27.40
CA LYS B 130 15.24 8.34 -28.58
C LYS B 130 16.06 9.53 -28.12
N ILE B 131 17.38 9.39 -28.19
CA ILE B 131 18.29 10.34 -27.59
C ILE B 131 19.68 10.04 -28.15
N ASN B 132 20.54 11.06 -28.17
CA ASN B 132 21.94 10.85 -28.51
C ASN B 132 22.79 11.36 -27.37
N PRO B 133 23.31 10.48 -26.51
CA PRO B 133 24.01 10.93 -25.31
C PRO B 133 25.23 11.77 -25.60
N LYS B 134 25.74 11.74 -26.84
CA LYS B 134 26.90 12.53 -27.18
C LYS B 134 26.53 14.00 -27.33
N ASN B 135 25.25 14.32 -27.26
CA ASN B 135 24.82 15.70 -27.45
C ASN B 135 24.55 16.44 -26.15
N TYR B 136 24.18 15.74 -25.09
CA TYR B 136 23.59 16.37 -23.93
C TYR B 136 24.62 16.51 -22.80
N THR B 137 24.45 17.55 -22.01
CA THR B 137 25.24 17.75 -20.80
C THR B 137 25.08 16.57 -19.87
N ASP B 138 26.12 16.30 -19.09
CA ASP B 138 26.04 15.23 -18.10
C ASP B 138 25.17 15.62 -16.92
N ASN B 139 24.54 16.79 -16.98
CA ASN B 139 23.46 17.11 -16.07
C ASN B 139 22.15 16.71 -16.72
N GLU B 140 22.02 16.99 -18.01
CA GLU B 140 20.77 16.70 -18.71
C GLU B 140 20.51 15.21 -18.73
N LEU B 141 21.55 14.40 -18.91
CA LEU B 141 21.35 12.95 -18.87
C LEU B 141 20.84 12.51 -17.52
N GLU B 142 21.16 13.23 -16.45
CA GLU B 142 20.57 12.89 -15.17
C GLU B 142 19.10 13.25 -15.12
N LYS B 143 18.74 14.47 -15.50
CA LYS B 143 17.35 14.85 -15.52
C LYS B 143 16.53 13.99 -16.45
N ILE B 144 17.15 13.37 -17.44
CA ILE B 144 16.44 12.47 -18.34
C ILE B 144 16.31 11.08 -17.75
N THR B 145 17.40 10.54 -17.21
CA THR B 145 17.34 9.20 -16.64
C THR B 145 16.46 9.15 -15.42
N ARG B 146 16.49 10.18 -14.57
CA ARG B 146 15.65 10.16 -13.39
C ARG B 146 14.17 10.31 -13.75
N ARG B 147 13.87 11.16 -14.73
CA ARG B 147 12.49 11.30 -15.14
C ARG B 147 11.98 10.03 -15.81
N PHE B 148 12.82 9.37 -16.60
CA PHE B 148 12.43 8.14 -17.26
C PHE B 148 12.09 7.04 -16.28
N THR B 149 12.68 7.03 -15.09
CA THR B 149 12.31 6.03 -14.09
C THR B 149 11.11 6.48 -13.28
N MET B 150 11.03 7.78 -13.01
CA MET B 150 9.85 8.32 -12.34
C MET B 150 8.59 7.96 -13.11
N GLU B 151 8.66 8.00 -14.43
CA GLU B 151 7.50 7.66 -15.24
C GLU B 151 7.22 6.17 -15.20
N LEU B 152 8.25 5.34 -15.38
CA LEU B 152 8.03 3.91 -15.36
C LEU B 152 7.52 3.46 -14.00
N ALA B 153 8.21 3.87 -12.93
CA ALA B 153 7.88 3.37 -11.61
C ALA B 153 6.42 3.58 -11.27
N LYS B 154 5.90 4.77 -11.52
CA LYS B 154 4.51 5.02 -11.17
C LYS B 154 3.55 4.20 -12.01
N LYS B 155 3.99 3.63 -13.13
CA LYS B 155 3.14 2.78 -13.94
C LYS B 155 3.54 1.32 -13.86
N GLY B 156 4.31 0.93 -12.84
CA GLY B 156 4.62 -0.48 -12.66
C GLY B 156 5.51 -1.08 -13.72
N PHE B 157 6.63 -0.44 -14.03
CA PHE B 157 7.61 -0.99 -14.95
C PHE B 157 9.02 -0.95 -14.40
N ILE B 158 9.21 -0.59 -13.14
CA ILE B 158 10.47 -0.76 -12.44
C ILE B 158 10.14 -1.24 -11.04
N GLY B 159 11.00 -2.10 -10.51
CA GLY B 159 10.81 -2.62 -9.18
C GLY B 159 11.19 -4.07 -9.13
N PRO B 160 11.84 -4.48 -8.05
CA PRO B 160 12.42 -5.83 -7.99
C PRO B 160 11.41 -6.95 -8.16
N GLY B 161 10.13 -6.63 -8.28
CA GLY B 161 9.15 -7.67 -8.47
C GLY B 161 8.57 -7.67 -9.87
N VAL B 162 8.86 -6.62 -10.64
CA VAL B 162 8.30 -6.52 -11.98
C VAL B 162 9.40 -6.43 -13.02
N ASP B 163 10.21 -5.40 -12.99
CA ASP B 163 11.25 -5.22 -13.99
C ASP B 163 12.55 -4.81 -13.31
N VAL B 164 13.65 -5.14 -13.97
CA VAL B 164 14.98 -4.79 -13.48
C VAL B 164 15.79 -4.27 -14.65
N PRO B 165 15.91 -2.96 -14.81
CA PRO B 165 16.74 -2.41 -15.89
C PRO B 165 18.19 -2.85 -15.80
N ALA B 166 18.96 -2.59 -16.84
CA ALA B 166 20.36 -3.01 -16.87
C ALA B 166 21.10 -2.16 -17.88
N PRO B 167 22.43 -2.15 -17.86
CA PRO B 167 23.17 -1.38 -18.87
C PRO B 167 22.97 -1.96 -20.25
N ASP B 168 23.10 -1.10 -21.25
CA ASP B 168 23.09 -1.50 -22.64
C ASP B 168 23.77 -0.38 -23.42
N MET B 169 23.58 -0.37 -24.73
CA MET B 169 24.21 0.60 -25.61
C MET B 169 24.13 2.01 -25.05
N SER B 170 25.28 2.69 -25.03
CA SER B 170 25.37 4.10 -24.63
C SER B 170 24.90 4.33 -23.20
N THR B 171 24.89 3.29 -22.38
CA THR B 171 24.65 3.43 -20.96
C THR B 171 25.66 2.59 -20.20
N GLY B 172 26.02 3.05 -19.03
CA GLY B 172 27.01 2.37 -18.21
C GLY B 172 26.60 2.37 -16.76
N GLU B 173 27.58 2.21 -15.88
CA GLU B 173 27.30 2.20 -14.46
C GLU B 173 26.92 3.58 -13.96
N ARG B 174 27.26 4.62 -14.72
CA ARG B 174 26.86 5.97 -14.34
C ARG B 174 25.34 6.10 -14.33
N GLU B 175 24.70 5.69 -15.42
CA GLU B 175 23.25 5.80 -15.51
C GLU B 175 22.55 4.90 -14.51
N MET B 176 22.99 3.64 -14.42
CA MET B 176 22.30 2.68 -13.56
C MET B 176 22.30 3.12 -12.11
N SER B 177 23.22 4.00 -11.73
CA SER B 177 23.22 4.50 -10.36
C SER B 177 22.16 5.57 -10.17
N TRP B 178 21.92 6.38 -11.19
CA TRP B 178 20.86 7.38 -11.13
C TRP B 178 19.50 6.74 -11.00
N ILE B 179 19.31 5.57 -11.62
CA ILE B 179 18.02 4.89 -11.54
C ILE B 179 17.80 4.35 -10.14
N ALA B 180 18.76 3.57 -9.64
CA ALA B 180 18.60 2.94 -8.34
C ALA B 180 18.41 3.98 -7.25
N ASP B 181 18.99 5.15 -7.42
CA ASP B 181 18.87 6.19 -6.40
C ASP B 181 17.52 6.88 -6.48
N THR B 182 16.99 7.04 -7.69
CA THR B 182 15.68 7.66 -7.82
C THR B 182 14.58 6.74 -7.34
N TYR B 183 14.68 5.45 -7.68
CA TYR B 183 13.66 4.51 -7.26
C TYR B 183 13.68 4.32 -5.75
N ALA B 184 14.88 4.20 -5.18
CA ALA B 184 14.98 3.93 -3.75
C ALA B 184 14.41 5.06 -2.94
N SER B 185 14.51 6.29 -3.45
CA SER B 185 14.14 7.44 -2.64
C SER B 185 12.75 7.98 -2.93
N THR B 186 12.03 7.43 -3.91
CA THR B 186 10.70 7.93 -4.19
C THR B 186 9.63 6.86 -4.00
N ILE B 187 9.73 5.74 -4.68
CA ILE B 187 8.61 4.80 -4.73
C ILE B 187 8.85 3.70 -3.72
N GLY B 188 9.92 2.95 -3.90
CA GLY B 188 10.20 1.85 -3.01
C GLY B 188 11.06 2.24 -1.84
N HIS B 189 10.72 3.34 -1.16
CA HIS B 189 11.50 3.73 0.00
C HIS B 189 11.40 2.69 1.10
N TYR B 190 10.19 2.31 1.48
CA TYR B 190 10.01 1.37 2.58
C TYR B 190 10.44 -0.03 2.20
N ASP B 191 10.31 -0.39 0.93
CA ASP B 191 10.62 -1.74 0.49
C ASP B 191 12.04 -2.10 0.87
N ILE B 192 12.24 -3.31 1.39
CA ILE B 192 13.57 -3.72 1.80
C ILE B 192 14.45 -3.99 0.59
N ASN B 193 13.84 -4.31 -0.54
CA ASN B 193 14.57 -4.65 -1.75
C ASN B 193 14.70 -3.46 -2.70
N ALA B 194 14.72 -2.25 -2.15
CA ALA B 194 14.72 -1.05 -2.98
C ALA B 194 15.91 -1.03 -3.92
N HIS B 195 17.12 -1.01 -3.36
CA HIS B 195 18.33 -0.90 -4.16
C HIS B 195 18.47 -2.03 -5.17
N ALA B 196 17.71 -3.10 -5.04
CA ALA B 196 17.80 -4.22 -5.96
C ALA B 196 16.96 -4.03 -7.21
N CYS B 197 16.57 -2.79 -7.53
CA CYS B 197 15.69 -2.59 -8.67
C CYS B 197 16.41 -2.63 -10.00
N VAL B 198 17.71 -2.36 -10.03
CA VAL B 198 18.49 -2.38 -11.25
C VAL B 198 19.76 -3.17 -11.02
N THR B 199 20.34 -3.65 -12.12
CA THR B 199 21.62 -4.33 -12.08
C THR B 199 22.63 -3.43 -12.77
N GLY B 200 23.88 -3.87 -12.82
CA GLY B 200 24.91 -3.05 -13.42
C GLY B 200 25.27 -1.82 -12.61
N LYS B 201 24.85 -1.77 -11.36
CA LYS B 201 25.21 -0.67 -10.49
C LYS B 201 26.70 -0.68 -10.19
N PRO B 202 27.25 0.44 -9.76
CA PRO B 202 28.65 0.46 -9.32
C PRO B 202 28.81 -0.44 -8.10
N ILE B 203 30.06 -0.86 -7.87
CA ILE B 203 30.33 -1.77 -6.76
C ILE B 203 29.92 -1.13 -5.44
N SER B 204 30.34 0.12 -5.22
CA SER B 204 30.00 0.79 -3.98
C SER B 204 28.50 0.96 -3.79
N GLN B 205 27.72 0.84 -4.86
CA GLN B 205 26.27 0.94 -4.79
C GLN B 205 25.60 -0.42 -4.90
N GLY B 206 26.34 -1.50 -4.70
CA GLY B 206 25.76 -2.82 -4.74
C GLY B 206 26.00 -3.60 -6.01
N GLY B 207 27.13 -3.39 -6.69
CA GLY B 207 27.44 -4.10 -7.90
C GLY B 207 28.03 -5.46 -7.64
N ILE B 208 28.67 -5.99 -8.68
CA ILE B 208 29.33 -7.29 -8.65
C ILE B 208 30.68 -7.14 -9.31
N HIS B 209 31.70 -7.79 -8.75
CA HIS B 209 32.99 -7.86 -9.40
C HIS B 209 32.82 -8.28 -10.85
N GLY B 210 33.35 -7.46 -11.75
CA GLY B 210 33.32 -7.79 -13.16
C GLY B 210 31.96 -7.76 -13.80
N ARG B 211 31.10 -6.83 -13.42
CA ARG B 211 29.85 -6.65 -14.15
C ARG B 211 30.12 -6.07 -15.53
N ILE B 212 31.15 -5.25 -15.65
CA ILE B 212 31.50 -4.69 -16.95
C ILE B 212 32.05 -5.77 -17.87
N SER B 213 33.06 -6.50 -17.41
CA SER B 213 33.64 -7.56 -18.21
C SER B 213 32.77 -8.79 -18.27
N ALA B 214 31.57 -8.74 -17.69
CA ALA B 214 30.71 -9.92 -17.64
C ALA B 214 30.37 -10.41 -19.04
N THR B 215 29.89 -9.51 -19.89
CA THR B 215 29.48 -9.91 -21.23
C THR B 215 30.66 -10.45 -22.03
N GLY B 216 31.83 -9.83 -21.87
CA GLY B 216 33.01 -10.30 -22.59
C GLY B 216 33.32 -11.75 -22.27
N ARG B 217 33.37 -12.09 -20.98
CA ARG B 217 33.57 -13.48 -20.58
C ARG B 217 32.55 -14.38 -21.25
N GLY B 218 31.32 -13.88 -21.41
CA GLY B 218 30.32 -14.64 -22.11
C GLY B 218 30.80 -15.00 -23.50
N VAL B 219 31.10 -14.00 -24.31
CA VAL B 219 31.64 -14.22 -25.65
C VAL B 219 32.83 -15.15 -25.60
N PHE B 220 33.64 -15.05 -24.55
CA PHE B 220 34.80 -15.92 -24.43
C PHE B 220 34.40 -17.36 -24.16
N HIS B 221 33.75 -17.61 -23.03
CA HIS B 221 33.37 -18.97 -22.66
C HIS B 221 32.47 -19.60 -23.72
N GLY B 222 31.76 -18.80 -24.49
CA GLY B 222 30.96 -19.34 -25.56
C GLY B 222 31.84 -19.89 -26.66
N ILE B 223 32.71 -19.04 -27.19
CA ILE B 223 33.64 -19.46 -28.24
C ILE B 223 34.45 -20.67 -27.78
N GLU B 224 34.96 -20.62 -26.56
CA GLU B 224 35.74 -21.73 -26.02
C GLU B 224 34.94 -23.02 -26.02
N ASN B 225 33.68 -22.96 -25.60
CA ASN B 225 32.86 -24.15 -25.55
C ASN B 225 32.60 -24.77 -26.91
N PHE B 226 32.92 -24.08 -28.00
CA PHE B 226 32.76 -24.62 -29.35
C PHE B 226 34.08 -24.89 -30.03
N ILE B 227 35.02 -23.93 -29.99
CA ILE B 227 36.35 -24.16 -30.54
C ILE B 227 36.95 -25.45 -30.02
N ASN B 228 36.73 -25.76 -28.74
CA ASN B 228 37.25 -26.98 -28.16
C ASN B 228 36.30 -28.16 -28.35
N GLU B 229 35.43 -28.08 -29.36
CA GLU B 229 34.57 -29.19 -29.75
C GLU B 229 34.96 -29.63 -31.16
N ALA B 230 35.68 -30.76 -31.24
CA ALA B 230 36.20 -31.21 -32.53
C ALA B 230 35.09 -31.61 -33.50
N SER B 231 33.93 -32.02 -32.98
CA SER B 231 32.85 -32.49 -33.84
C SER B 231 32.47 -31.45 -34.88
N TYR B 232 32.62 -30.18 -34.56
CA TYR B 232 32.35 -29.09 -35.51
C TYR B 232 33.61 -28.61 -36.20
N MET B 233 34.72 -28.54 -35.47
CA MET B 233 35.96 -28.07 -36.06
C MET B 233 36.44 -29.00 -37.16
N SER B 234 36.07 -30.29 -37.07
CA SER B 234 36.28 -31.20 -38.18
C SER B 234 35.44 -30.81 -39.39
N ILE B 235 34.27 -30.21 -39.18
CA ILE B 235 33.42 -29.79 -40.28
C ILE B 235 33.90 -28.46 -40.81
N LEU B 236 34.10 -27.49 -39.91
CA LEU B 236 34.59 -26.19 -40.32
C LEU B 236 35.99 -26.24 -40.89
N GLY B 237 36.76 -27.26 -40.56
CA GLY B 237 38.11 -27.35 -41.06
C GLY B 237 39.09 -26.41 -40.38
N MET B 238 39.14 -26.43 -39.06
CA MET B 238 40.05 -25.61 -38.28
C MET B 238 40.62 -26.44 -37.13
N THR B 239 41.26 -25.76 -36.18
CA THR B 239 41.96 -26.43 -35.10
C THR B 239 41.41 -25.98 -33.75
N PRO B 240 41.11 -26.92 -32.87
CA PRO B 240 40.73 -26.55 -31.49
C PRO B 240 41.87 -25.85 -30.78
N GLY B 241 41.66 -24.56 -30.49
CA GLY B 241 42.65 -23.74 -29.82
C GLY B 241 42.52 -22.28 -30.20
N PHE B 242 43.12 -21.40 -29.42
CA PHE B 242 43.03 -19.96 -29.69
C PHE B 242 44.32 -19.36 -30.24
N GLY B 243 45.46 -19.66 -29.63
CA GLY B 243 46.72 -19.08 -30.09
C GLY B 243 47.06 -19.40 -31.52
N ASP B 244 46.36 -20.36 -32.12
CA ASP B 244 46.59 -20.76 -33.50
C ASP B 244 45.71 -20.02 -34.50
N LYS B 245 44.78 -19.20 -34.04
CA LYS B 245 43.86 -18.52 -34.93
C LYS B 245 43.64 -17.10 -34.43
N THR B 246 43.00 -16.28 -35.26
CA THR B 246 42.81 -14.88 -34.97
C THR B 246 41.33 -14.53 -34.97
N PHE B 247 41.02 -13.25 -34.81
CA PHE B 247 39.64 -12.79 -34.72
C PHE B 247 39.65 -11.28 -34.87
N VAL B 248 38.50 -10.73 -35.22
CA VAL B 248 38.31 -9.30 -35.37
C VAL B 248 37.13 -8.87 -34.51
N VAL B 249 36.92 -7.56 -34.40
CA VAL B 249 35.90 -7.02 -33.51
C VAL B 249 35.24 -5.83 -34.18
N GLN B 250 33.91 -5.86 -34.20
CA GLN B 250 33.10 -4.71 -34.60
C GLN B 250 32.61 -4.04 -33.33
N GLY B 251 32.72 -2.72 -33.26
CA GLY B 251 32.15 -2.05 -32.10
C GLY B 251 32.97 -2.12 -30.84
N PHE B 252 34.09 -1.41 -30.80
CA PHE B 252 35.08 -1.52 -29.73
C PHE B 252 34.51 -1.23 -28.34
N GLY B 253 33.23 -0.91 -28.25
CA GLY B 253 32.61 -0.65 -26.96
C GLY B 253 32.62 -1.81 -25.99
N ASN B 254 31.88 -1.69 -24.89
CA ASN B 254 31.98 -2.60 -23.75
C ASN B 254 32.15 -4.07 -24.14
N VAL B 255 31.23 -4.58 -24.98
CA VAL B 255 31.35 -5.96 -25.41
C VAL B 255 32.62 -6.15 -26.22
N GLY B 256 32.74 -5.40 -27.32
CA GLY B 256 33.92 -5.53 -28.16
C GLY B 256 35.21 -5.36 -27.41
N LEU B 257 35.26 -4.41 -26.48
CA LEU B 257 36.48 -4.20 -25.71
C LEU B 257 36.85 -5.45 -24.93
N HIS B 258 35.97 -5.87 -24.02
CA HIS B 258 36.30 -6.98 -23.15
C HIS B 258 36.23 -8.31 -23.87
N SER B 259 35.56 -8.37 -25.02
CA SER B 259 35.70 -9.55 -25.86
C SER B 259 37.12 -9.70 -26.34
N MET B 260 37.84 -8.59 -26.53
CA MET B 260 39.23 -8.67 -26.94
C MET B 260 40.09 -9.25 -25.83
N ARG B 261 40.17 -8.56 -24.69
CA ARG B 261 41.17 -8.89 -23.68
C ARG B 261 41.07 -10.36 -23.27
N TYR B 262 39.87 -10.82 -22.95
CA TYR B 262 39.68 -12.21 -22.55
C TYR B 262 39.96 -13.16 -23.69
N LEU B 263 39.81 -12.72 -24.93
CA LEU B 263 40.17 -13.55 -26.06
C LEU B 263 41.58 -13.22 -26.56
N HIS B 264 42.14 -12.10 -26.13
CA HIS B 264 43.52 -11.72 -26.43
C HIS B 264 44.51 -12.39 -25.50
N ARG B 265 44.11 -12.65 -24.26
CA ARG B 265 45.05 -13.19 -23.28
C ARG B 265 45.39 -14.64 -23.56
N PHE B 266 44.69 -15.29 -24.48
CA PHE B 266 44.94 -16.69 -24.80
C PHE B 266 45.41 -16.87 -26.23
N GLY B 267 46.31 -16.00 -26.68
CA GLY B 267 47.02 -16.19 -27.92
C GLY B 267 46.26 -15.76 -29.16
N ALA B 268 44.93 -15.78 -29.12
CA ALA B 268 44.17 -15.34 -30.28
C ALA B 268 44.50 -13.88 -30.59
N LYS B 269 44.90 -13.64 -31.83
CA LYS B 269 45.50 -12.37 -32.22
C LYS B 269 44.43 -11.49 -32.85
N CYS B 270 43.97 -10.49 -32.11
CA CYS B 270 42.93 -9.60 -32.60
C CYS B 270 43.44 -8.79 -33.78
N ILE B 271 42.95 -9.11 -34.97
CA ILE B 271 43.43 -8.47 -36.19
C ILE B 271 43.03 -7.00 -36.24
N THR B 272 41.73 -6.71 -36.27
CA THR B 272 41.31 -5.34 -36.50
C THR B 272 40.16 -5.00 -35.57
N VAL B 273 39.72 -3.74 -35.65
CA VAL B 273 38.63 -3.22 -34.85
C VAL B 273 38.10 -1.99 -35.58
N GLY B 274 36.81 -1.72 -35.43
CA GLY B 274 36.21 -0.57 -36.07
C GLY B 274 35.12 0.03 -35.20
N GLU B 275 34.56 1.12 -35.69
CA GLU B 275 33.46 1.79 -35.01
C GLU B 275 32.76 2.69 -36.02
N SER B 276 31.88 3.56 -35.53
CA SER B 276 31.13 4.45 -36.39
C SER B 276 32.03 5.29 -37.29
N ASP B 277 33.26 5.59 -36.86
CA ASP B 277 34.19 6.36 -37.68
C ASP B 277 34.90 5.52 -38.73
N GLY B 278 35.70 4.54 -38.33
CA GLY B 278 36.48 3.79 -39.28
C GLY B 278 37.16 2.57 -38.68
N SER B 279 37.95 1.87 -39.47
CA SER B 279 38.54 0.61 -39.08
C SER B 279 40.03 0.79 -38.80
N ILE B 280 40.56 -0.12 -37.99
CA ILE B 280 41.94 -0.09 -37.54
C ILE B 280 42.51 -1.49 -37.76
N TRP B 281 43.18 -1.70 -38.89
CA TRP B 281 43.51 -3.04 -39.35
C TRP B 281 45.00 -3.29 -39.18
N ASN B 282 45.34 -4.32 -38.43
CA ASN B 282 46.72 -4.76 -38.25
C ASN B 282 46.74 -6.27 -38.19
N PRO B 283 47.29 -6.96 -39.17
CA PRO B 283 47.26 -8.42 -39.18
C PRO B 283 48.20 -9.06 -38.15
N ASP B 284 48.71 -8.27 -37.20
CA ASP B 284 49.66 -8.80 -36.23
C ASP B 284 49.25 -8.56 -34.78
N GLY B 285 48.12 -7.94 -34.53
CA GLY B 285 47.66 -7.86 -33.15
C GLY B 285 47.65 -6.45 -32.60
N ILE B 286 46.58 -6.10 -31.90
CA ILE B 286 46.42 -4.80 -31.28
C ILE B 286 46.30 -4.98 -29.77
N ASP B 287 47.15 -4.27 -29.03
CA ASP B 287 47.14 -4.32 -27.58
C ASP B 287 45.85 -3.71 -27.06
N PRO B 288 44.98 -4.52 -26.44
CA PRO B 288 43.72 -3.97 -25.92
C PRO B 288 43.92 -2.95 -24.82
N LYS B 289 45.07 -2.97 -24.15
CA LYS B 289 45.35 -1.95 -23.15
C LYS B 289 45.66 -0.61 -23.82
N GLU B 290 46.60 -0.61 -24.76
CA GLU B 290 47.02 0.64 -25.39
C GLU B 290 45.87 1.31 -26.11
N LEU B 291 45.11 0.54 -26.91
CA LEU B 291 44.00 1.13 -27.63
C LEU B 291 42.94 1.67 -26.68
N GLU B 292 42.74 0.99 -25.55
CA GLU B 292 41.80 1.48 -24.56
C GLU B 292 42.18 2.87 -24.07
N ASP B 293 43.48 3.18 -24.07
CA ASP B 293 43.92 4.51 -23.65
C ASP B 293 43.40 5.59 -24.60
N PHE B 294 43.48 5.34 -25.90
CA PHE B 294 43.10 6.36 -26.86
C PHE B 294 41.61 6.67 -26.80
N LYS B 295 40.79 5.66 -26.52
CA LYS B 295 39.37 5.93 -26.31
C LYS B 295 39.15 6.91 -25.17
N LEU B 296 40.09 6.97 -24.24
CA LEU B 296 40.06 7.95 -23.17
C LEU B 296 40.96 9.15 -23.43
N GLN B 297 41.74 9.12 -24.51
CA GLN B 297 42.64 10.21 -24.86
C GLN B 297 42.29 10.86 -26.18
N HIS B 298 42.16 10.08 -27.25
CA HIS B 298 41.97 10.63 -28.58
C HIS B 298 40.55 10.47 -29.11
N GLY B 299 39.60 10.04 -28.26
CA GLY B 299 38.21 10.04 -28.63
C GLY B 299 37.80 8.99 -29.64
N THR B 300 38.76 8.32 -30.29
CA THR B 300 38.43 7.32 -31.28
C THR B 300 39.59 6.33 -31.40
N ILE B 301 39.27 5.14 -31.90
CA ILE B 301 40.31 4.17 -32.18
C ILE B 301 41.16 4.59 -33.37
N LEU B 302 40.70 5.57 -34.15
CA LEU B 302 41.52 6.08 -35.24
C LEU B 302 42.74 6.81 -34.69
N GLY B 303 43.72 7.04 -35.56
CA GLY B 303 44.97 7.63 -35.16
C GLY B 303 45.90 6.71 -34.43
N PHE B 304 45.50 5.46 -34.19
CA PHE B 304 46.29 4.51 -33.42
C PHE B 304 47.58 4.20 -34.17
N PRO B 305 48.73 4.73 -33.71
CA PRO B 305 49.94 4.70 -34.55
C PRO B 305 50.56 3.33 -34.68
N LYS B 306 50.00 2.29 -34.06
CA LYS B 306 50.51 0.95 -34.28
C LYS B 306 49.62 0.14 -35.21
N ALA B 307 48.86 0.80 -36.07
CA ALA B 307 48.06 0.15 -37.08
C ALA B 307 47.73 1.21 -38.15
N LYS B 308 46.81 0.90 -39.04
CA LYS B 308 46.46 1.79 -40.13
C LYS B 308 44.96 1.80 -40.33
N ILE B 309 44.48 2.85 -40.98
CA ILE B 309 43.09 2.95 -41.37
C ILE B 309 42.81 1.97 -42.50
N TYR B 310 41.65 1.33 -42.45
CA TYR B 310 41.29 0.29 -43.40
C TYR B 310 40.14 0.77 -44.28
N GLU B 311 40.37 0.86 -45.58
CA GLU B 311 39.33 1.28 -46.51
C GLU B 311 38.35 0.14 -46.75
N GLY B 312 37.57 -0.21 -45.74
CA GLY B 312 36.63 -1.31 -45.88
C GLY B 312 36.03 -1.66 -44.54
N SER B 313 34.86 -2.29 -44.60
CA SER B 313 34.16 -2.72 -43.41
C SER B 313 34.82 -3.95 -42.80
N ILE B 314 34.75 -4.04 -41.47
CA ILE B 314 35.34 -5.18 -40.77
C ILE B 314 34.73 -6.48 -41.25
N LEU B 315 33.43 -6.48 -41.54
CA LEU B 315 32.70 -7.71 -41.84
C LEU B 315 33.29 -8.46 -43.04
N GLU B 316 34.06 -7.79 -43.89
CA GLU B 316 34.69 -8.45 -45.01
C GLU B 316 36.16 -8.76 -44.75
N VAL B 317 36.70 -8.36 -43.62
CA VAL B 317 38.11 -8.59 -43.36
C VAL B 317 38.39 -10.08 -43.22
N ASP B 318 39.49 -10.51 -43.83
CA ASP B 318 39.96 -11.88 -43.69
C ASP B 318 40.40 -12.12 -42.25
N CYS B 319 39.84 -13.14 -41.62
CA CYS B 319 40.17 -13.51 -40.26
C CYS B 319 39.73 -14.96 -40.05
N ASP B 320 39.67 -15.37 -38.80
CA ASP B 320 39.16 -16.69 -38.44
C ASP B 320 37.86 -16.64 -37.64
N ILE B 321 37.69 -15.62 -36.80
CA ILE B 321 36.49 -15.50 -35.96
C ILE B 321 36.00 -14.07 -36.03
N LEU B 322 34.89 -13.87 -36.73
CA LEU B 322 34.25 -12.56 -36.83
C LEU B 322 33.35 -12.35 -35.63
N ILE B 323 33.47 -11.18 -35.01
CA ILE B 323 32.60 -10.84 -33.89
C ILE B 323 31.95 -9.49 -34.16
N PRO B 324 30.74 -9.45 -34.71
CA PRO B 324 29.97 -8.21 -34.73
C PRO B 324 29.46 -7.91 -33.33
N ALA B 325 29.82 -6.76 -32.80
CA ALA B 325 29.42 -6.39 -31.45
C ALA B 325 29.07 -4.92 -31.38
N ALA B 326 28.42 -4.40 -32.42
CA ALA B 326 28.14 -2.97 -32.45
C ALA B 326 26.69 -2.61 -32.62
N SER B 327 25.92 -3.31 -33.43
CA SER B 327 24.54 -2.91 -33.71
C SER B 327 23.83 -4.07 -34.39
N GLU B 328 22.61 -3.80 -34.84
CA GLU B 328 21.76 -4.84 -35.40
C GLU B 328 21.87 -4.85 -36.91
N LYS B 329 21.61 -6.02 -37.50
CA LYS B 329 21.42 -6.18 -38.93
C LYS B 329 22.67 -5.84 -39.73
N GLN B 330 23.85 -5.92 -39.10
CA GLN B 330 25.07 -5.51 -39.79
C GLN B 330 25.41 -6.46 -40.92
N LEU B 331 25.63 -7.74 -40.60
CA LEU B 331 25.64 -8.72 -41.67
C LEU B 331 24.27 -8.77 -42.32
N THR B 332 24.27 -8.98 -43.63
CA THR B 332 23.03 -8.99 -44.38
C THR B 332 23.28 -9.70 -45.71
N LYS B 333 22.26 -9.70 -46.56
CA LYS B 333 22.34 -10.40 -47.83
C LYS B 333 23.43 -9.81 -48.74
N SER B 334 23.76 -8.54 -48.54
CA SER B 334 24.80 -7.90 -49.34
C SER B 334 26.19 -8.09 -48.77
N ASN B 335 26.32 -8.33 -47.47
CA ASN B 335 27.61 -8.59 -46.85
C ASN B 335 27.94 -10.07 -46.72
N ALA B 336 26.93 -10.93 -46.70
CA ALA B 336 27.17 -12.37 -46.59
C ALA B 336 28.07 -12.94 -47.68
N PRO B 337 27.96 -12.54 -48.96
CA PRO B 337 28.83 -13.13 -49.98
C PRO B 337 30.29 -12.84 -49.79
N ARG B 338 30.65 -11.86 -48.95
CA ARG B 338 32.04 -11.42 -48.84
C ARG B 338 32.51 -11.48 -47.40
N VAL B 339 32.19 -12.56 -46.69
CA VAL B 339 32.62 -12.64 -45.31
C VAL B 339 34.08 -13.04 -45.21
N LYS B 340 34.47 -14.13 -45.88
CA LYS B 340 35.83 -14.65 -45.84
C LYS B 340 36.27 -14.91 -44.40
N ALA B 341 35.52 -15.78 -43.74
CA ALA B 341 35.83 -16.18 -42.37
C ALA B 341 35.35 -17.60 -42.16
N LYS B 342 35.51 -18.08 -40.93
CA LYS B 342 35.12 -19.43 -40.57
C LYS B 342 34.03 -19.48 -39.53
N ILE B 343 34.12 -18.69 -38.46
CA ILE B 343 33.12 -18.64 -37.42
C ILE B 343 32.69 -17.21 -37.22
N ILE B 344 31.38 -17.00 -37.09
CA ILE B 344 30.84 -15.69 -36.77
C ILE B 344 30.18 -15.77 -35.40
N ALA B 345 30.92 -15.34 -34.38
CA ALA B 345 30.38 -15.17 -33.05
C ALA B 345 29.46 -13.96 -33.10
N GLU B 346 28.70 -13.72 -32.03
CA GLU B 346 27.77 -12.60 -32.00
C GLU B 346 27.74 -12.00 -30.60
N GLY B 347 28.36 -10.83 -30.45
CA GLY B 347 28.17 -10.07 -29.24
C GLY B 347 26.93 -9.20 -29.30
N ALA B 348 26.70 -8.57 -30.45
CA ALA B 348 25.51 -7.76 -30.64
C ALA B 348 24.28 -8.65 -30.64
N ASN B 349 23.11 -8.02 -30.60
CA ASN B 349 21.84 -8.71 -30.52
C ASN B 349 21.24 -8.80 -31.90
N GLY B 350 21.16 -10.02 -32.43
CA GLY B 350 20.68 -10.26 -33.76
C GLY B 350 21.38 -9.43 -34.82
N PRO B 351 22.72 -9.51 -34.89
CA PRO B 351 23.43 -8.74 -35.91
C PRO B 351 23.37 -9.37 -37.29
N THR B 352 22.72 -10.52 -37.43
CA THR B 352 22.64 -11.22 -38.70
C THR B 352 21.19 -11.33 -39.15
N THR B 353 20.95 -10.96 -40.38
CA THR B 353 19.64 -11.07 -40.99
C THR B 353 19.37 -12.53 -41.34
N PRO B 354 18.09 -12.95 -41.33
CA PRO B 354 17.81 -14.37 -41.57
C PRO B 354 18.20 -14.81 -42.96
N GLU B 355 18.19 -13.89 -43.93
CA GLU B 355 18.61 -14.23 -45.28
C GLU B 355 20.08 -14.62 -45.30
N ALA B 356 20.91 -13.93 -44.51
CA ALA B 356 22.33 -14.22 -44.52
C ALA B 356 22.63 -15.55 -43.82
N ASP B 357 21.71 -16.06 -43.02
CA ASP B 357 21.95 -17.34 -42.36
C ASP B 357 22.09 -18.47 -43.36
N LYS B 358 21.14 -18.58 -44.29
CA LYS B 358 21.24 -19.61 -45.32
C LYS B 358 22.57 -19.52 -46.06
N ILE B 359 22.97 -18.29 -46.40
CA ILE B 359 24.23 -18.10 -47.11
C ILE B 359 25.39 -18.59 -46.23
N PHE B 360 25.27 -18.40 -44.92
CA PHE B 360 26.32 -18.85 -44.02
C PHE B 360 26.31 -20.35 -43.86
N LEU B 361 25.12 -20.95 -43.74
CA LEU B 361 25.02 -22.40 -43.76
C LEU B 361 25.48 -22.95 -45.11
N GLU B 362 25.16 -22.22 -46.18
CA GLU B 362 25.60 -22.65 -47.51
C GLU B 362 27.11 -22.52 -47.66
N ARG B 363 27.68 -21.36 -47.29
CA ARG B 363 29.12 -21.19 -47.30
C ARG B 363 29.81 -22.09 -46.29
N ASN B 364 29.07 -22.88 -45.53
CA ASN B 364 29.62 -23.79 -44.53
C ASN B 364 30.45 -23.04 -43.50
N ILE B 365 29.85 -22.01 -42.91
CA ILE B 365 30.48 -21.27 -41.82
C ILE B 365 29.52 -21.24 -40.65
N MET B 366 30.03 -21.62 -39.49
CA MET B 366 29.23 -21.79 -38.29
C MET B 366 28.91 -20.44 -37.67
N VAL B 367 27.63 -20.21 -37.40
CA VAL B 367 27.16 -19.01 -36.75
C VAL B 367 26.70 -19.38 -35.35
N ILE B 368 27.32 -18.79 -34.35
CA ILE B 368 26.98 -19.03 -32.95
C ILE B 368 25.90 -18.04 -32.54
N PRO B 369 24.76 -18.49 -32.05
CA PRO B 369 23.64 -17.56 -31.85
C PRO B 369 23.92 -16.57 -30.74
N ASP B 370 23.43 -15.34 -30.94
CA ASP B 370 23.57 -14.33 -29.90
C ASP B 370 22.81 -14.73 -28.65
N LEU B 371 21.77 -15.56 -28.80
CA LEU B 371 21.06 -16.09 -27.64
C LEU B 371 22.04 -16.74 -26.67
N TYR B 372 23.10 -17.35 -27.20
CA TYR B 372 24.02 -18.06 -26.33
C TYR B 372 25.20 -17.21 -25.91
N LEU B 373 25.71 -16.33 -26.78
CA LEU B 373 26.97 -15.68 -26.44
C LEU B 373 26.80 -14.53 -25.46
N ASN B 374 26.07 -13.49 -25.83
CA ASN B 374 25.95 -12.34 -24.94
C ASN B 374 25.04 -12.63 -23.75
N ALA B 375 24.64 -13.89 -23.59
CA ALA B 375 23.86 -14.28 -22.41
C ALA B 375 24.71 -14.29 -21.15
N GLY B 376 26.02 -14.19 -21.27
CA GLY B 376 26.86 -14.09 -20.08
C GLY B 376 26.53 -12.86 -19.27
N GLY B 377 26.33 -11.72 -19.92
CA GLY B 377 25.99 -10.50 -19.22
C GLY B 377 24.78 -10.66 -18.33
N VAL B 378 23.76 -11.36 -18.81
CA VAL B 378 22.56 -11.58 -17.99
C VAL B 378 22.90 -12.41 -16.77
N THR B 379 23.55 -13.55 -16.98
CA THR B 379 23.86 -14.48 -15.91
C THR B 379 24.73 -13.88 -14.83
N VAL B 380 25.33 -12.73 -15.10
CA VAL B 380 26.05 -12.03 -14.03
C VAL B 380 25.16 -10.98 -13.41
N SER B 381 24.38 -10.27 -14.22
CA SER B 381 23.39 -9.35 -13.67
C SER B 381 22.34 -10.09 -12.85
N TYR B 382 22.19 -11.39 -13.07
CA TYR B 382 21.35 -12.18 -12.18
C TYR B 382 22.01 -12.35 -10.83
N PHE B 383 23.31 -12.63 -10.81
CA PHE B 383 24.02 -12.74 -9.54
C PHE B 383 23.98 -11.43 -8.78
N GLU B 384 24.01 -10.31 -9.49
CA GLU B 384 23.88 -9.02 -8.82
C GLU B 384 22.50 -8.88 -8.21
N TRP B 385 21.45 -8.97 -9.03
CA TRP B 385 20.10 -8.93 -8.51
C TRP B 385 19.87 -9.92 -7.39
N LEU B 386 20.64 -11.00 -7.36
CA LEU B 386 20.55 -11.98 -6.31
C LEU B 386 21.49 -11.69 -5.15
N ASN B 387 22.63 -11.03 -5.43
CA ASN B 387 23.48 -10.53 -4.36
C ASN B 387 22.70 -9.59 -3.46
N ASN B 388 22.26 -8.47 -4.01
CA ASN B 388 21.67 -7.43 -3.20
C ASN B 388 20.21 -7.70 -2.89
N LEU B 389 19.77 -8.94 -3.08
CA LEU B 389 18.50 -9.39 -2.56
C LEU B 389 18.67 -10.20 -1.29
N ASN B 390 19.91 -10.58 -0.96
CA ASN B 390 20.24 -11.30 0.26
C ASN B 390 20.94 -10.44 1.29
N HIS B 391 21.39 -9.25 0.91
CA HIS B 391 21.88 -8.26 1.86
C HIS B 391 23.16 -8.70 2.55
N VAL B 392 23.90 -9.62 1.94
CA VAL B 392 25.12 -10.11 2.57
C VAL B 392 26.17 -10.29 1.49
N SER B 393 27.38 -9.87 1.81
CA SER B 393 28.53 -10.16 0.96
C SER B 393 28.69 -11.67 0.88
N TYR B 394 28.45 -12.24 -0.30
CA TYR B 394 28.37 -13.69 -0.42
C TYR B 394 29.64 -14.34 0.11
N GLY B 395 29.45 -15.32 0.98
CA GLY B 395 30.55 -16.03 1.57
C GLY B 395 31.15 -15.40 2.80
N ARG B 396 30.70 -14.21 3.19
CA ARG B 396 31.26 -13.57 4.37
C ARG B 396 30.96 -14.35 5.64
N LEU B 397 29.78 -14.96 5.71
CA LEU B 397 29.41 -15.66 6.92
C LEU B 397 30.38 -16.78 7.26
N THR B 398 30.95 -17.43 6.25
CA THR B 398 31.74 -18.63 6.45
C THR B 398 33.11 -18.49 5.80
N PHE B 399 33.80 -17.39 6.05
CA PHE B 399 35.22 -17.34 5.73
C PHE B 399 36.08 -17.99 6.80
N LYS B 400 36.03 -17.50 8.03
CA LYS B 400 36.84 -18.08 9.09
C LYS B 400 36.43 -19.49 9.42
N TYR B 401 35.22 -19.91 9.05
CA TYR B 401 34.77 -21.24 9.41
C TYR B 401 35.28 -22.29 8.43
N GLU B 402 35.08 -22.05 7.14
CA GLU B 402 35.59 -22.97 6.13
C GLU B 402 37.11 -23.10 6.24
N ARG B 403 37.80 -21.98 6.45
CA ARG B 403 39.24 -22.02 6.62
C ARG B 403 39.63 -22.95 7.77
N ASP B 404 38.86 -22.94 8.84
CA ASP B 404 39.14 -23.87 9.93
C ASP B 404 38.79 -25.29 9.54
N SER B 405 37.58 -25.50 9.03
CA SER B 405 37.13 -26.86 8.75
C SER B 405 38.06 -27.55 7.77
N ASN B 406 38.53 -26.84 6.75
CA ASN B 406 39.48 -27.45 5.83
C ASN B 406 40.78 -27.79 6.55
N TYR B 407 41.23 -26.94 7.46
CA TYR B 407 42.43 -27.27 8.23
C TYR B 407 42.20 -28.43 9.16
N HIS B 408 40.98 -28.96 9.23
CA HIS B 408 40.76 -30.14 10.04
C HIS B 408 40.54 -31.38 9.19
N LEU B 409 40.11 -31.23 7.95
CA LEU B 409 40.20 -32.35 7.02
C LEU B 409 41.65 -32.76 6.82
N LEU B 410 42.49 -31.81 6.39
CA LEU B 410 43.88 -32.13 6.12
C LEU B 410 44.59 -32.60 7.38
N MET B 411 44.22 -32.06 8.53
CA MET B 411 44.83 -32.51 9.78
C MET B 411 44.40 -33.94 10.09
N SER B 412 43.10 -34.21 10.03
CA SER B 412 42.60 -35.54 10.33
C SER B 412 43.27 -36.58 9.43
N VAL B 413 43.42 -36.28 8.15
CA VAL B 413 44.14 -37.18 7.25
C VAL B 413 45.57 -37.39 7.76
N GLN B 414 46.21 -36.30 8.16
CA GLN B 414 47.56 -36.43 8.71
C GLN B 414 47.55 -37.27 9.98
N GLU B 415 46.73 -36.89 10.96
CA GLU B 415 46.68 -37.63 12.21
C GLU B 415 46.30 -39.08 11.98
N SER B 416 45.47 -39.35 10.97
CA SER B 416 45.11 -40.74 10.69
C SER B 416 46.30 -41.53 10.17
N LEU B 417 47.09 -40.92 9.28
CA LEU B 417 48.24 -41.62 8.73
C LEU B 417 49.34 -41.79 9.75
N GLU B 418 49.54 -40.83 10.64
CA GLU B 418 50.59 -40.95 11.63
C GLU B 418 50.28 -42.01 12.67
N ARG B 419 49.19 -42.75 12.51
CA ARG B 419 48.97 -43.93 13.32
C ARG B 419 49.24 -45.21 12.54
N LYS B 420 49.06 -45.17 11.21
CA LYS B 420 49.34 -46.35 10.41
C LYS B 420 50.81 -46.40 10.01
N PHE B 421 51.30 -45.35 9.36
CA PHE B 421 52.71 -45.28 9.04
C PHE B 421 53.51 -44.50 10.06
N GLY B 422 52.87 -44.02 11.12
CA GLY B 422 53.53 -43.26 12.14
C GLY B 422 54.33 -44.07 13.14
N LYS B 423 54.56 -45.35 12.88
CA LYS B 423 55.40 -46.15 13.77
C LYS B 423 56.77 -45.51 13.93
N HIS B 424 57.28 -44.89 12.87
CA HIS B 424 58.54 -44.18 12.91
C HIS B 424 58.42 -42.80 13.53
N GLY B 425 57.21 -42.36 13.84
CA GLY B 425 56.99 -41.02 14.34
C GLY B 425 57.08 -39.93 13.30
N GLY B 426 57.36 -40.28 12.04
CA GLY B 426 57.55 -39.32 10.98
C GLY B 426 56.36 -38.42 10.74
N THR B 427 56.58 -37.11 10.90
CA THR B 427 55.52 -36.12 10.72
C THR B 427 55.05 -35.95 9.28
N ILE B 428 53.94 -36.60 8.94
CA ILE B 428 53.38 -36.48 7.59
C ILE B 428 52.84 -35.06 7.48
N PRO B 429 53.40 -34.27 6.47
CA PRO B 429 52.89 -32.91 6.41
C PRO B 429 51.81 -32.66 5.36
N ILE B 430 50.56 -32.97 5.67
CA ILE B 430 49.46 -32.71 4.74
C ILE B 430 49.19 -31.21 4.71
N VAL B 431 49.59 -30.57 3.63
CA VAL B 431 49.45 -29.11 3.52
C VAL B 431 48.82 -28.79 2.18
N PRO B 432 48.04 -27.71 2.08
CA PRO B 432 47.40 -27.36 0.81
C PRO B 432 48.42 -27.10 -0.28
N THR B 433 47.93 -27.12 -1.52
CA THR B 433 48.74 -26.79 -2.67
C THR B 433 48.81 -25.28 -2.82
N ALA B 434 49.30 -24.81 -3.96
CA ALA B 434 49.19 -23.39 -4.25
C ALA B 434 47.77 -23.02 -4.64
N GLU B 435 47.12 -23.85 -5.47
CA GLU B 435 45.79 -23.54 -5.95
C GLU B 435 44.77 -23.59 -4.83
N PHE B 436 44.72 -24.72 -4.11
CA PHE B 436 43.77 -24.86 -3.03
C PHE B 436 43.95 -23.77 -1.98
N GLN B 437 45.19 -23.37 -1.74
CA GLN B 437 45.48 -22.34 -0.76
C GLN B 437 44.63 -21.09 -0.99
N ASP B 438 44.26 -20.83 -2.23
CA ASP B 438 43.37 -19.71 -2.52
C ASP B 438 41.93 -20.01 -2.15
N ARG B 439 41.48 -21.24 -2.37
CA ARG B 439 40.09 -21.62 -2.13
C ARG B 439 39.85 -22.14 -0.73
N ILE B 440 40.72 -21.83 0.23
CA ILE B 440 40.51 -22.35 1.57
C ILE B 440 39.32 -21.68 2.22
N SER B 441 39.35 -20.36 2.33
CA SER B 441 38.29 -19.65 3.05
C SER B 441 36.94 -19.77 2.37
N GLY B 442 36.84 -20.46 1.24
CA GLY B 442 35.56 -20.70 0.61
C GLY B 442 35.40 -19.93 -0.69
N ALA B 443 34.14 -19.67 -1.03
CA ALA B 443 33.80 -18.97 -2.26
C ALA B 443 33.61 -17.49 -1.96
N SER B 444 34.55 -16.68 -2.44
CA SER B 444 34.40 -15.23 -2.33
C SER B 444 33.42 -14.74 -3.39
N GLU B 445 33.20 -13.43 -3.42
CA GLU B 445 32.23 -12.87 -4.35
C GLU B 445 32.68 -13.05 -5.79
N LYS B 446 33.98 -12.86 -6.04
CA LYS B 446 34.45 -12.94 -7.42
C LYS B 446 34.55 -14.38 -7.89
N ASP B 447 34.75 -15.32 -6.96
CA ASP B 447 34.92 -16.71 -7.38
C ASP B 447 33.64 -17.28 -7.95
N ILE B 448 32.50 -17.01 -7.32
CA ILE B 448 31.25 -17.56 -7.84
C ILE B 448 30.91 -16.94 -9.18
N VAL B 449 31.32 -15.70 -9.39
CA VAL B 449 31.07 -15.06 -10.68
C VAL B 449 31.88 -15.74 -11.77
N HIS B 450 33.19 -15.85 -11.57
CA HIS B 450 34.02 -16.48 -12.58
C HIS B 450 33.67 -17.95 -12.79
N SER B 451 32.95 -18.55 -11.85
CA SER B 451 32.50 -19.93 -11.99
C SER B 451 31.05 -19.99 -12.45
N GLY B 452 30.13 -19.35 -11.73
CA GLY B 452 28.74 -19.36 -12.11
C GLY B 452 28.52 -18.91 -13.54
N LEU B 453 29.40 -18.06 -14.06
CA LEU B 453 29.34 -17.69 -15.46
C LEU B 453 29.91 -18.79 -16.35
N ALA B 454 31.08 -19.31 -15.97
CA ALA B 454 31.68 -20.36 -16.77
C ALA B 454 30.87 -21.64 -16.69
N TYR B 455 30.08 -21.81 -15.63
CA TYR B 455 29.25 -23.00 -15.50
C TYR B 455 27.95 -22.85 -16.27
N THR B 456 27.28 -21.71 -16.08
CA THR B 456 26.03 -21.47 -16.80
C THR B 456 26.21 -21.61 -18.29
N MET B 457 27.34 -21.14 -18.81
CA MET B 457 27.58 -21.27 -20.23
C MET B 457 28.28 -22.58 -20.56
N GLU B 458 28.32 -23.51 -19.61
CA GLU B 458 28.70 -24.87 -19.94
C GLU B 458 27.47 -25.72 -20.19
N ARG B 459 26.52 -25.68 -19.26
CA ARG B 459 25.28 -26.43 -19.44
C ARG B 459 24.56 -25.99 -20.70
N SER B 460 24.58 -24.69 -20.97
CA SER B 460 23.85 -24.17 -22.12
C SER B 460 24.46 -24.69 -23.41
N ALA B 461 25.80 -24.69 -23.51
CA ALA B 461 26.46 -25.15 -24.73
C ALA B 461 26.16 -26.61 -25.00
N ARG B 462 25.98 -27.39 -23.94
CA ARG B 462 25.64 -28.80 -24.11
C ARG B 462 24.21 -28.94 -24.61
N GLN B 463 23.26 -28.32 -23.92
CA GLN B 463 21.86 -28.42 -24.32
C GLN B 463 21.66 -27.96 -25.76
N ILE B 464 22.53 -27.08 -26.25
CA ILE B 464 22.44 -26.68 -27.65
C ILE B 464 23.04 -27.77 -28.54
N MET B 465 24.22 -28.27 -28.18
CA MET B 465 24.77 -29.40 -28.91
C MET B 465 23.82 -30.59 -28.83
N ARG B 466 23.32 -30.88 -27.64
CA ARG B 466 22.46 -32.04 -27.44
C ARG B 466 21.20 -31.95 -28.29
N THR B 467 20.78 -30.73 -28.65
CA THR B 467 19.59 -30.59 -29.47
C THR B 467 19.94 -30.66 -30.96
N ALA B 468 21.01 -29.95 -31.36
CA ALA B 468 21.34 -29.90 -32.78
C ALA B 468 21.69 -31.26 -33.33
N MET B 469 21.97 -32.23 -32.47
CA MET B 469 22.17 -33.60 -32.93
C MET B 469 20.87 -34.38 -32.92
N LYS B 470 20.00 -34.09 -31.94
CA LYS B 470 18.74 -34.80 -31.85
C LYS B 470 17.86 -34.53 -33.06
N TYR B 471 17.98 -33.33 -33.63
CA TYR B 471 17.15 -32.91 -34.75
C TYR B 471 17.94 -32.72 -36.03
N ASN B 472 19.25 -32.92 -35.99
CA ASN B 472 20.11 -32.83 -37.17
C ASN B 472 20.01 -31.46 -37.82
N LEU B 473 20.41 -30.45 -37.07
CA LEU B 473 20.46 -29.09 -37.56
C LEU B 473 21.86 -28.67 -37.98
N GLY B 474 22.82 -29.59 -37.95
CA GLY B 474 24.14 -29.30 -38.47
C GLY B 474 24.80 -28.15 -37.75
N LEU B 475 25.03 -27.06 -38.48
CA LEU B 475 25.70 -25.89 -37.93
C LEU B 475 24.73 -24.78 -37.57
N ASP B 476 23.44 -24.94 -37.86
CA ASP B 476 22.43 -23.96 -37.48
C ASP B 476 22.14 -24.08 -35.98
N LEU B 477 23.16 -23.77 -35.18
CA LEU B 477 23.01 -23.79 -33.75
C LEU B 477 21.92 -22.81 -33.30
N ARG B 478 21.77 -21.72 -34.04
CA ARG B 478 20.73 -20.75 -33.75
C ARG B 478 19.36 -21.41 -33.64
N THR B 479 18.95 -22.13 -34.68
CA THR B 479 17.70 -22.85 -34.63
C THR B 479 17.67 -23.84 -33.48
N ALA B 480 18.81 -24.50 -33.24
CA ALA B 480 18.90 -25.41 -32.10
C ALA B 480 18.72 -24.67 -30.79
N ALA B 481 19.14 -23.40 -30.73
CA ALA B 481 19.00 -22.64 -29.50
C ALA B 481 17.54 -22.32 -29.22
N TYR B 482 16.83 -21.81 -30.22
CA TYR B 482 15.41 -21.50 -30.06
C TYR B 482 14.61 -22.73 -29.68
N VAL B 483 14.98 -23.90 -30.20
CA VAL B 483 14.29 -25.12 -29.82
C VAL B 483 14.37 -25.33 -28.31
N ASN B 484 15.57 -25.22 -27.76
CA ASN B 484 15.70 -25.34 -26.31
C ASN B 484 14.98 -24.21 -25.61
N ALA B 485 14.97 -23.02 -26.21
CA ALA B 485 14.26 -21.90 -25.60
C ALA B 485 12.76 -22.15 -25.59
N ILE B 486 12.20 -22.50 -26.74
CA ILE B 486 10.75 -22.67 -26.85
C ILE B 486 10.29 -23.82 -25.97
N GLU B 487 11.02 -24.93 -25.97
CA GLU B 487 10.60 -26.07 -25.16
C GLU B 487 10.51 -25.70 -23.68
N LYS B 488 11.33 -24.75 -23.22
CA LYS B 488 11.30 -24.39 -21.81
C LYS B 488 10.13 -23.47 -21.49
N VAL B 489 9.97 -22.39 -22.26
CA VAL B 489 8.88 -21.47 -22.00
C VAL B 489 7.54 -22.15 -22.21
N PHE B 490 7.50 -23.19 -23.05
CA PHE B 490 6.25 -23.88 -23.29
C PHE B 490 5.77 -24.59 -22.05
N ARG B 491 6.64 -25.37 -21.40
CA ARG B 491 6.25 -26.09 -20.21
C ARG B 491 5.78 -25.19 -19.10
N VAL B 492 6.05 -23.89 -19.18
CA VAL B 492 5.60 -22.96 -18.16
C VAL B 492 4.16 -22.60 -18.44
N TYR B 493 3.87 -22.20 -19.68
CA TYR B 493 2.50 -21.92 -20.06
C TYR B 493 1.62 -23.15 -19.97
N ASN B 494 2.10 -24.27 -20.51
CA ASN B 494 1.32 -25.50 -20.52
C ASN B 494 0.79 -25.84 -19.14
N GLU B 495 1.68 -25.93 -18.15
CA GLU B 495 1.27 -26.39 -16.83
C GLU B 495 0.61 -25.31 -16.01
N ALA B 496 0.78 -24.04 -16.35
CA ALA B 496 0.28 -22.97 -15.52
C ALA B 496 -1.24 -22.82 -15.57
N GLY B 497 -1.94 -23.59 -16.41
CA GLY B 497 -3.33 -23.30 -16.61
C GLY B 497 -3.44 -21.90 -17.15
N VAL B 498 -2.97 -21.72 -18.39
CA VAL B 498 -2.32 -20.50 -18.86
C VAL B 498 -2.96 -19.24 -18.29
N THR B 499 -4.28 -19.20 -18.28
CA THR B 499 -5.01 -18.03 -17.83
C THR B 499 -6.20 -18.45 -16.98
N PHE B 500 -6.81 -17.46 -16.33
CA PHE B 500 -8.11 -17.62 -15.71
C PHE B 500 -9.24 -17.48 -16.71
N THR B 501 -8.92 -17.55 -18.00
CA THR B 501 -9.87 -17.35 -19.06
C THR B 501 -10.26 -18.70 -19.68
N ASP C 5 -18.69 -43.84 19.59
CA ASP C 5 -17.36 -43.25 19.50
C ASP C 5 -17.20 -42.46 18.21
N ASP C 6 -17.73 -41.25 18.20
CA ASP C 6 -17.58 -40.32 17.08
C ASP C 6 -17.55 -38.90 17.61
N PRO C 7 -16.49 -38.51 18.30
CA PRO C 7 -16.46 -37.18 18.90
C PRO C 7 -16.37 -36.11 17.84
N ASN C 8 -16.80 -34.90 18.20
CA ASN C 8 -16.51 -33.74 17.38
C ASN C 8 -15.02 -33.66 17.15
N PHE C 9 -14.62 -33.68 15.88
CA PHE C 9 -13.20 -33.84 15.55
C PHE C 9 -12.35 -32.76 16.20
N PHE C 10 -12.94 -31.62 16.55
CA PHE C 10 -12.21 -30.59 17.27
C PHE C 10 -12.20 -30.86 18.77
N LYS C 11 -13.26 -31.49 19.28
CA LYS C 11 -13.25 -31.90 20.68
C LYS C 11 -12.30 -33.06 20.90
N MET C 12 -11.94 -33.77 19.83
CA MET C 12 -11.01 -34.89 19.96
C MET C 12 -9.57 -34.40 20.08
N VAL C 13 -9.14 -33.60 19.10
CA VAL C 13 -7.77 -33.09 19.11
C VAL C 13 -7.54 -32.26 20.37
N GLU C 14 -8.55 -31.51 20.79
CA GLU C 14 -8.49 -30.86 22.09
C GLU C 14 -8.26 -31.89 23.19
N GLY C 15 -8.89 -33.05 23.07
CA GLY C 15 -8.72 -34.09 24.08
C GLY C 15 -7.28 -34.56 24.18
N PHE C 16 -6.58 -34.65 23.06
CA PHE C 16 -5.17 -35.04 23.10
C PHE C 16 -4.35 -33.93 23.74
N PHE C 17 -4.59 -32.69 23.31
CA PHE C 17 -3.94 -31.52 23.86
C PHE C 17 -4.12 -31.50 25.38
N ASP C 18 -5.28 -31.95 25.83
CA ASP C 18 -5.56 -31.96 27.26
C ASP C 18 -4.58 -32.86 28.01
N ARG C 19 -4.52 -34.13 27.63
CA ARG C 19 -3.60 -35.06 28.29
C ARG C 19 -2.16 -34.58 28.16
N GLY C 20 -1.88 -33.82 27.10
CA GLY C 20 -0.56 -33.21 26.98
C GLY C 20 -0.32 -32.18 28.07
N ALA C 21 -1.27 -31.25 28.23
CA ALA C 21 -1.12 -30.23 29.26
C ALA C 21 -1.10 -30.84 30.65
N SER C 22 -1.79 -31.96 30.84
CA SER C 22 -1.89 -32.57 32.17
C SER C 22 -0.54 -33.08 32.66
N ILE C 23 0.41 -33.32 31.75
CA ILE C 23 1.72 -33.81 32.14
C ILE C 23 2.78 -32.72 32.07
N VAL C 24 2.69 -31.80 31.10
CA VAL C 24 3.68 -30.74 30.99
C VAL C 24 3.52 -29.72 32.12
N GLU C 25 2.30 -29.53 32.61
CA GLU C 25 2.00 -28.41 33.50
C GLU C 25 2.97 -28.33 34.67
N ASP C 26 3.50 -29.48 35.11
CA ASP C 26 4.41 -29.48 36.24
C ASP C 26 5.83 -29.13 35.80
N LYS C 27 6.36 -29.86 34.82
CA LYS C 27 7.70 -29.59 34.33
C LYS C 27 7.79 -28.27 33.57
N LEU C 28 6.71 -27.50 33.53
CA LEU C 28 6.74 -26.25 32.81
C LEU C 28 6.74 -25.06 33.76
N VAL C 29 6.21 -25.24 34.96
CA VAL C 29 6.29 -24.19 35.98
C VAL C 29 7.74 -23.98 36.40
N GLU C 30 8.48 -25.08 36.56
CA GLU C 30 9.86 -24.98 37.04
C GLU C 30 10.77 -24.34 36.01
N ASP C 31 10.38 -24.37 34.74
CA ASP C 31 11.14 -23.71 33.68
C ASP C 31 10.70 -22.28 33.45
N LEU C 32 9.58 -21.87 34.03
CA LEU C 32 9.16 -20.48 34.04
C LEU C 32 10.03 -19.72 35.04
N LYS C 33 10.77 -18.74 34.55
CA LYS C 33 11.76 -18.04 35.36
C LYS C 33 11.25 -16.74 35.98
N THR C 34 9.99 -16.38 35.76
CA THR C 34 9.46 -15.17 36.37
C THR C 34 9.45 -15.32 37.88
N ARG C 35 9.27 -14.19 38.58
CA ARG C 35 9.31 -14.17 40.04
C ARG C 35 7.89 -13.97 40.56
N GLU C 36 7.22 -15.09 40.84
CA GLU C 36 5.87 -15.07 41.39
C GLU C 36 5.76 -16.20 42.40
N THR C 37 4.53 -16.46 42.83
CA THR C 37 4.26 -17.56 43.74
C THR C 37 4.02 -18.83 42.94
N GLU C 38 4.24 -19.98 43.58
CA GLU C 38 4.03 -21.27 42.93
C GLU C 38 2.65 -21.34 42.29
N GLU C 39 1.60 -21.17 43.10
CA GLU C 39 0.24 -21.25 42.57
C GLU C 39 0.01 -20.21 41.49
N GLN C 40 0.55 -19.01 41.68
CA GLN C 40 0.49 -17.96 40.67
C GLN C 40 1.06 -18.43 39.34
N LYS C 41 2.27 -19.00 39.37
CA LYS C 41 2.87 -19.50 38.14
C LYS C 41 1.97 -20.52 37.46
N ARG C 42 1.29 -21.35 38.24
CA ARG C 42 0.35 -22.29 37.64
C ARG C 42 -0.87 -21.57 37.10
N ASN C 43 -1.27 -20.48 37.76
CA ASN C 43 -2.34 -19.66 37.19
C ASN C 43 -1.83 -18.91 35.96
N ARG C 44 -0.53 -18.93 35.72
CA ARG C 44 0.01 -18.36 34.50
C ARG C 44 0.08 -19.42 33.40
N VAL C 45 0.47 -20.64 33.75
CA VAL C 45 0.60 -21.70 32.76
C VAL C 45 -0.77 -22.05 32.18
N ARG C 46 -1.69 -22.49 33.04
CA ARG C 46 -3.02 -22.88 32.58
C ARG C 46 -3.64 -21.81 31.69
N SER C 47 -3.38 -20.54 32.00
CA SER C 47 -3.90 -19.46 31.18
C SER C 47 -3.34 -19.50 29.76
N ILE C 48 -2.02 -19.57 29.63
CA ILE C 48 -1.43 -19.63 28.30
C ILE C 48 -1.91 -20.86 27.56
N LEU C 49 -2.12 -21.96 28.26
CA LEU C 49 -2.64 -23.15 27.60
C LEU C 49 -4.03 -22.91 27.04
N ARG C 50 -4.85 -22.11 27.73
CA ARG C 50 -6.16 -21.78 27.18
C ARG C 50 -6.08 -20.85 25.99
N ILE C 51 -4.94 -20.21 25.77
CA ILE C 51 -4.76 -19.36 24.59
C ILE C 51 -4.31 -20.17 23.39
N ILE C 52 -3.48 -21.18 23.63
CA ILE C 52 -3.00 -22.01 22.53
C ILE C 52 -4.16 -22.76 21.90
N LYS C 53 -4.93 -23.45 22.73
CA LYS C 53 -5.96 -24.40 22.29
C LYS C 53 -6.88 -23.90 21.19
N PRO C 54 -7.54 -22.75 21.30
CA PRO C 54 -8.54 -22.38 20.29
C PRO C 54 -7.90 -21.77 19.05
N CYS C 55 -8.69 -21.69 17.99
CA CYS C 55 -8.26 -21.12 16.73
C CYS C 55 -8.39 -19.60 16.78
N ASN C 56 -7.41 -18.91 16.22
CA ASN C 56 -7.42 -17.45 16.30
C ASN C 56 -8.25 -16.81 15.20
N HIS C 57 -8.51 -17.52 14.11
CA HIS C 57 -9.30 -16.99 13.02
C HIS C 57 -9.96 -18.15 12.28
N VAL C 58 -11.27 -18.06 12.08
CA VAL C 58 -11.95 -19.05 11.27
C VAL C 58 -12.87 -18.33 10.31
N LEU C 59 -12.37 -18.06 9.11
CA LEU C 59 -13.16 -17.41 8.08
C LEU C 59 -14.19 -18.40 7.58
N SER C 60 -15.19 -17.90 6.86
CA SER C 60 -16.24 -18.73 6.30
C SER C 60 -16.87 -17.98 5.15
N LEU C 61 -17.05 -18.65 4.03
CA LEU C 61 -17.29 -17.98 2.77
C LEU C 61 -18.60 -18.45 2.15
N SER C 62 -18.85 -17.96 0.94
CA SER C 62 -19.96 -18.41 0.11
C SER C 62 -19.70 -17.90 -1.30
N PHE C 63 -19.77 -18.79 -2.28
CA PHE C 63 -19.32 -18.46 -3.63
C PHE C 63 -20.47 -18.54 -4.59
N PRO C 64 -20.86 -17.46 -5.23
CA PRO C 64 -21.66 -17.60 -6.45
C PRO C 64 -20.77 -18.06 -7.60
N ILE C 65 -21.14 -19.20 -8.19
CA ILE C 65 -20.45 -19.72 -9.35
C ILE C 65 -21.46 -19.95 -10.47
N ARG C 66 -20.95 -20.02 -11.68
CA ARG C 66 -21.76 -20.29 -12.87
C ARG C 66 -21.29 -21.62 -13.46
N ARG C 67 -22.03 -22.68 -13.17
CA ARG C 67 -21.75 -23.96 -13.78
C ARG C 67 -21.89 -23.85 -15.30
N ASP C 68 -21.29 -24.82 -16.01
CA ASP C 68 -21.29 -24.75 -17.47
C ASP C 68 -22.70 -24.80 -18.06
N ASP C 69 -23.68 -25.32 -17.34
CA ASP C 69 -25.06 -25.27 -17.81
C ASP C 69 -25.74 -23.95 -17.44
N GLY C 70 -24.98 -22.95 -17.02
CA GLY C 70 -25.51 -21.64 -16.76
C GLY C 70 -26.13 -21.43 -15.40
N SER C 71 -26.48 -22.51 -14.70
CA SER C 71 -27.09 -22.38 -13.39
C SER C 71 -26.07 -21.90 -12.36
N TRP C 72 -26.57 -21.24 -11.33
CA TRP C 72 -25.75 -20.73 -10.25
C TRP C 72 -25.73 -21.73 -9.09
N GLU C 73 -24.68 -21.63 -8.28
CA GLU C 73 -24.61 -22.36 -7.02
C GLU C 73 -23.86 -21.52 -6.00
N VAL C 74 -24.06 -21.87 -4.74
CA VAL C 74 -23.25 -21.34 -3.66
C VAL C 74 -22.28 -22.42 -3.23
N ILE C 75 -21.12 -22.00 -2.74
CA ILE C 75 -20.08 -22.94 -2.32
C ILE C 75 -19.50 -22.46 -1.01
N GLU C 76 -19.92 -23.09 0.08
CA GLU C 76 -19.34 -22.76 1.37
C GLU C 76 -17.87 -23.13 1.39
N GLY C 77 -17.04 -22.22 1.84
CA GLY C 77 -15.62 -22.48 1.97
C GLY C 77 -15.11 -21.93 3.28
N TYR C 78 -14.13 -22.61 3.86
CA TYR C 78 -13.67 -22.34 5.21
C TYR C 78 -12.17 -22.12 5.19
N ARG C 79 -11.66 -21.40 6.17
CA ARG C 79 -10.23 -21.41 6.42
C ARG C 79 -9.97 -20.97 7.85
N ALA C 80 -9.19 -21.78 8.54
CA ALA C 80 -8.82 -21.48 9.92
C ALA C 80 -7.34 -21.17 9.97
N GLN C 81 -6.96 -20.24 10.83
CA GLN C 81 -5.56 -20.02 11.18
C GLN C 81 -5.48 -20.30 12.66
N HIS C 82 -4.98 -21.49 13.03
CA HIS C 82 -4.98 -21.85 14.44
C HIS C 82 -4.19 -20.86 15.27
N SER C 83 -2.90 -20.72 15.02
CA SER C 83 -2.11 -19.86 15.89
C SER C 83 -1.29 -18.89 15.07
N GLN C 84 -0.84 -17.80 15.70
CA GLN C 84 -0.07 -16.78 15.02
C GLN C 84 1.30 -16.60 15.61
N HIS C 85 1.77 -17.54 16.43
CA HIS C 85 3.05 -17.40 17.09
C HIS C 85 4.18 -17.53 16.10
N ARG C 86 3.85 -17.80 14.85
CA ARG C 86 4.86 -18.13 13.85
C ARG C 86 4.34 -17.85 12.45
N THR C 87 4.82 -16.87 11.84
CA THR C 87 4.22 -16.64 10.53
C THR C 87 5.18 -17.06 9.42
N PRO C 88 4.68 -17.49 8.25
CA PRO C 88 3.27 -17.59 7.89
C PRO C 88 2.62 -18.83 8.47
N CYS C 89 1.40 -19.11 8.06
CA CYS C 89 0.69 -20.30 8.48
C CYS C 89 0.39 -21.17 7.27
N LYS C 90 0.94 -22.37 7.25
CA LYS C 90 0.63 -23.30 6.18
C LYS C 90 -0.57 -24.15 6.52
N GLY C 91 -1.11 -24.77 5.48
CA GLY C 91 -2.26 -25.65 5.62
C GLY C 91 -2.87 -25.99 4.29
N GLY C 92 -3.23 -27.26 4.11
CA GLY C 92 -3.76 -27.72 2.86
C GLY C 92 -5.11 -27.13 2.56
N ILE C 93 -5.58 -27.39 1.34
CA ILE C 93 -6.93 -27.07 0.93
C ILE C 93 -7.61 -28.37 0.55
N ARG C 94 -8.61 -28.76 1.31
CA ARG C 94 -9.30 -30.02 1.12
C ARG C 94 -10.60 -29.78 0.36
N TYR C 95 -10.89 -30.62 -0.62
CA TYR C 95 -12.17 -30.62 -1.29
C TYR C 95 -12.93 -31.89 -0.91
N SER C 96 -14.01 -31.73 -0.16
CA SER C 96 -14.83 -32.87 0.21
C SER C 96 -16.18 -32.35 0.70
N THR C 97 -17.23 -33.10 0.41
CA THR C 97 -18.56 -32.76 0.89
C THR C 97 -18.73 -33.05 2.37
N ASP C 98 -17.67 -33.48 3.05
CA ASP C 98 -17.72 -33.75 4.48
C ASP C 98 -16.91 -32.77 5.31
N VAL C 99 -16.52 -31.65 4.72
CA VAL C 99 -15.72 -30.66 5.43
C VAL C 99 -16.68 -29.71 6.16
N SER C 100 -16.24 -29.18 7.29
CA SER C 100 -17.01 -28.21 8.05
C SER C 100 -16.05 -27.44 8.94
N VAL C 101 -16.56 -26.37 9.54
CA VAL C 101 -15.71 -25.57 10.41
C VAL C 101 -15.25 -26.40 11.60
N ASP C 102 -16.09 -27.33 12.05
CA ASP C 102 -15.71 -28.16 13.19
C ASP C 102 -14.57 -29.10 12.82
N GLU C 103 -14.46 -29.45 11.54
CA GLU C 103 -13.33 -30.25 11.09
C GLU C 103 -12.10 -29.37 10.85
N VAL C 104 -12.28 -28.30 10.09
CA VAL C 104 -11.16 -27.45 9.70
C VAL C 104 -10.45 -26.90 10.94
N LYS C 105 -11.22 -26.47 11.94
CA LYS C 105 -10.63 -25.96 13.16
C LYS C 105 -9.63 -26.93 13.77
N ALA C 106 -9.91 -28.24 13.69
CA ALA C 106 -9.01 -29.19 14.32
C ALA C 106 -7.83 -29.50 13.43
N LEU C 107 -8.08 -29.78 12.15
CA LEU C 107 -6.99 -29.98 11.21
C LEU C 107 -6.06 -28.77 11.21
N ALA C 108 -6.63 -27.58 11.40
CA ALA C 108 -5.80 -26.39 11.54
C ALA C 108 -4.92 -26.50 12.77
N SER C 109 -5.47 -27.05 13.85
CA SER C 109 -4.71 -27.15 15.09
C SER C 109 -3.55 -28.12 14.92
N LEU C 110 -3.81 -29.29 14.34
CA LEU C 110 -2.77 -30.29 14.17
C LEU C 110 -1.54 -29.70 13.51
N MET C 111 -1.72 -28.94 12.43
CA MET C 111 -0.55 -28.42 11.74
C MET C 111 0.19 -27.37 12.55
N THR C 112 -0.46 -26.78 13.56
CA THR C 112 0.32 -25.99 14.50
C THR C 112 1.24 -26.87 15.31
N TYR C 113 0.88 -28.14 15.49
CA TYR C 113 1.73 -29.00 16.29
C TYR C 113 2.66 -29.82 15.41
N LYS C 114 2.17 -30.32 14.27
CA LYS C 114 3.04 -30.92 13.28
C LYS C 114 4.26 -30.05 13.04
N CYS C 115 4.02 -28.78 12.69
CA CYS C 115 5.12 -27.87 12.43
C CYS C 115 5.97 -27.64 13.67
N ALA C 116 5.41 -27.86 14.85
CA ALA C 116 6.19 -27.71 16.07
C ALA C 116 6.99 -28.97 16.38
N VAL C 117 6.45 -30.13 16.02
CA VAL C 117 7.14 -31.38 16.28
C VAL C 117 8.36 -31.53 15.39
N VAL C 118 8.31 -31.00 14.17
CA VAL C 118 9.42 -31.10 13.24
C VAL C 118 10.12 -29.76 13.03
N ASP C 119 9.88 -28.80 13.91
CA ASP C 119 10.70 -27.60 14.01
C ASP C 119 10.66 -26.78 12.73
N VAL C 120 9.48 -26.65 12.16
CA VAL C 120 9.30 -25.91 10.92
C VAL C 120 8.61 -24.59 11.24
N PRO C 121 9.19 -23.47 10.83
CA PRO C 121 8.59 -22.16 11.13
C PRO C 121 7.19 -21.82 10.60
N PHE C 122 6.13 -22.57 10.93
CA PHE C 122 4.83 -22.14 10.44
C PHE C 122 3.79 -22.33 11.52
N GLY C 123 2.86 -21.39 11.63
CA GLY C 123 1.64 -21.66 12.33
C GLY C 123 0.78 -22.64 11.56
N GLY C 124 -0.32 -23.06 12.18
CA GLY C 124 -1.21 -24.01 11.55
C GLY C 124 -2.30 -23.30 10.77
N ALA C 125 -2.84 -24.00 9.78
CA ALA C 125 -3.95 -23.49 9.00
C ALA C 125 -4.57 -24.65 8.26
N LYS C 126 -5.76 -24.42 7.72
CA LYS C 126 -6.43 -25.42 6.92
C LYS C 126 -7.61 -24.76 6.25
N ALA C 127 -7.90 -25.16 5.01
CA ALA C 127 -9.02 -24.60 4.28
C ALA C 127 -9.82 -25.73 3.65
N GLY C 128 -11.13 -25.64 3.77
CA GLY C 128 -12.00 -26.63 3.18
C GLY C 128 -12.96 -25.99 2.22
N VAL C 129 -13.54 -26.83 1.36
CA VAL C 129 -14.57 -26.40 0.43
C VAL C 129 -15.60 -27.51 0.34
N LYS C 130 -16.84 -27.25 0.71
CA LYS C 130 -17.89 -28.26 0.57
C LYS C 130 -18.14 -28.46 -0.92
N ILE C 131 -17.60 -29.55 -1.46
CA ILE C 131 -17.57 -29.76 -2.89
C ILE C 131 -17.20 -31.22 -3.12
N ASN C 132 -17.61 -31.76 -4.26
CA ASN C 132 -17.17 -33.09 -4.66
C ASN C 132 -16.52 -32.99 -6.03
N PRO C 133 -15.19 -32.99 -6.10
CA PRO C 133 -14.51 -32.73 -7.38
C PRO C 133 -14.84 -33.76 -8.44
N LYS C 134 -15.39 -34.91 -8.06
CA LYS C 134 -15.74 -35.92 -9.05
C LYS C 134 -16.98 -35.52 -9.82
N ASN C 135 -17.64 -34.44 -9.41
CA ASN C 135 -18.88 -34.04 -10.06
C ASN C 135 -18.69 -32.94 -11.08
N TYR C 136 -17.68 -32.09 -10.93
CA TYR C 136 -17.63 -30.84 -11.66
C TYR C 136 -16.66 -30.93 -12.83
N THR C 137 -16.97 -30.17 -13.88
CA THR C 137 -16.08 -30.01 -15.01
C THR C 137 -14.72 -29.48 -14.57
N ASP C 138 -13.68 -29.84 -15.30
CA ASP C 138 -12.35 -29.33 -15.00
C ASP C 138 -12.22 -27.86 -15.41
N ASN C 139 -13.31 -27.26 -15.89
CA ASN C 139 -13.37 -25.81 -16.01
C ASN C 139 -13.95 -25.24 -14.74
N GLU C 140 -15.00 -25.90 -14.22
CA GLU C 140 -15.66 -25.39 -13.04
C GLU C 140 -14.73 -25.40 -11.84
N LEU C 141 -13.89 -26.44 -11.73
CA LEU C 141 -12.93 -26.44 -10.63
C LEU C 141 -11.97 -25.27 -10.72
N GLU C 142 -11.72 -24.78 -11.93
CA GLU C 142 -10.89 -23.58 -12.02
C GLU C 142 -11.65 -22.35 -11.55
N LYS C 143 -12.87 -22.15 -12.03
CA LYS C 143 -13.66 -21.02 -11.58
C LYS C 143 -13.92 -21.07 -10.08
N ILE C 144 -13.87 -22.25 -9.48
CA ILE C 144 -14.05 -22.37 -8.04
C ILE C 144 -12.76 -22.09 -7.30
N THR C 145 -11.66 -22.68 -7.74
CA THR C 145 -10.39 -22.46 -7.06
C THR C 145 -9.92 -21.03 -7.17
N ARG C 146 -10.11 -20.40 -8.33
CA ARG C 146 -9.68 -19.03 -8.47
C ARG C 146 -10.54 -18.08 -7.65
N ARG C 147 -11.84 -18.32 -7.60
CA ARG C 147 -12.70 -17.48 -6.78
C ARG C 147 -12.41 -17.67 -5.31
N PHE C 148 -12.13 -18.89 -4.88
CA PHE C 148 -11.80 -19.16 -3.49
C PHE C 148 -10.56 -18.44 -3.02
N THR C 149 -9.60 -18.18 -3.91
CA THR C 149 -8.43 -17.41 -3.53
C THR C 149 -8.67 -15.92 -3.64
N MET C 150 -9.45 -15.51 -4.63
CA MET C 150 -9.84 -14.12 -4.74
C MET C 150 -10.52 -13.65 -3.46
N GLU C 151 -11.34 -14.52 -2.86
CA GLU C 151 -12.02 -14.15 -1.63
C GLU C 151 -11.05 -14.11 -0.46
N LEU C 152 -10.21 -15.13 -0.32
CA LEU C 152 -9.27 -15.14 0.79
C LEU C 152 -8.29 -13.98 0.68
N ALA C 153 -7.69 -13.80 -0.49
CA ALA C 153 -6.64 -12.80 -0.63
C ALA C 153 -7.10 -11.42 -0.19
N LYS C 154 -8.29 -11.02 -0.64
CA LYS C 154 -8.75 -9.68 -0.27
C LYS C 154 -9.03 -9.55 1.20
N LYS C 155 -9.16 -10.66 1.94
CA LYS C 155 -9.38 -10.62 3.37
C LYS C 155 -8.16 -11.07 4.15
N GLY C 156 -6.98 -11.10 3.53
CA GLY C 156 -5.76 -11.42 4.26
C GLY C 156 -5.67 -12.84 4.76
N PHE C 157 -5.90 -13.81 3.89
CA PHE C 157 -5.73 -15.23 4.23
C PHE C 157 -4.91 -15.98 3.21
N ILE C 158 -4.32 -15.30 2.24
CA ILE C 158 -3.32 -15.88 1.36
C ILE C 158 -2.24 -14.84 1.17
N GLY C 159 -1.00 -15.29 1.06
CA GLY C 159 0.11 -14.39 0.87
C GLY C 159 1.30 -14.86 1.66
N PRO C 160 2.49 -14.76 1.07
CA PRO C 160 3.68 -15.36 1.70
C PRO C 160 3.99 -14.82 3.08
N GLY C 161 3.24 -13.85 3.57
CA GLY C 161 3.49 -13.35 4.91
C GLY C 161 2.42 -13.75 5.89
N VAL C 162 1.32 -14.30 5.39
CA VAL C 162 0.22 -14.68 6.27
C VAL C 162 -0.09 -16.16 6.17
N ASP C 163 -0.50 -16.64 5.01
CA ASP C 163 -0.86 -18.03 4.84
C ASP C 163 -0.26 -18.58 3.56
N VAL C 164 -0.04 -19.89 3.55
CA VAL C 164 0.51 -20.56 2.38
C VAL C 164 -0.28 -21.85 2.19
N PRO C 165 -1.26 -21.86 1.29
CA PRO C 165 -2.01 -23.09 1.02
C PRO C 165 -1.12 -24.23 0.53
N ALA C 166 -1.66 -25.43 0.48
CA ALA C 166 -0.87 -26.59 0.08
C ALA C 166 -1.82 -27.69 -0.41
N PRO C 167 -1.34 -28.70 -1.10
CA PRO C 167 -2.23 -29.79 -1.51
C PRO C 167 -2.74 -30.56 -0.31
N ASP C 168 -3.91 -31.17 -0.50
CA ASP C 168 -4.49 -32.06 0.48
C ASP C 168 -5.51 -32.91 -0.27
N MET C 169 -6.39 -33.57 0.48
CA MET C 169 -7.38 -34.47 -0.09
C MET C 169 -8.05 -33.87 -1.31
N SER C 170 -8.10 -34.66 -2.38
CA SER C 170 -8.81 -34.30 -3.61
C SER C 170 -8.26 -33.03 -4.25
N THR C 171 -7.04 -32.65 -3.91
CA THR C 171 -6.35 -31.58 -4.60
C THR C 171 -4.93 -32.02 -4.91
N GLY C 172 -4.40 -31.52 -6.01
CA GLY C 172 -3.05 -31.87 -6.44
C GLY C 172 -2.31 -30.66 -6.95
N GLU C 173 -1.31 -30.92 -7.77
CA GLU C 173 -0.53 -29.83 -8.34
C GLU C 173 -1.33 -29.03 -9.35
N ARG C 174 -2.40 -29.63 -9.88
CA ARG C 174 -3.26 -28.90 -10.81
C ARG C 174 -3.90 -27.70 -10.13
N GLU C 175 -4.51 -27.91 -8.96
CA GLU C 175 -5.17 -26.83 -8.25
C GLU C 175 -4.17 -25.80 -7.77
N MET C 176 -3.08 -26.25 -7.16
CA MET C 176 -2.13 -25.31 -6.56
C MET C 176 -1.53 -24.37 -7.58
N SER C 177 -1.60 -24.73 -8.86
CA SER C 177 -1.10 -23.83 -9.89
C SER C 177 -2.12 -22.74 -10.20
N TRP C 178 -3.41 -23.07 -10.13
CA TRP C 178 -4.45 -22.07 -10.32
C TRP C 178 -4.41 -21.01 -9.24
N ILE C 179 -4.05 -21.41 -8.01
CA ILE C 179 -3.99 -20.45 -6.92
C ILE C 179 -2.83 -19.49 -7.12
N ALA C 180 -1.62 -20.04 -7.31
CA ALA C 180 -0.44 -19.20 -7.44
C ALA C 180 -0.57 -18.24 -8.60
N ASP C 181 -1.29 -18.64 -9.65
CA ASP C 181 -1.43 -17.78 -10.81
C ASP C 181 -2.44 -16.69 -10.56
N THR C 182 -3.50 -16.98 -9.81
CA THR C 182 -4.49 -15.97 -9.51
C THR C 182 -3.94 -14.94 -8.53
N TYR C 183 -3.23 -15.40 -7.51
CA TYR C 183 -2.67 -14.48 -6.54
C TYR C 183 -1.61 -13.60 -7.17
N ALA C 184 -0.73 -14.20 -7.98
CA ALA C 184 0.37 -13.45 -8.55
C ALA C 184 -0.13 -12.34 -9.47
N SER C 185 -1.27 -12.57 -10.12
CA SER C 185 -1.71 -11.63 -11.14
C SER C 185 -2.78 -10.66 -10.66
N THR C 186 -3.25 -10.77 -9.43
CA THR C 186 -4.26 -9.84 -8.94
C THR C 186 -3.78 -9.03 -7.75
N ILE C 187 -3.36 -9.68 -6.67
CA ILE C 187 -3.15 -8.96 -5.42
C ILE C 187 -1.67 -8.67 -5.26
N GLY C 188 -0.87 -9.72 -5.20
CA GLY C 188 0.55 -9.54 -5.02
C GLY C 188 1.31 -9.44 -6.32
N HIS C 189 0.83 -8.61 -7.25
CA HIS C 189 1.56 -8.45 -8.50
C HIS C 189 2.93 -7.85 -8.27
N TYR C 190 2.98 -6.71 -7.57
CA TYR C 190 4.26 -6.04 -7.37
C TYR C 190 5.16 -6.79 -6.40
N ASP C 191 4.58 -7.52 -5.46
CA ASP C 191 5.36 -8.21 -4.45
C ASP C 191 6.38 -9.13 -5.13
N ILE C 192 7.61 -9.12 -4.63
CA ILE C 192 8.64 -9.97 -5.23
C ILE C 192 8.39 -11.42 -4.89
N ASN C 193 7.70 -11.69 -3.79
CA ASN C 193 7.46 -13.05 -3.33
C ASN C 193 6.09 -13.57 -3.76
N ALA C 194 5.59 -13.08 -4.89
CA ALA C 194 4.24 -13.43 -5.32
C ALA C 194 4.08 -14.93 -5.48
N HIS C 195 4.85 -15.52 -6.39
CA HIS C 195 4.72 -16.94 -6.68
C HIS C 195 4.94 -17.83 -5.46
N ALA C 196 5.49 -17.29 -4.39
CA ALA C 196 5.75 -18.08 -3.19
C ALA C 196 4.55 -18.16 -2.27
N CYS C 197 3.34 -17.89 -2.78
CA CYS C 197 2.18 -17.88 -1.91
C CYS C 197 1.65 -19.26 -1.60
N VAL C 198 1.92 -20.25 -2.43
CA VAL C 198 1.46 -21.62 -2.21
C VAL C 198 2.62 -22.57 -2.42
N THR C 199 2.49 -23.75 -1.84
CA THR C 199 3.44 -24.82 -2.04
C THR C 199 2.75 -25.92 -2.83
N GLY C 200 3.50 -26.97 -3.14
CA GLY C 200 2.92 -28.03 -3.94
C GLY C 200 2.69 -27.65 -5.39
N LYS C 201 3.27 -26.55 -5.84
CA LYS C 201 3.16 -26.15 -7.23
C LYS C 201 3.89 -27.13 -8.13
N PRO C 202 3.57 -27.14 -9.42
CA PRO C 202 4.34 -27.95 -10.36
C PRO C 202 5.78 -27.47 -10.42
N ILE C 203 6.66 -28.35 -10.88
CA ILE C 203 8.07 -28.00 -10.93
C ILE C 203 8.29 -26.79 -11.82
N SER C 204 7.71 -26.80 -13.02
CA SER C 204 7.88 -25.69 -13.93
C SER C 204 7.34 -24.39 -13.37
N GLN C 205 6.47 -24.46 -12.37
CA GLN C 205 5.93 -23.28 -11.73
C GLN C 205 6.56 -22.99 -10.38
N GLY C 206 7.71 -23.59 -10.10
CA GLY C 206 8.41 -23.35 -8.86
C GLY C 206 8.25 -24.42 -7.81
N GLY C 207 8.11 -25.67 -8.19
CA GLY C 207 7.96 -26.76 -7.24
C GLY C 207 9.29 -27.25 -6.73
N ILE C 208 9.26 -28.45 -6.17
CA ILE C 208 10.43 -29.12 -5.62
C ILE C 208 10.41 -30.56 -6.07
N HIS C 209 11.57 -31.08 -6.43
CA HIS C 209 11.69 -32.51 -6.71
C HIS C 209 11.03 -33.32 -5.61
N GLY C 210 10.10 -34.19 -6.00
CA GLY C 210 9.45 -35.06 -5.06
C GLY C 210 8.55 -34.38 -4.06
N ARG C 211 7.80 -33.36 -4.48
CA ARG C 211 6.79 -32.81 -3.59
C ARG C 211 5.63 -33.79 -3.45
N ILE C 212 5.35 -34.56 -4.49
CA ILE C 212 4.29 -35.55 -4.41
C ILE C 212 4.68 -36.68 -3.49
N SER C 213 5.84 -37.29 -3.72
CA SER C 213 6.30 -38.38 -2.87
C SER C 213 6.81 -37.90 -1.53
N ALA C 214 6.69 -36.60 -1.24
CA ALA C 214 7.25 -36.06 -0.01
C ALA C 214 6.61 -36.72 1.20
N THR C 215 5.27 -36.75 1.25
CA THR C 215 4.59 -37.30 2.41
C THR C 215 4.90 -38.78 2.57
N GLY C 216 4.99 -39.51 1.46
CA GLY C 216 5.31 -40.93 1.54
C GLY C 216 6.62 -41.18 2.24
N ARG C 217 7.68 -40.48 1.81
CA ARG C 217 8.96 -40.57 2.48
C ARG C 217 8.82 -40.30 3.97
N GLY C 218 7.92 -39.38 4.32
CA GLY C 218 7.65 -39.14 5.72
C GLY C 218 7.24 -40.40 6.42
N VAL C 219 6.15 -41.00 5.96
CA VAL C 219 5.68 -42.26 6.52
C VAL C 219 6.79 -43.29 6.52
N PHE C 220 7.66 -43.27 5.52
CA PHE C 220 8.76 -44.22 5.48
C PHE C 220 9.80 -43.93 6.56
N HIS C 221 10.43 -42.75 6.50
CA HIS C 221 11.46 -42.43 7.47
C HIS C 221 10.94 -42.46 8.89
N GLY C 222 9.64 -42.26 9.08
CA GLY C 222 9.06 -42.38 10.40
C GLY C 222 9.10 -43.81 10.87
N ILE C 223 8.49 -44.70 10.09
CA ILE C 223 8.48 -46.11 10.45
C ILE C 223 9.90 -46.63 10.66
N GLU C 224 10.81 -46.26 9.75
CA GLU C 224 12.20 -46.70 9.85
C GLU C 224 12.81 -46.24 11.17
N ASN C 225 12.57 -45.00 11.57
CA ASN C 225 13.14 -44.49 12.80
C ASN C 225 12.64 -45.22 14.04
N PHE C 226 11.60 -46.04 13.93
CA PHE C 226 11.10 -46.81 15.06
C PHE C 226 11.35 -48.30 14.90
N ILE C 227 11.04 -48.87 13.74
CA ILE C 227 11.34 -50.27 13.49
C ILE C 227 12.78 -50.60 13.82
N ASN C 228 13.70 -49.69 13.52
CA ASN C 228 15.11 -49.89 13.82
C ASN C 228 15.47 -49.43 15.23
N GLU C 229 14.48 -49.35 16.12
CA GLU C 229 14.71 -49.08 17.53
C GLU C 229 14.30 -50.30 18.34
N ALA C 230 15.29 -51.07 18.81
CA ALA C 230 15.01 -52.32 19.50
C ALA C 230 14.29 -52.11 20.83
N SER C 231 14.48 -50.94 21.45
CA SER C 231 13.89 -50.68 22.76
C SER C 231 12.38 -50.89 22.75
N TYR C 232 11.74 -50.64 21.61
CA TYR C 232 10.30 -50.86 21.46
C TYR C 232 9.99 -52.21 20.82
N MET C 233 10.80 -52.61 19.85
CA MET C 233 10.55 -53.88 19.17
C MET C 233 10.71 -55.05 20.12
N SER C 234 11.52 -54.88 21.17
CA SER C 234 11.55 -55.85 22.26
C SER C 234 10.24 -55.88 23.02
N ILE C 235 9.53 -54.75 23.09
CA ILE C 235 8.25 -54.71 23.78
C ILE C 235 7.16 -55.24 22.85
N LEU C 236 7.11 -54.71 21.63
CA LEU C 236 6.11 -55.16 20.67
C LEU C 236 6.30 -56.62 20.27
N GLY C 237 7.52 -57.15 20.42
CA GLY C 237 7.76 -58.52 20.05
C GLY C 237 7.87 -58.74 18.56
N MET C 238 8.71 -57.97 17.88
CA MET C 238 8.94 -58.09 16.46
C MET C 238 10.44 -57.94 16.18
N THR C 239 10.77 -57.78 14.90
CA THR C 239 12.16 -57.74 14.48
C THR C 239 12.47 -56.43 13.77
N PRO C 240 13.58 -55.78 14.14
CA PRO C 240 14.02 -54.59 13.39
C PRO C 240 14.38 -54.94 11.96
N GLY C 241 13.58 -54.43 11.03
CA GLY C 241 13.79 -54.67 9.62
C GLY C 241 12.47 -54.61 8.84
N PHE C 242 12.55 -54.49 7.53
CA PHE C 242 11.35 -54.39 6.71
C PHE C 242 11.05 -55.64 5.90
N GLY C 243 12.04 -56.21 5.22
CA GLY C 243 11.82 -57.39 4.40
C GLY C 243 11.29 -58.58 5.16
N ASP C 244 11.33 -58.53 6.49
CA ASP C 244 10.85 -59.61 7.34
C ASP C 244 9.41 -59.43 7.76
N LYS C 245 8.78 -58.31 7.44
CA LYS C 245 7.42 -58.05 7.88
C LYS C 245 6.65 -57.38 6.75
N THR C 246 5.33 -57.29 6.92
CA THR C 246 4.45 -56.77 5.89
C THR C 246 3.68 -55.56 6.39
N PHE C 247 2.76 -55.06 5.58
CA PHE C 247 2.00 -53.87 5.93
C PHE C 247 0.85 -53.77 4.93
N VAL C 248 -0.16 -53.00 5.30
CA VAL C 248 -1.33 -52.76 4.47
C VAL C 248 -1.52 -51.25 4.36
N VAL C 249 -2.45 -50.86 3.49
CA VAL C 249 -2.65 -49.44 3.19
C VAL C 249 -4.14 -49.17 3.03
N GLN C 250 -4.62 -48.15 3.74
CA GLN C 250 -5.96 -47.61 3.55
C GLN C 250 -5.82 -46.36 2.70
N GLY C 251 -6.67 -46.22 1.67
CA GLY C 251 -6.63 -44.98 0.93
C GLY C 251 -5.51 -44.86 -0.07
N PHE C 252 -5.57 -45.62 -1.16
CA PHE C 252 -4.48 -45.74 -2.13
C PHE C 252 -4.04 -44.41 -2.73
N GLY C 253 -4.68 -43.31 -2.34
CA GLY C 253 -4.29 -42.00 -2.85
C GLY C 253 -2.88 -41.57 -2.51
N ASN C 254 -2.55 -40.30 -2.77
CA ASN C 254 -1.18 -39.81 -2.75
C ASN C 254 -0.34 -40.38 -1.61
N VAL C 255 -0.82 -40.24 -0.38
CA VAL C 255 -0.07 -40.78 0.76
C VAL C 255 0.02 -42.30 0.64
N GLY C 256 -1.13 -42.97 0.60
CA GLY C 256 -1.14 -44.42 0.50
C GLY C 256 -0.32 -44.94 -0.65
N LEU C 257 -0.40 -44.28 -1.80
CA LEU C 257 0.37 -44.72 -2.96
C LEU C 257 1.86 -44.70 -2.67
N HIS C 258 2.40 -43.52 -2.37
CA HIS C 258 3.83 -43.39 -2.19
C HIS C 258 4.29 -43.96 -0.86
N SER C 259 3.39 -44.15 0.09
CA SER C 259 3.74 -44.93 1.27
C SER C 259 4.07 -46.36 0.89
N MET C 260 3.43 -46.88 -0.16
CA MET C 260 3.75 -48.22 -0.63
C MET C 260 5.14 -48.29 -1.22
N ARG C 261 5.39 -47.56 -2.30
CA ARG C 261 6.60 -47.76 -3.08
C ARG C 261 7.85 -47.64 -2.22
N TYR C 262 7.93 -46.56 -1.44
CA TYR C 262 9.08 -46.37 -0.56
C TYR C 262 9.15 -47.41 0.53
N LEU C 263 8.03 -47.98 0.92
CA LEU C 263 8.05 -49.08 1.87
C LEU C 263 8.02 -50.43 1.17
N HIS C 264 7.69 -50.46 -0.12
CA HIS C 264 7.75 -51.66 -0.95
C HIS C 264 9.15 -51.96 -1.44
N ARG C 265 9.96 -50.92 -1.67
CA ARG C 265 11.27 -51.12 -2.26
C ARG C 265 12.24 -51.75 -1.28
N PHE C 266 11.88 -51.86 0.00
CA PHE C 266 12.75 -52.43 1.01
C PHE C 266 12.16 -53.70 1.60
N GLY C 267 11.61 -54.57 0.76
CA GLY C 267 11.23 -55.91 1.14
C GLY C 267 9.89 -56.02 1.84
N ALA C 268 9.45 -54.96 2.53
CA ALA C 268 8.16 -55.01 3.18
C ALA C 268 7.07 -55.26 2.14
N LYS C 269 6.28 -56.30 2.38
CA LYS C 269 5.36 -56.84 1.39
C LYS C 269 3.97 -56.27 1.63
N CYS C 270 3.56 -55.33 0.79
CA CYS C 270 2.25 -54.70 0.95
C CYS C 270 1.15 -55.70 0.70
N ILE C 271 0.46 -56.10 1.77
CA ILE C 271 -0.56 -57.14 1.68
C ILE C 271 -1.76 -56.66 0.88
N THR C 272 -2.45 -55.63 1.36
CA THR C 272 -3.71 -55.25 0.73
C THR C 272 -3.79 -53.74 0.60
N VAL C 273 -4.88 -53.28 0.00
CA VAL C 273 -5.15 -51.88 -0.21
C VAL C 273 -6.65 -51.74 -0.43
N GLY C 274 -7.23 -50.61 -0.04
CA GLY C 274 -8.64 -50.38 -0.22
C GLY C 274 -8.91 -48.92 -0.51
N GLU C 275 -10.19 -48.63 -0.74
CA GLU C 275 -10.63 -47.27 -0.99
C GLU C 275 -12.14 -47.22 -0.76
N SER C 276 -12.77 -46.12 -1.17
CA SER C 276 -14.20 -45.95 -0.97
C SER C 276 -15.01 -47.09 -1.57
N ASP C 277 -14.51 -47.74 -2.62
CA ASP C 277 -15.21 -48.85 -3.23
C ASP C 277 -15.01 -50.17 -2.48
N GLY C 278 -13.79 -50.68 -2.40
CA GLY C 278 -13.57 -51.98 -1.80
C GLY C 278 -12.10 -52.29 -1.61
N SER C 279 -11.81 -53.49 -1.12
CA SER C 279 -10.46 -53.88 -0.74
C SER C 279 -9.88 -54.84 -1.77
N ILE C 280 -8.55 -54.88 -1.80
CA ILE C 280 -7.80 -55.69 -2.76
C ILE C 280 -6.75 -56.45 -1.96
N TRP C 281 -7.06 -57.68 -1.59
CA TRP C 281 -6.27 -58.41 -0.59
C TRP C 281 -5.46 -59.50 -1.26
N ASN C 282 -4.15 -59.44 -1.09
CA ASN C 282 -3.23 -60.46 -1.58
C ASN C 282 -2.12 -60.65 -0.56
N PRO C 283 -2.05 -61.77 0.12
CA PRO C 283 -1.03 -61.94 1.17
C PRO C 283 0.38 -62.13 0.63
N ASP C 284 0.60 -61.84 -0.65
CA ASP C 284 1.91 -62.06 -1.25
C ASP C 284 2.48 -60.82 -1.94
N GLY C 285 1.80 -59.70 -1.92
CA GLY C 285 2.42 -58.49 -2.42
C GLY C 285 1.76 -57.96 -3.68
N ILE C 286 1.56 -56.64 -3.72
CA ILE C 286 0.97 -55.97 -4.86
C ILE C 286 1.98 -54.98 -5.42
N ASP C 287 2.25 -55.09 -6.72
CA ASP C 287 3.17 -54.19 -7.40
C ASP C 287 2.60 -52.78 -7.43
N PRO C 288 3.23 -51.83 -6.73
CA PRO C 288 2.70 -50.46 -6.72
C PRO C 288 2.73 -49.81 -8.08
N LYS C 289 3.58 -50.29 -9.00
CA LYS C 289 3.58 -49.76 -10.36
C LYS C 289 2.34 -50.23 -11.11
N GLU C 290 2.11 -51.54 -11.13
CA GLU C 290 1.00 -52.09 -11.90
C GLU C 290 -0.33 -51.54 -11.43
N LEU C 291 -0.57 -51.55 -10.11
CA LEU C 291 -1.83 -51.04 -9.59
C LEU C 291 -2.00 -49.56 -9.90
N GLU C 292 -0.90 -48.81 -9.88
CA GLU C 292 -0.98 -47.40 -10.24
C GLU C 292 -1.52 -47.22 -11.65
N ASP C 293 -1.26 -48.18 -12.54
CA ASP C 293 -1.77 -48.08 -13.90
C ASP C 293 -3.29 -48.12 -13.91
N PHE C 294 -3.90 -49.01 -13.13
CA PHE C 294 -5.34 -49.17 -13.18
C PHE C 294 -6.06 -47.93 -12.66
N LYS C 295 -5.48 -47.25 -11.66
CA LYS C 295 -6.05 -45.99 -11.23
C LYS C 295 -6.12 -44.99 -12.38
N LEU C 296 -5.25 -45.13 -13.37
CA LEU C 296 -5.28 -44.32 -14.57
C LEU C 296 -5.96 -45.02 -15.73
N GLN C 297 -6.33 -46.30 -15.58
CA GLN C 297 -6.97 -47.06 -16.64
C GLN C 297 -8.37 -47.51 -16.25
N HIS C 298 -8.53 -48.17 -15.11
CA HIS C 298 -9.80 -48.77 -14.73
C HIS C 298 -10.52 -48.01 -13.64
N GLY C 299 -10.05 -46.81 -13.27
CA GLY C 299 -10.78 -45.95 -12.37
C GLY C 299 -10.81 -46.39 -10.93
N THR C 300 -10.39 -47.62 -10.62
CA THR C 300 -10.42 -48.11 -9.25
C THR C 300 -9.38 -49.21 -9.10
N ILE C 301 -8.97 -49.43 -7.86
CA ILE C 301 -8.08 -50.55 -7.56
C ILE C 301 -8.80 -51.88 -7.71
N LEU C 302 -10.13 -51.88 -7.76
CA LEU C 302 -10.86 -53.12 -8.01
C LEU C 302 -10.58 -53.63 -9.41
N GLY C 303 -10.94 -54.89 -9.64
CA GLY C 303 -10.65 -55.54 -10.90
C GLY C 303 -9.21 -55.94 -11.09
N PHE C 304 -8.33 -55.66 -10.13
CA PHE C 304 -6.91 -55.92 -10.26
C PHE C 304 -6.68 -57.42 -10.33
N PRO C 305 -6.37 -57.97 -11.51
CA PRO C 305 -6.42 -59.42 -11.69
C PRO C 305 -5.31 -60.18 -10.99
N LYS C 306 -4.41 -59.51 -10.28
CA LYS C 306 -3.42 -60.21 -9.49
C LYS C 306 -3.73 -60.20 -8.01
N ALA C 307 -5.01 -60.04 -7.66
CA ALA C 307 -5.47 -60.13 -6.28
C ALA C 307 -6.98 -60.38 -6.33
N LYS C 308 -7.65 -60.25 -5.18
CA LYS C 308 -9.07 -60.53 -5.11
C LYS C 308 -9.75 -59.48 -4.23
N ILE C 309 -11.05 -59.37 -4.40
CA ILE C 309 -11.86 -58.50 -3.56
C ILE C 309 -11.97 -59.12 -2.18
N TYR C 310 -11.92 -58.26 -1.15
CA TYR C 310 -11.91 -58.72 0.23
C TYR C 310 -13.20 -58.29 0.91
N GLU C 311 -13.98 -59.26 1.37
CA GLU C 311 -15.22 -58.95 2.07
C GLU C 311 -14.92 -58.49 3.51
N GLY C 312 -14.33 -57.31 3.65
CA GLY C 312 -14.00 -56.82 4.97
C GLY C 312 -13.14 -55.57 4.85
N SER C 313 -13.17 -54.78 5.92
CA SER C 313 -12.38 -53.56 5.98
C SER C 313 -10.91 -53.88 6.21
N ILE C 314 -10.06 -53.02 5.65
CA ILE C 314 -8.61 -53.20 5.79
C ILE C 314 -8.22 -53.20 7.27
N LEU C 315 -8.86 -52.36 8.07
CA LEU C 315 -8.45 -52.15 9.45
C LEU C 315 -8.45 -53.43 10.26
N GLU C 316 -9.16 -54.46 9.83
CA GLU C 316 -9.16 -55.74 10.52
C GLU C 316 -8.25 -56.77 9.88
N VAL C 317 -7.63 -56.42 8.74
CA VAL C 317 -6.80 -57.40 8.04
C VAL C 317 -5.57 -57.74 8.88
N ASP C 318 -5.25 -59.03 8.92
CA ASP C 318 -4.03 -59.48 9.58
C ASP C 318 -2.83 -58.98 8.80
N CYS C 319 -1.93 -58.30 9.49
CA CYS C 319 -0.71 -57.77 8.90
C CYS C 319 0.28 -57.49 10.04
N ASP C 320 1.32 -56.73 9.74
CA ASP C 320 2.27 -56.29 10.75
C ASP C 320 2.26 -54.78 10.97
N ILE C 321 2.00 -54.00 9.94
CA ILE C 321 1.99 -52.55 10.04
C ILE C 321 0.77 -52.00 9.33
N LEU C 322 -0.20 -51.54 10.11
CA LEU C 322 -1.41 -50.93 9.57
C LEU C 322 -1.15 -49.46 9.28
N ILE C 323 -1.54 -49.02 8.10
CA ILE C 323 -1.40 -47.61 7.75
C ILE C 323 -2.75 -47.08 7.26
N PRO C 324 -3.56 -46.48 8.13
CA PRO C 324 -4.72 -45.73 7.66
C PRO C 324 -4.26 -44.43 7.03
N ALA C 325 -4.60 -44.24 5.76
CA ALA C 325 -4.18 -43.05 5.04
C ALA C 325 -5.29 -42.53 4.16
N ALA C 326 -6.53 -42.59 4.64
CA ALA C 326 -7.65 -42.20 3.79
C ALA C 326 -8.54 -41.13 4.37
N SER C 327 -8.83 -41.12 5.67
CA SER C 327 -9.79 -40.17 6.23
C SER C 327 -9.64 -40.18 7.74
N GLU C 328 -10.54 -39.47 8.41
CA GLU C 328 -10.47 -39.29 9.84
C GLU C 328 -11.36 -40.30 10.55
N LYS C 329 -10.99 -40.62 11.79
CA LYS C 329 -11.83 -41.38 12.71
C LYS C 329 -12.10 -42.79 12.22
N GLN C 330 -11.23 -43.33 11.36
CA GLN C 330 -11.50 -44.65 10.79
C GLN C 330 -11.40 -45.74 11.85
N LEU C 331 -10.23 -45.88 12.47
CA LEU C 331 -10.19 -46.67 13.68
C LEU C 331 -11.05 -46.01 14.75
N THR C 332 -11.71 -46.84 15.55
CA THR C 332 -12.62 -46.34 16.57
C THR C 332 -12.85 -47.45 17.59
N LYS C 333 -13.75 -47.17 18.54
CA LYS C 333 -14.01 -48.11 19.62
C LYS C 333 -14.57 -49.43 19.10
N SER C 334 -15.23 -49.40 17.94
CA SER C 334 -15.79 -50.61 17.36
C SER C 334 -14.80 -51.38 16.49
N ASN C 335 -13.78 -50.71 15.96
CA ASN C 335 -12.76 -51.37 15.17
C ASN C 335 -11.52 -51.74 15.96
N ALA C 336 -11.26 -51.05 17.08
CA ALA C 336 -10.11 -51.38 17.91
C ALA C 336 -10.06 -52.82 18.39
N PRO C 337 -11.16 -53.46 18.79
CA PRO C 337 -11.05 -54.84 19.28
C PRO C 337 -10.61 -55.83 18.22
N ARG C 338 -10.66 -55.47 16.94
CA ARG C 338 -10.39 -56.41 15.86
C ARG C 338 -9.29 -55.91 14.96
N VAL C 339 -8.22 -55.38 15.52
CA VAL C 339 -7.14 -54.86 14.67
C VAL C 339 -6.28 -56.00 14.15
N LYS C 340 -5.80 -56.86 15.05
CA LYS C 340 -4.91 -57.96 14.70
C LYS C 340 -3.68 -57.46 13.95
N ALA C 341 -2.93 -56.58 14.60
CA ALA C 341 -1.71 -56.04 14.04
C ALA C 341 -0.75 -55.73 15.18
N LYS C 342 0.39 -55.17 14.82
CA LYS C 342 1.42 -54.83 15.79
C LYS C 342 1.70 -53.34 15.87
N ILE C 343 1.84 -52.66 14.74
CA ILE C 343 2.08 -51.23 14.70
C ILE C 343 1.04 -50.58 13.81
N ILE C 344 0.50 -49.46 14.27
CA ILE C 344 -0.42 -48.66 13.48
C ILE C 344 0.24 -47.33 13.19
N ALA C 345 0.83 -47.21 12.01
CA ALA C 345 1.34 -45.94 11.50
C ALA C 345 0.12 -45.10 11.15
N GLU C 346 0.33 -43.83 10.84
CA GLU C 346 -0.77 -42.93 10.50
C GLU C 346 -0.33 -41.97 9.42
N GLY C 347 -0.84 -42.20 8.21
CA GLY C 347 -0.69 -41.20 7.16
C GLY C 347 -1.80 -40.17 7.22
N ALA C 348 -3.02 -40.61 7.46
CA ALA C 348 -4.14 -39.69 7.60
C ALA C 348 -3.97 -38.85 8.86
N ASN C 349 -4.80 -37.83 8.98
CA ASN C 349 -4.73 -36.88 10.09
C ASN C 349 -5.73 -37.27 11.15
N GLY C 350 -5.23 -37.70 12.30
CA GLY C 350 -6.06 -38.18 13.38
C GLY C 350 -7.03 -39.26 12.97
N PRO C 351 -6.53 -40.35 12.37
CA PRO C 351 -7.44 -41.42 11.97
C PRO C 351 -7.87 -42.31 13.13
N THR C 352 -7.39 -42.04 14.33
CA THR C 352 -7.71 -42.86 15.50
C THR C 352 -8.43 -42.02 16.54
N THR C 353 -9.54 -42.53 17.01
CA THR C 353 -10.30 -41.91 18.07
C THR C 353 -9.60 -42.10 19.42
N PRO C 354 -9.76 -41.16 20.35
CA PRO C 354 -9.01 -41.28 21.60
C PRO C 354 -9.41 -42.49 22.41
N GLU C 355 -10.66 -42.95 22.26
CA GLU C 355 -11.11 -44.15 22.94
C GLU C 355 -10.31 -45.36 22.48
N ALA C 356 -10.01 -45.44 21.18
CA ALA C 356 -9.29 -46.58 20.65
C ALA C 356 -7.83 -46.58 21.08
N ASP C 357 -7.31 -45.44 21.52
CA ASP C 357 -5.92 -45.38 21.96
C ASP C 357 -5.69 -46.26 23.18
N LYS C 358 -6.53 -46.11 24.20
CA LYS C 358 -6.40 -46.95 25.39
C LYS C 358 -6.44 -48.43 25.01
N ILE C 359 -7.37 -48.78 24.12
CA ILE C 359 -7.46 -50.17 23.68
C ILE C 359 -6.17 -50.60 23.00
N PHE C 360 -5.54 -49.69 22.28
CA PHE C 360 -4.29 -50.00 21.60
C PHE C 360 -3.14 -50.10 22.58
N LEU C 361 -3.09 -49.18 23.55
CA LEU C 361 -2.12 -49.32 24.64
C LEU C 361 -2.40 -50.57 25.44
N GLU C 362 -3.68 -50.89 25.64
CA GLU C 362 -4.04 -52.10 26.37
C GLU C 362 -3.68 -53.34 25.58
N ARG C 363 -4.06 -53.40 24.30
CA ARG C 363 -3.66 -54.51 23.45
C ARG C 363 -2.15 -54.56 23.21
N ASN C 364 -1.40 -53.61 23.77
CA ASN C 364 0.05 -53.56 23.64
C ASN C 364 0.46 -53.48 22.16
N ILE C 365 -0.12 -52.50 21.46
CA ILE C 365 0.26 -52.23 20.09
C ILE C 365 0.61 -50.75 19.97
N MET C 366 1.77 -50.49 19.39
CA MET C 366 2.34 -49.16 19.34
C MET C 366 1.66 -48.35 18.24
N VAL C 367 1.20 -47.15 18.60
CA VAL C 367 0.59 -46.22 17.66
C VAL C 367 1.55 -45.06 17.48
N ILE C 368 1.97 -44.85 16.25
CA ILE C 368 2.88 -43.75 15.90
C ILE C 368 2.03 -42.55 15.55
N PRO C 369 2.24 -41.41 16.21
CA PRO C 369 1.31 -40.29 16.02
C PRO C 369 1.39 -39.70 14.64
N ASP C 370 0.23 -39.27 14.13
CA ASP C 370 0.21 -38.60 12.83
C ASP C 370 0.98 -37.30 12.88
N LEU C 371 1.10 -36.69 14.06
CA LEU C 371 1.93 -35.51 14.22
C LEU C 371 3.34 -35.76 13.70
N TYR C 372 3.82 -36.99 13.85
CA TYR C 372 5.18 -37.27 13.44
C TYR C 372 5.27 -37.82 12.03
N LEU C 373 4.31 -38.63 11.59
CA LEU C 373 4.52 -39.31 10.32
C LEU C 373 4.25 -38.42 9.11
N ASN C 374 3.03 -37.94 8.94
CA ASN C 374 2.73 -37.15 7.75
C ASN C 374 3.33 -35.76 7.84
N ALA C 375 4.18 -35.50 8.83
CA ALA C 375 4.89 -34.24 8.92
C ALA C 375 5.97 -34.12 7.87
N GLY C 376 6.31 -35.21 7.18
CA GLY C 376 7.27 -35.11 6.11
C GLY C 376 6.79 -34.19 5.01
N GLY C 377 5.51 -34.30 4.63
CA GLY C 377 4.97 -33.43 3.61
C GLY C 377 5.18 -31.96 3.89
N VAL C 378 5.01 -31.56 5.14
CA VAL C 378 5.23 -30.16 5.51
C VAL C 378 6.68 -29.78 5.30
N THR C 379 7.60 -30.57 5.87
CA THR C 379 9.02 -30.28 5.84
C THR C 379 9.58 -30.21 4.43
N VAL C 380 8.82 -30.69 3.45
CA VAL C 380 9.25 -30.50 2.07
C VAL C 380 8.57 -29.29 1.47
N SER C 381 7.29 -29.09 1.78
CA SER C 381 6.64 -27.85 1.37
C SER C 381 7.27 -26.63 2.02
N TYR C 382 8.00 -26.82 3.11
CA TYR C 382 8.79 -25.73 3.66
C TYR C 382 9.98 -25.43 2.76
N PHE C 383 10.66 -26.48 2.29
CA PHE C 383 11.77 -26.27 1.37
C PHE C 383 11.31 -25.60 0.09
N GLU C 384 10.09 -25.90 -0.35
CA GLU C 384 9.55 -25.21 -1.52
C GLU C 384 9.33 -23.75 -1.23
N TRP C 385 8.52 -23.44 -0.21
CA TRP C 385 8.31 -22.07 0.20
C TRP C 385 9.61 -21.34 0.44
N LEU C 386 10.67 -22.06 0.80
CA LEU C 386 11.97 -21.48 1.01
C LEU C 386 12.81 -21.47 -0.26
N ASN C 387 12.59 -22.43 -1.15
CA ASN C 387 13.21 -22.37 -2.48
C ASN C 387 12.82 -21.09 -3.19
N ASN C 388 11.54 -20.94 -3.47
CA ASN C 388 11.09 -19.83 -4.29
C ASN C 388 10.95 -18.54 -3.52
N LEU C 389 11.54 -18.49 -2.33
CA LEU C 389 11.72 -17.24 -1.61
C LEU C 389 13.13 -16.70 -1.78
N ASN C 390 14.04 -17.52 -2.31
CA ASN C 390 15.42 -17.12 -2.57
C ASN C 390 15.71 -16.93 -4.05
N HIS C 391 14.79 -17.34 -4.92
CA HIS C 391 14.85 -17.02 -6.34
C HIS C 391 16.05 -17.65 -7.04
N VAL C 392 16.60 -18.71 -6.46
CA VAL C 392 17.76 -19.34 -7.05
C VAL C 392 17.61 -20.85 -6.93
N SER C 393 17.95 -21.55 -8.00
CA SER C 393 18.06 -23.00 -7.97
C SER C 393 19.11 -23.38 -6.95
N TYR C 394 18.70 -23.98 -5.85
CA TYR C 394 19.61 -24.19 -4.72
C TYR C 394 20.86 -24.94 -5.18
N GLY C 395 22.02 -24.40 -4.83
CA GLY C 395 23.27 -24.99 -5.20
C GLY C 395 23.81 -24.61 -6.55
N ARG C 396 23.05 -23.86 -7.34
CA ARG C 396 23.52 -23.49 -8.68
C ARG C 396 24.74 -22.58 -8.61
N LEU C 397 24.78 -21.71 -7.61
CA LEU C 397 25.89 -20.76 -7.53
C LEU C 397 27.23 -21.46 -7.41
N THR C 398 27.27 -22.61 -6.74
CA THR C 398 28.52 -23.27 -6.41
C THR C 398 28.52 -24.72 -6.88
N PHE C 399 28.16 -24.95 -8.13
CA PHE C 399 28.43 -26.24 -8.73
C PHE C 399 29.86 -26.36 -9.25
N LYS C 400 30.26 -25.50 -10.18
CA LYS C 400 31.60 -25.56 -10.71
C LYS C 400 32.66 -25.21 -9.68
N TYR C 401 32.28 -24.57 -8.59
CA TYR C 401 33.28 -24.18 -7.60
C TYR C 401 33.58 -25.31 -6.65
N GLU C 402 32.55 -25.92 -6.06
CA GLU C 402 32.77 -27.06 -5.18
C GLU C 402 33.48 -28.18 -5.91
N ARG C 403 33.06 -28.44 -7.16
CA ARG C 403 33.73 -29.46 -7.96
C ARG C 403 35.22 -29.19 -8.08
N ASP C 404 35.60 -27.93 -8.21
CA ASP C 404 37.01 -27.60 -8.26
C ASP C 404 37.64 -27.76 -6.89
N SER C 405 37.04 -27.16 -5.86
CA SER C 405 37.65 -27.16 -4.55
C SER C 405 37.88 -28.58 -4.05
N ASN C 406 36.92 -29.47 -4.28
CA ASN C 406 37.13 -30.86 -3.88
C ASN C 406 38.28 -31.48 -4.67
N TYR C 407 38.42 -31.16 -5.95
CA TYR C 407 39.54 -31.67 -6.71
C TYR C 407 40.85 -31.07 -6.24
N HIS C 408 40.82 -30.16 -5.29
CA HIS C 408 42.07 -29.64 -4.75
C HIS C 408 42.33 -30.16 -3.34
N LEU C 409 41.31 -30.57 -2.61
CA LEU C 409 41.54 -31.36 -1.41
C LEU C 409 42.24 -32.67 -1.77
N LEU C 410 41.62 -33.45 -2.64
CA LEU C 410 42.18 -34.74 -3.00
C LEU C 410 43.54 -34.59 -3.66
N MET C 411 43.74 -33.52 -4.43
CA MET C 411 45.04 -33.30 -5.04
C MET C 411 46.07 -32.96 -3.98
N SER C 412 45.75 -32.01 -3.09
CA SER C 412 46.69 -31.63 -2.04
C SER C 412 47.12 -32.83 -1.22
N VAL C 413 46.17 -33.70 -0.87
CA VAL C 413 46.51 -34.93 -0.16
C VAL C 413 47.48 -35.76 -0.99
N GLN C 414 47.21 -35.87 -2.29
CA GLN C 414 48.12 -36.60 -3.16
C GLN C 414 49.49 -35.92 -3.21
N GLU C 415 49.52 -34.63 -3.53
CA GLU C 415 50.79 -33.93 -3.61
C GLU C 415 51.53 -33.97 -2.29
N SER C 416 50.80 -33.98 -1.17
CA SER C 416 51.47 -34.06 0.13
C SER C 416 52.13 -35.41 0.33
N LEU C 417 51.45 -36.48 -0.06
CA LEU C 417 52.01 -37.81 0.12
C LEU C 417 53.16 -38.07 -0.83
N GLU C 418 53.10 -37.55 -2.05
CA GLU C 418 54.18 -37.78 -3.00
C GLU C 418 55.45 -37.03 -2.61
N ARG C 419 55.48 -36.39 -1.46
CA ARG C 419 56.73 -35.89 -0.92
C ARG C 419 57.23 -36.74 0.23
N LYS C 420 56.33 -37.41 0.94
CA LYS C 420 56.76 -38.28 2.03
C LYS C 420 57.08 -39.67 1.52
N PHE C 421 56.12 -40.32 0.86
CA PHE C 421 56.38 -41.61 0.23
C PHE C 421 56.76 -41.49 -1.24
N GLY C 422 56.84 -40.28 -1.76
CA GLY C 422 57.18 -40.06 -3.14
C GLY C 422 58.65 -40.17 -3.47
N LYS C 423 59.47 -40.69 -2.56
CA LYS C 423 60.88 -40.90 -2.89
C LYS C 423 61.03 -41.80 -4.11
N HIS C 424 60.12 -42.76 -4.28
CA HIS C 424 60.11 -43.62 -5.44
C HIS C 424 59.48 -42.96 -6.66
N GLY C 425 58.93 -41.77 -6.50
CA GLY C 425 58.22 -41.11 -7.57
C GLY C 425 56.84 -41.67 -7.85
N GLY C 426 56.42 -42.70 -7.14
CA GLY C 426 55.16 -43.38 -7.39
C GLY C 426 53.95 -42.48 -7.30
N THR C 427 53.20 -42.37 -8.39
CA THR C 427 52.02 -41.53 -8.45
C THR C 427 50.85 -42.02 -7.61
N ILE C 428 50.69 -41.44 -6.42
CA ILE C 428 49.58 -41.82 -5.56
C ILE C 428 48.32 -41.28 -6.21
N PRO C 429 47.36 -42.23 -6.54
CA PRO C 429 46.18 -41.67 -7.21
C PRO C 429 44.96 -41.45 -6.32
N ILE C 430 44.92 -40.32 -5.61
CA ILE C 430 43.77 -40.01 -4.77
C ILE C 430 42.61 -39.61 -5.66
N VAL C 431 41.63 -40.50 -5.79
CA VAL C 431 40.49 -40.26 -6.67
C VAL C 431 39.20 -40.55 -5.91
N PRO C 432 38.11 -39.86 -6.22
CA PRO C 432 36.86 -40.09 -5.51
C PRO C 432 36.37 -41.52 -5.66
N THR C 433 35.45 -41.90 -4.78
CA THR C 433 34.80 -43.20 -4.85
C THR C 433 33.69 -43.14 -5.89
N ALA C 434 32.82 -44.15 -5.89
CA ALA C 434 31.60 -44.05 -6.69
C ALA C 434 30.60 -43.14 -6.02
N GLU C 435 30.42 -43.26 -4.70
CA GLU C 435 29.44 -42.47 -3.99
C GLU C 435 29.79 -40.99 -4.00
N PHE C 436 31.01 -40.67 -3.54
CA PHE C 436 31.42 -39.28 -3.49
C PHE C 436 31.37 -38.63 -4.86
N GLN C 437 31.68 -39.40 -5.91
CA GLN C 437 31.67 -38.87 -7.27
C GLN C 437 30.35 -38.19 -7.60
N ASP C 438 29.26 -38.64 -6.96
CA ASP C 438 27.98 -37.98 -7.14
C ASP C 438 27.90 -36.67 -6.38
N ARG C 439 28.46 -36.61 -5.18
CA ARG C 439 28.37 -35.44 -4.32
C ARG C 439 29.51 -34.46 -4.53
N ILE C 440 30.20 -34.51 -5.67
CA ILE C 440 31.32 -33.59 -5.87
C ILE C 440 30.81 -32.17 -6.04
N SER C 441 29.96 -31.96 -7.04
CA SER C 441 29.52 -30.60 -7.35
C SER C 441 28.70 -29.97 -6.24
N GLY C 442 28.45 -30.68 -5.15
CA GLY C 442 27.77 -30.11 -4.00
C GLY C 442 26.37 -30.67 -3.81
N ALA C 443 25.53 -29.86 -3.19
CA ALA C 443 24.16 -30.25 -2.88
C ALA C 443 23.23 -29.73 -3.99
N SER C 444 22.71 -30.64 -4.79
CA SER C 444 21.71 -30.26 -5.78
C SER C 444 20.36 -30.09 -5.10
N GLU C 445 19.34 -29.75 -5.89
CA GLU C 445 18.03 -29.50 -5.32
C GLU C 445 17.43 -30.75 -4.72
N LYS C 446 17.61 -31.90 -5.38
CA LYS C 446 17.00 -33.11 -4.89
C LYS C 446 17.75 -33.67 -3.69
N ASP C 447 19.06 -33.39 -3.60
CA ASP C 447 19.84 -33.96 -2.51
C ASP C 447 19.42 -33.39 -1.17
N ILE C 448 19.19 -32.09 -1.09
CA ILE C 448 18.82 -31.50 0.19
C ILE C 448 17.44 -31.97 0.60
N VAL C 449 16.58 -32.26 -0.37
CA VAL C 449 15.25 -32.77 -0.06
C VAL C 449 15.36 -34.15 0.55
N HIS C 450 16.03 -35.06 -0.14
CA HIS C 450 16.15 -36.41 0.38
C HIS C 450 16.92 -36.46 1.69
N SER C 451 17.66 -35.41 2.01
CA SER C 451 18.38 -35.33 3.28
C SER C 451 17.62 -34.49 4.29
N GLY C 452 17.28 -33.25 3.95
CA GLY C 452 16.53 -32.41 4.87
C GLY C 452 15.27 -33.05 5.38
N LEU C 453 14.67 -33.94 4.58
CA LEU C 453 13.53 -34.70 5.06
C LEU C 453 13.96 -35.84 5.97
N ALA C 454 14.98 -36.58 5.56
CA ALA C 454 15.46 -37.68 6.37
C ALA C 454 16.11 -37.17 7.65
N TYR C 455 16.59 -35.94 7.64
CA TYR C 455 17.19 -35.38 8.84
C TYR C 455 16.15 -34.81 9.78
N THR C 456 15.23 -34.01 9.24
CA THR C 456 14.16 -33.45 10.06
C THR C 456 13.41 -34.53 10.81
N MET C 457 13.18 -35.65 10.16
CA MET C 457 12.47 -36.73 10.84
C MET C 457 13.44 -37.66 11.55
N GLU C 458 14.69 -37.24 11.71
CA GLU C 458 15.59 -37.91 12.64
C GLU C 458 15.57 -37.22 13.98
N ARG C 459 15.78 -35.90 13.99
CA ARG C 459 15.74 -35.16 15.24
C ARG C 459 14.40 -35.30 15.92
N SER C 460 13.33 -35.31 15.13
CA SER C 460 12.00 -35.38 15.72
C SER C 460 11.78 -36.72 16.40
N ALA C 461 12.21 -37.82 15.77
CA ALA C 461 12.02 -39.14 16.36
C ALA C 461 12.78 -39.27 17.66
N ARG C 462 13.91 -38.58 17.79
CA ARG C 462 14.66 -38.62 19.03
C ARG C 462 13.93 -37.83 20.11
N GLN C 463 13.59 -36.58 19.82
CA GLN C 463 12.89 -35.75 20.80
C GLN C 463 11.62 -36.42 21.30
N ILE C 464 11.02 -37.27 20.49
CA ILE C 464 9.84 -38.01 20.95
C ILE C 464 10.27 -39.17 21.84
N MET C 465 11.28 -39.92 21.41
CA MET C 465 11.83 -40.95 22.28
C MET C 465 12.36 -40.34 23.56
N ARG C 466 13.12 -39.25 23.42
CA ARG C 466 13.73 -38.61 24.58
C ARG C 466 12.70 -38.14 25.59
N THR C 467 11.47 -37.86 25.13
CA THR C 467 10.43 -37.44 26.05
C THR C 467 9.69 -38.62 26.65
N ALA C 468 9.34 -39.60 25.82
CA ALA C 468 8.55 -40.73 26.31
C ALA C 468 9.29 -41.53 27.36
N MET C 469 10.60 -41.35 27.47
CA MET C 469 11.35 -41.97 28.56
C MET C 469 11.42 -41.05 29.76
N LYS C 470 11.52 -39.74 29.52
CA LYS C 470 11.61 -38.80 30.62
C LYS C 470 10.35 -38.81 31.47
N TYR C 471 9.21 -39.10 30.85
CA TYR C 471 7.93 -39.07 31.55
C TYR C 471 7.30 -40.46 31.64
N ASN C 472 7.94 -41.48 31.09
CA ASN C 472 7.47 -42.85 31.18
C ASN C 472 6.06 -42.99 30.59
N LEU C 473 5.96 -42.71 29.30
CA LEU C 473 4.72 -42.87 28.57
C LEU C 473 4.68 -44.16 27.77
N GLY C 474 5.69 -45.00 27.90
CA GLY C 474 5.65 -46.31 27.29
C GLY C 474 5.52 -46.23 25.78
N LEU C 475 4.40 -46.72 25.27
CA LEU C 475 4.16 -46.74 23.84
C LEU C 475 3.25 -45.62 23.37
N ASP C 476 2.71 -44.82 24.28
CA ASP C 476 1.89 -43.66 23.92
C ASP C 476 2.80 -42.53 23.42
N LEU C 477 3.44 -42.80 22.28
CA LEU C 477 4.29 -41.79 21.66
C LEU C 477 3.47 -40.55 21.31
N ARG C 478 2.19 -40.73 21.00
CA ARG C 478 1.31 -39.61 20.70
C ARG C 478 1.36 -38.57 21.81
N THR C 479 1.07 -38.99 23.04
CA THR C 479 1.15 -38.07 24.16
C THR C 479 2.55 -37.49 24.29
N ALA C 480 3.57 -38.31 24.05
CA ALA C 480 4.92 -37.81 24.07
C ALA C 480 5.16 -36.76 23.00
N ALA C 481 4.46 -36.89 21.87
CA ALA C 481 4.63 -35.92 20.79
C ALA C 481 4.05 -34.57 21.19
N TYR C 482 2.82 -34.56 21.67
CA TYR C 482 2.19 -33.31 22.11
C TYR C 482 2.98 -32.62 23.20
N VAL C 483 3.62 -33.39 24.08
CA VAL C 483 4.46 -32.79 25.11
C VAL C 483 5.56 -31.95 24.46
N ASN C 484 6.27 -32.53 23.49
CA ASN C 484 7.29 -31.76 22.79
C ASN C 484 6.66 -30.61 22.01
N ALA C 485 5.46 -30.81 21.49
CA ALA C 485 4.79 -29.74 20.77
C ALA C 485 4.43 -28.60 21.70
N ILE C 486 3.75 -28.91 22.81
CA ILE C 486 3.29 -27.87 23.72
C ILE C 486 4.46 -27.12 24.33
N GLU C 487 5.51 -27.86 24.72
CA GLU C 487 6.65 -27.18 25.33
C GLU C 487 7.26 -26.16 24.40
N LYS C 488 7.19 -26.38 23.09
CA LYS C 488 7.80 -25.44 22.14
C LYS C 488 6.92 -24.22 21.94
N VAL C 489 5.63 -24.42 21.65
CA VAL C 489 4.75 -23.28 21.43
C VAL C 489 4.61 -22.46 22.70
N PHE C 490 4.81 -23.09 23.86
CA PHE C 490 4.69 -22.36 25.11
C PHE C 490 5.78 -21.31 25.23
N ARG C 491 7.03 -21.71 25.01
CA ARG C 491 8.14 -20.77 25.13
C ARG C 491 8.01 -19.59 24.18
N VAL C 492 7.15 -19.68 23.17
CA VAL C 492 6.96 -18.58 22.24
C VAL C 492 6.02 -17.58 22.87
N TYR C 493 4.87 -18.06 23.35
CA TYR C 493 3.93 -17.18 24.05
C TYR C 493 4.54 -16.61 25.31
N ASN C 494 5.17 -17.47 26.12
CA ASN C 494 5.73 -17.04 27.39
C ASN C 494 6.63 -15.82 27.22
N GLU C 495 7.62 -15.92 26.34
CA GLU C 495 8.61 -14.86 26.20
C GLU C 495 8.13 -13.69 25.38
N ALA C 496 7.09 -13.86 24.57
CA ALA C 496 6.66 -12.81 23.66
C ALA C 496 5.99 -11.64 24.36
N GLY C 497 5.75 -11.72 25.67
CA GLY C 497 4.92 -10.71 26.29
C GLY C 497 3.56 -10.77 25.63
N VAL C 498 2.84 -11.88 25.88
CA VAL C 498 1.94 -12.51 24.91
C VAL C 498 1.17 -11.49 24.09
N THR C 499 0.67 -10.45 24.74
CA THR C 499 -0.13 -9.45 24.06
C THR C 499 0.25 -8.07 24.54
N PHE C 500 -0.26 -7.06 23.84
CA PHE C 500 -0.24 -5.68 24.30
C PHE C 500 -1.37 -5.40 25.28
N THR C 501 -1.98 -6.44 25.81
CA THR C 501 -3.13 -6.33 26.69
C THR C 501 -2.71 -6.58 28.13
N ASP D 5 -7.02 11.79 -49.66
CA ASP D 5 -7.35 12.45 -48.40
C ASP D 5 -7.70 11.43 -47.33
N ASP D 6 -6.68 10.83 -46.74
CA ASP D 6 -6.83 9.90 -45.62
C ASP D 6 -5.62 10.01 -44.72
N PRO D 7 -5.48 11.12 -44.00
CA PRO D 7 -4.29 11.32 -43.17
C PRO D 7 -4.29 10.35 -42.00
N ASN D 8 -3.10 10.09 -41.47
CA ASN D 8 -2.99 9.43 -40.19
C ASN D 8 -3.80 10.20 -39.17
N PHE D 9 -4.78 9.50 -38.56
CA PHE D 9 -5.76 10.20 -37.73
C PHE D 9 -5.11 11.00 -36.63
N PHE D 10 -3.89 10.64 -36.22
CA PHE D 10 -3.16 11.43 -35.24
C PHE D 10 -2.44 12.61 -35.89
N LYS D 11 -2.02 12.45 -37.14
CA LYS D 11 -1.44 13.57 -37.86
C LYS D 11 -2.52 14.58 -38.23
N MET D 12 -3.79 14.17 -38.22
CA MET D 12 -4.87 15.09 -38.54
C MET D 12 -5.20 15.98 -37.35
N VAL D 13 -5.49 15.37 -36.20
CA VAL D 13 -5.82 16.14 -35.01
C VAL D 13 -4.66 17.06 -34.64
N GLU D 14 -3.44 16.57 -34.81
CA GLU D 14 -2.28 17.43 -34.68
C GLU D 14 -2.39 18.62 -35.64
N GLY D 15 -2.90 18.36 -36.85
CA GLY D 15 -3.04 19.44 -37.82
C GLY D 15 -3.98 20.53 -37.35
N PHE D 16 -5.05 20.15 -36.66
CA PHE D 16 -5.95 21.16 -36.12
C PHE D 16 -5.28 21.93 -34.99
N PHE D 17 -4.63 21.19 -34.09
CA PHE D 17 -3.87 21.78 -33.00
C PHE D 17 -2.87 22.79 -33.54
N ASP D 18 -2.31 22.49 -34.71
CA ASP D 18 -1.33 23.37 -35.31
C ASP D 18 -1.94 24.74 -35.62
N ARG D 19 -3.00 24.76 -36.43
CA ARG D 19 -3.65 26.02 -36.76
C ARG D 19 -4.13 26.73 -35.51
N GLY D 20 -4.41 25.98 -34.45
CA GLY D 20 -4.74 26.60 -33.18
C GLY D 20 -3.56 27.34 -32.59
N ALA D 21 -2.41 26.67 -32.52
CA ALA D 21 -1.21 27.32 -31.98
C ALA D 21 -0.78 28.50 -32.85
N SER D 22 -1.04 28.43 -34.16
CA SER D 22 -0.59 29.47 -35.06
C SER D 22 -1.28 30.81 -34.79
N ILE D 23 -2.44 30.79 -34.13
CA ILE D 23 -3.17 32.00 -33.82
C ILE D 23 -3.03 32.40 -32.36
N VAL D 24 -2.98 31.44 -31.44
CA VAL D 24 -2.86 31.77 -30.03
C VAL D 24 -1.47 32.28 -29.70
N GLU D 25 -0.45 31.84 -30.43
CA GLU D 25 0.95 32.08 -30.05
C GLU D 25 1.21 33.54 -29.76
N ASP D 26 0.49 34.44 -30.43
CA ASP D 26 0.71 35.87 -30.23
C ASP D 26 -0.01 36.38 -29.00
N LYS D 27 -1.33 36.13 -28.93
CA LYS D 27 -2.10 36.57 -27.77
C LYS D 27 -1.76 35.79 -26.51
N LEU D 28 -0.77 34.91 -26.58
CA LEU D 28 -0.42 34.12 -25.42
C LEU D 28 0.90 34.58 -24.82
N VAL D 29 1.76 35.18 -25.63
CA VAL D 29 3.00 35.78 -25.11
C VAL D 29 2.67 36.96 -24.21
N GLU D 30 1.71 37.78 -24.63
CA GLU D 30 1.38 38.99 -23.88
C GLU D 30 0.73 38.67 -22.55
N ASP D 31 0.14 37.49 -22.42
CA ASP D 31 -0.45 37.05 -21.16
C ASP D 31 0.54 36.29 -20.29
N LEU D 32 1.71 35.94 -20.83
CA LEU D 32 2.79 35.38 -20.05
C LEU D 32 3.45 36.52 -19.27
N LYS D 33 3.41 36.44 -17.94
CA LYS D 33 3.86 37.52 -17.08
C LYS D 33 5.30 37.37 -16.60
N THR D 34 6.02 36.34 -17.02
CA THR D 34 7.41 36.20 -16.63
C THR D 34 8.23 37.35 -17.21
N ARG D 35 9.44 37.52 -16.68
CA ARG D 35 10.31 38.63 -17.08
C ARG D 35 11.44 38.08 -17.93
N GLU D 36 11.23 38.09 -19.25
CA GLU D 36 12.22 37.63 -20.21
C GLU D 36 12.17 38.55 -21.42
N THR D 37 12.87 38.15 -22.48
CA THR D 37 12.84 38.88 -23.73
C THR D 37 11.67 38.40 -24.57
N GLU D 38 11.22 39.25 -25.50
CA GLU D 38 10.11 38.90 -26.38
C GLU D 38 10.36 37.56 -27.06
N GLU D 39 11.46 37.45 -27.81
CA GLU D 39 11.77 36.22 -28.52
C GLU D 39 11.89 35.05 -27.55
N GLN D 40 12.51 35.29 -26.40
CA GLN D 40 12.61 34.28 -25.35
C GLN D 40 11.23 33.76 -24.97
N LYS D 41 10.30 34.66 -24.67
CA LYS D 41 8.95 34.24 -24.31
C LYS D 41 8.34 33.37 -25.40
N ARG D 42 8.61 33.69 -26.66
CA ARG D 42 8.11 32.84 -27.73
C ARG D 42 8.85 31.51 -27.76
N ASN D 43 10.12 31.51 -27.39
CA ASN D 43 10.83 30.24 -27.24
C ASN D 43 10.33 29.50 -26.02
N ARG D 44 9.53 30.15 -25.19
CA ARG D 44 8.89 29.47 -24.08
C ARG D 44 7.54 28.92 -24.48
N VAL D 45 6.79 29.68 -25.26
CA VAL D 45 5.45 29.24 -25.67
C VAL D 45 5.55 28.02 -26.58
N ARG D 46 6.23 28.16 -27.71
CA ARG D 46 6.37 27.05 -28.65
C ARG D 46 6.83 25.78 -27.97
N SER D 47 7.69 25.91 -26.95
CA SER D 47 8.15 24.74 -26.22
C SER D 47 7.00 24.06 -25.49
N ILE D 48 6.22 24.81 -24.70
CA ILE D 48 5.11 24.21 -24.00
C ILE D 48 4.11 23.60 -24.97
N LEU D 49 3.94 24.23 -26.14
CA LEU D 49 3.04 23.64 -27.13
C LEU D 49 3.54 22.29 -27.61
N ARG D 50 4.86 22.11 -27.71
CA ARG D 50 5.39 20.82 -28.08
C ARG D 50 5.23 19.78 -26.98
N ILE D 51 4.94 20.21 -25.76
CA ILE D 51 4.70 19.28 -24.67
C ILE D 51 3.25 18.84 -24.64
N ILE D 52 2.33 19.76 -24.96
CA ILE D 52 0.91 19.41 -24.95
C ILE D 52 0.63 18.36 -26.02
N LYS D 53 1.06 18.63 -27.25
CA LYS D 53 0.70 17.85 -28.42
C LYS D 53 0.82 16.34 -28.28
N PRO D 54 1.94 15.77 -27.85
CA PRO D 54 2.07 14.31 -27.86
C PRO D 54 1.40 13.67 -26.65
N CYS D 55 1.20 12.35 -26.75
CA CYS D 55 0.60 11.57 -25.68
C CYS D 55 1.66 11.22 -24.65
N ASN D 56 1.29 11.27 -23.37
CA ASN D 56 2.27 11.03 -22.32
C ASN D 56 2.42 9.55 -22.01
N HIS D 57 1.45 8.72 -22.37
CA HIS D 57 1.52 7.29 -22.11
C HIS D 57 0.68 6.58 -23.14
N VAL D 58 1.25 5.57 -23.79
CA VAL D 58 0.47 4.74 -24.70
C VAL D 58 0.81 3.29 -24.41
N LEU D 59 0.02 2.66 -23.56
CA LEU D 59 0.21 1.26 -23.23
C LEU D 59 -0.22 0.44 -24.43
N SER D 60 0.16 -0.84 -24.43
CA SER D 60 -0.19 -1.75 -25.51
C SER D 60 -0.09 -3.17 -24.99
N LEU D 61 -1.11 -3.97 -25.25
CA LEU D 61 -1.30 -5.21 -24.52
C LEU D 61 -1.33 -6.40 -25.47
N SER D 62 -1.62 -7.55 -24.88
CA SER D 62 -1.86 -8.79 -25.62
C SER D 62 -2.49 -9.77 -24.67
N PHE D 63 -3.61 -10.36 -25.06
CA PHE D 63 -4.43 -11.15 -24.15
C PHE D 63 -4.49 -12.58 -24.61
N PRO D 64 -4.00 -13.53 -23.83
CA PRO D 64 -4.42 -14.90 -24.05
C PRO D 64 -5.82 -15.10 -23.52
N ILE D 65 -6.73 -15.55 -24.41
CA ILE D 65 -8.09 -15.86 -24.03
C ILE D 65 -8.41 -17.28 -24.47
N ARG D 66 -9.43 -17.85 -23.84
CA ARG D 66 -9.91 -19.18 -24.17
C ARG D 66 -11.34 -19.05 -24.70
N ARG D 67 -11.48 -19.09 -26.02
CA ARG D 67 -12.79 -19.10 -26.61
C ARG D 67 -13.56 -20.34 -26.15
N ASP D 68 -14.88 -20.29 -26.30
CA ASP D 68 -15.71 -21.39 -25.82
C ASP D 68 -15.42 -22.72 -26.51
N ASP D 69 -14.83 -22.69 -27.71
CA ASP D 69 -14.40 -23.93 -28.35
C ASP D 69 -13.02 -24.37 -27.89
N GLY D 70 -12.50 -23.76 -26.82
CA GLY D 70 -11.24 -24.18 -26.23
C GLY D 70 -10.01 -23.61 -26.87
N SER D 71 -10.10 -23.09 -28.09
CA SER D 71 -8.94 -22.53 -28.75
C SER D 71 -8.52 -21.21 -28.10
N TRP D 72 -7.23 -20.91 -28.22
CA TRP D 72 -6.66 -19.68 -27.68
C TRP D 72 -6.62 -18.60 -28.75
N GLU D 73 -6.60 -17.35 -28.30
CA GLU D 73 -6.34 -16.22 -29.17
C GLU D 73 -5.57 -15.16 -28.42
N VAL D 74 -4.94 -14.28 -29.17
CA VAL D 74 -4.35 -13.07 -28.62
C VAL D 74 -5.26 -11.91 -28.98
N ILE D 75 -5.27 -10.89 -28.12
CA ILE D 75 -6.13 -9.74 -28.33
C ILE D 75 -5.32 -8.49 -28.03
N GLU D 76 -4.86 -7.80 -29.06
CA GLU D 76 -4.16 -6.55 -28.86
C GLU D 76 -5.12 -5.53 -28.27
N GLY D 77 -4.67 -4.84 -27.24
CA GLY D 77 -5.46 -3.79 -26.62
C GLY D 77 -4.58 -2.61 -26.31
N TYR D 78 -5.14 -1.41 -26.40
CA TYR D 78 -4.39 -0.18 -26.32
C TYR D 78 -5.00 0.72 -25.27
N ARG D 79 -4.20 1.62 -24.73
CA ARG D 79 -4.77 2.71 -23.95
C ARG D 79 -3.77 3.85 -23.91
N ALA D 80 -4.24 5.03 -24.25
CA ALA D 80 -3.41 6.22 -24.22
C ALA D 80 -3.92 7.14 -23.13
N GLN D 81 -2.99 7.83 -22.47
CA GLN D 81 -3.33 8.93 -21.58
C GLN D 81 -2.66 10.15 -22.19
N HIS D 82 -3.45 10.98 -22.88
CA HIS D 82 -2.84 12.10 -23.57
C HIS D 82 -2.10 13.02 -22.62
N SER D 83 -2.79 13.63 -21.67
CA SER D 83 -2.12 14.60 -20.82
C SER D 83 -2.39 14.30 -19.36
N GLN D 84 -1.54 14.83 -18.48
CA GLN D 84 -1.67 14.60 -17.05
C GLN D 84 -1.88 15.88 -16.28
N HIS D 85 -2.22 16.98 -16.96
CA HIS D 85 -2.36 18.26 -16.28
C HIS D 85 -3.59 18.27 -15.41
N ARG D 86 -4.35 17.18 -15.42
CA ARG D 86 -5.64 17.15 -14.77
C ARG D 86 -6.05 15.73 -14.44
N THR D 87 -6.02 15.36 -13.23
CA THR D 87 -6.37 13.96 -13.03
C THR D 87 -7.77 13.84 -12.43
N PRO D 88 -8.49 12.75 -12.71
CA PRO D 88 -8.08 11.59 -13.52
C PRO D 88 -8.21 11.87 -15.00
N CYS D 89 -8.03 10.85 -15.81
CA CYS D 89 -8.19 10.96 -17.24
C CYS D 89 -9.32 10.05 -17.70
N LYS D 90 -10.35 10.63 -18.26
CA LYS D 90 -11.43 9.83 -18.81
C LYS D 90 -11.18 9.50 -20.27
N GLY D 91 -11.94 8.50 -20.74
CA GLY D 91 -11.85 8.07 -22.11
C GLY D 91 -12.56 6.76 -22.33
N GLY D 92 -13.29 6.66 -23.43
CA GLY D 92 -14.08 5.48 -23.71
C GLY D 92 -13.22 4.28 -23.98
N ILE D 93 -13.88 3.13 -24.10
CA ILE D 93 -13.26 1.90 -24.53
C ILE D 93 -13.98 1.45 -25.79
N ARG D 94 -13.28 1.47 -26.91
CA ARG D 94 -13.85 1.14 -28.21
C ARG D 94 -13.51 -0.28 -28.57
N TYR D 95 -14.49 -1.03 -29.07
CA TYR D 95 -14.27 -2.34 -29.63
C TYR D 95 -14.47 -2.27 -31.14
N SER D 96 -13.40 -2.44 -31.90
CA SER D 96 -13.50 -2.44 -33.35
C SER D 96 -12.22 -3.05 -33.91
N THR D 97 -12.35 -3.77 -35.01
CA THR D 97 -11.20 -4.33 -35.69
C THR D 97 -10.41 -3.28 -36.46
N ASP D 98 -10.80 -2.01 -36.35
CA ASP D 98 -10.10 -0.93 -37.02
C ASP D 98 -9.38 -0.01 -36.05
N VAL D 99 -9.21 -0.42 -34.81
CA VAL D 99 -8.53 0.41 -33.82
C VAL D 99 -7.04 0.14 -33.90
N SER D 100 -6.24 1.16 -33.58
CA SER D 100 -4.80 1.03 -33.55
C SER D 100 -4.25 2.13 -32.67
N VAL D 101 -2.95 2.04 -32.36
CA VAL D 101 -2.34 3.07 -31.52
C VAL D 101 -2.39 4.41 -32.23
N ASP D 102 -2.30 4.41 -33.56
CA ASP D 102 -2.33 5.66 -34.29
C ASP D 102 -3.71 6.31 -34.20
N GLU D 103 -4.75 5.50 -34.01
CA GLU D 103 -6.08 6.06 -33.78
C GLU D 103 -6.26 6.48 -32.34
N VAL D 104 -5.95 5.57 -31.41
CA VAL D 104 -6.19 5.82 -30.00
C VAL D 104 -5.45 7.08 -29.54
N LYS D 105 -4.20 7.24 -29.98
CA LYS D 105 -3.44 8.42 -29.62
C LYS D 105 -4.19 9.71 -29.94
N ALA D 106 -4.92 9.74 -31.04
CA ALA D 106 -5.60 10.98 -31.41
C ALA D 106 -6.91 11.13 -30.66
N LEU D 107 -7.72 10.07 -30.63
CA LEU D 107 -8.94 10.12 -29.84
C LEU D 107 -8.63 10.45 -28.40
N ALA D 108 -7.49 9.99 -27.90
CA ALA D 108 -7.05 10.37 -26.57
C ALA D 108 -6.80 11.86 -26.49
N SER D 109 -6.25 12.44 -27.55
CA SER D 109 -5.95 13.86 -27.56
C SER D 109 -7.23 14.67 -27.53
N LEU D 110 -8.20 14.32 -28.38
CA LEU D 110 -9.45 15.06 -28.45
C LEU D 110 -10.07 15.23 -27.08
N MET D 111 -10.14 14.15 -26.30
CA MET D 111 -10.79 14.28 -25.01
C MET D 111 -10.00 15.13 -24.03
N THR D 112 -8.71 15.34 -24.28
CA THR D 112 -8.03 16.37 -23.50
C THR D 112 -8.56 17.75 -23.86
N TYR D 113 -9.08 17.92 -25.07
CA TYR D 113 -9.57 19.23 -25.44
C TYR D 113 -11.07 19.34 -25.24
N LYS D 114 -11.82 18.28 -25.56
CA LYS D 114 -13.22 18.23 -25.19
C LYS D 114 -13.40 18.64 -23.74
N CYS D 115 -12.70 17.96 -22.84
CA CYS D 115 -12.81 18.28 -21.42
C CYS D 115 -12.34 19.69 -21.12
N ALA D 116 -11.50 20.27 -21.98
CA ALA D 116 -11.06 21.63 -21.76
C ALA D 116 -12.06 22.62 -22.32
N VAL D 117 -12.76 22.26 -23.40
CA VAL D 117 -13.74 23.16 -23.99
C VAL D 117 -14.96 23.30 -23.10
N VAL D 118 -15.32 22.25 -22.37
CA VAL D 118 -16.49 22.29 -21.51
C VAL D 118 -16.11 22.29 -20.03
N ASP D 119 -14.85 22.60 -19.73
CA ASP D 119 -14.43 22.95 -18.37
C ASP D 119 -14.66 21.80 -17.40
N VAL D 120 -14.33 20.60 -17.84
CA VAL D 120 -14.51 19.41 -17.01
C VAL D 120 -13.15 18.93 -16.53
N PRO D 121 -12.97 18.76 -15.24
CA PRO D 121 -11.65 18.34 -14.72
C PRO D 121 -11.07 16.98 -15.14
N PHE D 122 -10.83 16.70 -16.43
CA PHE D 122 -10.21 15.42 -16.73
C PHE D 122 -9.18 15.61 -17.83
N GLY D 123 -8.07 14.90 -17.71
CA GLY D 123 -7.22 14.70 -18.85
C GLY D 123 -7.87 13.80 -19.86
N GLY D 124 -7.23 13.64 -21.02
CA GLY D 124 -7.78 12.80 -22.06
C GLY D 124 -7.26 11.38 -21.95
N ALA D 125 -8.03 10.45 -22.49
CA ALA D 125 -7.63 9.05 -22.54
C ALA D 125 -8.49 8.34 -23.55
N LYS D 126 -8.09 7.14 -23.93
CA LYS D 126 -8.88 6.32 -24.83
C LYS D 126 -8.29 4.94 -24.84
N ALA D 127 -9.14 3.93 -24.93
CA ALA D 127 -8.66 2.56 -24.97
C ALA D 127 -9.37 1.81 -26.08
N GLY D 128 -8.59 1.04 -26.83
CA GLY D 128 -9.15 0.26 -27.92
C GLY D 128 -8.85 -1.20 -27.72
N VAL D 129 -9.60 -2.03 -28.43
CA VAL D 129 -9.38 -3.46 -28.45
C VAL D 129 -9.65 -3.95 -29.87
N LYS D 130 -8.64 -4.52 -30.52
CA LYS D 130 -8.86 -5.08 -31.84
C LYS D 130 -9.75 -6.31 -31.70
N ILE D 131 -11.02 -6.14 -32.03
CA ILE D 131 -12.03 -7.14 -31.73
C ILE D 131 -13.27 -6.78 -32.53
N ASN D 132 -14.10 -7.77 -32.83
CA ASN D 132 -15.40 -7.51 -33.44
C ASN D 132 -16.47 -8.13 -32.56
N PRO D 133 -17.16 -7.33 -31.74
CA PRO D 133 -18.09 -7.91 -30.76
C PRO D 133 -19.22 -8.70 -31.40
N LYS D 134 -19.45 -8.52 -32.69
CA LYS D 134 -20.51 -9.27 -33.36
C LYS D 134 -20.11 -10.72 -33.57
N ASN D 135 -18.86 -11.07 -33.28
CA ASN D 135 -18.39 -12.42 -33.52
C ASN D 135 -18.39 -13.28 -32.28
N TYR D 136 -18.25 -12.71 -31.09
CA TYR D 136 -17.92 -13.48 -29.91
C TYR D 136 -19.14 -13.71 -29.05
N THR D 137 -19.14 -14.84 -28.35
CA THR D 137 -20.15 -15.17 -27.36
C THR D 137 -20.20 -14.07 -26.30
N ASP D 138 -21.39 -13.88 -25.72
CA ASP D 138 -21.53 -12.91 -24.63
C ASP D 138 -20.92 -13.45 -23.35
N ASN D 139 -20.29 -14.62 -23.40
CA ASN D 139 -19.41 -15.04 -22.32
C ASN D 139 -18.00 -14.59 -22.63
N GLU D 140 -17.60 -14.73 -23.89
CA GLU D 140 -16.24 -14.38 -24.28
C GLU D 140 -15.98 -12.89 -24.09
N LEU D 141 -16.98 -12.06 -24.40
CA LEU D 141 -16.81 -10.64 -24.16
C LEU D 141 -16.59 -10.34 -22.69
N GLU D 142 -17.12 -11.17 -21.80
CA GLU D 142 -16.82 -10.97 -20.40
C GLU D 142 -15.39 -11.35 -20.07
N LYS D 143 -14.95 -12.53 -20.51
CA LYS D 143 -13.57 -12.93 -20.27
C LYS D 143 -12.59 -11.97 -20.91
N ILE D 144 -13.00 -11.25 -21.95
CA ILE D 144 -12.12 -10.26 -22.57
C ILE D 144 -12.14 -8.95 -21.82
N THR D 145 -13.32 -8.46 -21.47
CA THR D 145 -13.40 -7.19 -20.76
C THR D 145 -12.79 -7.27 -19.38
N ARG D 146 -12.98 -8.39 -18.68
CA ARG D 146 -12.40 -8.50 -17.36
C ARG D 146 -10.89 -8.63 -17.42
N ARG D 147 -10.38 -9.38 -18.39
CA ARG D 147 -8.94 -9.49 -18.53
C ARG D 147 -8.31 -8.16 -18.93
N PHE D 148 -8.97 -7.41 -19.80
CA PHE D 148 -8.47 -6.12 -20.23
C PHE D 148 -8.35 -5.13 -19.09
N THR D 149 -9.18 -5.24 -18.06
CA THR D 149 -9.04 -4.37 -16.90
C THR D 149 -8.04 -4.91 -15.90
N MET D 150 -7.99 -6.22 -15.77
CA MET D 150 -6.98 -6.85 -14.93
C MET D 150 -5.58 -6.42 -15.37
N GLU D 151 -5.38 -6.32 -16.68
CA GLU D 151 -4.07 -5.91 -17.19
C GLU D 151 -3.82 -4.44 -16.94
N LEU D 152 -4.81 -3.59 -17.23
CA LEU D 152 -4.61 -2.16 -17.01
C LEU D 152 -4.41 -1.86 -15.55
N ALA D 153 -5.30 -2.38 -14.69
CA ALA D 153 -5.26 -2.03 -13.28
C ALA D 153 -3.89 -2.29 -12.68
N LYS D 154 -3.32 -3.47 -12.94
CA LYS D 154 -2.04 -3.76 -12.33
C LYS D 154 -0.92 -2.86 -12.85
N LYS D 155 -1.14 -2.17 -13.97
CA LYS D 155 -0.14 -1.25 -14.50
C LYS D 155 -0.57 0.20 -14.35
N GLY D 156 -1.52 0.50 -13.48
CA GLY D 156 -1.89 1.87 -13.21
C GLY D 156 -2.54 2.60 -14.37
N PHE D 157 -3.58 2.01 -14.97
CA PHE D 157 -4.34 2.66 -16.02
C PHE D 157 -5.84 2.58 -15.78
N ILE D 158 -6.27 2.09 -14.62
CA ILE D 158 -7.66 2.20 -14.19
C ILE D 158 -7.64 2.53 -12.72
N GLY D 159 -8.59 3.33 -12.28
CA GLY D 159 -8.69 3.70 -10.89
C GLY D 159 -9.09 5.14 -10.77
N PRO D 160 -9.96 5.45 -9.81
CA PRO D 160 -10.56 6.79 -9.73
C PRO D 160 -9.54 7.90 -9.56
N GLY D 161 -8.26 7.59 -9.44
CA GLY D 161 -7.27 8.63 -9.32
C GLY D 161 -6.42 8.77 -10.56
N VAL D 162 -6.52 7.82 -11.48
CA VAL D 162 -5.70 7.85 -12.67
C VAL D 162 -6.55 7.90 -13.93
N ASP D 163 -7.35 6.85 -14.18
CA ASP D 163 -8.16 6.80 -15.37
C ASP D 163 -9.56 6.34 -15.04
N VAL D 164 -10.50 6.75 -15.88
CA VAL D 164 -11.89 6.37 -15.71
C VAL D 164 -12.45 5.98 -17.08
N PRO D 165 -12.51 4.70 -17.39
CA PRO D 165 -13.10 4.28 -18.67
C PRO D 165 -14.54 4.71 -18.83
N ALA D 166 -15.07 4.58 -20.04
CA ALA D 166 -16.43 5.02 -20.31
C ALA D 166 -16.95 4.28 -21.55
N PRO D 167 -18.25 4.28 -21.81
CA PRO D 167 -18.75 3.63 -23.02
C PRO D 167 -18.27 4.37 -24.26
N ASP D 168 -18.19 3.62 -25.34
CA ASP D 168 -17.89 4.15 -26.65
C ASP D 168 -18.38 3.13 -27.67
N MET D 169 -17.93 3.26 -28.91
CA MET D 169 -18.34 2.40 -30.00
C MET D 169 -18.37 0.93 -29.59
N SER D 170 -19.49 0.27 -29.87
CA SER D 170 -19.64 -1.17 -29.67
C SER D 170 -19.48 -1.56 -28.20
N THR D 171 -19.64 -0.60 -27.29
CA THR D 171 -19.71 -0.91 -25.86
C THR D 171 -20.86 -0.13 -25.26
N GLY D 172 -21.46 -0.72 -24.24
CA GLY D 172 -22.60 -0.11 -23.57
C GLY D 172 -22.50 -0.27 -22.08
N GLU D 173 -23.65 -0.20 -21.42
CA GLU D 173 -23.68 -0.35 -19.97
C GLU D 173 -23.38 -1.77 -19.56
N ARG D 174 -23.55 -2.72 -20.47
CA ARG D 174 -23.21 -4.11 -20.17
C ARG D 174 -21.73 -4.25 -19.86
N GLU D 175 -20.88 -3.73 -20.73
CA GLU D 175 -19.44 -3.86 -20.54
C GLU D 175 -18.98 -3.07 -19.32
N MET D 176 -19.44 -1.83 -19.18
CA MET D 176 -18.96 -0.97 -18.11
C MET D 176 -19.26 -1.56 -16.74
N SER D 177 -20.22 -2.47 -16.65
CA SER D 177 -20.50 -3.11 -15.38
C SER D 177 -19.50 -4.21 -15.09
N TRP D 178 -19.04 -4.91 -16.12
CA TRP D 178 -18.00 -5.92 -15.94
C TRP D 178 -16.70 -5.31 -15.46
N ILE D 179 -16.41 -4.09 -15.90
CA ILE D 179 -15.17 -3.44 -15.49
C ILE D 179 -15.25 -3.05 -14.03
N ALA D 180 -16.31 -2.31 -13.66
CA ALA D 180 -16.42 -1.83 -12.29
C ALA D 180 -16.45 -2.98 -11.30
N ASP D 181 -16.98 -4.13 -11.71
CA ASP D 181 -17.05 -5.25 -10.80
C ASP D 181 -15.70 -5.95 -10.67
N THR D 182 -14.93 -5.99 -11.76
CA THR D 182 -13.62 -6.61 -11.69
C THR D 182 -12.65 -5.75 -10.88
N TYR D 183 -12.69 -4.44 -11.10
CA TYR D 183 -11.79 -3.56 -10.37
C TYR D 183 -12.14 -3.52 -8.90
N ALA D 184 -13.42 -3.46 -8.57
CA ALA D 184 -13.83 -3.33 -7.18
C ALA D 184 -13.43 -4.56 -6.39
N SER D 185 -13.40 -5.72 -7.04
CA SER D 185 -13.20 -6.96 -6.30
C SER D 185 -11.77 -7.48 -6.35
N THR D 186 -10.87 -6.84 -7.09
CA THR D 186 -9.50 -7.32 -7.15
C THR D 186 -8.50 -6.29 -6.62
N ILE D 187 -8.48 -5.09 -7.19
CA ILE D 187 -7.38 -4.17 -6.90
C ILE D 187 -7.83 -3.18 -5.86
N GLY D 188 -8.86 -2.41 -6.17
CA GLY D 188 -9.33 -1.41 -5.25
C GLY D 188 -10.41 -1.91 -4.32
N HIS D 189 -10.20 -3.07 -3.71
CA HIS D 189 -11.20 -3.58 -2.78
C HIS D 189 -11.36 -2.66 -1.58
N TYR D 190 -10.24 -2.34 -0.92
CA TYR D 190 -10.32 -1.52 0.28
C TYR D 190 -10.66 -0.08 -0.02
N ASP D 191 -10.28 0.41 -1.21
CA ASP D 191 -10.50 1.80 -1.55
C ASP D 191 -11.99 2.13 -1.43
N ILE D 192 -12.29 3.28 -0.84
CA ILE D 192 -13.69 3.66 -0.67
C ILE D 192 -14.30 4.06 -2.00
N ASN D 193 -13.47 4.51 -2.95
CA ASN D 193 -13.95 4.98 -4.25
C ASN D 193 -13.86 3.90 -5.31
N ALA D 194 -13.97 2.63 -4.91
CA ALA D 194 -13.79 1.52 -5.84
C ALA D 194 -14.76 1.61 -7.01
N HIS D 195 -16.05 1.55 -6.71
CA HIS D 195 -17.06 1.55 -7.76
C HIS D 195 -17.01 2.77 -8.65
N ALA D 196 -16.30 3.82 -8.25
CA ALA D 196 -16.21 5.03 -9.05
C ALA D 196 -15.13 4.97 -10.10
N CYS D 197 -14.67 3.77 -10.47
CA CYS D 197 -13.57 3.67 -11.41
C CYS D 197 -14.00 3.86 -12.85
N VAL D 198 -15.26 3.61 -13.18
CA VAL D 198 -15.77 3.77 -14.53
C VAL D 198 -17.07 4.56 -14.48
N THR D 199 -17.41 5.15 -15.62
CA THR D 199 -18.68 5.83 -15.79
C THR D 199 -19.51 5.02 -16.77
N GLY D 200 -20.73 5.49 -17.02
CA GLY D 200 -21.60 4.73 -17.90
C GLY D 200 -22.10 3.44 -17.32
N LYS D 201 -21.96 3.24 -16.03
CA LYS D 201 -22.47 2.07 -15.37
C LYS D 201 -24.00 2.05 -15.39
N PRO D 202 -24.62 0.90 -15.21
CA PRO D 202 -26.07 0.86 -15.06
C PRO D 202 -26.50 1.63 -13.82
N ILE D 203 -27.77 2.03 -13.81
CA ILE D 203 -28.28 2.82 -12.69
C ILE D 203 -28.14 2.04 -11.40
N SER D 204 -28.59 0.79 -11.39
CA SER D 204 -28.50 -0.02 -10.18
C SER D 204 -27.07 -0.22 -9.72
N GLN D 205 -26.09 -0.01 -10.59
CA GLN D 205 -24.69 -0.12 -10.22
C GLN D 205 -24.02 1.23 -10.05
N GLY D 206 -24.80 2.29 -9.89
CA GLY D 206 -24.25 3.60 -9.66
C GLY D 206 -24.22 4.51 -10.87
N GLY D 207 -25.18 4.39 -11.78
CA GLY D 207 -25.23 5.23 -12.95
C GLY D 207 -25.89 6.56 -12.68
N ILE D 208 -26.30 7.20 -13.76
CA ILE D 208 -26.97 8.50 -13.73
C ILE D 208 -28.15 8.44 -14.68
N HIS D 209 -29.27 9.03 -14.26
CA HIS D 209 -30.39 9.19 -15.17
C HIS D 209 -29.93 9.76 -16.50
N GLY D 210 -30.26 9.05 -17.57
CA GLY D 210 -29.94 9.52 -18.90
C GLY D 210 -28.47 9.55 -19.24
N ARG D 211 -27.70 8.56 -18.79
CA ARG D 211 -26.32 8.45 -19.26
C ARG D 211 -26.29 8.02 -20.72
N ILE D 212 -27.27 7.24 -21.15
CA ILE D 212 -27.33 6.82 -22.54
C ILE D 212 -27.69 8.01 -23.42
N SER D 213 -28.79 8.68 -23.11
CA SER D 213 -29.19 9.83 -23.90
C SER D 213 -28.34 11.06 -23.64
N ALA D 214 -27.29 10.93 -22.84
CA ALA D 214 -26.47 12.09 -22.49
C ALA D 214 -25.86 12.72 -23.72
N THR D 215 -25.20 11.90 -24.55
CA THR D 215 -24.53 12.44 -25.72
C THR D 215 -25.52 13.07 -26.69
N GLY D 216 -26.69 12.46 -26.84
CA GLY D 216 -27.70 13.02 -27.73
C GLY D 216 -28.08 14.43 -27.34
N ARG D 217 -28.42 14.62 -26.06
CA ARG D 217 -28.70 15.97 -25.57
C ARG D 217 -27.57 16.92 -25.91
N GLY D 218 -26.34 16.42 -25.86
CA GLY D 218 -25.21 17.25 -26.26
C GLY D 218 -25.40 17.76 -27.66
N VAL D 219 -25.52 16.85 -28.62
CA VAL D 219 -25.76 17.23 -30.01
C VAL D 219 -26.95 18.15 -30.11
N PHE D 220 -27.96 17.96 -29.27
CA PHE D 220 -29.13 18.82 -29.31
C PHE D 220 -28.81 20.23 -28.80
N HIS D 221 -28.41 20.33 -27.54
CA HIS D 221 -28.13 21.65 -26.97
C HIS D 221 -27.04 22.37 -27.74
N GLY D 222 -26.17 21.65 -28.42
CA GLY D 222 -25.18 22.30 -29.24
C GLY D 222 -25.82 22.97 -30.43
N ILE D 223 -26.55 22.18 -31.23
CA ILE D 223 -27.24 22.73 -32.39
C ILE D 223 -28.14 23.90 -31.98
N GLU D 224 -28.90 23.72 -30.90
CA GLU D 224 -29.79 24.77 -30.43
C GLU D 224 -29.01 26.05 -30.12
N ASN D 225 -27.86 25.93 -29.46
CA ASN D 225 -27.08 27.11 -29.11
C ASN D 225 -26.55 27.86 -30.32
N PHE D 226 -26.64 27.29 -31.52
CA PHE D 226 -26.21 27.97 -32.74
C PHE D 226 -27.37 28.32 -33.65
N ILE D 227 -28.28 27.38 -33.90
CA ILE D 227 -29.47 27.67 -34.70
C ILE D 227 -30.18 28.91 -34.18
N ASN D 228 -30.24 29.08 -32.86
CA ASN D 228 -30.87 30.24 -32.26
C ASN D 228 -29.92 31.42 -32.13
N GLU D 229 -28.86 31.43 -32.93
CA GLU D 229 -27.95 32.58 -33.01
C GLU D 229 -28.04 33.17 -34.42
N ALA D 230 -28.74 34.30 -34.54
CA ALA D 230 -28.98 34.90 -35.84
C ALA D 230 -27.71 35.38 -36.51
N SER D 231 -26.68 35.73 -35.72
CA SER D 231 -25.45 36.27 -36.28
C SER D 231 -24.84 35.35 -37.33
N TYR D 232 -25.05 34.04 -37.19
CA TYR D 232 -24.58 33.06 -38.15
C TYR D 232 -25.66 32.67 -39.15
N MET D 233 -26.90 32.54 -38.68
CA MET D 233 -27.99 32.14 -39.56
C MET D 233 -28.23 33.20 -40.63
N SER D 234 -27.91 34.45 -40.33
CA SER D 234 -27.89 35.49 -41.36
C SER D 234 -26.81 35.23 -42.40
N ILE D 235 -25.71 34.59 -42.01
CA ILE D 235 -24.63 34.28 -42.95
C ILE D 235 -24.99 33.01 -43.71
N LEU D 236 -25.36 31.96 -42.97
CA LEU D 236 -25.72 30.70 -43.61
C LEU D 236 -26.99 30.83 -44.46
N GLY D 237 -27.82 31.83 -44.18
CA GLY D 237 -29.04 31.99 -44.95
C GLY D 237 -30.12 31.00 -44.59
N MET D 238 -30.45 30.87 -43.31
CA MET D 238 -31.50 29.98 -42.83
C MET D 238 -32.30 30.69 -41.74
N THR D 239 -33.12 29.92 -41.03
CA THR D 239 -34.03 30.48 -40.05
C THR D 239 -33.77 29.88 -38.68
N PRO D 240 -33.67 30.72 -37.64
CA PRO D 240 -33.58 30.20 -36.28
C PRO D 240 -34.84 29.44 -35.88
N GLY D 241 -34.68 28.13 -35.70
CA GLY D 241 -35.77 27.25 -35.34
C GLY D 241 -35.55 25.84 -35.84
N PHE D 242 -36.30 24.89 -35.30
CA PHE D 242 -36.13 23.48 -35.70
C PHE D 242 -37.27 22.96 -36.57
N GLY D 243 -38.52 23.20 -36.19
CA GLY D 243 -39.65 22.69 -36.95
C GLY D 243 -39.68 23.17 -38.38
N ASP D 244 -38.89 24.18 -38.71
CA ASP D 244 -38.83 24.73 -40.05
C ASP D 244 -37.75 24.09 -40.92
N LYS D 245 -36.93 23.22 -40.37
CA LYS D 245 -35.83 22.63 -41.12
C LYS D 245 -35.70 21.16 -40.74
N THR D 246 -34.90 20.43 -41.50
CA THR D 246 -34.75 19.00 -41.33
C THR D 246 -33.31 18.63 -41.05
N PHE D 247 -33.02 17.33 -40.98
CA PHE D 247 -31.69 16.86 -40.66
C PHE D 247 -31.65 15.36 -40.95
N VAL D 248 -30.44 14.84 -41.10
CA VAL D 248 -30.21 13.44 -41.37
C VAL D 248 -29.24 12.90 -40.33
N VAL D 249 -29.03 11.59 -40.33
CA VAL D 249 -28.22 10.95 -39.31
C VAL D 249 -27.42 9.83 -39.93
N GLN D 250 -26.11 9.83 -39.69
CA GLN D 250 -25.23 8.73 -40.02
C GLN D 250 -25.00 7.92 -38.76
N GLY D 251 -25.11 6.61 -38.85
CA GLY D 251 -24.79 5.81 -37.68
C GLY D 251 -25.86 5.75 -36.61
N PHE D 252 -26.95 5.06 -36.89
CA PHE D 252 -28.14 5.07 -36.04
C PHE D 252 -27.87 4.62 -34.60
N GLY D 253 -26.63 4.27 -34.28
CA GLY D 253 -26.29 3.87 -32.92
C GLY D 253 -26.51 4.94 -31.87
N ASN D 254 -26.02 4.68 -30.65
CA ASN D 254 -26.36 5.48 -29.47
C ASN D 254 -26.45 6.97 -29.73
N VAL D 255 -25.40 7.56 -30.29
CA VAL D 255 -25.44 8.98 -30.59
C VAL D 255 -26.51 9.27 -31.63
N GLY D 256 -26.40 8.64 -32.79
CA GLY D 256 -27.37 8.87 -33.86
C GLY D 256 -28.80 8.64 -33.41
N LEU D 257 -29.03 7.60 -32.61
CA LEU D 257 -30.37 7.31 -32.14
C LEU D 257 -30.92 8.48 -31.32
N HIS D 258 -30.25 8.79 -30.21
CA HIS D 258 -30.76 9.82 -29.31
C HIS D 258 -30.56 11.21 -29.87
N SER D 259 -29.67 11.38 -30.83
CA SER D 259 -29.64 12.65 -31.55
C SER D 259 -30.94 12.86 -32.31
N MET D 260 -31.58 11.79 -32.75
CA MET D 260 -32.86 11.92 -33.44
C MET D 260 -33.94 12.39 -32.47
N ARG D 261 -34.24 11.59 -31.46
CA ARG D 261 -35.43 11.83 -30.64
C ARG D 261 -35.45 13.23 -30.07
N TYR D 262 -34.34 13.64 -29.46
CA TYR D 262 -34.26 14.98 -28.88
C TYR D 262 -34.30 16.05 -29.95
N LEU D 263 -33.89 15.74 -31.17
CA LEU D 263 -34.02 16.69 -32.25
C LEU D 263 -35.29 16.44 -33.06
N HIS D 264 -35.91 15.28 -32.89
CA HIS D 264 -37.19 14.94 -33.51
C HIS D 264 -38.37 15.53 -32.73
N ARG D 265 -38.24 15.65 -31.42
CA ARG D 265 -39.36 16.10 -30.61
C ARG D 265 -39.66 17.57 -30.79
N PHE D 266 -38.79 18.31 -31.47
CA PHE D 266 -38.98 19.74 -31.68
C PHE D 266 -39.15 20.07 -33.16
N GLY D 267 -39.93 19.26 -33.87
CA GLY D 267 -40.36 19.59 -35.21
C GLY D 267 -39.35 19.28 -36.30
N ALA D 268 -38.06 19.29 -35.99
CA ALA D 268 -37.06 18.96 -36.99
C ALA D 268 -37.31 17.56 -37.52
N LYS D 269 -37.44 17.44 -38.84
CA LYS D 269 -37.93 16.24 -39.48
C LYS D 269 -36.75 15.42 -39.96
N CYS D 270 -36.44 14.33 -39.25
CA CYS D 270 -35.31 13.49 -39.61
C CYS D 270 -35.55 12.82 -40.95
N ILE D 271 -34.83 13.25 -41.97
CA ILE D 271 -35.04 12.74 -43.32
C ILE D 271 -34.63 11.29 -43.45
N THR D 272 -33.34 10.99 -43.23
CA THR D 272 -32.87 9.65 -43.51
C THR D 272 -31.94 9.20 -42.40
N VAL D 273 -31.48 7.96 -42.53
CA VAL D 273 -30.57 7.34 -41.58
C VAL D 273 -29.88 6.19 -42.31
N GLY D 274 -28.65 5.89 -41.92
CA GLY D 274 -27.92 4.80 -42.54
C GLY D 274 -27.03 4.11 -41.53
N GLU D 275 -26.37 3.07 -42.01
CA GLU D 275 -25.42 2.32 -41.18
C GLU D 275 -24.52 1.53 -42.12
N SER D 276 -23.75 0.60 -41.55
CA SER D 276 -22.83 -0.21 -42.33
C SER D 276 -23.51 -0.93 -43.48
N ASP D 277 -24.79 -1.27 -43.35
CA ASP D 277 -25.52 -1.93 -44.42
C ASP D 277 -26.01 -0.98 -45.50
N GLY D 278 -26.89 -0.03 -45.18
CA GLY D 278 -27.46 0.82 -46.19
C GLY D 278 -28.26 1.96 -45.61
N SER D 279 -28.88 2.77 -46.48
CA SER D 279 -29.56 3.98 -46.07
C SER D 279 -31.07 3.78 -46.13
N ILE D 280 -31.77 4.61 -45.36
CA ILE D 280 -33.21 4.55 -45.22
C ILE D 280 -33.74 5.97 -45.40
N TRP D 281 -34.15 6.31 -46.62
CA TRP D 281 -34.40 7.70 -47.00
C TRP D 281 -35.90 7.94 -47.11
N ASN D 282 -36.40 8.89 -46.34
CA ASN D 282 -37.80 9.32 -46.40
C ASN D 282 -37.84 10.82 -46.18
N PRO D 283 -38.19 11.61 -47.19
CA PRO D 283 -38.17 13.07 -47.03
C PRO D 283 -39.29 13.61 -46.16
N ASP D 284 -39.99 12.73 -45.43
CA ASP D 284 -41.13 13.17 -44.63
C ASP D 284 -41.04 12.76 -43.16
N GLY D 285 -39.98 12.11 -42.74
CA GLY D 285 -39.81 11.88 -41.31
C GLY D 285 -39.90 10.41 -40.93
N ILE D 286 -38.99 9.98 -40.05
CA ILE D 286 -38.95 8.62 -39.55
C ILE D 286 -39.14 8.63 -38.06
N ASP D 287 -40.12 7.87 -37.58
CA ASP D 287 -40.42 7.75 -36.16
C ASP D 287 -39.25 7.09 -35.45
N PRO D 288 -38.54 7.81 -34.59
CA PRO D 288 -37.41 7.19 -33.88
C PRO D 288 -37.82 6.07 -32.95
N LYS D 289 -39.09 6.02 -32.54
CA LYS D 289 -39.56 4.91 -31.74
C LYS D 289 -39.70 3.65 -32.59
N GLU D 290 -40.43 3.75 -33.70
CA GLU D 290 -40.70 2.59 -34.54
C GLU D 290 -39.41 1.99 -35.07
N LEU D 291 -38.52 2.82 -35.61
CA LEU D 291 -37.27 2.31 -36.14
C LEU D 291 -36.43 1.65 -35.06
N GLU D 292 -36.48 2.21 -33.84
CA GLU D 292 -35.76 1.60 -32.74
C GLU D 292 -36.21 0.18 -32.49
N ASP D 293 -37.49 -0.13 -32.79
CA ASP D 293 -37.98 -1.48 -32.61
C ASP D 293 -37.27 -2.46 -33.54
N PHE D 294 -37.07 -2.06 -34.80
CA PHE D 294 -36.49 -2.98 -35.76
C PHE D 294 -35.04 -3.32 -35.42
N LYS D 295 -34.31 -2.35 -34.87
CA LYS D 295 -32.96 -2.65 -34.40
C LYS D 295 -32.98 -3.75 -33.35
N LEU D 296 -34.09 -3.91 -32.65
CA LEU D 296 -34.27 -4.99 -31.70
C LEU D 296 -35.08 -6.14 -32.28
N GLN D 297 -35.62 -5.99 -33.49
CA GLN D 297 -36.42 -7.03 -34.12
C GLN D 297 -35.79 -7.54 -35.41
N HIS D 298 -35.45 -6.66 -36.34
CA HIS D 298 -34.98 -7.06 -37.65
C HIS D 298 -33.49 -6.87 -37.84
N GLY D 299 -32.74 -6.54 -36.78
CA GLY D 299 -31.30 -6.51 -36.85
C GLY D 299 -30.70 -5.36 -37.64
N THR D 300 -31.51 -4.62 -38.39
CA THR D 300 -30.99 -3.51 -39.19
C THR D 300 -32.11 -2.51 -39.43
N ILE D 301 -31.71 -1.28 -39.73
CA ILE D 301 -32.68 -0.27 -40.12
C ILE D 301 -33.26 -0.55 -41.50
N LEU D 302 -32.64 -1.45 -42.27
CA LEU D 302 -33.21 -1.83 -43.55
C LEU D 302 -34.51 -2.60 -43.34
N GLY D 303 -35.28 -2.72 -44.42
CA GLY D 303 -36.59 -3.35 -44.35
C GLY D 303 -37.66 -2.50 -43.74
N PHE D 304 -37.33 -1.28 -43.29
CA PHE D 304 -38.27 -0.42 -42.60
C PHE D 304 -39.38 -0.01 -43.56
N PRO D 305 -40.59 -0.57 -43.42
CA PRO D 305 -41.59 -0.43 -44.48
C PRO D 305 -42.20 0.95 -44.60
N LYS D 306 -41.79 1.91 -43.77
CA LYS D 306 -42.26 3.27 -43.94
C LYS D 306 -41.21 4.16 -44.57
N ALA D 307 -40.28 3.58 -45.31
CA ALA D 307 -39.28 4.32 -46.08
C ALA D 307 -38.74 3.39 -47.14
N LYS D 308 -37.65 3.79 -47.79
CA LYS D 308 -37.08 3.01 -48.87
C LYS D 308 -35.56 3.00 -48.76
N ILE D 309 -34.95 2.02 -49.40
CA ILE D 309 -33.50 1.95 -49.49
C ILE D 309 -33.01 3.04 -50.43
N TYR D 310 -31.88 3.66 -50.09
CA TYR D 310 -31.35 4.80 -50.83
C TYR D 310 -30.04 4.39 -51.48
N GLU D 311 -29.99 4.43 -52.81
CA GLU D 311 -28.77 4.11 -53.53
C GLU D 311 -27.78 5.26 -53.45
N GLY D 312 -27.23 5.50 -52.26
CA GLY D 312 -26.29 6.59 -52.09
C GLY D 312 -25.99 6.79 -50.62
N SER D 313 -24.83 7.41 -50.38
CA SER D 313 -24.41 7.69 -49.02
C SER D 313 -25.20 8.86 -48.45
N ILE D 314 -25.41 8.81 -47.13
CA ILE D 314 -26.14 9.88 -46.45
C ILE D 314 -25.45 11.22 -46.65
N LEU D 315 -24.13 11.23 -46.65
CA LEU D 315 -23.37 12.48 -46.66
C LEU D 315 -23.70 13.35 -47.87
N GLU D 316 -24.26 12.79 -48.93
CA GLU D 316 -24.66 13.57 -50.08
C GLU D 316 -26.15 13.88 -50.11
N VAL D 317 -26.91 13.36 -49.15
CA VAL D 317 -28.35 13.58 -49.17
C VAL D 317 -28.67 15.05 -48.93
N ASP D 318 -29.63 15.55 -49.72
CA ASP D 318 -30.13 16.90 -49.52
C ASP D 318 -30.86 16.99 -48.20
N CYS D 319 -30.45 17.94 -47.37
CA CYS D 319 -31.06 18.17 -46.06
C CYS D 319 -30.69 19.56 -45.61
N ASP D 320 -30.90 19.85 -44.34
CA ASP D 320 -30.48 21.12 -43.75
C ASP D 320 -29.39 20.96 -42.71
N ILE D 321 -29.38 19.87 -41.96
CA ILE D 321 -28.38 19.64 -40.92
C ILE D 321 -27.86 18.21 -41.02
N LEU D 322 -26.63 18.08 -41.49
CA LEU D 322 -25.98 16.78 -41.60
C LEU D 322 -25.34 16.44 -40.27
N ILE D 323 -25.57 15.22 -39.81
CA ILE D 323 -24.95 14.75 -38.58
C ILE D 323 -24.25 13.42 -38.85
N PRO D 324 -22.95 13.43 -39.14
CA PRO D 324 -22.18 12.19 -39.13
C PRO D 324 -21.96 11.74 -37.69
N ALA D 325 -22.42 10.54 -37.37
CA ALA D 325 -22.31 10.02 -36.01
C ALA D 325 -21.96 8.56 -36.03
N ALA D 326 -21.10 8.14 -36.97
CA ALA D 326 -20.81 6.72 -37.08
C ALA D 326 -19.33 6.35 -36.98
N SER D 327 -18.42 7.13 -37.54
CA SER D 327 -17.02 6.75 -37.58
C SER D 327 -16.20 7.97 -37.96
N GLU D 328 -14.91 7.74 -38.17
CA GLU D 328 -13.97 8.82 -38.43
C GLU D 328 -13.76 8.99 -39.93
N LYS D 329 -13.40 10.21 -40.31
CA LYS D 329 -12.93 10.52 -41.66
C LYS D 329 -13.98 10.28 -42.73
N GLN D 330 -15.26 10.30 -42.36
CA GLN D 330 -16.30 9.99 -43.32
C GLN D 330 -16.41 11.07 -44.39
N LEU D 331 -16.71 12.30 -43.99
CA LEU D 331 -16.51 13.39 -44.92
C LEU D 331 -15.03 13.49 -45.26
N THR D 332 -14.76 13.85 -46.51
CA THR D 332 -13.38 13.91 -46.99
C THR D 332 -13.37 14.76 -48.25
N LYS D 333 -12.19 14.83 -48.87
CA LYS D 333 -12.02 15.67 -50.05
C LYS D 333 -12.88 15.20 -51.22
N SER D 334 -13.23 13.92 -51.23
CA SER D 334 -14.07 13.38 -52.30
C SER D 334 -15.56 13.52 -52.01
N ASN D 335 -15.96 13.63 -50.74
CA ASN D 335 -17.35 13.83 -50.39
C ASN D 335 -17.72 15.29 -50.17
N ALA D 336 -16.74 16.13 -49.85
CA ALA D 336 -17.02 17.55 -49.64
C ALA D 336 -17.67 18.24 -50.83
N PRO D 337 -17.29 17.98 -52.09
CA PRO D 337 -17.94 18.69 -53.20
C PRO D 337 -19.42 18.39 -53.35
N ARG D 338 -19.93 17.34 -52.72
CA ARG D 338 -21.30 16.91 -52.94
C ARG D 338 -22.06 16.82 -51.63
N VAL D 339 -21.91 17.81 -50.76
CA VAL D 339 -22.62 17.75 -49.49
C VAL D 339 -24.08 18.16 -49.66
N LYS D 340 -24.33 19.31 -50.28
CA LYS D 340 -25.67 19.84 -50.47
C LYS D 340 -26.40 19.96 -49.14
N ALA D 341 -25.82 20.74 -48.23
CA ALA D 341 -26.41 20.99 -46.93
C ALA D 341 -26.00 22.38 -46.48
N LYS D 342 -26.42 22.72 -45.27
CA LYS D 342 -26.13 24.03 -44.69
C LYS D 342 -25.27 23.96 -43.44
N ILE D 343 -25.59 23.05 -42.52
CA ILE D 343 -24.82 22.88 -41.29
C ILE D 343 -24.42 21.43 -41.16
N ILE D 344 -23.17 21.20 -40.78
CA ILE D 344 -22.69 19.85 -40.50
C ILE D 344 -22.34 19.78 -39.03
N ALA D 345 -23.25 19.26 -38.23
CA ALA D 345 -23.00 18.94 -36.83
C ALA D 345 -22.08 17.73 -36.83
N GLU D 346 -21.55 17.37 -35.66
CA GLU D 346 -20.65 16.24 -35.55
C GLU D 346 -20.90 15.50 -34.25
N GLY D 347 -21.53 14.33 -34.35
CA GLY D 347 -21.58 13.44 -33.22
C GLY D 347 -20.34 12.56 -33.12
N ALA D 348 -19.88 12.06 -34.25
CA ALA D 348 -18.67 11.26 -34.27
C ALA D 348 -17.47 12.13 -33.92
N ASN D 349 -16.33 11.48 -33.70
CA ASN D 349 -15.11 12.15 -33.28
C ASN D 349 -14.23 12.38 -34.51
N GLY D 350 -14.06 13.65 -34.87
CA GLY D 350 -13.32 14.02 -36.04
C GLY D 350 -13.78 13.32 -37.30
N PRO D 351 -15.07 13.42 -37.64
CA PRO D 351 -15.54 12.77 -38.86
C PRO D 351 -15.20 13.54 -40.12
N THR D 352 -14.55 14.69 -40.00
CA THR D 352 -14.22 15.52 -41.14
C THR D 352 -12.71 15.66 -41.27
N THR D 353 -12.21 15.42 -42.45
CA THR D 353 -10.81 15.59 -42.76
C THR D 353 -10.47 17.07 -42.89
N PRO D 354 -9.24 17.48 -42.57
CA PRO D 354 -8.93 18.91 -42.59
C PRO D 354 -9.03 19.50 -43.98
N GLU D 355 -8.80 18.68 -45.01
CA GLU D 355 -8.94 19.17 -46.38
C GLU D 355 -10.37 19.58 -46.67
N ALA D 356 -11.35 18.82 -46.15
CA ALA D 356 -12.74 19.12 -46.41
C ALA D 356 -13.19 20.37 -45.67
N ASP D 357 -12.46 20.79 -44.64
CA ASP D 357 -12.84 21.98 -43.90
C ASP D 357 -12.79 23.22 -44.79
N LYS D 358 -11.67 23.42 -45.49
CA LYS D 358 -11.56 24.56 -46.40
C LYS D 358 -12.70 24.55 -47.40
N ILE D 359 -13.01 23.37 -47.95
CA ILE D 359 -14.10 23.28 -48.91
C ILE D 359 -15.41 23.68 -48.26
N PHE D 360 -15.57 23.35 -46.97
CA PHE D 360 -16.80 23.71 -46.26
C PHE D 360 -16.83 25.20 -45.95
N LEU D 361 -15.70 25.76 -45.52
CA LEU D 361 -15.61 27.21 -45.38
C LEU D 361 -15.79 27.90 -46.72
N GLU D 362 -15.25 27.28 -47.78
CA GLU D 362 -15.40 27.86 -49.11
C GLU D 362 -16.85 27.75 -49.58
N ARG D 363 -17.46 26.58 -49.47
CA ARG D 363 -18.87 26.43 -49.80
C ARG D 363 -19.78 27.22 -48.87
N ASN D 364 -19.21 27.92 -47.88
CA ASN D 364 -19.97 28.72 -46.93
C ASN D 364 -20.99 27.88 -46.19
N ILE D 365 -20.52 26.78 -45.59
CA ILE D 365 -21.35 25.94 -44.75
C ILE D 365 -20.64 25.77 -43.41
N MET D 366 -21.39 26.03 -42.35
CA MET D 366 -20.86 26.07 -41.00
C MET D 366 -20.67 24.66 -40.47
N VAL D 367 -19.47 24.38 -39.96
CA VAL D 367 -19.13 23.11 -39.36
C VAL D 367 -18.98 23.33 -37.87
N ILE D 368 -19.78 22.65 -37.08
CA ILE D 368 -19.74 22.73 -35.62
C ILE D 368 -18.76 21.69 -35.12
N PRO D 369 -17.75 22.06 -34.35
CA PRO D 369 -16.69 21.11 -34.02
C PRO D 369 -17.19 20.01 -33.10
N ASP D 370 -16.65 18.81 -33.32
CA ASP D 370 -16.99 17.69 -32.45
C ASP D 370 -16.51 17.94 -31.03
N LEU D 371 -15.47 18.77 -30.87
CA LEU D 371 -15.03 19.17 -29.54
C LEU D 371 -16.20 19.73 -28.74
N TYR D 372 -17.13 20.40 -29.41
CA TYR D 372 -18.21 21.02 -28.68
C TYR D 372 -19.45 20.15 -28.61
N LEU D 373 -19.76 19.37 -29.65
CA LEU D 373 -21.05 18.70 -29.66
C LEU D 373 -21.08 17.45 -28.79
N ASN D 374 -20.27 16.45 -29.10
CA ASN D 374 -20.33 15.21 -28.33
C ASN D 374 -19.69 15.37 -26.96
N ALA D 375 -19.34 16.60 -26.58
CA ALA D 375 -18.84 16.84 -25.24
C ALA D 375 -19.93 16.73 -24.18
N GLY D 376 -21.19 16.66 -24.59
CA GLY D 376 -22.24 16.44 -23.61
C GLY D 376 -22.08 15.14 -22.88
N GLY D 377 -21.75 14.08 -23.61
CA GLY D 377 -21.54 12.78 -22.97
C GLY D 377 -20.54 12.82 -21.84
N VAL D 378 -19.45 13.56 -22.02
CA VAL D 378 -18.44 13.68 -20.96
C VAL D 378 -19.04 14.37 -19.75
N THR D 379 -19.65 15.54 -19.97
CA THR D 379 -20.18 16.36 -18.90
C THR D 379 -21.25 15.66 -18.09
N VAL D 380 -21.78 14.54 -18.59
CA VAL D 380 -22.69 13.75 -17.78
C VAL D 380 -21.94 12.62 -17.10
N SER D 381 -21.00 12.00 -17.80
CA SER D 381 -20.14 11.01 -17.16
C SER D 381 -19.29 11.64 -16.07
N TYR D 382 -19.11 12.96 -16.11
CA TYR D 382 -18.48 13.65 -14.98
C TYR D 382 -19.41 13.68 -13.79
N PHE D 383 -20.69 13.97 -14.02
CA PHE D 383 -21.65 13.96 -12.92
C PHE D 383 -21.75 12.57 -12.31
N GLU D 384 -21.62 11.53 -13.12
CA GLU D 384 -21.62 10.17 -12.59
C GLU D 384 -20.40 9.95 -11.72
N TRP D 385 -19.21 10.12 -12.29
CA TRP D 385 -17.98 10.01 -11.51
C TRP D 385 -18.01 10.87 -10.26
N LEU D 386 -18.78 11.95 -10.28
CA LEU D 386 -18.92 12.82 -9.13
C LEU D 386 -20.08 12.40 -8.24
N ASN D 387 -21.12 11.80 -8.81
CA ASN D 387 -22.17 11.20 -8.00
C ASN D 387 -21.59 10.16 -7.06
N ASN D 388 -21.04 9.10 -7.63
CA ASN D 388 -20.60 7.98 -6.83
C ASN D 388 -19.25 8.19 -6.19
N LEU D 389 -18.79 9.44 -6.16
CA LEU D 389 -17.67 9.82 -5.33
C LEU D 389 -18.11 10.49 -4.04
N ASN D 390 -19.39 10.85 -3.95
CA ASN D 390 -19.97 11.44 -2.76
C ASN D 390 -20.87 10.48 -1.99
N HIS D 391 -21.22 9.35 -2.58
CA HIS D 391 -21.88 8.26 -1.87
C HIS D 391 -23.28 8.64 -1.42
N VAL D 392 -23.88 9.63 -2.05
CA VAL D 392 -25.21 10.07 -1.66
C VAL D 392 -26.02 10.37 -2.91
N SER D 393 -27.28 9.93 -2.89
CA SER D 393 -28.22 10.33 -3.92
C SER D 393 -28.37 11.84 -3.87
N TYR D 394 -27.90 12.52 -4.91
CA TYR D 394 -27.82 13.97 -4.86
C TYR D 394 -29.17 14.58 -4.54
N GLY D 395 -29.18 15.46 -3.54
CA GLY D 395 -30.40 16.12 -3.13
C GLY D 395 -31.22 15.37 -2.11
N ARG D 396 -30.84 14.14 -1.77
CA ARG D 396 -31.64 13.38 -0.81
C ARG D 396 -31.62 14.02 0.57
N LEU D 397 -30.48 14.60 0.95
CA LEU D 397 -30.37 15.17 2.29
C LEU D 397 -31.41 16.25 2.52
N THR D 398 -31.76 17.01 1.49
CA THR D 398 -32.60 18.19 1.65
C THR D 398 -33.79 18.15 0.71
N PHE D 399 -34.51 17.03 0.70
CA PHE D 399 -35.84 17.03 0.09
C PHE D 399 -36.90 17.57 1.01
N LYS D 400 -37.11 16.96 2.17
CA LYS D 400 -38.13 17.43 3.09
C LYS D 400 -37.81 18.80 3.66
N TYR D 401 -36.55 19.23 3.59
CA TYR D 401 -36.21 20.52 4.18
C TYR D 401 -36.51 21.66 3.23
N GLU D 402 -36.04 21.56 1.99
CA GLU D 402 -36.35 22.59 1.00
C GLU D 402 -37.85 22.73 0.80
N ARG D 403 -38.55 21.59 0.74
CA ARG D 403 -40.00 21.63 0.62
C ARG D 403 -40.63 22.44 1.74
N ASP D 404 -40.10 22.31 2.95
CA ASP D 404 -40.61 23.11 4.04
C ASP D 404 -40.20 24.56 3.90
N SER D 405 -38.92 24.82 3.67
CA SER D 405 -38.43 26.19 3.64
C SER D 405 -39.14 27.00 2.56
N ASN D 406 -39.39 26.40 1.40
CA ASN D 406 -40.14 27.12 0.38
C ASN D 406 -41.56 27.39 0.83
N TYR D 407 -42.18 26.46 1.54
CA TYR D 407 -43.51 26.71 2.07
C TYR D 407 -43.50 27.77 3.16
N HIS D 408 -42.33 28.27 3.52
CA HIS D 408 -42.30 29.37 4.48
C HIS D 408 -41.91 30.68 3.84
N LEU D 409 -41.23 30.66 2.70
CA LEU D 409 -41.14 31.87 1.89
C LEU D 409 -42.52 32.32 1.45
N LEU D 410 -43.23 31.44 0.76
CA LEU D 410 -44.55 31.79 0.24
C LEU D 410 -45.51 32.14 1.36
N MET D 411 -45.38 31.46 2.50
CA MET D 411 -46.24 31.80 3.63
C MET D 411 -45.90 33.17 4.18
N SER D 412 -44.63 33.43 4.42
CA SER D 412 -44.22 34.73 4.95
C SER D 412 -44.69 35.86 4.06
N VAL D 413 -44.57 35.69 2.75
CA VAL D 413 -45.09 36.69 1.82
C VAL D 413 -46.59 36.86 2.03
N GLN D 414 -47.31 35.75 2.18
CA GLN D 414 -48.73 35.83 2.44
C GLN D 414 -49.00 36.53 3.77
N GLU D 415 -48.39 36.04 4.85
CA GLU D 415 -48.61 36.64 6.16
C GLU D 415 -48.21 38.11 6.18
N SER D 416 -47.20 38.48 5.39
CA SER D 416 -46.80 39.88 5.34
C SER D 416 -47.87 40.73 4.67
N LEU D 417 -48.44 40.23 3.58
CA LEU D 417 -49.45 41.00 2.87
C LEU D 417 -50.76 41.09 3.66
N GLU D 418 -51.12 40.02 4.38
CA GLU D 418 -52.35 40.05 5.14
C GLU D 418 -52.29 40.99 6.32
N ARG D 419 -51.19 41.73 6.47
CA ARG D 419 -51.16 42.83 7.44
C ARG D 419 -51.27 44.18 6.75
N LYS D 420 -50.83 44.28 5.50
CA LYS D 420 -50.95 45.54 4.79
C LYS D 420 -52.30 45.65 4.09
N PHE D 421 -52.63 44.69 3.25
CA PHE D 421 -53.94 44.65 2.63
C PHE D 421 -54.93 43.77 3.38
N GLY D 422 -54.51 43.18 4.49
CA GLY D 422 -55.37 42.32 5.27
C GLY D 422 -56.35 43.03 6.16
N LYS D 423 -56.55 44.34 5.99
CA LYS D 423 -57.56 45.04 6.77
C LYS D 423 -58.93 44.41 6.57
N HIS D 424 -59.20 43.91 5.37
CA HIS D 424 -60.44 43.21 5.06
C HIS D 424 -60.43 41.77 5.55
N GLY D 425 -59.31 41.29 6.06
CA GLY D 425 -59.18 39.91 6.44
C GLY D 425 -59.03 38.94 5.29
N GLY D 426 -59.06 39.42 4.05
CA GLY D 426 -59.01 38.57 2.88
C GLY D 426 -57.79 37.68 2.80
N THR D 427 -58.02 36.37 2.77
CA THR D 427 -56.93 35.40 2.71
C THR D 427 -56.18 35.38 1.39
N ILE D 428 -55.02 36.04 1.35
CA ILE D 428 -54.20 36.05 0.16
C ILE D 428 -53.63 34.65 0.00
N PRO D 429 -53.96 33.99 -1.17
CA PRO D 429 -53.43 32.62 -1.26
C PRO D 429 -52.15 32.47 -2.10
N ILE D 430 -51.00 32.75 -1.50
CA ILE D 430 -49.73 32.58 -2.20
C ILE D 430 -49.45 31.10 -2.33
N VAL D 431 -49.60 30.56 -3.54
CA VAL D 431 -49.41 29.13 -3.76
C VAL D 431 -48.52 28.94 -4.98
N PRO D 432 -47.73 27.87 -5.02
CA PRO D 432 -46.83 27.65 -6.16
C PRO D 432 -47.59 27.52 -7.47
N THR D 433 -46.86 27.67 -8.57
CA THR D 433 -47.41 27.48 -9.90
C THR D 433 -47.44 25.99 -10.21
N ALA D 434 -47.67 25.64 -11.47
CA ALA D 434 -47.49 24.27 -11.89
C ALA D 434 -46.01 23.92 -12.00
N GLU D 435 -45.22 24.82 -12.60
CA GLU D 435 -43.80 24.56 -12.81
C GLU D 435 -43.04 24.48 -11.50
N PHE D 436 -43.17 25.51 -10.68
CA PHE D 436 -42.45 25.53 -9.41
C PHE D 436 -42.83 24.35 -8.54
N GLN D 437 -44.10 23.93 -8.62
CA GLN D 437 -44.57 22.80 -7.81
C GLN D 437 -43.68 21.58 -8.00
N ASP D 438 -43.05 21.44 -9.17
CA ASP D 438 -42.12 20.35 -9.39
C ASP D 438 -40.79 20.60 -8.69
N ARG D 439 -40.31 21.83 -8.67
CA ARG D 439 -39.01 22.17 -8.12
C ARG D 439 -39.07 22.54 -6.65
N ILE D 440 -40.12 22.14 -5.93
CA ILE D 440 -40.21 22.51 -4.53
C ILE D 440 -39.16 21.77 -3.71
N SER D 441 -39.20 20.44 -3.75
CA SER D 441 -38.31 19.66 -2.92
C SER D 441 -36.84 19.82 -3.28
N GLY D 442 -36.52 20.62 -4.28
CA GLY D 442 -35.13 20.92 -4.62
C GLY D 442 -34.71 20.30 -5.92
N ALA D 443 -33.40 20.04 -6.01
CA ALA D 443 -32.80 19.49 -7.21
C ALA D 443 -32.67 17.98 -7.04
N SER D 444 -33.47 17.23 -7.78
CA SER D 444 -33.32 15.79 -7.80
C SER D 444 -32.14 15.39 -8.69
N GLU D 445 -31.91 14.09 -8.80
CA GLU D 445 -30.76 13.62 -9.56
C GLU D 445 -30.91 13.95 -11.04
N LYS D 446 -32.12 13.80 -11.58
CA LYS D 446 -32.29 14.04 -13.00
C LYS D 446 -32.32 15.53 -13.32
N ASP D 447 -32.71 16.37 -12.37
CA ASP D 447 -32.81 17.78 -12.66
C ASP D 447 -31.44 18.41 -12.89
N ILE D 448 -30.45 18.06 -12.07
CA ILE D 448 -29.13 18.65 -12.25
C ILE D 448 -28.51 18.17 -13.56
N VAL D 449 -28.85 16.96 -13.98
CA VAL D 449 -28.33 16.46 -15.25
C VAL D 449 -28.91 17.26 -16.41
N HIS D 450 -30.23 17.36 -16.47
CA HIS D 450 -30.85 18.11 -17.56
C HIS D 450 -30.46 19.58 -17.53
N SER D 451 -29.97 20.08 -16.40
CA SER D 451 -29.51 21.45 -16.29
C SER D 451 -28.00 21.55 -16.44
N GLY D 452 -27.25 20.82 -15.60
CA GLY D 452 -25.80 20.86 -15.70
C GLY D 452 -25.29 20.56 -17.09
N LEU D 453 -26.03 19.78 -17.87
CA LEU D 453 -25.67 19.57 -19.26
C LEU D 453 -26.06 20.75 -20.11
N ALA D 454 -27.29 21.24 -19.94
CA ALA D 454 -27.73 22.39 -20.72
C ALA D 454 -26.96 23.64 -20.35
N TYR D 455 -26.41 23.69 -19.13
CA TYR D 455 -25.65 24.85 -18.72
C TYR D 455 -24.21 24.76 -19.20
N THR D 456 -23.58 23.61 -19.00
CA THR D 456 -22.20 23.43 -19.46
C THR D 456 -22.07 23.73 -20.94
N MET D 457 -23.06 23.33 -21.72
CA MET D 457 -23.00 23.61 -23.15
C MET D 457 -23.63 24.95 -23.47
N GLU D 458 -23.88 25.78 -22.46
CA GLU D 458 -24.20 27.18 -22.71
C GLU D 458 -22.95 28.02 -22.61
N ARG D 459 -22.21 27.88 -21.51
CA ARG D 459 -20.97 28.63 -21.34
C ARG D 459 -20.00 28.32 -22.47
N SER D 460 -19.96 27.05 -22.88
CA SER D 460 -19.00 26.65 -23.90
C SER D 460 -19.33 27.31 -25.23
N ALA D 461 -20.62 27.33 -25.60
CA ALA D 461 -21.01 27.93 -26.87
C ALA D 461 -20.69 29.41 -26.92
N ARG D 462 -20.74 30.08 -25.77
CA ARG D 462 -20.38 31.48 -25.72
C ARG D 462 -18.88 31.66 -25.90
N GLN D 463 -18.09 30.95 -25.08
CA GLN D 463 -16.64 31.08 -25.18
C GLN D 463 -16.14 30.78 -26.57
N ILE D 464 -16.88 29.97 -27.33
CA ILE D 464 -16.49 29.73 -28.72
C ILE D 464 -16.90 30.90 -29.59
N MET D 465 -18.13 31.37 -29.43
CA MET D 465 -18.54 32.58 -30.13
C MET D 465 -17.65 33.74 -29.74
N ARG D 466 -17.41 33.90 -28.44
CA ARG D 466 -16.61 35.02 -27.95
C ARG D 466 -15.21 35.01 -28.52
N THR D 467 -14.70 33.84 -28.90
CA THR D 467 -13.37 33.77 -29.49
C THR D 467 -13.42 33.99 -30.99
N ALA D 468 -14.35 33.35 -31.69
CA ALA D 468 -14.39 33.45 -33.14
C ALA D 468 -14.63 34.87 -33.60
N MET D 469 -15.09 35.75 -32.71
CA MET D 469 -15.21 37.15 -33.06
C MET D 469 -13.95 37.91 -32.70
N LYS D 470 -13.30 37.51 -31.60
CA LYS D 470 -12.09 38.20 -31.17
C LYS D 470 -10.98 38.03 -32.19
N TYR D 471 -10.97 36.92 -32.90
CA TYR D 471 -9.91 36.61 -33.86
C TYR D 471 -10.41 36.57 -35.29
N ASN D 472 -11.72 36.77 -35.50
CA ASN D 472 -12.31 36.82 -36.83
C ASN D 472 -12.05 35.53 -37.60
N LEU D 473 -12.59 34.44 -37.05
CA LEU D 473 -12.52 33.14 -37.69
C LEU D 473 -13.80 32.79 -38.44
N GLY D 474 -14.75 33.70 -38.50
CA GLY D 474 -15.94 33.49 -39.31
C GLY D 474 -16.72 32.27 -38.88
N LEU D 475 -16.78 31.28 -39.75
CA LEU D 475 -17.54 30.07 -39.47
C LEU D 475 -16.65 28.90 -39.05
N ASP D 476 -15.33 29.08 -39.04
CA ASP D 476 -14.41 28.05 -38.56
C ASP D 476 -14.44 28.02 -37.03
N LEU D 477 -15.60 27.64 -36.50
CA LEU D 477 -15.75 27.51 -35.06
C LEU D 477 -14.77 26.47 -34.52
N ARG D 478 -14.44 25.46 -35.32
CA ARG D 478 -13.47 24.44 -34.93
C ARG D 478 -12.18 25.08 -34.46
N THR D 479 -11.57 25.90 -35.31
CA THR D 479 -10.35 26.59 -34.92
C THR D 479 -10.58 27.47 -33.70
N ALA D 480 -11.76 28.10 -33.63
CA ALA D 480 -12.09 28.89 -32.44
C ALA D 480 -12.18 28.00 -31.21
N ALA D 481 -12.59 26.75 -31.37
CA ALA D 481 -12.70 25.86 -30.23
C ALA D 481 -11.32 25.50 -29.69
N TYR D 482 -10.42 25.08 -30.56
CA TYR D 482 -9.06 24.74 -30.15
C TYR D 482 -8.36 25.91 -29.48
N VAL D 483 -8.63 27.13 -29.94
CA VAL D 483 -8.05 28.31 -29.29
C VAL D 483 -8.44 28.35 -27.83
N ASN D 484 -9.74 28.20 -27.55
CA ASN D 484 -10.16 28.17 -26.15
C ASN D 484 -9.60 26.96 -25.44
N ALA D 485 -9.44 25.85 -26.14
CA ALA D 485 -8.87 24.65 -25.53
C ALA D 485 -7.40 24.89 -25.17
N ILE D 486 -6.62 25.34 -26.15
CA ILE D 486 -5.18 25.51 -25.93
C ILE D 486 -4.91 26.56 -24.86
N GLU D 487 -5.66 27.67 -24.90
CA GLU D 487 -5.42 28.70 -23.90
C GLU D 487 -5.63 28.19 -22.49
N LYS D 488 -6.52 27.21 -22.30
CA LYS D 488 -6.78 26.70 -20.96
C LYS D 488 -5.70 25.74 -20.51
N VAL D 489 -5.37 24.74 -21.33
CA VAL D 489 -4.34 23.78 -20.95
C VAL D 489 -3.00 24.47 -20.81
N PHE D 490 -2.81 25.59 -21.50
CA PHE D 490 -1.54 26.28 -21.41
C PHE D 490 -1.33 26.86 -20.02
N ARG D 491 -2.33 27.57 -19.50
CA ARG D 491 -2.20 28.16 -18.17
C ARG D 491 -1.96 27.14 -17.10
N VAL D 492 -2.19 25.86 -17.37
CA VAL D 492 -1.96 24.82 -16.38
C VAL D 492 -0.49 24.48 -16.39
N TYR D 493 0.06 24.21 -17.58
CA TYR D 493 1.50 23.94 -17.69
C TYR D 493 2.31 25.15 -17.29
N ASN D 494 1.95 26.34 -17.79
CA ASN D 494 2.69 27.55 -17.51
C ASN D 494 2.92 27.74 -16.02
N GLU D 495 1.85 27.72 -15.24
CA GLU D 495 1.96 28.05 -13.83
C GLU D 495 2.46 26.88 -13.00
N ALA D 496 2.36 25.66 -13.50
CA ALA D 496 2.70 24.50 -12.70
C ALA D 496 4.20 24.33 -12.45
N GLY D 497 5.04 25.17 -13.04
CA GLY D 497 6.46 24.90 -12.98
C GLY D 497 6.69 23.56 -13.63
N VAL D 498 6.49 23.52 -14.95
CA VAL D 498 5.96 22.35 -15.67
C VAL D 498 6.49 21.04 -15.12
N THR D 499 7.78 20.98 -14.84
CA THR D 499 8.41 19.76 -14.38
C THR D 499 9.39 20.08 -13.26
N PHE D 500 9.86 19.02 -12.61
CA PHE D 500 11.00 19.09 -11.70
C PHE D 500 12.31 19.05 -12.47
N THR D 501 12.27 19.27 -13.77
CA THR D 501 13.42 19.17 -14.64
C THR D 501 13.92 20.57 -15.01
N ASP E 5 13.71 41.30 27.60
CA ASP E 5 12.43 40.73 27.17
C ASP E 5 12.56 40.09 25.80
N ASP E 6 13.09 38.88 25.77
CA ASP E 6 13.19 38.09 24.55
C ASP E 6 13.08 36.61 24.91
N PRO E 7 11.90 36.16 25.31
CA PRO E 7 11.75 34.78 25.75
C PRO E 7 11.89 33.82 24.59
N ASN E 8 12.26 32.58 24.90
CA ASN E 8 12.16 31.52 23.92
C ASN E 8 10.75 31.48 23.38
N PHE E 9 10.62 31.64 22.06
CA PHE E 9 9.31 31.85 21.47
C PHE E 9 8.34 30.72 21.82
N PHE E 10 8.87 29.54 22.14
CA PHE E 10 8.00 28.44 22.59
C PHE E 10 7.69 28.56 24.07
N LYS E 11 8.60 29.11 24.85
CA LYS E 11 8.30 29.37 26.25
C LYS E 11 7.31 30.51 26.39
N MET E 12 7.18 31.34 25.36
CA MET E 12 6.23 32.44 25.42
C MET E 12 4.80 31.96 25.18
N VAL E 13 4.59 31.28 24.05
CA VAL E 13 3.25 30.78 23.72
C VAL E 13 2.78 29.83 24.80
N GLU E 14 3.69 29.03 25.33
CA GLU E 14 3.37 28.24 26.53
C GLU E 14 2.89 29.15 27.65
N GLY E 15 3.53 30.32 27.79
CA GLY E 15 3.13 31.24 28.85
C GLY E 15 1.70 31.71 28.71
N PHE E 16 1.25 31.93 27.47
CA PHE E 16 -0.13 32.32 27.27
C PHE E 16 -1.06 31.16 27.58
N PHE E 17 -0.72 29.98 27.10
CA PHE E 17 -1.46 28.76 27.38
C PHE E 17 -1.60 28.58 28.87
N ASP E 18 -0.57 28.96 29.62
CA ASP E 18 -0.59 28.81 31.06
C ASP E 18 -1.72 29.65 31.68
N ARG E 19 -1.70 30.96 31.43
CA ARG E 19 -2.75 31.82 31.97
C ARG E 19 -4.12 31.37 31.50
N GLY E 20 -4.18 30.72 30.34
CA GLY E 20 -5.43 30.15 29.89
C GLY E 20 -5.88 29.01 30.77
N ALA E 21 -4.98 28.06 31.04
CA ALA E 21 -5.32 26.94 31.89
C ALA E 21 -5.64 27.40 33.31
N SER E 22 -5.01 28.49 33.76
CA SER E 22 -5.21 28.94 35.13
C SER E 22 -6.64 29.41 35.38
N ILE E 23 -7.37 29.76 34.34
CA ILE E 23 -8.74 30.22 34.48
C ILE E 23 -9.76 29.15 34.08
N VAL E 24 -9.45 28.34 33.07
CA VAL E 24 -10.39 27.31 32.64
C VAL E 24 -10.45 26.18 33.65
N GLU E 25 -9.36 25.92 34.37
CA GLU E 25 -9.24 24.71 35.18
C GLU E 25 -10.43 24.52 36.10
N ASP E 26 -11.05 25.61 36.53
CA ASP E 26 -12.18 25.51 37.45
C ASP E 26 -13.47 25.22 36.70
N LYS E 27 -13.80 26.06 35.71
CA LYS E 27 -15.01 25.85 34.92
C LYS E 27 -14.92 24.63 34.03
N LEU E 28 -13.84 23.87 34.13
CA LEU E 28 -13.70 22.69 33.29
C LEU E 28 -13.89 21.41 34.09
N VAL E 29 -13.63 21.45 35.38
CA VAL E 29 -13.91 20.31 36.24
C VAL E 29 -15.41 20.07 36.33
N GLU E 30 -16.18 21.14 36.45
CA GLU E 30 -17.62 21.02 36.62
C GLU E 30 -18.29 20.50 35.36
N ASP E 31 -17.66 20.65 34.21
CA ASP E 31 -18.17 20.12 32.96
C ASP E 31 -17.67 18.72 32.66
N LEU E 32 -16.69 18.23 33.42
CA LEU E 32 -16.26 16.85 33.37
C LEU E 32 -17.32 16.00 34.08
N LYS E 33 -17.94 15.08 33.34
CA LYS E 33 -19.06 14.32 33.85
C LYS E 33 -18.67 12.95 34.41
N THR E 34 -17.39 12.60 34.44
CA THR E 34 -16.99 11.32 35.01
C THR E 34 -17.29 11.31 36.51
N ARG E 35 -17.25 10.12 37.08
CA ARG E 35 -17.59 9.94 38.49
C ARG E 35 -16.31 9.67 39.28
N GLU E 36 -15.73 10.74 39.81
CA GLU E 36 -14.52 10.65 40.62
C GLU E 36 -14.63 11.67 41.76
N THR E 37 -13.52 11.87 42.45
CA THR E 37 -13.46 12.86 43.51
C THR E 37 -13.08 14.20 42.91
N GLU E 38 -13.43 15.28 43.63
CA GLU E 38 -13.11 16.63 43.16
C GLU E 38 -11.62 16.75 42.83
N GLU E 39 -10.76 16.48 43.82
CA GLU E 39 -9.32 16.61 43.60
C GLU E 39 -8.86 15.69 42.48
N GLN E 40 -9.42 14.48 42.44
CA GLN E 40 -9.13 13.55 41.35
C GLN E 40 -9.43 14.17 39.99
N LYS E 41 -10.61 14.74 39.83
CA LYS E 41 -10.97 15.36 38.57
C LYS E 41 -9.95 16.44 38.20
N ARG E 42 -9.46 17.18 39.19
CA ARG E 42 -8.43 18.16 38.90
C ARG E 42 -7.11 17.49 38.55
N ASN E 43 -6.84 16.34 39.15
CA ASN E 43 -5.67 15.56 38.73
C ASN E 43 -5.90 14.96 37.36
N ARG E 44 -7.12 15.02 36.86
CA ARG E 44 -7.38 14.59 35.49
C ARG E 44 -7.25 15.76 34.52
N VAL E 45 -7.71 16.94 34.92
CA VAL E 45 -7.64 18.10 34.04
C VAL E 45 -6.19 18.50 33.80
N ARG E 46 -5.47 18.83 34.87
CA ARG E 46 -4.08 19.25 34.73
C ARG E 46 -3.27 18.28 33.90
N SER E 47 -3.58 16.98 34.00
CA SER E 47 -2.88 15.99 33.20
C SER E 47 -3.14 16.19 31.71
N ILE E 48 -4.40 16.28 31.31
CA ILE E 48 -4.71 16.50 29.90
C ILE E 48 -4.10 17.79 29.41
N LEU E 49 -4.05 18.81 30.26
CA LEU E 49 -3.42 20.06 29.84
C LEU E 49 -1.93 19.86 29.56
N ARG E 50 -1.26 18.98 30.31
CA ARG E 50 0.13 18.70 30.02
C ARG E 50 0.31 17.90 28.75
N ILE E 51 -0.75 17.30 28.23
CA ILE E 51 -0.67 16.58 26.97
C ILE E 51 -0.87 17.52 25.79
N ILE E 52 -1.75 18.51 25.95
CA ILE E 52 -2.00 19.46 24.86
C ILE E 52 -0.74 20.26 24.58
N LYS E 53 -0.17 20.85 25.62
CA LYS E 53 0.92 21.83 25.50
C LYS E 53 2.06 21.43 24.57
N PRO E 54 2.70 20.28 24.70
CA PRO E 54 3.89 20.00 23.89
C PRO E 54 3.52 19.53 22.49
N CYS E 55 4.52 19.56 21.61
CA CYS E 55 4.36 19.13 20.23
C CYS E 55 4.49 17.61 20.15
N ASN E 56 3.67 16.99 19.32
CA ASN E 56 3.68 15.54 19.25
C ASN E 56 4.72 15.01 18.28
N HIS E 57 5.20 15.83 17.36
CA HIS E 57 6.20 15.41 16.40
C HIS E 57 6.98 16.63 15.94
N VAL E 58 8.30 16.54 16.01
CA VAL E 58 9.14 17.62 15.47
C VAL E 58 10.24 16.98 14.65
N LEU E 59 10.01 16.85 13.36
CA LEU E 59 10.99 16.30 12.44
C LEU E 59 12.10 17.33 12.28
N SER E 60 13.23 16.90 11.73
CA SER E 60 14.36 17.77 11.50
C SER E 60 15.23 17.14 10.43
N LEU E 61 15.62 17.94 9.44
CA LEU E 61 16.14 17.39 8.20
C LEU E 61 17.54 17.92 7.92
N SER E 62 18.04 17.55 6.74
CA SER E 62 19.30 18.07 6.21
C SER E 62 19.34 17.72 4.74
N PHE E 63 19.60 18.70 3.88
CA PHE E 63 19.44 18.52 2.46
C PHE E 63 20.78 18.69 1.76
N PRO E 64 21.30 17.68 1.10
CA PRO E 64 22.32 17.94 0.11
C PRO E 64 21.70 18.54 -1.14
N ILE E 65 22.17 19.72 -1.52
CA ILE E 65 21.73 20.37 -2.74
C ILE E 65 22.94 20.71 -3.60
N ARG E 66 22.70 20.92 -4.88
CA ARG E 66 23.73 21.31 -5.83
C ARG E 66 23.38 22.69 -6.35
N ARG E 67 24.04 23.71 -5.82
CA ARG E 67 23.87 25.04 -6.34
C ARG E 67 24.32 25.09 -7.79
N ASP E 68 23.89 26.13 -8.50
CA ASP E 68 24.19 26.23 -9.92
C ASP E 68 25.68 26.32 -10.21
N ASP E 69 26.48 26.75 -9.25
CA ASP E 69 27.94 26.73 -9.42
C ASP E 69 28.54 25.39 -9.06
N GLY E 70 27.71 24.35 -8.92
CA GLY E 70 28.19 23.00 -8.69
C GLY E 70 28.52 22.66 -7.26
N SER E 71 28.70 23.65 -6.40
CA SER E 71 29.03 23.38 -5.00
C SER E 71 27.83 22.80 -4.27
N TRP E 72 28.11 22.02 -3.23
CA TRP E 72 27.09 21.41 -2.40
C TRP E 72 26.81 22.28 -1.18
N GLU E 73 25.62 22.11 -0.62
CA GLU E 73 25.28 22.70 0.67
C GLU E 73 24.34 21.77 1.42
N VAL E 74 24.27 21.97 2.72
CA VAL E 74 23.26 21.34 3.55
C VAL E 74 22.21 22.38 3.88
N ILE E 75 20.98 21.93 4.06
CA ILE E 75 19.87 22.83 4.36
C ILE E 75 19.04 22.22 5.46
N GLU E 76 19.20 22.72 6.68
CA GLU E 76 18.38 22.26 7.79
C GLU E 76 16.93 22.65 7.53
N GLY E 77 16.03 21.70 7.70
CA GLY E 77 14.62 21.97 7.55
C GLY E 77 13.86 21.30 8.67
N TYR E 78 12.76 21.90 9.10
CA TYR E 78 12.04 21.50 10.29
C TYR E 78 10.57 21.31 9.92
N ARG E 79 9.88 20.49 10.70
CA ARG E 79 8.44 20.49 10.65
C ARG E 79 7.89 19.91 11.93
N ALA E 80 6.97 20.64 12.54
CA ALA E 80 6.33 20.20 13.76
C ALA E 80 4.87 19.91 13.47
N GLN E 81 4.33 18.90 14.13
CA GLN E 81 2.89 18.65 14.16
C GLN E 81 2.51 18.78 15.61
N HIS E 82 1.92 19.93 15.99
CA HIS E 82 1.62 20.13 17.39
C HIS E 82 0.69 19.07 17.93
N SER E 83 -0.52 18.98 17.42
CA SER E 83 -1.46 18.04 18.00
C SER E 83 -2.08 17.17 16.92
N GLN E 84 -2.64 16.02 17.32
CA GLN E 84 -3.24 15.08 16.40
C GLN E 84 -4.71 14.86 16.67
N HIS E 85 -5.33 15.72 17.47
CA HIS E 85 -6.73 15.52 17.84
C HIS E 85 -7.63 15.77 16.65
N ARG E 86 -7.05 16.17 15.53
CA ARG E 86 -7.83 16.61 14.39
C ARG E 86 -7.03 16.48 13.11
N THR E 87 -7.36 15.57 12.30
CA THR E 87 -6.50 15.47 11.12
C THR E 87 -7.22 16.03 9.89
N PRO E 88 -6.49 16.57 8.91
CA PRO E 88 -5.03 16.70 8.86
C PRO E 88 -4.53 17.86 9.69
N CYS E 89 -3.26 18.16 9.57
CA CYS E 89 -2.67 19.30 10.27
C CYS E 89 -2.13 20.28 9.24
N LYS E 90 -2.67 21.48 9.23
CA LYS E 90 -2.16 22.51 8.36
C LYS E 90 -1.06 23.32 9.02
N GLY E 91 -0.32 24.04 8.19
CA GLY E 91 0.75 24.88 8.66
C GLY E 91 1.63 25.36 7.52
N GLY E 92 2.00 26.63 7.57
CA GLY E 92 2.78 27.22 6.50
C GLY E 92 4.17 26.65 6.42
N ILE E 93 4.87 27.03 5.38
CA ILE E 93 6.28 26.74 5.22
C ILE E 93 7.02 28.07 5.12
N ARG E 94 7.83 28.36 6.12
CA ARG E 94 8.54 29.62 6.21
C ARG E 94 9.96 29.45 5.72
N TYR E 95 10.44 30.39 4.92
CA TYR E 95 11.84 30.45 4.53
C TYR E 95 12.48 31.66 5.19
N SER E 96 13.38 31.41 6.13
CA SER E 96 14.09 32.50 6.79
C SER E 96 15.31 31.91 7.48
N THR E 97 16.39 32.67 7.51
CA THR E 97 17.60 32.27 8.20
C THR E 97 17.45 32.40 9.72
N ASP E 98 16.28 32.77 10.21
CA ASP E 98 16.03 32.89 11.62
C ASP E 98 15.07 31.83 12.15
N VAL E 99 14.82 30.78 11.38
CA VAL E 99 13.92 29.73 11.82
C VAL E 99 14.70 28.70 12.61
N SER E 100 14.04 28.06 13.57
CA SER E 100 14.65 27.01 14.36
C SER E 100 13.53 26.15 14.95
N VAL E 101 13.92 25.01 15.52
CA VAL E 101 12.91 24.14 16.11
C VAL E 101 12.21 24.85 17.26
N ASP E 102 12.93 25.72 17.97
CA ASP E 102 12.31 26.42 19.08
C ASP E 102 11.26 27.41 18.59
N GLU E 103 11.42 27.89 17.36
CA GLU E 103 10.39 28.75 16.78
C GLU E 103 9.26 27.92 16.19
N VAL E 104 9.60 26.93 15.37
CA VAL E 104 8.59 26.13 14.68
C VAL E 104 7.65 25.48 15.67
N LYS E 105 8.20 24.92 16.75
CA LYS E 105 7.37 24.29 17.77
C LYS E 105 6.25 25.21 18.25
N ALA E 106 6.53 26.51 18.38
CA ALA E 106 5.52 27.41 18.90
C ALA E 106 4.54 27.82 17.82
N LEU E 107 5.05 28.23 16.65
CA LEU E 107 4.16 28.54 15.54
C LEU E 107 3.28 27.34 15.22
N ALA E 108 3.80 26.14 15.40
CA ALA E 108 2.98 24.95 15.23
C ALA E 108 1.87 24.93 16.26
N SER E 109 2.17 25.36 17.48
CA SER E 109 1.17 25.35 18.54
C SER E 109 0.06 26.33 18.23
N LEU E 110 0.42 27.56 17.85
CA LEU E 110 -0.57 28.58 17.57
C LEU E 110 -1.64 28.07 16.60
N MET E 111 -1.22 27.43 15.52
CA MET E 111 -2.22 27.01 14.55
C MET E 111 -3.10 25.88 15.07
N THR E 112 -2.66 25.18 16.12
CA THR E 112 -3.62 24.30 16.79
C THR E 112 -4.70 25.10 17.47
N TYR E 113 -4.40 26.34 17.87
CA TYR E 113 -5.40 27.13 18.56
C TYR E 113 -6.14 28.04 17.60
N LYS E 114 -5.43 28.65 16.64
CA LYS E 114 -6.08 29.37 15.57
C LYS E 114 -7.21 28.54 14.99
N CYS E 115 -6.89 27.32 14.56
CA CYS E 115 -7.90 26.45 13.99
C CYS E 115 -8.98 26.10 14.99
N ALA E 116 -8.69 26.18 16.27
CA ALA E 116 -9.71 25.91 17.28
C ALA E 116 -10.56 27.13 17.55
N VAL E 117 -9.97 28.33 17.43
CA VAL E 117 -10.72 29.55 17.67
C VAL E 117 -11.73 29.80 16.57
N VAL E 118 -11.42 29.40 15.34
CA VAL E 118 -12.31 29.63 14.22
C VAL E 118 -12.93 28.33 13.73
N ASP E 119 -12.87 27.27 14.54
CA ASP E 119 -13.69 26.08 14.34
C ASP E 119 -13.37 25.39 13.01
N VAL E 120 -12.09 25.32 12.68
CA VAL E 120 -11.66 24.71 11.44
C VAL E 120 -11.03 23.35 11.75
N PRO E 121 -11.50 22.29 11.10
CA PRO E 121 -10.96 20.95 11.40
C PRO E 121 -9.47 20.65 11.13
N PHE E 122 -8.51 21.35 11.75
CA PHE E 122 -7.14 20.96 11.49
C PHE E 122 -6.35 21.03 12.79
N GLY E 123 -5.46 20.07 12.98
CA GLY E 123 -4.41 20.25 13.95
C GLY E 123 -3.42 21.29 13.49
N GLY E 124 -2.48 21.63 14.37
CA GLY E 124 -1.48 22.63 14.04
C GLY E 124 -0.25 21.99 13.42
N ALA E 125 0.47 22.79 12.64
CA ALA E 125 1.73 22.35 12.07
C ALA E 125 2.49 23.58 11.60
N LYS E 126 3.77 23.40 11.31
CA LYS E 126 4.57 24.47 10.77
C LYS E 126 5.87 23.87 10.28
N ALA E 127 6.40 24.40 9.19
CA ALA E 127 7.66 23.91 8.66
C ALA E 127 8.56 25.09 8.33
N GLY E 128 9.83 24.96 8.70
CA GLY E 128 10.78 26.01 8.42
C GLY E 128 11.93 25.46 7.62
N VAL E 129 12.67 26.37 7.00
CA VAL E 129 13.87 26.05 6.26
C VAL E 129 14.88 27.15 6.50
N LYS E 130 16.02 26.83 7.09
CA LYS E 130 17.06 27.84 7.27
C LYS E 130 17.61 28.19 5.90
N ILE E 131 17.19 29.34 5.38
CA ILE E 131 17.45 29.70 4.00
C ILE E 131 17.13 31.19 3.86
N ASN E 132 17.76 31.84 2.90
CA ASN E 132 17.40 33.22 2.55
C ASN E 132 17.04 33.26 1.08
N PRO E 133 15.76 33.28 0.74
CA PRO E 133 15.36 33.17 -0.67
C PRO E 133 15.89 34.29 -1.54
N LYS E 134 16.34 35.40 -0.93
CA LYS E 134 16.87 36.50 -1.71
C LYS E 134 18.26 36.18 -2.23
N ASN E 135 18.83 35.04 -1.82
CA ASN E 135 20.18 34.70 -2.25
C ASN E 135 20.21 33.72 -3.39
N TYR E 136 19.21 32.87 -3.54
CA TYR E 136 19.32 31.70 -4.39
C TYR E 136 18.62 31.92 -5.73
N THR E 137 19.14 31.28 -6.77
CA THR E 137 18.52 31.25 -8.07
C THR E 137 17.11 30.69 -7.97
N ASP E 138 16.23 31.14 -8.87
CA ASP E 138 14.87 30.61 -8.90
C ASP E 138 14.85 29.21 -9.49
N ASN E 139 16.02 28.64 -9.79
CA ASN E 139 16.12 27.22 -10.05
C ASN E 139 16.44 26.51 -8.74
N GLU E 140 17.34 27.09 -7.96
CA GLU E 140 17.75 26.46 -6.72
C GLU E 140 16.59 26.35 -5.75
N LEU E 141 15.74 27.37 -5.70
CA LEU E 141 14.57 27.28 -4.83
C LEU E 141 13.67 26.14 -5.25
N GLU E 142 13.66 25.77 -6.53
CA GLU E 142 12.89 24.60 -6.91
C GLU E 142 13.55 23.32 -6.43
N LYS E 143 14.84 23.16 -6.66
CA LYS E 143 15.53 21.98 -6.18
C LYS E 143 15.48 21.86 -4.67
N ILE E 144 15.29 22.97 -3.96
CA ILE E 144 15.16 22.93 -2.52
C ILE E 144 13.75 22.60 -2.09
N THR E 145 12.76 23.24 -2.69
CA THR E 145 11.38 22.97 -2.31
C THR E 145 10.96 21.56 -2.67
N ARG E 146 11.40 21.05 -3.82
CA ARG E 146 11.02 19.71 -4.20
C ARG E 146 11.70 18.67 -3.32
N ARG E 147 12.96 18.89 -2.98
CA ARG E 147 13.64 17.96 -2.10
C ARG E 147 13.04 17.99 -0.70
N PHE E 148 12.66 19.17 -0.21
CA PHE E 148 12.06 19.29 1.10
C PHE E 148 10.75 18.54 1.21
N THR E 149 10.01 18.38 0.12
CA THR E 149 8.78 17.59 0.18
C THR E 149 9.06 16.12 -0.04
N MET E 150 10.04 15.81 -0.89
CA MET E 150 10.46 14.43 -1.06
C MET E 150 10.86 13.82 0.28
N GLU E 151 11.52 14.61 1.11
CA GLU E 151 11.94 14.10 2.42
C GLU E 151 10.75 13.95 3.35
N LEU E 152 9.88 14.96 3.42
CA LEU E 152 8.73 14.86 4.30
C LEU E 152 7.81 13.74 3.88
N ALA E 153 7.47 13.69 2.59
CA ALA E 153 6.48 12.72 2.14
C ALA E 153 6.86 11.30 2.51
N LYS E 154 8.12 10.92 2.27
CA LYS E 154 8.50 9.56 2.58
C LYS E 154 8.48 9.27 4.07
N LYS E 155 8.44 10.29 4.92
CA LYS E 155 8.35 10.09 6.36
C LYS E 155 6.99 10.48 6.91
N GLY E 156 5.97 10.58 6.07
CA GLY E 156 4.63 10.84 6.56
C GLY E 156 4.43 12.20 7.17
N PHE E 157 4.81 13.26 6.47
CA PHE E 157 4.56 14.62 6.93
C PHE E 157 3.96 15.50 5.84
N ILE E 158 3.59 14.93 4.70
CA ILE E 158 2.79 15.60 3.70
C ILE E 158 1.78 14.60 3.18
N GLY E 159 0.59 15.08 2.86
CA GLY E 159 -0.45 14.22 2.35
C GLY E 159 -1.78 14.61 2.92
N PRO E 160 -2.82 14.59 2.10
CA PRO E 160 -4.12 15.13 2.52
C PRO E 160 -4.71 14.45 3.74
N GLY E 161 -4.06 13.43 4.28
CA GLY E 161 -4.58 12.79 5.46
C GLY E 161 -3.75 13.08 6.69
N VAL E 162 -2.57 13.67 6.49
CA VAL E 162 -1.67 13.93 7.62
C VAL E 162 -1.38 15.42 7.73
N ASP E 163 -0.74 16.00 6.74
CA ASP E 163 -0.37 17.40 6.80
C ASP E 163 -0.69 18.09 5.49
N VAL E 164 -0.92 19.39 5.58
CA VAL E 164 -1.22 20.20 4.40
C VAL E 164 -0.42 21.50 4.50
N PRO E 165 0.72 21.59 3.84
CA PRO E 165 1.49 22.84 3.86
C PRO E 165 0.71 24.02 3.32
N ALA E 166 1.24 25.22 3.52
CA ALA E 166 0.55 26.43 3.08
C ALA E 166 1.56 27.55 2.93
N PRO E 167 1.22 28.64 2.26
CA PRO E 167 2.17 29.76 2.16
C PRO E 167 2.41 30.39 3.51
N ASP E 168 3.58 31.00 3.64
CA ASP E 168 3.94 31.77 4.81
C ASP E 168 5.08 32.69 4.38
N MET E 169 5.77 33.26 5.36
CA MET E 169 6.85 34.20 5.11
C MET E 169 7.77 33.73 4.00
N SER E 170 8.03 34.63 3.05
CA SER E 170 8.99 34.39 1.96
C SER E 170 8.60 33.20 1.10
N THR E 171 7.34 32.81 1.13
CA THR E 171 6.82 31.82 0.20
C THR E 171 5.48 32.29 -0.35
N GLY E 172 5.20 31.93 -1.57
CA GLY E 172 3.98 32.34 -2.24
C GLY E 172 3.37 31.20 -3.01
N GLU E 173 2.55 31.55 -4.01
CA GLU E 173 1.92 30.54 -4.82
C GLU E 173 2.92 29.85 -5.73
N ARG E 174 4.07 30.48 -5.96
CA ARG E 174 5.12 29.85 -6.76
C ARG E 174 5.61 28.57 -6.09
N GLU E 175 5.96 28.66 -4.81
CA GLU E 175 6.48 27.49 -4.10
C GLU E 175 5.41 26.43 -3.94
N MET E 176 4.21 26.83 -3.53
CA MET E 176 3.17 25.84 -3.24
C MET E 176 2.82 25.01 -4.46
N SER E 177 3.13 25.51 -5.66
CA SER E 177 2.87 24.73 -6.85
C SER E 177 3.94 23.67 -7.06
N TRP E 178 5.19 23.98 -6.70
CA TRP E 178 6.25 22.99 -6.76
C TRP E 178 6.01 21.83 -5.83
N ILE E 179 5.39 22.09 -4.67
CA ILE E 179 5.11 21.03 -3.72
C ILE E 179 4.03 20.11 -4.26
N ALA E 180 2.89 20.69 -4.64
CA ALA E 180 1.77 19.88 -5.10
C ALA E 180 2.15 19.05 -6.31
N ASP E 181 3.06 19.55 -7.13
CA ASP E 181 3.45 18.82 -8.33
C ASP E 181 4.42 17.69 -7.99
N THR E 182 5.28 17.90 -7.00
CA THR E 182 6.20 16.85 -6.61
C THR E 182 5.47 15.73 -5.89
N TYR E 183 4.55 16.08 -5.00
CA TYR E 183 3.81 15.06 -4.27
C TYR E 183 2.90 14.27 -5.19
N ALA E 184 2.22 14.96 -6.10
CA ALA E 184 1.26 14.28 -6.97
C ALA E 184 1.96 13.28 -7.86
N SER E 185 3.21 13.55 -8.23
CA SER E 185 3.86 12.73 -9.24
C SER E 185 4.82 11.70 -8.65
N THR E 186 5.02 11.67 -7.34
CA THR E 186 5.92 10.68 -6.77
C THR E 186 5.21 9.75 -5.78
N ILE E 187 4.57 10.30 -4.76
CA ILE E 187 4.11 9.45 -3.66
C ILE E 187 2.64 9.17 -3.85
N GLY E 188 1.83 10.21 -3.85
CA GLY E 188 0.40 10.03 -3.98
C GLY E 188 -0.07 10.07 -5.41
N HIS E 189 0.60 9.34 -6.31
CA HIS E 189 0.15 9.33 -7.69
C HIS E 189 -1.23 8.72 -7.81
N TYR E 190 -1.41 7.51 -7.27
CA TYR E 190 -2.69 6.83 -7.41
C TYR E 190 -3.78 7.49 -6.58
N ASP E 191 -3.43 8.11 -5.46
CA ASP E 191 -4.41 8.69 -4.57
C ASP E 191 -5.26 9.69 -5.33
N ILE E 192 -6.58 9.65 -5.12
CA ILE E 192 -7.47 10.56 -5.83
C ILE E 192 -7.32 11.97 -5.30
N ASN E 193 -6.87 12.12 -4.05
CA ASN E 193 -6.75 13.41 -3.40
C ASN E 193 -5.34 13.96 -3.49
N ALA E 194 -4.59 13.59 -4.53
CA ALA E 194 -3.18 13.96 -4.62
C ALA E 194 -3.01 15.47 -4.58
N HIS E 195 -3.59 16.17 -5.57
CA HIS E 195 -3.41 17.61 -5.68
C HIS E 195 -3.89 18.36 -4.45
N ALA E 196 -4.65 17.72 -3.57
CA ALA E 196 -5.16 18.38 -2.38
C ALA E 196 -4.17 18.35 -1.23
N CYS E 197 -2.88 18.13 -1.49
CA CYS E 197 -1.93 18.01 -0.41
C CYS E 197 -1.49 19.34 0.16
N VAL E 198 -1.59 20.42 -0.62
CA VAL E 198 -1.21 21.74 -0.16
C VAL E 198 -2.31 22.73 -0.50
N THR E 199 -2.31 23.85 0.22
CA THR E 199 -3.22 24.94 -0.05
C THR E 199 -2.39 26.10 -0.58
N GLY E 200 -3.06 27.20 -0.92
CA GLY E 200 -2.33 28.32 -1.46
C GLY E 200 -1.81 28.10 -2.86
N LYS E 201 -2.28 27.06 -3.54
CA LYS E 201 -1.87 26.80 -4.90
C LYS E 201 -2.41 27.88 -5.83
N PRO E 202 -1.83 28.03 -7.01
CA PRO E 202 -2.40 28.95 -8.00
C PRO E 202 -3.79 28.48 -8.42
N ILE E 203 -4.56 29.42 -8.94
CA ILE E 203 -5.94 29.09 -9.33
C ILE E 203 -5.95 27.98 -10.37
N SER E 204 -5.14 28.13 -11.42
CA SER E 204 -5.09 27.11 -12.47
C SER E 204 -4.65 25.76 -11.93
N GLN E 205 -4.03 25.70 -10.77
CA GLN E 205 -3.61 24.45 -10.16
C GLN E 205 -4.51 24.04 -9.02
N GLY E 206 -5.70 24.62 -8.91
CA GLY E 206 -6.64 24.25 -7.88
C GLY E 206 -6.72 25.20 -6.71
N GLY E 207 -6.50 26.49 -6.92
CA GLY E 207 -6.58 27.47 -5.86
C GLY E 207 -7.99 27.91 -5.58
N ILE E 208 -8.09 29.04 -4.90
CA ILE E 208 -9.35 29.67 -4.53
C ILE E 208 -9.25 31.15 -4.83
N HIS E 209 -10.33 31.73 -5.35
CA HIS E 209 -10.40 33.17 -5.50
C HIS E 209 -9.99 33.86 -4.21
N GLY E 210 -9.01 34.73 -4.31
CA GLY E 210 -8.59 35.50 -3.16
C GLY E 210 -7.90 34.72 -2.08
N ARG E 211 -7.08 33.73 -2.43
CA ARG E 211 -6.25 33.09 -1.41
C ARG E 211 -5.16 34.02 -0.93
N ILE E 212 -4.69 34.90 -1.81
CA ILE E 212 -3.67 35.87 -1.40
C ILE E 212 -4.27 36.90 -0.46
N SER E 213 -5.35 37.54 -0.87
CA SER E 213 -5.99 38.53 -0.02
C SER E 213 -6.76 37.92 1.12
N ALA E 214 -6.70 36.60 1.29
CA ALA E 214 -7.49 35.94 2.32
C ALA E 214 -7.12 36.45 3.70
N THR E 215 -5.83 36.46 4.01
CA THR E 215 -5.40 36.88 5.35
C THR E 215 -5.76 38.35 5.60
N GLY E 216 -5.62 39.19 4.58
CA GLY E 216 -5.97 40.59 4.75
C GLY E 216 -7.40 40.78 5.17
N ARG E 217 -8.33 40.14 4.46
CA ARG E 217 -9.74 40.17 4.86
C ARG E 217 -9.90 39.75 6.31
N GLY E 218 -9.09 38.79 6.75
CA GLY E 218 -9.12 38.38 8.13
C GLY E 218 -8.87 39.57 9.03
N VAL E 219 -7.71 40.20 8.87
CA VAL E 219 -7.38 41.40 9.64
C VAL E 219 -8.48 42.42 9.54
N PHE E 220 -9.12 42.52 8.38
CA PHE E 220 -10.20 43.48 8.20
C PHE E 220 -11.43 43.10 9.01
N HIS E 221 -12.02 41.94 8.69
CA HIS E 221 -13.24 41.52 9.40
C HIS E 221 -13.02 41.39 10.88
N GLY E 222 -11.79 41.17 11.31
CA GLY E 222 -11.50 41.13 12.73
C GLY E 222 -11.66 42.51 13.34
N ILE E 223 -10.90 43.47 12.80
CA ILE E 223 -10.98 44.84 13.29
C ILE E 223 -12.42 45.35 13.25
N GLU E 224 -13.11 45.09 12.14
CA GLU E 224 -14.50 45.52 12.01
C GLU E 224 -15.37 44.94 13.11
N ASN E 225 -15.19 43.66 13.42
CA ASN E 225 -16.01 43.03 14.45
C ASN E 225 -15.78 43.60 15.83
N PHE E 226 -14.76 44.42 16.02
CA PHE E 226 -14.51 45.06 17.31
C PHE E 226 -14.74 46.56 17.27
N ILE E 227 -14.20 47.26 16.26
CA ILE E 227 -14.46 48.68 16.10
C ILE E 227 -15.95 48.98 16.16
N ASN E 228 -16.77 48.12 15.58
CA ASN E 228 -18.21 48.31 15.60
C ASN E 228 -18.85 47.70 16.85
N GLU E 229 -18.07 47.52 17.90
CA GLU E 229 -18.58 47.11 19.20
C GLU E 229 -18.36 48.23 20.20
N ALA E 230 -19.44 48.95 20.53
CA ALA E 230 -19.31 50.12 21.40
C ALA E 230 -18.89 49.76 22.81
N SER E 231 -19.19 48.53 23.26
CA SER E 231 -18.88 48.13 24.62
C SER E 231 -17.40 48.32 24.95
N TYR E 232 -16.54 48.19 23.96
CA TYR E 232 -15.10 48.41 24.13
C TYR E 232 -14.69 49.81 23.72
N MET E 233 -15.27 50.33 22.64
CA MET E 233 -14.91 51.65 22.17
C MET E 233 -15.27 52.72 23.19
N SER E 234 -16.29 52.45 24.02
CA SER E 234 -16.55 53.29 25.17
C SER E 234 -15.43 53.23 26.18
N ILE E 235 -14.73 52.10 26.29
CA ILE E 235 -13.62 51.97 27.22
C ILE E 235 -12.38 52.58 26.60
N LEU E 236 -12.06 52.18 25.37
CA LEU E 236 -10.89 52.71 24.69
C LEU E 236 -11.02 54.21 24.42
N GLY E 237 -12.24 54.74 24.37
CA GLY E 237 -12.41 56.14 24.10
C GLY E 237 -12.21 56.52 22.66
N MET E 238 -12.89 55.84 21.74
CA MET E 238 -12.82 56.11 20.31
C MET E 238 -14.22 56.01 19.72
N THR E 239 -14.28 55.98 18.39
CA THR E 239 -15.55 56.01 17.68
C THR E 239 -15.70 54.78 16.79
N PRO E 240 -16.84 54.11 16.85
CA PRO E 240 -17.10 53.01 15.91
C PRO E 240 -17.17 53.52 14.48
N GLY E 241 -16.18 53.10 13.68
CA GLY E 241 -16.08 53.49 12.29
C GLY E 241 -14.65 53.50 11.81
N PHE E 242 -14.45 53.52 10.50
CA PHE E 242 -13.10 53.50 9.94
C PHE E 242 -12.65 54.83 9.35
N GLY E 243 -13.49 55.47 8.54
CA GLY E 243 -13.12 56.72 7.92
C GLY E 243 -12.76 57.82 8.90
N ASP E 244 -13.09 57.63 10.17
CA ASP E 244 -12.81 58.61 11.21
C ASP E 244 -11.48 58.37 11.91
N LYS E 245 -10.78 57.29 11.60
CA LYS E 245 -9.54 56.97 12.29
C LYS E 245 -8.55 56.41 11.27
N THR E 246 -7.29 56.29 11.70
CA THR E 246 -6.22 55.87 10.84
C THR E 246 -5.55 54.61 11.35
N PHE E 247 -4.48 54.18 10.70
CA PHE E 247 -3.78 52.96 11.07
C PHE E 247 -2.46 52.94 10.33
N VAL E 248 -1.53 52.13 10.82
CA VAL E 248 -0.22 51.96 10.24
C VAL E 248 0.02 50.48 9.99
N VAL E 249 1.11 50.16 9.31
CA VAL E 249 1.38 48.79 8.91
C VAL E 249 2.87 48.52 9.03
N GLN E 250 3.21 47.42 9.71
CA GLN E 250 4.56 46.89 9.75
C GLN E 250 4.62 45.75 8.76
N GLY E 251 5.66 45.71 7.93
CA GLY E 251 5.79 44.55 7.06
C GLY E 251 4.91 44.55 5.84
N PHE E 252 5.19 45.41 4.88
CA PHE E 252 4.32 45.66 3.73
C PHE E 252 4.02 44.40 2.90
N GLY E 253 4.58 43.26 3.30
CA GLY E 253 4.32 42.02 2.59
C GLY E 253 2.87 41.57 2.57
N ASN E 254 2.62 40.34 2.12
CA ASN E 254 1.28 39.86 1.80
C ASN E 254 0.22 40.31 2.80
N VAL E 255 0.43 40.04 4.08
CA VAL E 255 -0.54 40.47 5.09
C VAL E 255 -0.63 41.99 5.11
N GLY E 256 0.50 42.65 5.38
CA GLY E 256 0.52 44.10 5.45
C GLY E 256 -0.05 44.75 4.21
N LEU E 257 0.28 44.22 3.03
CA LEU E 257 -0.24 44.78 1.80
C LEU E 257 -1.76 44.75 1.78
N HIS E 258 -2.34 43.55 1.82
CA HIS E 258 -3.77 43.42 1.69
C HIS E 258 -4.51 43.85 2.94
N SER E 259 -3.82 43.93 4.07
CA SER E 259 -4.42 44.58 5.22
C SER E 259 -4.68 46.04 4.93
N MET E 260 -3.85 46.67 4.10
CA MET E 260 -4.07 48.06 3.74
C MET E 260 -5.32 48.20 2.89
N ARG E 261 -5.32 47.59 1.70
CA ARG E 261 -6.35 47.90 0.71
C ARG E 261 -7.75 47.69 1.28
N TYR E 262 -7.98 46.54 1.91
CA TYR E 262 -9.29 46.26 2.50
C TYR E 262 -9.59 47.18 3.66
N LEU E 263 -8.57 47.71 4.33
CA LEU E 263 -8.81 48.69 5.36
C LEU E 263 -8.65 50.11 4.83
N HIS E 264 -8.06 50.27 3.65
CA HIS E 264 -7.95 51.55 2.96
C HIS E 264 -9.23 51.91 2.22
N ARG E 265 -9.95 50.92 1.71
CA ARG E 265 -11.12 51.20 0.90
C ARG E 265 -12.28 51.73 1.71
N PHE E 266 -12.19 51.70 3.03
CA PHE E 266 -13.26 52.17 3.90
C PHE E 266 -12.82 53.37 4.74
N GLY E 267 -12.12 54.31 4.11
CA GLY E 267 -11.84 55.59 4.71
C GLY E 267 -10.69 55.61 5.68
N ALA E 268 -10.38 54.49 6.33
CA ALA E 268 -9.24 54.45 7.24
C ALA E 268 -7.97 54.80 6.49
N LYS E 269 -7.26 55.79 6.99
CA LYS E 269 -6.16 56.43 6.28
C LYS E 269 -4.85 55.83 6.74
N CYS E 270 -4.26 54.97 5.91
CA CYS E 270 -3.01 54.31 6.26
C CYS E 270 -1.89 55.33 6.36
N ILE E 271 -1.44 55.60 7.59
CA ILE E 271 -0.44 56.63 7.82
C ILE E 271 0.91 56.22 7.24
N THR E 272 1.50 55.14 7.74
CA THR E 272 2.86 54.82 7.35
C THR E 272 2.98 53.33 7.09
N VAL E 273 4.18 52.92 6.68
CA VAL E 273 4.50 51.54 6.39
C VAL E 273 6.02 51.42 6.46
N GLY E 274 6.51 50.24 6.84
CA GLY E 274 7.93 50.02 6.94
C GLY E 274 8.28 48.59 6.56
N GLU E 275 9.57 48.32 6.56
CA GLU E 275 10.08 46.98 6.27
C GLU E 275 11.51 46.90 6.81
N SER E 276 12.21 45.84 6.42
CA SER E 276 13.58 45.63 6.90
C SER E 276 14.48 46.82 6.60
N ASP E 277 14.21 47.58 5.54
CA ASP E 277 15.01 48.75 5.22
C ASP E 277 14.65 49.98 6.04
N GLY E 278 13.43 50.49 5.92
CA GLY E 278 13.07 51.72 6.59
C GLY E 278 11.59 52.02 6.51
N SER E 279 11.19 53.17 7.05
CA SER E 279 9.79 53.53 7.18
C SER E 279 9.42 54.60 6.16
N ILE E 280 8.13 54.66 5.85
CA ILE E 280 7.58 55.57 4.86
C ILE E 280 6.38 56.26 5.50
N TRP E 281 6.59 57.45 6.05
CA TRP E 281 5.61 58.07 6.94
C TRP E 281 4.93 59.23 6.23
N ASN E 282 3.62 59.17 6.12
CA ASN E 282 2.81 60.25 5.56
C ASN E 282 1.52 60.33 6.34
N PRO E 283 1.29 61.38 7.11
CA PRO E 283 0.08 61.46 7.94
C PRO E 283 -1.19 61.71 7.14
N ASP E 284 -1.14 61.57 5.82
CA ASP E 284 -2.30 61.87 4.98
C ASP E 284 -2.70 60.72 4.06
N GLY E 285 -2.02 59.58 4.11
CA GLY E 285 -2.52 58.44 3.36
C GLY E 285 -1.61 58.03 2.21
N ILE E 286 -1.38 56.73 2.08
CA ILE E 286 -0.56 56.18 1.02
C ILE E 286 -1.42 55.25 0.16
N ASP E 287 -1.41 55.50 -1.15
CA ASP E 287 -2.16 54.70 -2.10
C ASP E 287 -1.58 53.30 -2.15
N PRO E 288 -2.33 52.29 -1.70
CA PRO E 288 -1.80 50.92 -1.74
C PRO E 288 -1.55 50.41 -3.13
N LYS E 289 -2.19 51.00 -4.15
CA LYS E 289 -1.90 50.62 -5.53
C LYS E 289 -0.54 51.15 -5.96
N GLU E 290 -0.32 52.45 -5.78
CA GLU E 290 0.92 53.06 -6.24
C GLU E 290 2.13 52.46 -5.56
N LEU E 291 2.08 52.32 -4.23
CA LEU E 291 3.21 51.75 -3.52
C LEU E 291 3.46 50.31 -3.94
N GLU E 292 2.39 49.57 -4.24
CA GLU E 292 2.56 48.21 -4.72
C GLU E 292 3.38 48.17 -5.99
N ASP E 293 3.30 49.22 -6.80
CA ASP E 293 4.09 49.27 -8.04
C ASP E 293 5.59 49.28 -7.73
N PHE E 294 6.00 50.09 -6.74
CA PHE E 294 7.42 50.23 -6.47
C PHE E 294 8.03 48.93 -5.96
N LYS E 295 7.26 48.16 -5.19
CA LYS E 295 7.74 46.85 -4.78
C LYS E 295 8.06 45.98 -5.99
N LEU E 296 7.41 46.24 -7.11
CA LEU E 296 7.71 45.56 -8.36
C LEU E 296 8.60 46.37 -9.27
N GLN E 297 8.91 47.62 -8.91
CA GLN E 297 9.76 48.49 -9.72
C GLN E 297 11.04 48.87 -9.02
N HIS E 298 10.95 49.41 -7.80
CA HIS E 298 12.10 49.94 -7.10
C HIS E 298 12.60 49.06 -5.97
N GLY E 299 12.07 47.84 -5.84
CA GLY E 299 12.61 46.89 -4.89
C GLY E 299 12.33 47.17 -3.44
N THR E 300 11.84 48.36 -3.10
CA THR E 300 11.58 48.71 -1.72
C THR E 300 10.52 49.80 -1.66
N ILE E 301 9.86 49.88 -0.52
CA ILE E 301 8.92 50.97 -0.31
C ILE E 301 9.63 52.31 -0.14
N LEU E 302 10.95 52.29 0.06
CA LEU E 302 11.70 53.54 0.12
C LEU E 302 11.72 54.20 -1.25
N GLY E 303 12.09 55.48 -1.27
CA GLY E 303 12.07 56.26 -2.48
C GLY E 303 10.70 56.69 -2.92
N PHE E 304 9.64 56.31 -2.20
CA PHE E 304 8.27 56.61 -2.59
C PHE E 304 8.05 58.12 -2.55
N PRO E 305 7.98 58.79 -3.70
CA PRO E 305 8.05 60.26 -3.72
C PRO E 305 6.81 60.94 -3.18
N LYS E 306 5.79 60.21 -2.75
CA LYS E 306 4.65 60.84 -2.12
C LYS E 306 4.66 60.67 -0.61
N ALA E 307 5.82 60.45 -0.02
CA ALA E 307 5.99 60.39 1.42
C ALA E 307 7.47 60.64 1.72
N LYS E 308 7.89 60.37 2.94
CA LYS E 308 9.25 60.63 3.36
C LYS E 308 9.75 59.48 4.23
N ILE E 309 11.07 59.38 4.33
CA ILE E 309 11.69 58.42 5.22
C ILE E 309 11.50 58.88 6.65
N TYR E 310 11.26 57.93 7.55
CA TYR E 310 10.94 58.22 8.94
C TYR E 310 12.07 57.71 9.82
N GLU E 311 12.73 58.61 10.54
CA GLU E 311 13.80 58.22 11.45
C GLU E 311 13.21 57.62 12.73
N GLY E 312 12.62 56.44 12.61
CA GLY E 312 12.02 55.81 13.78
C GLY E 312 11.23 54.59 13.35
N SER E 313 11.03 53.70 14.32
CA SER E 313 10.27 52.48 14.09
C SER E 313 8.78 52.78 14.03
N ILE E 314 8.07 52.00 13.21
CA ILE E 314 6.62 52.19 13.08
C ILE E 314 5.93 52.03 14.42
N LEU E 315 6.41 51.10 15.25
CA LEU E 315 5.71 50.75 16.49
C LEU E 315 5.53 51.94 17.42
N GLU E 316 6.31 53.01 17.25
CA GLU E 316 6.15 54.20 18.06
C GLU E 316 5.38 55.30 17.35
N VAL E 317 5.02 55.10 16.09
CA VAL E 317 4.34 56.14 15.34
C VAL E 317 2.96 56.40 15.93
N ASP E 318 2.62 57.69 16.05
CA ASP E 318 1.29 58.08 16.47
C ASP E 318 0.27 57.68 15.41
N CYS E 319 -0.74 56.94 15.83
CA CYS E 319 -1.80 56.49 14.94
C CYS E 319 -2.99 56.10 15.81
N ASP E 320 -3.95 55.39 15.23
CA ASP E 320 -5.08 54.86 15.96
C ASP E 320 -5.10 53.33 16.03
N ILE E 321 -4.63 52.66 14.98
CA ILE E 321 -4.62 51.20 14.94
C ILE E 321 -3.27 50.72 14.44
N LEU E 322 -2.48 50.16 15.34
CA LEU E 322 -1.18 49.61 15.01
C LEU E 322 -1.36 48.18 14.52
N ILE E 323 -0.72 47.86 13.40
CA ILE E 323 -0.76 46.50 12.89
C ILE E 323 0.66 46.02 12.64
N PRO E 324 1.28 45.31 13.59
CA PRO E 324 2.52 44.60 13.29
C PRO E 324 2.21 43.38 12.44
N ALA E 325 2.81 43.32 11.26
CA ALA E 325 2.56 42.22 10.35
C ALA E 325 3.84 41.78 9.67
N ALA E 326 4.95 41.78 10.40
CA ALA E 326 6.22 41.47 9.77
C ALA E 326 6.99 40.32 10.40
N SER E 327 7.00 40.18 11.71
CA SER E 327 7.83 39.16 12.36
C SER E 327 7.37 39.02 13.80
N GLU E 328 8.12 38.23 14.56
CA GLU E 328 7.76 37.90 15.93
C GLU E 328 8.47 38.83 16.90
N LYS E 329 7.84 39.01 18.06
CA LYS E 329 8.46 39.65 19.21
C LYS E 329 8.82 41.11 18.95
N GLN E 330 8.14 41.75 18.00
CA GLN E 330 8.50 43.12 17.64
C GLN E 330 8.17 44.09 18.76
N LEU E 331 6.90 44.18 19.13
CA LEU E 331 6.60 44.84 20.39
C LEU E 331 7.23 44.06 21.53
N THR E 332 7.70 44.79 22.53
CA THR E 332 8.39 44.17 23.66
C THR E 332 8.38 45.16 24.81
N LYS E 333 9.07 44.77 25.89
CA LYS E 333 9.08 45.59 27.10
C LYS E 333 9.73 46.95 26.86
N SER E 334 10.61 47.04 25.86
CA SER E 334 11.27 48.30 25.54
C SER E 334 10.47 49.16 24.58
N ASN E 335 9.60 48.57 23.77
CA ASN E 335 8.75 49.32 22.87
C ASN E 335 7.37 49.62 23.42
N ALA E 336 6.91 48.82 24.38
CA ALA E 336 5.59 49.06 24.97
C ALA E 336 5.42 50.45 25.58
N PRO E 337 6.42 51.03 26.28
CA PRO E 337 6.19 52.36 26.87
C PRO E 337 5.96 53.45 25.86
N ARG E 338 6.28 53.23 24.58
CA ARG E 338 6.23 54.29 23.59
C ARG E 338 5.36 53.89 22.41
N VAL E 339 4.19 53.31 22.69
CA VAL E 339 3.33 52.92 21.58
C VAL E 339 2.58 54.11 21.02
N LYS E 340 1.90 54.87 21.88
CA LYS E 340 1.10 56.02 21.48
C LYS E 340 0.06 55.61 20.43
N ALA E 341 -0.80 54.68 20.82
CA ALA E 341 -1.88 54.21 19.97
C ALA E 341 -3.04 53.79 20.84
N LYS E 342 -4.08 53.28 20.19
CA LYS E 342 -5.29 52.85 20.89
C LYS E 342 -5.56 51.37 20.75
N ILE E 343 -5.45 50.81 19.55
CA ILE E 343 -5.66 49.40 19.30
C ILE E 343 -4.45 48.84 18.59
N ILE E 344 -4.01 47.66 19.03
CA ILE E 344 -2.93 46.95 18.36
C ILE E 344 -3.51 45.65 17.80
N ALA E 345 -3.84 45.67 16.52
CA ALA E 345 -4.21 44.48 15.78
C ALA E 345 -2.94 43.66 15.61
N GLU E 346 -3.07 42.43 15.14
CA GLU E 346 -1.92 41.56 14.94
C GLU E 346 -2.10 40.72 13.68
N GLY E 347 -1.36 41.08 12.63
CA GLY E 347 -1.27 40.21 11.49
C GLY E 347 -0.19 39.15 11.66
N ALA E 348 0.95 39.55 12.20
CA ALA E 348 2.02 38.61 12.46
C ALA E 348 1.60 37.64 13.56
N ASN E 349 2.40 36.60 13.76
CA ASN E 349 2.12 35.55 14.71
C ASN E 349 2.88 35.81 16.00
N GLY E 350 2.14 36.12 17.06
CA GLY E 350 2.72 36.47 18.32
C GLY E 350 3.74 37.58 18.24
N PRO E 351 3.37 38.73 17.67
CA PRO E 351 4.33 39.84 17.60
C PRO E 351 4.50 40.59 18.90
N THR E 352 3.78 40.20 19.95
CA THR E 352 3.84 40.88 21.23
C THR E 352 4.34 39.93 22.31
N THR E 353 5.31 40.37 23.05
CA THR E 353 5.85 39.63 24.17
C THR E 353 4.88 39.68 25.35
N PRO E 354 4.85 38.65 26.19
CA PRO E 354 3.86 38.64 27.27
C PRO E 354 4.07 39.76 28.27
N GLU E 355 5.32 40.22 28.42
CA GLU E 355 5.60 41.33 29.31
C GLU E 355 4.90 42.60 28.82
N ALA E 356 4.88 42.81 27.50
CA ALA E 356 4.27 44.02 26.95
C ALA E 356 2.75 43.98 27.08
N ASP E 357 2.16 42.80 27.27
CA ASP E 357 0.71 42.72 27.40
C ASP E 357 0.23 43.47 28.63
N LYS E 358 0.84 43.20 29.79
CA LYS E 358 0.46 43.92 31.00
C LYS E 358 0.57 45.41 30.80
N ILE E 359 1.65 45.86 30.16
CA ILE E 359 1.82 47.29 29.92
C ILE E 359 0.70 47.80 29.03
N PHE E 360 0.24 46.97 28.09
CA PHE E 360 -0.85 47.37 27.21
C PHE E 360 -2.18 47.38 27.94
N LEU E 361 -2.43 46.36 28.77
CA LEU E 361 -3.60 46.39 29.63
C LEU E 361 -3.51 47.55 30.62
N GLU E 362 -2.30 47.83 31.10
CA GLU E 362 -2.12 48.95 32.02
C GLU E 362 -2.32 50.28 31.31
N ARG E 363 -1.67 50.47 30.15
CA ARG E 363 -1.91 51.67 29.35
C ARG E 363 -3.33 51.75 28.82
N ASN E 364 -4.17 50.77 29.10
CA ASN E 364 -5.56 50.74 28.67
C ASN E 364 -5.66 50.82 27.14
N ILE E 365 -4.94 49.92 26.47
CA ILE E 365 -5.01 49.80 25.02
C ILE E 365 -5.31 48.35 24.68
N MET E 366 -6.33 48.17 23.86
CA MET E 366 -6.86 46.85 23.54
C MET E 366 -5.95 46.16 22.54
N VAL E 367 -5.56 44.93 22.85
CA VAL E 367 -4.77 44.09 21.97
C VAL E 367 -5.65 42.97 21.46
N ILE E 368 -5.80 42.89 20.15
CA ILE E 368 -6.61 41.85 19.51
C ILE E 368 -5.70 40.67 19.22
N PRO E 369 -6.02 39.47 19.69
CA PRO E 369 -5.06 38.37 19.60
C PRO E 369 -4.85 37.93 18.16
N ASP E 370 -3.61 37.55 17.87
CA ASP E 370 -3.31 37.02 16.54
C ASP E 370 -4.06 35.73 16.28
N LEU E 371 -4.41 35.00 17.34
CA LEU E 371 -5.24 33.81 17.20
C LEU E 371 -6.51 34.14 16.43
N TYR E 372 -7.03 35.35 16.60
CA TYR E 372 -8.28 35.69 15.96
C TYR E 372 -8.08 36.38 14.62
N LEU E 373 -7.06 37.22 14.47
CA LEU E 373 -7.00 38.04 13.27
C LEU E 373 -6.48 37.29 12.06
N ASN E 374 -5.24 36.81 12.10
CA ASN E 374 -4.70 36.15 10.92
C ASN E 374 -5.29 34.75 10.72
N ALA E 375 -6.31 34.41 11.50
CA ALA E 375 -7.02 33.15 11.29
C ALA E 375 -7.86 33.16 10.04
N GLY E 376 -8.06 34.32 9.42
CA GLY E 376 -8.76 34.35 8.16
C GLY E 376 -8.06 33.55 7.08
N GLY E 377 -6.75 33.67 7.00
CA GLY E 377 -5.98 32.91 6.02
C GLY E 377 -6.24 31.43 6.10
N VAL E 378 -6.32 30.88 7.31
CA VAL E 378 -6.60 29.45 7.47
C VAL E 378 -7.97 29.12 6.93
N THR E 379 -8.99 29.85 7.38
CA THR E 379 -10.38 29.59 7.02
C THR E 379 -10.63 29.68 5.53
N VAL E 380 -9.69 30.25 4.78
CA VAL E 380 -9.81 30.22 3.32
C VAL E 380 -9.02 29.06 2.77
N SER E 381 -7.83 28.81 3.30
CA SER E 381 -7.08 27.62 2.91
C SER E 381 -7.83 26.35 3.28
N TYR E 382 -8.77 26.43 4.22
CA TYR E 382 -9.65 25.29 4.46
C TYR E 382 -10.62 25.11 3.32
N PHE E 383 -11.19 26.20 2.82
CA PHE E 383 -12.09 26.11 1.67
C PHE E 383 -11.36 25.57 0.46
N GLU E 384 -10.09 25.90 0.31
CA GLU E 384 -9.31 25.34 -0.78
C GLU E 384 -9.14 23.84 -0.60
N TRP E 385 -8.54 23.43 0.52
CA TRP E 385 -8.42 22.01 0.81
C TRP E 385 -9.73 21.28 0.70
N LEU E 386 -10.84 21.98 0.90
CA LEU E 386 -12.16 21.39 0.77
C LEU E 386 -12.72 21.52 -0.63
N ASN E 387 -12.33 22.57 -1.36
CA ASN E 387 -12.65 22.65 -2.78
C ASN E 387 -12.11 21.45 -3.53
N ASN E 388 -10.80 21.32 -3.55
CA ASN E 388 -10.17 20.30 -4.38
C ASN E 388 -10.18 18.94 -3.73
N LEU E 389 -11.00 18.76 -2.70
CA LEU E 389 -11.31 17.45 -2.18
C LEU E 389 -12.65 16.94 -2.68
N ASN E 390 -13.44 17.82 -3.30
CA ASN E 390 -14.73 17.47 -3.89
C ASN E 390 -14.71 17.43 -5.40
N HIS E 391 -13.64 17.94 -6.02
CA HIS E 391 -13.40 17.76 -7.45
C HIS E 391 -14.44 18.47 -8.30
N VAL E 392 -15.10 19.48 -7.74
CA VAL E 392 -16.12 20.18 -8.50
C VAL E 392 -16.02 21.67 -8.19
N SER E 393 -16.13 22.47 -9.23
CA SER E 393 -16.25 23.91 -9.05
C SER E 393 -17.51 24.19 -8.25
N TYR E 394 -17.34 24.68 -7.02
CA TYR E 394 -18.47 24.78 -6.10
C TYR E 394 -19.60 25.59 -6.73
N GLY E 395 -20.80 25.02 -6.69
CA GLY E 395 -21.97 25.66 -7.24
C GLY E 395 -22.19 25.44 -8.71
N ARG E 396 -21.28 24.76 -9.41
CA ARG E 396 -21.46 24.54 -10.83
C ARG E 396 -22.66 23.66 -11.11
N LEU E 397 -22.90 22.67 -10.25
CA LEU E 397 -23.98 21.73 -10.50
C LEU E 397 -25.33 22.44 -10.59
N THR E 398 -25.52 23.51 -9.83
CA THR E 398 -26.82 24.14 -9.69
C THR E 398 -26.74 25.63 -10.00
N PHE E 399 -26.13 25.99 -11.11
CA PHE E 399 -26.28 27.34 -11.62
C PHE E 399 -27.57 27.52 -12.40
N LYS E 400 -27.77 26.78 -13.48
CA LYS E 400 -28.97 26.90 -14.28
C LYS E 400 -30.20 26.47 -13.52
N TYR E 401 -30.06 25.70 -12.45
CA TYR E 401 -31.24 25.22 -11.75
C TYR E 401 -31.75 26.24 -10.75
N GLU E 402 -30.87 26.77 -9.91
CA GLU E 402 -31.28 27.82 -8.98
C GLU E 402 -31.82 29.03 -9.72
N ARG E 403 -31.17 29.41 -10.82
CA ARG E 403 -31.66 30.52 -11.62
C ARG E 403 -33.09 30.28 -12.07
N ASP E 404 -33.41 29.04 -12.42
CA ASP E 404 -34.78 28.74 -12.80
C ASP E 404 -35.69 28.75 -11.58
N SER E 405 -35.30 28.05 -10.52
CA SER E 405 -36.18 27.92 -9.37
C SER E 405 -36.52 29.27 -8.78
N ASN E 406 -35.55 30.18 -8.71
CA ASN E 406 -35.85 31.52 -8.22
C ASN E 406 -36.82 32.23 -9.15
N TYR E 407 -36.68 32.05 -10.46
CA TYR E 407 -37.62 32.65 -11.39
C TYR E 407 -39.00 32.02 -11.27
N HIS E 408 -39.16 31.00 -10.43
CA HIS E 408 -40.49 30.45 -10.22
C HIS E 408 -41.05 30.82 -8.85
N LEU E 409 -40.20 31.13 -7.88
CA LEU E 409 -40.69 31.80 -6.67
C LEU E 409 -41.31 33.14 -7.04
N LEU E 410 -40.53 34.01 -7.67
CA LEU E 410 -41.02 35.34 -8.00
C LEU E 410 -42.21 35.27 -8.93
N MET E 411 -42.23 34.29 -9.84
CA MET E 411 -43.38 34.15 -10.72
C MET E 411 -44.60 33.71 -9.95
N SER E 412 -44.47 32.68 -9.12
CA SER E 412 -45.59 32.19 -8.34
C SER E 412 -46.20 33.30 -7.49
N VAL E 413 -45.34 34.12 -6.87
CA VAL E 413 -45.85 35.26 -6.12
C VAL E 413 -46.63 36.20 -7.04
N GLN E 414 -46.10 36.44 -8.23
CA GLN E 414 -46.81 37.27 -9.20
C GLN E 414 -48.13 36.62 -9.59
N GLU E 415 -48.08 35.37 -10.06
CA GLU E 415 -49.30 34.69 -10.47
C GLU E 415 -50.30 34.60 -9.33
N SER E 416 -49.82 34.49 -8.09
CA SER E 416 -50.75 34.43 -6.96
C SER E 416 -51.45 35.77 -6.77
N LEU E 417 -50.71 36.86 -6.88
CA LEU E 417 -51.31 38.17 -6.68
C LEU E 417 -52.25 38.55 -7.82
N GLU E 418 -51.93 38.15 -9.04
CA GLU E 418 -52.79 38.49 -10.17
C GLU E 418 -54.11 37.74 -10.14
N ARG E 419 -54.36 36.96 -9.09
CA ARG E 419 -55.69 36.42 -8.88
C ARG E 419 -56.44 37.15 -7.78
N LYS E 420 -55.71 37.73 -6.82
CA LYS E 420 -56.36 38.48 -5.76
C LYS E 420 -56.59 39.93 -6.18
N PHE E 421 -55.53 40.63 -6.55
CA PHE E 421 -55.66 41.98 -7.09
C PHE E 421 -55.72 42.02 -8.60
N GLY E 422 -55.67 40.87 -9.25
CA GLY E 422 -55.72 40.81 -10.69
C GLY E 422 -57.08 40.98 -11.31
N LYS E 423 -58.08 41.40 -10.54
CA LYS E 423 -59.40 41.66 -11.12
C LYS E 423 -59.30 42.68 -12.25
N HIS E 424 -58.39 43.64 -12.13
CA HIS E 424 -58.14 44.63 -13.16
C HIS E 424 -57.27 44.09 -14.28
N GLY E 425 -56.75 42.88 -14.14
CA GLY E 425 -55.83 42.34 -15.10
C GLY E 425 -54.43 42.91 -15.03
N GLY E 426 -54.17 43.86 -14.14
CA GLY E 426 -52.90 44.53 -14.04
C GLY E 426 -51.72 43.62 -13.80
N THR E 427 -50.76 43.62 -14.72
CA THR E 427 -49.59 42.77 -14.63
C THR E 427 -48.62 43.16 -13.52
N ILE E 428 -48.70 42.47 -12.38
CA ILE E 428 -47.80 42.73 -11.27
C ILE E 428 -46.42 42.25 -11.71
N PRO E 429 -45.42 43.23 -11.72
CA PRO E 429 -44.12 42.73 -12.19
C PRO E 429 -43.13 42.40 -11.08
N ILE E 430 -43.21 41.20 -10.52
CA ILE E 430 -42.26 40.78 -9.49
C ILE E 430 -40.94 40.48 -10.16
N VAL E 431 -39.96 41.35 -9.98
CA VAL E 431 -38.66 41.20 -10.63
C VAL E 431 -37.57 41.39 -9.60
N PRO E 432 -36.43 40.72 -9.74
CA PRO E 432 -35.34 40.87 -8.75
C PRO E 432 -34.85 42.30 -8.67
N THR E 433 -34.14 42.57 -7.57
CA THR E 433 -33.50 43.86 -7.37
C THR E 433 -32.20 43.90 -8.15
N ALA E 434 -31.36 44.89 -7.87
CA ALA E 434 -30.01 44.87 -8.40
C ALA E 434 -29.15 43.88 -7.63
N GLU E 435 -29.26 43.85 -6.30
CA GLU E 435 -28.43 42.99 -5.49
C GLU E 435 -28.76 41.52 -5.72
N PHE E 436 -30.04 41.16 -5.56
CA PHE E 436 -30.44 39.78 -5.76
C PHE E 436 -30.10 39.28 -7.15
N GLN E 437 -30.20 40.16 -8.15
CA GLN E 437 -29.90 39.79 -9.52
C GLN E 437 -28.53 39.13 -9.64
N ASP E 438 -27.61 39.48 -8.75
CA ASP E 438 -26.30 38.84 -8.73
C ASP E 438 -26.37 37.45 -8.12
N ARG E 439 -27.17 37.27 -7.07
CA ARG E 439 -27.24 36.01 -6.33
C ARG E 439 -28.31 35.07 -6.88
N ILE E 440 -28.74 35.25 -8.13
CA ILE E 440 -29.78 34.38 -8.65
C ILE E 440 -29.24 32.97 -8.87
N SER E 441 -28.20 32.86 -9.68
CA SER E 441 -27.69 31.54 -10.03
C SER E 441 -27.10 30.79 -8.85
N GLY E 442 -27.10 31.37 -7.66
CA GLY E 442 -26.66 30.67 -6.46
C GLY E 442 -25.35 31.20 -5.94
N ALA E 443 -24.64 30.32 -5.24
CA ALA E 443 -23.36 30.66 -4.61
C ALA E 443 -22.23 30.24 -5.55
N SER E 444 -21.56 31.23 -6.13
CA SER E 444 -20.37 30.95 -6.92
C SER E 444 -19.18 30.69 -6.00
N GLU E 445 -18.02 30.43 -6.59
CA GLU E 445 -16.85 30.10 -5.79
C GLU E 445 -16.40 31.28 -4.95
N LYS E 446 -16.46 32.48 -5.51
CA LYS E 446 -15.97 33.64 -4.77
C LYS E 446 -16.98 34.08 -3.71
N ASP E 447 -18.26 33.80 -3.92
CA ASP E 447 -19.26 34.26 -2.96
C ASP E 447 -19.13 33.55 -1.63
N ILE E 448 -18.91 32.23 -1.64
CA ILE E 448 -18.80 31.51 -0.38
C ILE E 448 -17.54 31.92 0.36
N VAL E 449 -16.50 32.30 -0.38
CA VAL E 449 -15.27 32.76 0.26
C VAL E 449 -15.51 34.08 0.97
N HIS E 450 -16.04 35.06 0.26
CA HIS E 450 -16.28 36.35 0.88
C HIS E 450 -17.30 36.26 2.00
N SER E 451 -18.09 35.20 2.05
CA SER E 451 -19.05 34.99 3.12
C SER E 451 -18.51 34.04 4.17
N GLY E 452 -18.09 32.84 3.78
CA GLY E 452 -17.55 31.89 4.73
C GLY E 452 -16.42 32.47 5.56
N LEU E 453 -15.68 33.42 5.02
CA LEU E 453 -14.67 34.12 5.79
C LEU E 453 -15.30 35.16 6.71
N ALA E 454 -16.22 35.95 6.17
CA ALA E 454 -16.86 36.97 6.99
C ALA E 454 -17.76 36.33 8.04
N TYR E 455 -18.21 35.11 7.80
CA TYR E 455 -19.06 34.43 8.77
C TYR E 455 -18.22 33.76 9.85
N THR E 456 -17.19 33.02 9.43
CA THR E 456 -16.31 32.35 10.39
C THR E 456 -15.75 33.33 11.39
N MET E 457 -15.39 34.52 10.93
CA MET E 457 -14.86 35.51 11.85
C MET E 457 -15.97 36.37 12.44
N GLU E 458 -17.22 35.94 12.29
CA GLU E 458 -18.29 36.53 13.08
C GLU E 458 -18.56 35.70 14.31
N ARG E 459 -18.74 34.39 14.13
CA ARG E 459 -18.96 33.51 15.27
C ARG E 459 -17.79 33.58 16.23
N SER E 460 -16.58 33.65 15.69
CA SER E 460 -15.40 33.65 16.54
C SER E 460 -15.35 34.90 17.40
N ALA E 461 -15.65 36.06 16.81
CA ALA E 461 -15.59 37.31 17.57
C ALA E 461 -16.61 37.32 18.70
N ARG E 462 -17.73 36.64 18.50
CA ARG E 462 -18.73 36.54 19.56
C ARG E 462 -18.24 35.63 20.68
N GLN E 463 -17.81 34.42 20.33
CA GLN E 463 -17.34 33.48 21.34
C GLN E 463 -16.20 34.08 22.16
N ILE E 464 -15.45 35.01 21.59
CA ILE E 464 -14.41 35.68 22.36
C ILE E 464 -15.03 36.73 23.26
N MET E 465 -15.92 37.55 22.72
CA MET E 465 -16.65 38.49 23.55
C MET E 465 -17.44 37.74 24.63
N ARG E 466 -18.14 36.68 24.23
CA ARG E 466 -18.97 35.93 25.15
C ARG E 466 -18.17 35.35 26.29
N THR E 467 -16.87 35.11 26.07
CA THR E 467 -16.04 34.57 27.13
C THR E 467 -15.46 35.68 28.00
N ALA E 468 -14.93 36.75 27.37
CA ALA E 468 -14.29 37.80 28.13
C ALA E 468 -15.25 38.49 29.08
N MET E 469 -16.55 38.31 28.90
CA MET E 469 -17.51 38.82 29.86
C MET E 469 -17.83 37.79 30.92
N LYS E 470 -17.85 36.50 30.53
CA LYS E 470 -18.16 35.45 31.47
C LYS E 470 -17.10 35.36 32.57
N TYR E 471 -15.87 35.70 32.24
CA TYR E 471 -14.75 35.59 33.17
C TYR E 471 -14.17 36.94 33.55
N ASN E 472 -14.70 38.02 32.99
CA ASN E 472 -14.27 39.38 33.32
C ASN E 472 -12.77 39.57 33.05
N LEU E 473 -12.40 39.42 31.79
CA LEU E 473 -11.04 39.64 31.35
C LEU E 473 -10.84 41.01 30.73
N GLY E 474 -11.87 41.84 30.73
CA GLY E 474 -11.72 43.22 30.28
C GLY E 474 -11.28 43.29 28.84
N LEU E 475 -10.08 43.82 28.62
CA LEU E 475 -9.55 43.99 27.27
C LEU E 475 -8.54 42.91 26.90
N ASP E 476 -8.20 42.01 27.82
CA ASP E 476 -7.31 40.89 27.51
C ASP E 476 -8.08 39.84 26.71
N LEU E 477 -8.47 40.23 25.50
CA LEU E 477 -9.16 39.31 24.61
C LEU E 477 -8.28 38.09 24.31
N ARG E 478 -6.96 38.29 24.28
CA ARG E 478 -6.03 37.20 24.07
C ARG E 478 -6.29 36.05 25.02
N THR E 479 -6.27 36.33 26.32
CA THR E 479 -6.57 35.30 27.31
C THR E 479 -7.96 34.72 27.08
N ALA E 480 -8.92 35.58 26.71
CA ALA E 480 -10.26 35.09 26.40
C ALA E 480 -10.24 34.17 25.20
N ALA E 481 -9.32 34.41 24.26
CA ALA E 481 -9.25 33.56 23.07
C ALA E 481 -8.75 32.17 23.43
N TYR E 482 -7.65 32.09 24.17
CA TYR E 482 -7.11 30.80 24.59
C TYR E 482 -8.10 30.00 25.40
N VAL E 483 -8.92 30.68 26.21
CA VAL E 483 -9.95 29.98 26.97
C VAL E 483 -10.88 29.23 26.02
N ASN E 484 -11.38 29.92 24.99
CA ASN E 484 -12.22 29.24 24.02
C ASN E 484 -11.44 28.18 23.27
N ALA E 485 -10.15 28.41 23.04
CA ALA E 485 -9.34 27.41 22.35
C ALA E 485 -9.17 26.18 23.22
N ILE E 486 -8.74 26.37 24.46
CA ILE E 486 -8.46 25.23 25.34
C ILE E 486 -9.72 24.44 25.61
N GLU E 487 -10.84 25.13 25.86
CA GLU E 487 -12.08 24.40 26.14
C GLU E 487 -12.47 23.49 24.99
N LYS E 488 -12.12 23.86 23.75
CA LYS E 488 -12.51 23.04 22.62
C LYS E 488 -11.60 21.83 22.46
N VAL E 489 -10.28 22.04 22.47
CA VAL E 489 -9.36 20.93 22.32
C VAL E 489 -9.48 19.97 23.50
N PHE E 490 -9.92 20.48 24.65
CA PHE E 490 -10.06 19.61 25.81
C PHE E 490 -11.14 18.57 25.60
N ARG E 491 -12.33 19.00 25.16
CA ARG E 491 -13.41 18.07 24.95
C ARG E 491 -13.08 17.00 23.93
N VAL E 492 -12.03 17.19 23.13
CA VAL E 492 -11.64 16.19 22.15
C VAL E 492 -10.84 15.12 22.85
N TYR E 493 -9.82 15.53 23.62
CA TYR E 493 -9.04 14.57 24.39
C TYR E 493 -9.89 13.88 25.44
N ASN E 494 -10.69 14.65 26.18
CA ASN E 494 -11.50 14.09 27.25
C ASN E 494 -12.33 12.91 26.76
N GLU E 495 -13.11 13.12 25.71
CA GLU E 495 -14.04 12.09 25.27
C GLU E 495 -13.38 11.01 24.44
N ALA E 496 -12.20 11.25 23.89
CA ALA E 496 -11.58 10.31 22.99
C ALA E 496 -11.04 9.06 23.68
N GLY E 497 -11.09 8.99 25.01
CA GLY E 497 -10.39 7.91 25.68
C GLY E 497 -8.94 8.03 25.33
N VAL E 498 -8.30 9.09 25.83
CA VAL E 498 -7.22 9.81 25.16
C VAL E 498 -6.28 8.88 24.40
N THR E 499 -5.91 7.77 25.02
CA THR E 499 -4.98 6.84 24.43
C THR E 499 -5.44 5.41 24.67
N PHE E 500 -4.78 4.48 23.99
CA PHE E 500 -4.88 3.07 24.29
C PHE E 500 -3.99 2.67 25.44
N THR E 501 -3.50 3.64 26.20
CA THR E 501 -2.56 3.43 27.28
C THR E 501 -3.27 3.52 28.62
N ASP F 5 -41.32 -23.38 20.02
CA ASP F 5 -41.12 -22.26 19.11
C ASP F 5 -39.88 -21.48 19.47
N ASP F 6 -38.73 -21.99 19.07
CA ASP F 6 -37.44 -21.31 19.25
C ASP F 6 -36.53 -21.68 18.10
N PRO F 7 -36.81 -21.20 16.90
CA PRO F 7 -36.01 -21.59 15.74
C PRO F 7 -34.61 -21.00 15.82
N ASN F 8 -33.68 -21.66 15.14
CA ASN F 8 -32.39 -21.04 14.91
C ASN F 8 -32.59 -19.68 14.28
N PHE F 9 -32.08 -18.63 14.96
CA PHE F 9 -32.41 -17.27 14.57
C PHE F 9 -32.06 -16.99 13.12
N PHE F 10 -31.12 -17.74 12.55
CA PHE F 10 -30.81 -17.60 11.13
C PHE F 10 -31.77 -18.40 10.27
N LYS F 11 -32.27 -19.52 10.79
CA LYS F 11 -33.30 -20.26 10.06
C LYS F 11 -34.63 -19.51 10.09
N MET F 12 -34.79 -18.57 11.02
CA MET F 12 -36.02 -17.80 11.09
C MET F 12 -36.04 -16.70 10.04
N VAL F 13 -35.00 -15.85 10.05
CA VAL F 13 -34.93 -14.75 9.08
C VAL F 13 -34.93 -15.31 7.67
N GLU F 14 -34.24 -16.43 7.46
CA GLU F 14 -34.36 -17.14 6.20
C GLU F 14 -35.81 -17.47 5.91
N GLY F 15 -36.56 -17.86 6.94
CA GLY F 15 -37.96 -18.20 6.74
C GLY F 15 -38.78 -17.03 6.22
N PHE F 16 -38.48 -15.82 6.69
CA PHE F 16 -39.17 -14.65 6.18
C PHE F 16 -38.78 -14.39 4.74
N PHE F 17 -37.47 -14.44 4.47
CA PHE F 17 -36.94 -14.28 3.13
C PHE F 17 -37.62 -15.26 2.19
N ASP F 18 -37.92 -16.45 2.69
CA ASP F 18 -38.56 -17.46 1.86
C ASP F 18 -39.92 -17.00 1.38
N ARG F 19 -40.82 -16.66 2.31
CA ARG F 19 -42.15 -16.19 1.92
C ARG F 19 -42.05 -14.95 1.04
N GLY F 20 -40.97 -14.19 1.19
CA GLY F 20 -40.75 -13.07 0.29
C GLY F 20 -40.48 -13.53 -1.13
N ALA F 21 -39.55 -14.48 -1.28
CA ALA F 21 -39.24 -14.99 -2.62
C ALA F 21 -40.44 -15.69 -3.23
N SER F 22 -41.29 -16.30 -2.40
CA SER F 22 -42.41 -17.06 -2.92
C SER F 22 -43.42 -16.18 -3.63
N ILE F 23 -43.43 -14.88 -3.35
CA ILE F 23 -44.35 -13.97 -3.98
C ILE F 23 -43.68 -13.12 -5.06
N VAL F 24 -42.43 -12.72 -4.87
CA VAL F 24 -41.75 -11.91 -5.86
C VAL F 24 -41.41 -12.72 -7.09
N GLU F 25 -41.18 -14.02 -6.94
CA GLU F 25 -40.60 -14.84 -8.01
C GLU F 25 -41.36 -14.68 -9.32
N ASP F 26 -42.66 -14.40 -9.25
CA ASP F 26 -43.46 -14.26 -10.46
C ASP F 26 -43.32 -12.87 -11.05
N LYS F 27 -43.58 -11.83 -10.25
CA LYS F 27 -43.45 -10.46 -10.72
C LYS F 27 -42.02 -10.07 -10.98
N LEU F 28 -41.08 -11.00 -10.84
CA LEU F 28 -39.67 -10.66 -11.05
C LEU F 28 -39.16 -11.26 -12.35
N VAL F 29 -39.77 -12.35 -12.80
CA VAL F 29 -39.42 -12.91 -14.11
C VAL F 29 -39.81 -11.96 -15.22
N GLU F 30 -40.99 -11.34 -15.09
CA GLU F 30 -41.49 -10.48 -16.14
C GLU F 30 -40.70 -9.18 -16.25
N ASP F 31 -40.00 -8.81 -15.18
CA ASP F 31 -39.13 -7.64 -15.20
C ASP F 31 -37.70 -7.99 -15.61
N LEU F 32 -37.37 -9.26 -15.68
CA LEU F 32 -36.10 -9.71 -16.24
C LEU F 32 -36.19 -9.59 -17.76
N LYS F 33 -35.32 -8.76 -18.34
CA LYS F 33 -35.38 -8.43 -19.76
C LYS F 33 -34.48 -9.28 -20.64
N THR F 34 -33.75 -10.24 -20.07
CA THR F 34 -32.90 -11.09 -20.89
C THR F 34 -33.77 -11.93 -21.82
N ARG F 35 -33.12 -12.53 -22.82
CA ARG F 35 -33.83 -13.30 -23.84
C ARG F 35 -33.56 -14.78 -23.60
N GLU F 36 -34.45 -15.42 -22.86
CA GLU F 36 -34.36 -16.84 -22.58
C GLU F 36 -35.77 -17.42 -22.59
N THR F 37 -35.89 -18.67 -22.13
CA THR F 37 -37.18 -19.32 -22.00
C THR F 37 -37.78 -18.98 -20.65
N GLU F 38 -39.11 -19.09 -20.56
CA GLU F 38 -39.80 -18.81 -19.30
C GLU F 38 -39.19 -19.60 -18.15
N GLU F 39 -39.18 -20.93 -18.28
CA GLU F 39 -38.65 -21.78 -17.22
C GLU F 39 -37.18 -21.43 -16.94
N GLN F 40 -36.42 -21.17 -18.00
CA GLN F 40 -35.04 -20.75 -17.85
C GLN F 40 -34.93 -19.51 -16.98
N LYS F 41 -35.72 -18.48 -17.28
CA LYS F 41 -35.69 -17.26 -16.48
C LYS F 41 -35.97 -17.57 -15.02
N ARG F 42 -36.87 -18.51 -14.75
CA ARG F 42 -37.12 -18.90 -13.37
C ARG F 42 -35.93 -19.66 -12.80
N ASN F 43 -35.25 -20.43 -13.64
CA ASN F 43 -34.01 -21.06 -13.19
C ASN F 43 -32.91 -20.03 -13.01
N ARG F 44 -33.15 -18.80 -13.49
CA ARG F 44 -32.22 -17.72 -13.22
C ARG F 44 -32.58 -16.98 -11.94
N VAL F 45 -33.87 -16.78 -11.70
CA VAL F 45 -34.29 -16.05 -10.51
C VAL F 45 -33.96 -16.85 -9.26
N ARG F 46 -34.51 -18.06 -9.14
CA ARG F 46 -34.26 -18.88 -7.96
C ARG F 46 -32.78 -18.99 -7.65
N SER F 47 -31.94 -19.02 -8.68
CA SER F 47 -30.50 -19.09 -8.46
C SER F 47 -29.98 -17.83 -7.76
N ILE F 48 -30.31 -16.66 -8.28
CA ILE F 48 -29.86 -15.42 -7.64
C ILE F 48 -30.40 -15.34 -6.22
N LEU F 49 -31.61 -15.83 -5.99
CA LEU F 49 -32.14 -15.82 -4.63
C LEU F 49 -31.31 -16.68 -3.70
N ARG F 50 -30.77 -17.79 -4.21
CA ARG F 50 -29.89 -18.61 -3.38
C ARG F 50 -28.55 -17.95 -3.13
N ILE F 51 -28.20 -16.92 -3.88
CA ILE F 51 -26.96 -16.18 -3.64
C ILE F 51 -27.16 -15.09 -2.61
N ILE F 52 -28.33 -14.46 -2.62
CA ILE F 52 -28.61 -13.40 -1.66
C ILE F 52 -28.63 -13.97 -0.24
N LYS F 53 -29.42 -15.03 -0.05
CA LYS F 53 -29.72 -15.57 1.27
C LYS F 53 -28.53 -15.77 2.19
N PRO F 54 -27.46 -16.46 1.81
CA PRO F 54 -26.39 -16.76 2.78
C PRO F 54 -25.45 -15.59 2.97
N CYS F 55 -24.66 -15.67 4.03
CA CYS F 55 -23.68 -14.66 4.35
C CYS F 55 -22.40 -14.89 3.55
N ASN F 56 -21.79 -13.81 3.07
CA ASN F 56 -20.62 -13.97 2.22
C ASN F 56 -19.34 -14.09 3.02
N HIS F 57 -19.33 -13.67 4.28
CA HIS F 57 -18.15 -13.75 5.11
C HIS F 57 -18.58 -13.82 6.56
N VAL F 58 -18.07 -14.81 7.29
CA VAL F 58 -18.33 -14.87 8.73
C VAL F 58 -17.02 -15.15 9.43
N LEU F 59 -16.33 -14.10 9.84
CA LEU F 59 -15.08 -14.23 10.57
C LEU F 59 -15.39 -14.75 11.95
N SER F 60 -14.37 -15.21 12.66
CA SER F 60 -14.52 -15.73 14.01
C SER F 60 -13.17 -15.67 14.69
N LEU F 61 -13.14 -15.15 15.90
CA LEU F 61 -11.89 -14.71 16.50
C LEU F 61 -11.64 -15.43 17.82
N SER F 62 -10.58 -15.00 18.49
CA SER F 62 -10.27 -15.45 19.85
C SER F 62 -9.21 -14.49 20.39
N PHE F 63 -9.45 -13.94 21.58
CA PHE F 63 -8.63 -12.85 22.09
C PHE F 63 -7.93 -13.28 23.36
N PRO F 64 -6.62 -13.32 23.38
CA PRO F 64 -5.93 -13.30 24.66
C PRO F 64 -5.98 -11.91 25.26
N ILE F 65 -6.54 -11.82 26.46
CA ILE F 65 -6.58 -10.57 27.20
C ILE F 65 -5.97 -10.77 28.58
N ARG F 66 -5.56 -9.67 29.19
CA ARG F 66 -5.00 -9.68 30.54
C ARG F 66 -5.93 -8.87 31.43
N ARG F 67 -6.77 -9.58 32.19
CA ARG F 67 -7.61 -8.92 33.16
C ARG F 67 -6.73 -8.21 34.20
N ASP F 68 -7.34 -7.26 34.92
CA ASP F 68 -6.57 -6.47 35.87
C ASP F 68 -5.95 -7.30 36.99
N ASP F 69 -6.50 -8.48 37.27
CA ASP F 69 -5.86 -9.38 38.23
C ASP F 69 -4.78 -10.24 37.60
N GLY F 70 -4.35 -9.90 36.38
CA GLY F 70 -3.24 -10.58 35.75
C GLY F 70 -3.58 -11.85 35.03
N SER F 71 -4.74 -12.45 35.32
CA SER F 71 -5.11 -13.69 34.65
C SER F 71 -5.48 -13.44 33.19
N TRP F 72 -5.30 -14.47 32.38
CA TRP F 72 -5.62 -14.42 30.96
C TRP F 72 -7.03 -14.96 30.72
N GLU F 73 -7.61 -14.54 29.60
CA GLU F 73 -8.85 -15.13 29.12
C GLU F 73 -8.85 -15.13 27.60
N VAL F 74 -9.71 -15.96 27.03
CA VAL F 74 -10.00 -15.91 25.61
C VAL F 74 -11.37 -15.27 25.44
N ILE F 75 -11.55 -14.60 24.31
CA ILE F 75 -12.80 -13.90 24.05
C ILE F 75 -13.20 -14.17 22.61
N GLU F 76 -14.15 -15.08 22.41
CA GLU F 76 -14.65 -15.33 21.08
C GLU F 76 -15.35 -14.09 20.55
N GLY F 77 -15.03 -13.71 19.33
CA GLY F 77 -15.68 -12.58 18.70
C GLY F 77 -16.00 -12.92 17.26
N TYR F 78 -17.09 -12.36 16.75
CA TYR F 78 -17.64 -12.74 15.47
C TYR F 78 -17.84 -11.49 14.64
N ARG F 79 -17.85 -11.66 13.32
CA ARG F 79 -18.35 -10.61 12.45
C ARG F 79 -18.75 -11.20 11.12
N ALA F 80 -19.96 -10.89 10.71
CA ALA F 80 -20.48 -11.35 9.43
C ALA F 80 -20.64 -10.16 8.50
N GLN F 81 -20.38 -10.38 7.23
CA GLN F 81 -20.73 -9.43 6.18
C GLN F 81 -21.71 -10.17 5.30
N HIS F 82 -23.01 -9.86 5.45
CA HIS F 82 -24.00 -10.61 4.69
C HIS F 82 -23.78 -10.48 3.20
N SER F 83 -23.88 -9.28 2.66
CA SER F 83 -23.78 -9.16 1.22
C SER F 83 -22.79 -8.08 0.83
N GLN F 84 -22.31 -8.13 -0.40
CA GLN F 84 -21.32 -7.18 -0.89
C GLN F 84 -21.81 -6.38 -2.07
N HIS F 85 -23.12 -6.38 -2.32
CA HIS F 85 -23.66 -5.69 -3.48
C HIS F 85 -23.57 -4.19 -3.30
N ARG F 86 -23.09 -3.75 -2.13
CA ARG F 86 -23.14 -2.35 -1.78
C ARG F 86 -22.08 -2.03 -0.74
N THR F 87 -21.09 -1.36 -1.09
CA THR F 87 -20.10 -1.15 -0.04
C THR F 87 -20.16 0.29 0.47
N PRO F 88 -19.81 0.54 1.75
CA PRO F 88 -19.36 -0.44 2.74
C PRO F 88 -20.50 -1.20 3.34
N CYS F 89 -20.23 -1.98 4.37
CA CYS F 89 -21.24 -2.73 5.09
C CYS F 89 -21.29 -2.25 6.53
N LYS F 90 -22.42 -1.70 6.94
CA LYS F 90 -22.59 -1.31 8.33
C LYS F 90 -23.16 -2.44 9.16
N GLY F 91 -23.03 -2.27 10.47
CA GLY F 91 -23.54 -3.24 11.41
C GLY F 91 -23.02 -3.00 12.80
N GLY F 92 -23.89 -3.12 13.80
CA GLY F 92 -23.52 -2.84 15.15
C GLY F 92 -22.53 -3.84 15.70
N ILE F 93 -22.03 -3.54 16.89
CA ILE F 93 -21.21 -4.46 17.66
C ILE F 93 -21.93 -4.73 18.97
N ARG F 94 -22.38 -5.96 19.15
CA ARG F 94 -23.16 -6.34 20.32
C ARG F 94 -22.25 -7.02 21.33
N TYR F 95 -22.40 -6.67 22.60
CA TYR F 95 -21.73 -7.37 23.69
C TYR F 95 -22.79 -8.12 24.49
N SER F 96 -22.74 -9.45 24.43
CA SER F 96 -23.67 -10.25 25.20
C SER F 96 -23.13 -11.68 25.25
N THR F 97 -23.34 -12.35 26.37
CA THR F 97 -22.95 -13.74 26.51
C THR F 97 -23.88 -14.67 25.76
N ASP F 98 -24.84 -14.14 25.01
CA ASP F 98 -25.75 -14.95 24.22
C ASP F 98 -25.54 -14.79 22.74
N VAL F 99 -24.43 -14.22 22.31
CA VAL F 99 -24.15 -14.02 20.90
C VAL F 99 -23.48 -15.27 20.36
N SER F 100 -23.71 -15.57 19.09
CA SER F 100 -23.07 -16.69 18.42
C SER F 100 -23.11 -16.44 16.92
N VAL F 101 -22.38 -17.27 16.18
CA VAL F 101 -22.37 -17.09 14.73
C VAL F 101 -23.76 -17.31 14.17
N ASP F 102 -24.54 -18.18 14.78
CA ASP F 102 -25.88 -18.43 14.28
C ASP F 102 -26.78 -17.22 14.48
N GLU F 103 -26.47 -16.41 15.49
CA GLU F 103 -27.21 -15.16 15.67
C GLU F 103 -26.67 -14.07 14.75
N VAL F 104 -25.36 -13.87 14.76
CA VAL F 104 -24.75 -12.78 14.01
C VAL F 104 -25.09 -12.91 12.52
N LYS F 105 -25.01 -14.13 11.99
CA LYS F 105 -25.34 -14.34 10.59
C LYS F 105 -26.71 -13.77 10.23
N ALA F 106 -27.68 -13.88 11.13
CA ALA F 106 -29.02 -13.42 10.79
C ALA F 106 -29.14 -11.92 10.98
N LEU F 107 -28.68 -11.41 12.13
CA LEU F 107 -28.67 -9.96 12.33
C LEU F 107 -27.90 -9.29 11.21
N ALA F 108 -26.86 -9.93 10.71
CA ALA F 108 -26.15 -9.40 9.56
C ALA F 108 -27.06 -9.35 8.35
N SER F 109 -27.91 -10.35 8.19
CA SER F 109 -28.80 -10.39 7.04
C SER F 109 -29.82 -9.27 7.12
N LEU F 110 -30.45 -9.09 8.29
CA LEU F 110 -31.46 -8.06 8.44
C LEU F 110 -30.96 -6.71 7.95
N MET F 111 -29.75 -6.32 8.35
CA MET F 111 -29.29 -5.00 7.96
C MET F 111 -29.00 -4.91 6.47
N THR F 112 -28.83 -6.03 5.79
CA THR F 112 -28.83 -5.95 4.34
C THR F 112 -30.20 -5.57 3.82
N TYR F 113 -31.26 -5.89 4.57
CA TYR F 113 -32.58 -5.56 4.09
C TYR F 113 -33.07 -4.25 4.67
N LYS F 114 -32.79 -4.00 5.96
CA LYS F 114 -33.04 -2.69 6.52
C LYS F 114 -32.51 -1.61 5.61
N CYS F 115 -31.22 -1.69 5.28
CA CYS F 115 -30.62 -0.70 4.41
C CYS F 115 -31.25 -0.69 3.04
N ALA F 116 -31.87 -1.79 2.62
CA ALA F 116 -32.54 -1.81 1.33
C ALA F 116 -33.94 -1.24 1.43
N VAL F 117 -34.60 -1.41 2.57
CA VAL F 117 -35.95 -0.89 2.74
C VAL F 117 -35.94 0.62 2.83
N VAL F 118 -34.89 1.21 3.39
CA VAL F 118 -34.81 2.65 3.53
C VAL F 118 -33.77 3.26 2.60
N ASP F 119 -33.35 2.51 1.58
CA ASP F 119 -32.60 3.06 0.45
C ASP F 119 -31.28 3.67 0.89
N VAL F 120 -30.59 2.99 1.78
CA VAL F 120 -29.32 3.49 2.30
C VAL F 120 -28.20 2.65 1.70
N PRO F 121 -27.21 3.28 1.09
CA PRO F 121 -26.12 2.52 0.44
C PRO F 121 -25.20 1.62 1.31
N PHE F 122 -25.72 0.62 2.02
CA PHE F 122 -24.79 -0.23 2.75
C PHE F 122 -25.22 -1.68 2.64
N GLY F 123 -24.25 -2.57 2.50
CA GLY F 123 -24.50 -3.95 2.77
C GLY F 123 -24.72 -4.18 4.24
N GLY F 124 -25.10 -5.41 4.60
CA GLY F 124 -25.35 -5.74 5.99
C GLY F 124 -24.09 -6.26 6.66
N ALA F 125 -24.05 -6.13 7.97
CA ALA F 125 -22.96 -6.66 8.77
C ALA F 125 -23.39 -6.70 10.21
N LYS F 126 -22.64 -7.41 11.04
CA LYS F 126 -22.91 -7.46 12.46
C LYS F 126 -21.73 -8.10 13.14
N ALA F 127 -21.38 -7.64 14.32
CA ALA F 127 -20.28 -8.22 15.07
C ALA F 127 -20.69 -8.45 16.49
N GLY F 128 -20.33 -9.62 17.01
CA GLY F 128 -20.65 -9.95 18.38
C GLY F 128 -19.40 -10.26 19.15
N VAL F 129 -19.53 -10.23 20.48
CA VAL F 129 -18.45 -10.59 21.37
C VAL F 129 -19.07 -11.32 22.55
N LYS F 130 -18.72 -12.58 22.77
CA LYS F 130 -19.22 -13.31 23.93
C LYS F 130 -18.59 -12.69 25.17
N ILE F 131 -19.37 -11.87 25.88
CA ILE F 131 -18.85 -11.04 26.94
C ILE F 131 -20.05 -10.51 27.72
N ASN F 132 -19.84 -10.19 28.98
CA ASN F 132 -20.86 -9.51 29.78
C ASN F 132 -20.27 -8.22 30.32
N PRO F 133 -20.58 -7.08 29.71
CA PRO F 133 -19.91 -5.83 30.11
C PRO F 133 -20.16 -5.45 31.55
N LYS F 134 -21.16 -6.03 32.19
CA LYS F 134 -21.43 -5.72 33.59
C LYS F 134 -20.40 -6.36 34.50
N ASN F 135 -19.53 -7.20 33.95
CA ASN F 135 -18.56 -7.90 34.78
C ASN F 135 -17.19 -7.25 34.77
N TYR F 136 -16.82 -6.56 33.71
CA TYR F 136 -15.43 -6.20 33.49
C TYR F 136 -15.18 -4.74 33.85
N THR F 137 -13.96 -4.47 34.31
CA THR F 137 -13.49 -3.11 34.55
C THR F 137 -13.61 -2.28 33.28
N ASP F 138 -13.82 -0.98 33.47
CA ASP F 138 -13.89 -0.07 32.33
C ASP F 138 -12.50 0.17 31.75
N ASN F 139 -11.48 -0.51 32.27
CA ASN F 139 -10.21 -0.59 31.58
C ASN F 139 -10.20 -1.82 30.69
N GLU F 140 -10.74 -2.93 31.21
CA GLU F 140 -10.73 -4.17 30.46
C GLU F 140 -11.56 -4.05 29.21
N LEU F 141 -12.69 -3.36 29.28
CA LEU F 141 -13.48 -3.15 28.07
C LEU F 141 -12.71 -2.38 27.03
N GLU F 142 -11.77 -1.53 27.44
CA GLU F 142 -10.94 -0.88 26.44
C GLU F 142 -9.96 -1.85 25.82
N LYS F 143 -9.24 -2.61 26.63
CA LYS F 143 -8.32 -3.60 26.09
C LYS F 143 -9.03 -4.64 25.24
N ILE F 144 -10.31 -4.84 25.45
CA ILE F 144 -11.07 -5.78 24.63
C ILE F 144 -11.54 -5.13 23.34
N THR F 145 -12.10 -3.93 23.43
CA THR F 145 -12.57 -3.26 22.22
C THR F 145 -11.45 -2.90 21.28
N ARG F 146 -10.30 -2.47 21.81
CA ARG F 146 -9.20 -2.13 20.93
C ARG F 146 -8.60 -3.35 20.29
N ARG F 147 -8.48 -4.45 21.03
CA ARG F 147 -7.97 -5.67 20.44
C ARG F 147 -8.92 -6.23 19.39
N PHE F 148 -10.23 -6.15 19.64
CA PHE F 148 -11.21 -6.62 18.69
C PHE F 148 -11.16 -5.89 17.36
N THR F 149 -10.75 -4.62 17.36
CA THR F 149 -10.61 -3.91 16.10
C THR F 149 -9.25 -4.16 15.47
N MET F 150 -8.22 -4.28 16.30
CA MET F 150 -6.90 -4.64 15.80
C MET F 150 -6.97 -5.94 15.01
N GLU F 151 -7.77 -6.89 15.48
CA GLU F 151 -7.89 -8.16 14.78
C GLU F 151 -8.68 -8.00 13.49
N LEU F 152 -9.82 -7.31 13.55
CA LEU F 152 -10.61 -7.13 12.35
C LEU F 152 -9.84 -6.34 11.30
N ALA F 153 -9.28 -5.20 11.69
CA ALA F 153 -8.65 -4.32 10.72
C ALA F 153 -7.60 -5.04 9.91
N LYS F 154 -6.73 -5.82 10.56
CA LYS F 154 -5.68 -6.48 9.81
C LYS F 154 -6.23 -7.55 8.88
N LYS F 155 -7.47 -7.97 9.05
CA LYS F 155 -8.09 -8.95 8.16
C LYS F 155 -9.16 -8.33 7.29
N GLY F 156 -9.18 -7.01 7.14
CA GLY F 156 -10.11 -6.37 6.24
C GLY F 156 -11.57 -6.49 6.64
N PHE F 157 -11.90 -6.13 7.87
CA PHE F 157 -13.28 -6.07 8.33
C PHE F 157 -13.62 -4.78 9.03
N ILE F 158 -12.73 -3.80 9.02
CA ILE F 158 -13.03 -2.45 9.44
C ILE F 158 -12.35 -1.51 8.47
N GLY F 159 -12.99 -0.38 8.18
CA GLY F 159 -12.44 0.58 7.27
C GLY F 159 -13.52 1.17 6.41
N PRO F 160 -13.45 2.48 6.17
CA PRO F 160 -14.57 3.16 5.49
C PRO F 160 -14.88 2.62 4.12
N GLY F 161 -14.12 1.66 3.62
CA GLY F 161 -14.41 1.11 2.32
C GLY F 161 -14.96 -0.31 2.40
N VAL F 162 -14.89 -0.90 3.58
CA VAL F 162 -15.35 -2.28 3.72
C VAL F 162 -16.46 -2.38 4.76
N ASP F 163 -16.18 -2.05 6.01
CA ASP F 163 -17.17 -2.16 7.07
C ASP F 163 -17.15 -0.93 7.94
N VAL F 164 -18.29 -0.65 8.55
CA VAL F 164 -18.42 0.49 9.45
C VAL F 164 -19.19 0.03 10.68
N PRO F 165 -18.51 -0.28 11.77
CA PRO F 165 -19.22 -0.67 12.99
C PRO F 165 -20.15 0.41 13.52
N ALA F 166 -20.99 0.06 14.48
CA ALA F 166 -21.96 1.01 15.01
C ALA F 166 -22.38 0.57 16.39
N PRO F 167 -23.01 1.42 17.18
CA PRO F 167 -23.49 0.98 18.49
C PRO F 167 -24.59 -0.05 18.37
N ASP F 168 -24.70 -0.88 19.39
CA ASP F 168 -25.77 -1.85 19.51
C ASP F 168 -25.86 -2.23 20.98
N MET F 169 -26.55 -3.32 21.27
CA MET F 169 -26.76 -3.78 22.64
C MET F 169 -25.49 -3.71 23.46
N SER F 170 -25.61 -3.10 24.65
CA SER F 170 -24.53 -3.05 25.62
C SER F 170 -23.29 -2.32 25.09
N THR F 171 -23.46 -1.51 24.05
CA THR F 171 -22.40 -0.63 23.60
C THR F 171 -22.98 0.75 23.34
N GLY F 172 -22.16 1.76 23.55
CA GLY F 172 -22.60 3.13 23.38
C GLY F 172 -21.53 3.95 22.69
N GLU F 173 -21.59 5.26 22.90
CA GLU F 173 -20.61 6.15 22.29
C GLU F 173 -19.24 5.99 22.94
N ARG F 174 -19.21 5.42 24.15
CA ARG F 174 -17.92 5.17 24.79
C ARG F 174 -17.09 4.19 23.99
N GLU F 175 -17.69 3.05 23.61
CA GLU F 175 -16.96 2.03 22.87
C GLU F 175 -16.60 2.53 21.48
N MET F 176 -17.55 3.13 20.78
CA MET F 176 -17.31 3.53 19.39
C MET F 176 -16.17 4.52 19.28
N SER F 177 -15.83 5.20 20.37
CA SER F 177 -14.70 6.12 20.33
C SER F 177 -13.38 5.37 20.43
N TRP F 178 -13.36 4.28 21.21
CA TRP F 178 -12.17 3.45 21.30
C TRP F 178 -11.83 2.81 19.97
N ILE F 179 -12.85 2.47 19.18
CA ILE F 179 -12.61 1.86 17.89
C ILE F 179 -12.01 2.87 16.92
N ALA F 180 -12.68 4.01 16.76
CA ALA F 180 -12.22 5.01 15.81
C ALA F 180 -10.82 5.48 16.14
N ASP F 181 -10.46 5.49 17.41
CA ASP F 181 -9.13 5.95 17.79
C ASP F 181 -8.07 4.89 17.52
N THR F 182 -8.44 3.62 17.70
CA THR F 182 -7.48 2.56 17.42
C THR F 182 -7.24 2.41 15.92
N TYR F 183 -8.31 2.48 15.14
CA TYR F 183 -8.16 2.34 13.70
C TYR F 183 -7.40 3.52 13.12
N ALA F 184 -7.71 4.73 13.57
CA ALA F 184 -7.10 5.92 12.99
C ALA F 184 -5.60 5.93 13.25
N SER F 185 -5.17 5.35 14.38
CA SER F 185 -3.78 5.48 14.77
C SER F 185 -2.93 4.26 14.43
N THR F 186 -3.51 3.20 13.89
CA THR F 186 -2.71 2.03 13.55
C THR F 186 -2.74 1.72 12.06
N ILE F 187 -3.92 1.52 11.48
CA ILE F 187 -3.99 0.95 10.14
C ILE F 187 -4.21 2.08 9.15
N GLY F 188 -5.31 2.79 9.29
CA GLY F 188 -5.62 3.85 8.37
C GLY F 188 -5.09 5.20 8.82
N HIS F 189 -3.83 5.25 9.24
CA HIS F 189 -3.27 6.54 9.63
C HIS F 189 -3.23 7.51 8.47
N TYR F 190 -2.64 7.09 7.35
CA TYR F 190 -2.50 8.00 6.22
C TYR F 190 -3.83 8.27 5.54
N ASP F 191 -4.75 7.32 5.58
CA ASP F 191 -6.02 7.47 4.90
C ASP F 191 -6.72 8.73 5.35
N ILE F 192 -7.27 9.50 4.42
CA ILE F 192 -7.95 10.74 4.78
C ILE F 192 -9.26 10.45 5.47
N ASN F 193 -9.85 9.28 5.21
CA ASN F 193 -11.15 8.92 5.77
C ASN F 193 -11.02 8.06 7.01
N ALA F 194 -9.92 8.22 7.76
CA ALA F 194 -9.65 7.36 8.91
C ALA F 194 -10.79 7.41 9.92
N HIS F 195 -11.04 8.59 10.48
CA HIS F 195 -12.04 8.74 11.52
C HIS F 195 -13.43 8.32 11.07
N ALA F 196 -13.65 8.15 9.78
CA ALA F 196 -14.97 7.75 9.28
C ALA F 196 -15.17 6.26 9.30
N CYS F 197 -14.39 5.51 10.08
CA CYS F 197 -14.51 4.07 10.06
C CYS F 197 -15.68 3.55 10.86
N VAL F 198 -16.16 4.29 11.84
CA VAL F 198 -17.29 3.88 12.67
C VAL F 198 -18.28 5.03 12.76
N THR F 199 -19.52 4.68 13.08
CA THR F 199 -20.55 5.66 13.34
C THR F 199 -20.90 5.59 14.82
N GLY F 200 -21.82 6.45 15.24
CA GLY F 200 -22.14 6.48 16.65
C GLY F 200 -21.06 7.06 17.53
N LYS F 201 -20.08 7.71 16.94
CA LYS F 201 -19.04 8.36 17.71
C LYS F 201 -19.60 9.53 18.50
N PRO F 202 -18.90 9.97 19.54
CA PRO F 202 -19.30 11.19 20.24
C PRO F 202 -19.24 12.38 19.31
N ILE F 203 -19.97 13.43 19.67
CA ILE F 203 -20.03 14.61 18.83
C ILE F 203 -18.63 15.20 18.66
N SER F 204 -17.91 15.39 19.76
CA SER F 204 -16.57 15.95 19.68
C SER F 204 -15.62 15.09 18.85
N GLN F 205 -15.95 13.83 18.64
CA GLN F 205 -15.14 12.94 17.82
C GLN F 205 -15.74 12.72 16.44
N GLY F 206 -16.67 13.55 16.02
CA GLY F 206 -17.25 13.44 14.70
C GLY F 206 -18.62 12.80 14.66
N GLY F 207 -19.44 12.98 15.68
CA GLY F 207 -20.77 12.41 15.70
C GLY F 207 -21.77 13.27 14.97
N ILE F 208 -23.04 13.01 15.27
CA ILE F 208 -24.17 13.73 14.70
C ILE F 208 -25.14 14.06 15.81
N HIS F 209 -25.70 15.26 15.76
CA HIS F 209 -26.78 15.61 16.67
C HIS F 209 -27.82 14.51 16.70
N GLY F 210 -28.11 14.00 17.90
CA GLY F 210 -29.14 13.01 18.06
C GLY F 210 -28.83 11.67 17.46
N ARG F 211 -27.59 11.20 17.54
CA ARG F 211 -27.31 9.82 17.14
C ARG F 211 -27.88 8.85 18.15
N ILE F 212 -27.95 9.25 19.41
CA ILE F 212 -28.53 8.39 20.43
C ILE F 212 -30.04 8.28 20.23
N SER F 213 -30.72 9.42 20.15
CA SER F 213 -32.16 9.40 19.95
C SER F 213 -32.55 9.06 18.53
N ALA F 214 -31.58 8.72 17.68
CA ALA F 214 -31.88 8.46 16.27
C ALA F 214 -32.86 7.31 16.13
N THR F 215 -32.56 6.18 16.78
CA THR F 215 -33.41 5.01 16.64
C THR F 215 -34.81 5.27 17.18
N GLY F 216 -34.89 6.01 18.29
CA GLY F 216 -36.20 6.33 18.85
C GLY F 216 -37.09 7.05 17.87
N ARG F 217 -36.56 8.12 17.27
CA ARG F 217 -37.30 8.83 16.23
C ARG F 217 -37.77 7.87 15.14
N GLY F 218 -36.94 6.87 14.84
CA GLY F 218 -37.36 5.86 13.89
C GLY F 218 -38.65 5.21 14.32
N VAL F 219 -38.64 4.60 15.50
CA VAL F 219 -39.84 3.99 16.04
C VAL F 219 -40.99 4.97 16.06
N PHE F 220 -40.70 6.25 16.30
CA PHE F 220 -41.75 7.25 16.31
C PHE F 220 -42.31 7.51 14.90
N HIS F 221 -41.46 7.99 14.00
CA HIS F 221 -41.94 8.29 12.65
C HIS F 221 -42.53 7.07 11.97
N GLY F 222 -42.12 5.88 12.36
CA GLY F 222 -42.72 4.68 11.82
C GLY F 222 -44.16 4.54 12.27
N ILE F 223 -44.35 4.53 13.58
CA ILE F 223 -45.71 4.42 14.13
C ILE F 223 -46.59 5.53 13.58
N GLU F 224 -46.08 6.76 13.55
CA GLU F 224 -46.86 7.87 13.03
C GLU F 224 -47.27 7.64 11.58
N ASN F 225 -46.37 7.12 10.76
CA ASN F 225 -46.70 6.90 9.36
C ASN F 225 -47.78 5.84 9.16
N PHE F 226 -48.15 5.10 10.20
CA PHE F 226 -49.21 4.11 10.11
C PHE F 226 -50.44 4.50 10.91
N ILE F 227 -50.27 4.93 12.16
CA ILE F 227 -51.39 5.41 12.96
C ILE F 227 -52.20 6.45 12.20
N ASN F 228 -51.53 7.32 11.45
CA ASN F 228 -52.20 8.34 10.67
C ASN F 228 -52.60 7.83 9.28
N GLU F 229 -52.72 6.51 9.13
CA GLU F 229 -53.24 5.91 7.91
C GLU F 229 -54.56 5.20 8.24
N ALA F 230 -55.68 5.83 7.86
CA ALA F 230 -56.99 5.29 8.22
C ALA F 230 -57.28 3.96 7.55
N SER F 231 -56.66 3.69 6.40
CA SER F 231 -56.93 2.46 5.67
C SER F 231 -56.71 1.22 6.52
N TYR F 232 -55.78 1.30 7.46
CA TYR F 232 -55.53 0.20 8.40
C TYR F 232 -56.25 0.38 9.72
N MET F 233 -56.32 1.61 10.21
CA MET F 233 -56.97 1.87 11.48
C MET F 233 -58.46 1.56 11.40
N SER F 234 -59.04 1.65 10.21
CA SER F 234 -60.39 1.14 9.99
C SER F 234 -60.45 -0.37 10.14
N ILE F 235 -59.37 -1.08 9.83
CA ILE F 235 -59.34 -2.53 9.95
C ILE F 235 -59.05 -2.88 11.41
N LEU F 236 -57.99 -2.29 11.96
CA LEU F 236 -57.64 -2.57 13.35
C LEU F 236 -58.71 -2.09 14.33
N GLY F 237 -59.54 -1.13 13.92
CA GLY F 237 -60.56 -0.63 14.81
C GLY F 237 -60.04 0.30 15.88
N MET F 238 -59.28 1.32 15.50
CA MET F 238 -58.74 2.31 16.42
C MET F 238 -58.86 3.69 15.79
N THR F 239 -58.18 4.67 16.40
CA THR F 239 -58.30 6.05 15.99
C THR F 239 -56.94 6.61 15.59
N PRO F 240 -56.86 7.28 14.44
CA PRO F 240 -55.63 7.98 14.09
C PRO F 240 -55.30 9.10 15.06
N GLY F 241 -54.22 8.91 15.81
CA GLY F 241 -53.78 9.86 16.80
C GLY F 241 -53.02 9.19 17.93
N PHE F 242 -52.29 9.97 18.71
CA PHE F 242 -51.50 9.42 19.80
C PHE F 242 -52.07 9.69 21.18
N GLY F 243 -52.46 10.94 21.46
CA GLY F 243 -52.97 11.28 22.78
C GLY F 243 -54.21 10.50 23.18
N ASP F 244 -54.83 9.81 22.23
CA ASP F 244 -56.02 9.01 22.48
C ASP F 244 -55.71 7.56 22.81
N LYS F 245 -54.45 7.14 22.72
CA LYS F 245 -54.11 5.75 22.94
C LYS F 245 -52.79 5.69 23.72
N THR F 246 -52.46 4.49 24.20
CA THR F 246 -51.30 4.29 25.04
C THR F 246 -50.34 3.29 24.42
N PHE F 247 -49.29 2.93 25.14
CA PHE F 247 -48.27 2.03 24.64
C PHE F 247 -47.41 1.61 25.81
N VAL F 248 -46.69 0.51 25.63
CA VAL F 248 -45.78 -0.02 26.63
C VAL F 248 -44.42 -0.22 25.98
N VAL F 249 -43.42 -0.55 26.80
CA VAL F 249 -42.05 -0.64 26.32
C VAL F 249 -41.36 -1.81 27.02
N GLN F 250 -40.74 -2.67 26.21
CA GLN F 250 -39.85 -3.71 26.71
C GLN F 250 -38.43 -3.22 26.53
N GLY F 251 -37.60 -3.36 27.55
CA GLY F 251 -36.20 -3.01 27.36
C GLY F 251 -35.90 -1.53 27.42
N PHE F 252 -35.99 -0.93 28.60
CA PHE F 252 -35.89 0.51 28.79
C PHE F 252 -34.60 1.12 28.25
N GLY F 253 -33.71 0.30 27.69
CA GLY F 253 -32.47 0.81 27.12
C GLY F 253 -32.65 1.78 25.96
N ASN F 254 -31.54 2.11 25.28
CA ASN F 254 -31.50 3.20 24.32
C ASN F 254 -32.74 3.31 23.45
N VAL F 255 -33.11 2.23 22.78
CA VAL F 255 -34.31 2.27 21.95
C VAL F 255 -35.54 2.51 22.82
N GLY F 256 -35.78 1.62 23.77
CA GLY F 256 -36.94 1.76 24.64
C GLY F 256 -37.02 3.11 25.30
N LEU F 257 -35.89 3.63 25.76
CA LEU F 257 -35.88 4.94 26.41
C LEU F 257 -36.39 6.02 25.47
N HIS F 258 -35.69 6.22 24.35
CA HIS F 258 -36.04 7.31 23.45
C HIS F 258 -37.28 7.00 22.64
N SER F 259 -37.67 5.74 22.56
CA SER F 259 -38.99 5.44 22.00
C SER F 259 -40.08 6.02 22.90
N MET F 260 -39.83 6.10 24.20
CA MET F 260 -40.81 6.70 25.10
C MET F 260 -40.93 8.20 24.85
N ARG F 261 -39.85 8.95 25.06
CA ARG F 261 -39.96 10.40 25.10
C ARG F 261 -40.59 10.96 23.83
N TYR F 262 -40.10 10.53 22.68
CA TYR F 262 -40.66 10.98 21.41
C TYR F 262 -42.08 10.51 21.21
N LEU F 263 -42.47 9.40 21.82
CA LEU F 263 -43.85 8.97 21.77
C LEU F 263 -44.63 9.42 23.00
N HIS F 264 -43.93 9.86 24.05
CA HIS F 264 -44.54 10.45 25.24
C HIS F 264 -44.90 11.90 25.05
N ARG F 265 -44.14 12.63 24.24
CA ARG F 265 -44.35 14.06 24.10
C ARG F 265 -45.62 14.38 23.31
N PHE F 266 -46.23 13.38 22.68
CA PHE F 266 -47.43 13.59 21.89
C PHE F 266 -48.63 12.86 22.47
N GLY F 267 -48.79 12.92 23.79
CA GLY F 267 -49.99 12.48 24.45
C GLY F 267 -50.08 10.99 24.70
N ALA F 268 -49.43 10.17 23.88
CA ALA F 268 -49.46 8.74 24.09
C ALA F 268 -48.88 8.42 25.46
N LYS F 269 -49.66 7.70 26.26
CA LYS F 269 -49.38 7.52 27.68
C LYS F 269 -48.68 6.19 27.88
N CYS F 270 -47.37 6.24 28.14
CA CYS F 270 -46.59 5.03 28.33
C CYS F 270 -47.03 4.31 29.59
N ILE F 271 -47.70 3.18 29.42
CA ILE F 271 -48.25 2.46 30.56
C ILE F 271 -47.16 1.86 31.42
N THR F 272 -46.35 0.95 30.88
CA THR F 272 -45.41 0.23 31.71
C THR F 272 -44.07 0.12 30.99
N VAL F 273 -43.11 -0.48 31.68
CA VAL F 273 -41.77 -0.69 31.19
C VAL F 273 -41.16 -1.83 32.00
N GLY F 274 -40.27 -2.60 31.39
CA GLY F 274 -39.62 -3.69 32.09
C GLY F 274 -38.19 -3.85 31.62
N GLU F 275 -37.52 -4.80 32.23
CA GLU F 275 -36.14 -5.13 31.87
C GLU F 275 -35.83 -6.52 32.43
N SER F 276 -34.56 -6.89 32.41
CA SER F 276 -34.14 -8.20 32.89
C SER F 276 -34.58 -8.47 34.31
N ASP F 277 -34.74 -7.44 35.14
CA ASP F 277 -35.18 -7.60 36.51
C ASP F 277 -36.70 -7.76 36.64
N GLY F 278 -37.48 -6.76 36.25
CA GLY F 278 -38.91 -6.81 36.46
C GLY F 278 -39.65 -5.68 35.77
N SER F 279 -40.95 -5.62 35.96
CA SER F 279 -41.81 -4.68 35.25
C SER F 279 -42.26 -3.57 36.19
N ILE F 280 -42.61 -2.44 35.59
CA ILE F 280 -43.01 -1.24 36.31
C ILE F 280 -44.30 -0.75 35.67
N TRP F 281 -45.44 -1.12 36.24
CA TRP F 281 -46.73 -0.97 35.59
C TRP F 281 -47.52 0.15 36.24
N ASN F 282 -47.89 1.14 35.45
CA ASN F 282 -48.74 2.25 35.90
C ASN F 282 -49.68 2.62 34.76
N PRO F 283 -50.97 2.38 34.88
CA PRO F 283 -51.89 2.66 33.76
C PRO F 283 -52.14 4.14 33.54
N ASP F 284 -51.32 5.01 34.14
CA ASP F 284 -51.55 6.45 34.03
C ASP F 284 -50.33 7.22 33.53
N GLY F 285 -49.23 6.56 33.24
CA GLY F 285 -48.13 7.28 32.60
C GLY F 285 -46.90 7.39 33.49
N ILE F 286 -45.74 7.15 32.89
CA ILE F 286 -44.46 7.24 33.58
C ILE F 286 -43.62 8.32 32.92
N ASP F 287 -43.15 9.27 33.72
CA ASP F 287 -42.30 10.35 33.25
C ASP F 287 -40.97 9.79 32.76
N PRO F 288 -40.68 9.87 31.46
CA PRO F 288 -39.41 9.33 30.96
C PRO F 288 -38.21 10.07 31.51
N LYS F 289 -38.38 11.30 31.98
CA LYS F 289 -37.27 12.02 32.61
C LYS F 289 -36.97 11.43 33.98
N GLU F 290 -37.99 11.34 34.83
CA GLU F 290 -37.79 10.88 36.19
C GLU F 290 -37.22 9.47 36.22
N LEU F 291 -37.82 8.55 35.46
CA LEU F 291 -37.33 7.18 35.44
C LEU F 291 -35.90 7.12 34.93
N GLU F 292 -35.56 7.96 33.96
CA GLU F 292 -34.19 8.00 33.46
C GLU F 292 -33.21 8.31 34.58
N ASP F 293 -33.64 9.08 35.58
CA ASP F 293 -32.76 9.39 36.70
C ASP F 293 -32.40 8.14 37.48
N PHE F 294 -33.37 7.27 37.73
CA PHE F 294 -33.10 6.10 38.56
C PHE F 294 -32.14 5.13 37.88
N LYS F 295 -32.21 5.03 36.56
CA LYS F 295 -31.22 4.23 35.85
C LYS F 295 -29.82 4.73 36.11
N LEU F 296 -29.68 6.01 36.43
CA LEU F 296 -28.40 6.59 36.81
C LEU F 296 -28.24 6.71 38.31
N GLN F 297 -29.28 6.41 39.09
CA GLN F 297 -29.23 6.50 40.54
C GLN F 297 -29.44 5.15 41.22
N HIS F 298 -30.51 4.44 40.88
CA HIS F 298 -30.86 3.21 41.58
C HIS F 298 -30.58 1.96 40.77
N GLY F 299 -29.89 2.08 39.64
CA GLY F 299 -29.42 0.91 38.92
C GLY F 299 -30.49 0.12 38.19
N THR F 300 -31.77 0.38 38.46
CA THR F 300 -32.84 -0.35 37.82
C THR F 300 -34.10 0.50 37.81
N ILE F 301 -35.00 0.17 36.89
CA ILE F 301 -36.30 0.83 36.88
C ILE F 301 -37.16 0.40 38.05
N LEU F 302 -36.78 -0.69 38.74
CA LEU F 302 -37.51 -1.07 39.94
C LEU F 302 -37.32 -0.04 41.05
N GLY F 303 -38.17 -0.12 42.06
CA GLY F 303 -38.16 0.85 43.12
C GLY F 303 -38.77 2.18 42.77
N PHE F 304 -39.23 2.37 41.53
CA PHE F 304 -39.76 3.65 41.07
C PHE F 304 -41.03 3.97 41.83
N PRO F 305 -40.98 4.92 42.77
CA PRO F 305 -42.10 5.07 43.72
C PRO F 305 -43.35 5.66 43.12
N LYS F 306 -43.37 5.97 41.83
CA LYS F 306 -44.60 6.42 41.20
C LYS F 306 -45.24 5.34 40.34
N ALA F 307 -44.95 4.07 40.64
CA ALA F 307 -45.58 2.94 40.00
C ALA F 307 -45.38 1.73 40.90
N LYS F 308 -45.66 0.53 40.39
CA LYS F 308 -45.57 -0.68 41.18
C LYS F 308 -44.95 -1.79 40.36
N ILE F 309 -44.44 -2.79 41.05
CA ILE F 309 -43.92 -3.99 40.39
C ILE F 309 -45.08 -4.80 39.84
N TYR F 310 -44.89 -5.37 38.67
CA TYR F 310 -45.95 -6.10 37.96
C TYR F 310 -45.59 -7.57 37.90
N GLU F 311 -46.43 -8.41 38.51
CA GLU F 311 -46.20 -9.85 38.47
C GLU F 311 -46.59 -10.42 37.12
N GLY F 312 -45.83 -10.08 36.07
CA GLY F 312 -46.15 -10.56 34.75
C GLY F 312 -45.28 -9.87 33.72
N SER F 313 -45.15 -10.54 32.58
CA SER F 313 -44.36 -10.01 31.48
C SER F 313 -45.10 -8.88 30.78
N ILE F 314 -44.34 -7.91 30.27
CA ILE F 314 -44.93 -6.78 29.55
C ILE F 314 -45.75 -7.26 28.37
N LEU F 315 -45.28 -8.29 27.68
CA LEU F 315 -45.89 -8.72 26.42
C LEU F 315 -47.36 -9.09 26.58
N GLU F 316 -47.82 -9.37 27.79
CA GLU F 316 -49.22 -9.67 28.02
C GLU F 316 -49.99 -8.49 28.58
N VAL F 317 -49.31 -7.37 28.85
CA VAL F 317 -49.99 -6.23 29.45
C VAL F 317 -51.00 -5.64 28.47
N ASP F 318 -52.18 -5.31 28.99
CA ASP F 318 -53.19 -4.62 28.21
C ASP F 318 -52.70 -3.22 27.86
N CYS F 319 -52.71 -2.91 26.58
CA CYS F 319 -52.29 -1.60 26.08
C CYS F 319 -52.87 -1.42 24.69
N ASP F 320 -52.36 -0.44 23.96
CA ASP F 320 -52.73 -0.23 22.57
C ASP F 320 -51.58 -0.47 21.59
N ILE F 321 -50.35 -0.16 21.99
CA ILE F 321 -49.19 -0.33 21.12
C ILE F 321 -48.08 -0.99 21.91
N LEU F 322 -47.81 -2.26 21.60
CA LEU F 322 -46.74 -3.01 22.23
C LEU F 322 -45.45 -2.74 21.49
N ILE F 323 -44.39 -2.44 22.23
CA ILE F 323 -43.08 -2.23 21.62
C ILE F 323 -42.06 -3.12 22.32
N PRO F 324 -41.78 -4.31 21.80
CA PRO F 324 -40.62 -5.07 22.28
C PRO F 324 -39.35 -4.42 21.76
N ALA F 325 -38.48 -4.03 22.68
CA ALA F 325 -37.24 -3.36 22.31
C ALA F 325 -36.09 -3.83 23.17
N ALA F 326 -36.07 -5.13 23.49
CA ALA F 326 -35.04 -5.62 24.39
C ALA F 326 -34.19 -6.75 23.85
N SER F 327 -34.75 -7.70 23.11
CA SER F 327 -33.99 -8.87 22.67
C SER F 327 -34.78 -9.58 21.59
N GLU F 328 -34.28 -10.75 21.19
CA GLU F 328 -34.85 -11.49 20.08
C GLU F 328 -35.82 -12.55 20.60
N LYS F 329 -36.78 -12.90 19.76
CA LYS F 329 -37.65 -14.05 19.96
C LYS F 329 -38.52 -13.92 21.20
N GLN F 330 -38.77 -12.69 21.65
CA GLN F 330 -39.53 -12.51 22.89
C GLN F 330 -40.97 -12.93 22.72
N LEU F 331 -41.70 -12.29 21.81
CA LEU F 331 -42.96 -12.87 21.41
C LEU F 331 -42.71 -14.22 20.74
N THR F 332 -43.63 -15.15 20.98
CA THR F 332 -43.48 -16.50 20.47
C THR F 332 -44.84 -17.18 20.50
N LYS F 333 -44.84 -18.47 20.14
CA LYS F 333 -46.10 -19.21 20.06
C LYS F 333 -46.78 -19.31 21.41
N SER F 334 -46.03 -19.23 22.50
CA SER F 334 -46.61 -19.29 23.83
C SER F 334 -47.07 -17.93 24.35
N ASN F 335 -46.51 -16.84 23.86
CA ASN F 335 -46.94 -15.51 24.25
C ASN F 335 -47.96 -14.89 23.31
N ALA F 336 -48.00 -15.34 22.06
CA ALA F 336 -48.97 -14.81 21.09
C ALA F 336 -50.42 -14.93 21.55
N PRO F 337 -50.86 -16.03 22.16
CA PRO F 337 -52.28 -16.11 22.53
C PRO F 337 -52.71 -15.10 23.59
N ARG F 338 -51.76 -14.46 24.26
CA ARG F 338 -52.09 -13.58 25.38
C ARG F 338 -51.50 -12.20 25.18
N VAL F 339 -51.61 -11.66 23.98
CA VAL F 339 -51.05 -10.33 23.75
C VAL F 339 -51.96 -9.25 24.30
N LYS F 340 -53.24 -9.27 23.93
CA LYS F 340 -54.21 -8.27 24.34
C LYS F 340 -53.74 -6.87 23.97
N ALA F 341 -53.53 -6.67 22.68
CA ALA F 341 -53.11 -5.37 22.15
C ALA F 341 -53.66 -5.23 20.75
N LYS F 342 -53.31 -4.11 20.12
CA LYS F 342 -53.77 -3.81 18.77
C LYS F 342 -52.64 -3.72 17.76
N ILE F 343 -51.55 -3.03 18.09
CA ILE F 343 -50.40 -2.91 17.20
C ILE F 343 -49.16 -3.32 17.96
N ILE F 344 -48.31 -4.10 17.30
CA ILE F 344 -47.02 -4.49 17.85
C ILE F 344 -45.94 -3.87 16.98
N ALA F 345 -45.41 -2.73 17.42
CA ALA F 345 -44.24 -2.11 16.82
C ALA F 345 -43.05 -3.00 17.20
N GLU F 346 -41.90 -2.74 16.60
CA GLU F 346 -40.70 -3.52 16.88
C GLU F 346 -39.48 -2.63 16.88
N GLY F 347 -38.95 -2.37 18.06
CA GLY F 347 -37.64 -1.74 18.16
C GLY F 347 -36.53 -2.77 18.09
N ALA F 348 -36.69 -3.88 18.77
CA ALA F 348 -35.71 -4.96 18.71
C ALA F 348 -35.67 -5.56 17.31
N ASN F 349 -34.67 -6.39 17.08
CA ASN F 349 -34.44 -7.00 15.77
C ASN F 349 -35.04 -8.40 15.78
N GLY F 350 -36.08 -8.58 14.97
CA GLY F 350 -36.80 -9.84 14.92
C GLY F 350 -37.24 -10.34 16.27
N PRO F 351 -37.99 -9.53 17.02
CA PRO F 351 -38.46 -10.00 18.34
C PRO F 351 -39.65 -10.93 18.24
N THR F 352 -40.15 -11.21 17.05
CA THR F 352 -41.31 -12.06 16.87
C THR F 352 -40.94 -13.29 16.05
N THR F 353 -41.31 -14.43 16.56
CA THR F 353 -41.12 -15.70 15.88
C THR F 353 -42.11 -15.84 14.73
N PRO F 354 -41.76 -16.55 13.66
CA PRO F 354 -42.66 -16.61 12.51
C PRO F 354 -43.97 -17.31 12.83
N GLU F 355 -43.95 -18.22 13.80
CA GLU F 355 -45.17 -18.89 14.21
C GLU F 355 -46.16 -17.89 14.80
N ALA F 356 -45.66 -16.92 15.57
CA ALA F 356 -46.54 -15.95 16.20
C ALA F 356 -47.12 -14.98 15.20
N ASP F 357 -46.51 -14.86 14.02
CA ASP F 357 -47.04 -13.94 13.01
C ASP F 357 -48.43 -14.37 12.55
N LYS F 358 -48.59 -15.64 12.19
CA LYS F 358 -49.91 -16.13 11.79
C LYS F 358 -50.93 -15.86 12.87
N ILE F 359 -50.56 -16.11 14.13
CA ILE F 359 -51.48 -15.86 15.23
C ILE F 359 -51.83 -14.38 15.30
N PHE F 360 -50.88 -13.52 14.97
CA PHE F 360 -51.13 -12.09 15.00
C PHE F 360 -51.99 -11.66 13.81
N LEU F 361 -51.71 -12.21 12.63
CA LEU F 361 -52.61 -11.99 11.49
C LEU F 361 -53.98 -12.59 11.77
N GLU F 362 -54.00 -13.74 12.45
CA GLU F 362 -55.28 -14.35 12.80
C GLU F 362 -56.02 -13.53 13.84
N ARG F 363 -55.35 -13.15 14.92
CA ARG F 363 -55.96 -12.27 15.91
C ARG F 363 -56.27 -10.89 15.35
N ASN F 364 -55.95 -10.63 14.09
CA ASN F 364 -56.21 -9.35 13.43
C ASN F 364 -55.52 -8.21 14.19
N ILE F 365 -54.22 -8.36 14.41
CA ILE F 365 -53.41 -7.32 15.01
C ILE F 365 -52.21 -7.06 14.10
N MET F 366 -52.01 -5.79 13.78
CA MET F 366 -51.02 -5.37 12.81
C MET F 366 -49.64 -5.40 13.43
N VAL F 367 -48.70 -6.06 12.76
CA VAL F 367 -47.31 -6.12 13.18
C VAL F 367 -46.49 -5.29 12.20
N ILE F 368 -45.82 -4.27 12.70
CA ILE F 368 -44.98 -3.41 11.90
C ILE F 368 -43.58 -3.99 11.88
N PRO F 369 -43.00 -4.26 10.71
CA PRO F 369 -41.74 -5.01 10.67
C PRO F 369 -40.60 -4.22 11.24
N ASP F 370 -39.69 -4.93 11.92
CA ASP F 370 -38.49 -4.28 12.44
C ASP F 370 -37.63 -3.75 11.32
N LEU F 371 -37.73 -4.35 10.13
CA LEU F 371 -37.04 -3.82 8.96
C LEU F 371 -37.35 -2.35 8.77
N TYR F 372 -38.57 -1.95 9.10
CA TYR F 372 -38.96 -0.57 8.87
C TYR F 372 -38.74 0.32 10.08
N LEU F 373 -38.96 -0.18 11.29
CA LEU F 373 -38.95 0.73 12.42
C LEU F 373 -37.56 1.11 12.88
N ASN F 374 -36.76 0.16 13.33
CA ASN F 374 -35.44 0.51 13.84
C ASN F 374 -34.48 0.87 12.72
N ALA F 375 -34.97 1.00 11.50
CA ALA F 375 -34.14 1.47 10.40
C ALA F 375 -33.81 2.94 10.51
N GLY F 376 -34.46 3.67 11.41
CA GLY F 376 -34.10 5.05 11.61
C GLY F 376 -32.67 5.20 12.08
N GLY F 377 -32.25 4.36 13.02
CA GLY F 377 -30.88 4.40 13.51
C GLY F 377 -29.85 4.33 12.40
N VAL F 378 -30.08 3.47 11.41
CA VAL F 378 -29.15 3.35 10.29
C VAL F 378 -29.11 4.66 9.51
N THR F 379 -30.28 5.16 9.11
CA THR F 379 -30.40 6.33 8.27
C THR F 379 -29.79 7.58 8.92
N VAL F 380 -29.51 7.52 10.21
CA VAL F 380 -28.79 8.62 10.83
C VAL F 380 -27.31 8.30 10.90
N SER F 381 -26.96 7.05 11.21
CA SER F 381 -25.56 6.65 11.14
C SER F 381 -25.03 6.74 9.71
N TYR F 382 -25.91 6.75 8.72
CA TYR F 382 -25.47 7.04 7.36
C TYR F 382 -25.09 8.50 7.22
N PHE F 383 -25.90 9.40 7.78
CA PHE F 383 -25.57 10.82 7.74
C PHE F 383 -24.26 11.08 8.46
N GLU F 384 -23.99 10.34 9.53
CA GLU F 384 -22.70 10.48 10.20
C GLU F 384 -21.57 10.03 9.30
N TRP F 385 -21.60 8.78 8.86
CA TRP F 385 -20.60 8.30 7.93
C TRP F 385 -20.45 9.19 6.72
N LEU F 386 -21.50 9.93 6.36
CA LEU F 386 -21.45 10.86 5.25
C LEU F 386 -21.03 12.25 5.69
N ASN F 387 -21.34 12.63 6.93
CA ASN F 387 -20.80 13.87 7.49
C ASN F 387 -19.28 13.85 7.47
N ASN F 388 -18.68 12.92 8.20
CA ASN F 388 -17.25 12.93 8.37
C ASN F 388 -16.52 12.30 7.20
N LEU F 389 -17.21 12.13 6.08
CA LEU F 389 -16.56 11.80 4.83
C LEU F 389 -16.40 13.03 3.94
N ASN F 390 -17.06 14.14 4.31
CA ASN F 390 -16.95 15.40 3.59
C ASN F 390 -16.13 16.44 4.34
N HIS F 391 -15.83 16.20 5.61
CA HIS F 391 -14.87 17.00 6.36
C HIS F 391 -15.36 18.42 6.59
N VAL F 392 -16.67 18.63 6.51
CA VAL F 392 -17.21 19.97 6.69
C VAL F 392 -18.48 19.88 7.51
N SER F 393 -18.62 20.79 8.45
CA SER F 393 -19.87 20.96 9.18
C SER F 393 -20.96 21.31 8.18
N TYR F 394 -21.90 20.40 7.96
CA TYR F 394 -22.86 20.56 6.87
C TYR F 394 -23.58 21.89 6.98
N GLY F 395 -23.59 22.63 5.88
CA GLY F 395 -24.23 23.92 5.83
C GLY F 395 -23.39 25.08 6.28
N ARG F 396 -22.18 24.84 6.77
CA ARG F 396 -21.34 25.93 7.25
C ARG F 396 -20.93 26.85 6.10
N LEU F 397 -20.70 26.28 4.92
CA LEU F 397 -20.24 27.09 3.80
C LEU F 397 -21.22 28.19 3.45
N THR F 398 -22.52 27.94 3.61
CA THR F 398 -23.55 28.84 3.14
C THR F 398 -24.53 29.19 4.24
N PHE F 399 -24.02 29.59 5.40
CA PHE F 399 -24.86 30.24 6.38
C PHE F 399 -25.07 31.72 6.10
N LYS F 400 -24.00 32.50 6.06
CA LYS F 400 -24.13 33.92 5.79
C LYS F 400 -24.62 34.21 4.39
N TYR F 401 -24.52 33.25 3.48
CA TYR F 401 -24.94 33.50 2.10
C TYR F 401 -26.43 33.32 1.93
N GLU F 402 -26.96 32.18 2.37
CA GLU F 402 -28.39 31.95 2.30
C GLU F 402 -29.15 33.02 3.07
N ARG F 403 -28.65 33.38 4.25
CA ARG F 403 -29.28 34.44 5.03
C ARG F 403 -29.38 35.73 4.23
N ASP F 404 -28.36 36.03 3.44
CA ASP F 404 -28.43 37.21 2.61
C ASP F 404 -29.39 37.00 1.45
N SER F 405 -29.24 35.89 0.72
CA SER F 405 -30.05 35.68 -0.46
C SER F 405 -31.53 35.68 -0.13
N ASN F 406 -31.92 35.07 0.99
CA ASN F 406 -33.32 35.13 1.37
C ASN F 406 -33.75 36.56 1.67
N TYR F 407 -32.88 37.35 2.30
CA TYR F 407 -33.22 38.74 2.55
C TYR F 407 -33.29 39.54 1.26
N HIS F 408 -32.99 38.92 0.13
CA HIS F 408 -33.15 39.63 -1.13
C HIS F 408 -34.34 39.11 -1.93
N LEU F 409 -34.78 37.88 -1.70
CA LEU F 409 -36.08 37.48 -2.18
C LEU F 409 -37.17 38.34 -1.58
N LEU F 410 -37.24 38.36 -0.24
CA LEU F 410 -38.28 39.11 0.44
C LEU F 410 -38.18 40.59 0.12
N MET F 411 -36.97 41.10 -0.03
CA MET F 411 -36.82 42.51 -0.38
C MET F 411 -37.32 42.77 -1.79
N SER F 412 -36.89 41.96 -2.76
CA SER F 412 -37.32 42.13 -4.13
C SER F 412 -38.83 42.11 -4.25
N VAL F 413 -39.49 41.18 -3.53
CA VAL F 413 -40.94 41.16 -3.51
C VAL F 413 -41.47 42.48 -2.97
N GLN F 414 -40.85 42.98 -1.89
CA GLN F 414 -41.27 44.27 -1.35
C GLN F 414 -41.05 45.38 -2.36
N GLU F 415 -39.82 45.50 -2.87
CA GLU F 415 -39.51 46.56 -3.82
C GLU F 415 -40.39 46.45 -5.06
N SER F 416 -40.76 45.23 -5.45
CA SER F 416 -41.63 45.08 -6.62
C SER F 416 -43.03 45.61 -6.33
N LEU F 417 -43.55 45.33 -5.14
CA LEU F 417 -44.89 45.78 -4.81
C LEU F 417 -44.94 47.28 -4.59
N GLU F 418 -43.89 47.87 -4.02
CA GLU F 418 -43.89 49.30 -3.79
C GLU F 418 -43.79 50.10 -5.08
N ARG F 419 -43.82 49.44 -6.23
CA ARG F 419 -43.98 50.15 -7.48
C ARG F 419 -45.40 50.00 -8.04
N LYS F 420 -46.07 48.90 -7.72
CA LYS F 420 -47.44 48.72 -8.18
C LYS F 420 -48.43 49.36 -7.22
N PHE F 421 -48.40 48.97 -5.95
CA PHE F 421 -49.23 49.62 -4.95
C PHE F 421 -48.51 50.73 -4.21
N GLY F 422 -47.25 51.00 -4.55
CA GLY F 422 -46.49 52.04 -3.91
C GLY F 422 -46.79 53.44 -4.34
N LYS F 423 -47.89 53.66 -5.08
CA LYS F 423 -48.27 55.02 -5.43
C LYS F 423 -48.45 55.89 -4.19
N HIS F 424 -48.93 55.29 -3.10
CA HIS F 424 -49.08 55.98 -1.83
C HIS F 424 -47.77 56.08 -1.06
N GLY F 425 -46.71 55.45 -1.56
CA GLY F 425 -45.46 55.41 -0.84
C GLY F 425 -45.43 54.45 0.33
N GLY F 426 -46.54 53.77 0.61
CA GLY F 426 -46.65 52.91 1.78
C GLY F 426 -45.64 51.78 1.81
N THR F 427 -44.82 51.77 2.87
CA THR F 427 -43.78 50.75 3.02
C THR F 427 -44.31 49.35 3.30
N ILE F 428 -44.37 48.53 2.26
CA ILE F 428 -44.82 47.15 2.41
C ILE F 428 -43.72 46.42 3.19
N PRO F 429 -44.11 45.87 4.40
CA PRO F 429 -43.02 45.21 5.13
C PRO F 429 -42.96 43.69 5.00
N ILE F 430 -42.35 43.20 3.92
CA ILE F 430 -42.21 41.75 3.75
C ILE F 430 -41.14 41.27 4.71
N VAL F 431 -41.57 40.57 5.76
CA VAL F 431 -40.64 40.09 6.78
C VAL F 431 -40.93 38.62 7.06
N PRO F 432 -39.92 37.83 7.42
CA PRO F 432 -40.14 36.41 7.68
C PRO F 432 -41.13 36.19 8.81
N THR F 433 -41.64 34.96 8.88
CA THR F 433 -42.52 34.55 9.96
C THR F 433 -41.68 34.19 11.17
N ALA F 434 -42.30 33.53 12.15
CA ALA F 434 -41.52 32.95 13.24
C ALA F 434 -40.82 31.69 12.78
N GLU F 435 -41.52 30.83 12.03
CA GLU F 435 -40.96 29.56 11.61
C GLU F 435 -39.82 29.76 10.62
N PHE F 436 -40.09 30.50 9.55
CA PHE F 436 -39.06 30.72 8.54
C PHE F 436 -37.84 31.39 9.14
N GLN F 437 -38.04 32.28 10.11
CA GLN F 437 -36.93 32.98 10.74
C GLN F 437 -35.87 32.02 11.24
N ASP F 438 -36.27 30.79 11.59
CA ASP F 438 -35.30 29.78 11.98
C ASP F 438 -34.56 29.20 10.79
N ARG F 439 -35.24 29.01 9.66
CA ARG F 439 -34.67 28.38 8.49
C ARG F 439 -34.04 29.38 7.53
N ILE F 440 -33.70 30.58 7.99
CA ILE F 440 -33.12 31.56 7.07
C ILE F 440 -31.73 31.14 6.65
N SER F 441 -30.84 30.97 7.63
CA SER F 441 -29.45 30.68 7.31
C SER F 441 -29.26 29.34 6.62
N GLY F 442 -30.32 28.58 6.39
CA GLY F 442 -30.23 27.35 5.64
C GLY F 442 -30.44 26.13 6.50
N ALA F 443 -29.85 25.02 6.05
CA ALA F 443 -29.97 23.74 6.74
C ALA F 443 -28.76 23.54 7.64
N SER F 444 -28.99 23.60 8.94
CA SER F 444 -27.93 23.29 9.90
C SER F 444 -27.77 21.78 10.00
N GLU F 445 -26.85 21.35 10.85
CA GLU F 445 -26.58 19.92 10.98
C GLU F 445 -27.77 19.17 11.56
N LYS F 446 -28.44 19.76 12.54
CA LYS F 446 -29.54 19.06 13.17
C LYS F 446 -30.78 19.08 12.30
N ASP F 447 -30.93 20.09 11.44
CA ASP F 447 -32.14 20.18 10.65
C ASP F 447 -32.22 19.06 9.62
N ILE F 448 -31.11 18.74 8.96
CA ILE F 448 -31.15 17.68 7.95
C ILE F 448 -31.40 16.33 8.62
N VAL F 449 -30.93 16.18 9.85
CA VAL F 449 -31.17 14.93 10.56
C VAL F 449 -32.65 14.78 10.87
N HIS F 450 -33.25 15.78 11.51
CA HIS F 450 -34.66 15.68 11.85
C HIS F 450 -35.53 15.61 10.60
N SER F 451 -35.01 15.98 9.44
CA SER F 451 -35.75 15.88 8.19
C SER F 451 -35.35 14.63 7.42
N GLY F 452 -34.06 14.45 7.13
CA GLY F 452 -33.62 13.27 6.41
C GLY F 452 -34.08 11.97 7.04
N LEU F 453 -34.27 11.98 8.36
CA LEU F 453 -34.85 10.82 9.01
C LEU F 453 -36.35 10.76 8.82
N ALA F 454 -37.03 11.89 9.01
CA ALA F 454 -38.47 11.90 8.82
C ALA F 454 -38.84 11.70 7.37
N TYR F 455 -37.93 12.03 6.45
CA TYR F 455 -38.21 11.84 5.04
C TYR F 455 -37.93 10.41 4.60
N THR F 456 -36.77 9.88 4.99
CA THR F 456 -36.42 8.51 4.64
C THR F 456 -37.49 7.54 5.09
N MET F 457 -38.06 7.78 6.27
CA MET F 457 -39.10 6.90 6.75
C MET F 457 -40.48 7.37 6.30
N GLU F 458 -40.52 8.30 5.35
CA GLU F 458 -41.77 8.58 4.65
C GLU F 458 -41.85 7.78 3.37
N ARG F 459 -40.81 7.86 2.54
CA ARG F 459 -40.79 7.10 1.30
C ARG F 459 -40.90 5.61 1.58
N SER F 460 -40.24 5.15 2.64
CA SER F 460 -40.25 3.73 2.94
C SER F 460 -41.65 3.27 3.32
N ALA F 461 -42.36 4.05 4.13
CA ALA F 461 -43.70 3.65 4.56
C ALA F 461 -44.65 3.57 3.38
N ARG F 462 -44.42 4.41 2.36
CA ARG F 462 -45.26 4.33 1.17
C ARG F 462 -44.94 3.09 0.37
N GLN F 463 -43.66 2.88 0.05
CA GLN F 463 -43.28 1.71 -0.73
C GLN F 463 -43.75 0.42 -0.08
N ILE F 464 -43.91 0.42 1.24
CA ILE F 464 -44.45 -0.76 1.90
C ILE F 464 -45.96 -0.82 1.73
N MET F 465 -46.64 0.30 1.94
CA MET F 465 -48.07 0.35 1.65
C MET F 465 -48.32 0.05 0.18
N ARG F 466 -47.54 0.69 -0.70
CA ARG F 466 -47.73 0.51 -2.13
C ARG F 466 -47.57 -0.93 -2.56
N THR F 467 -46.81 -1.72 -1.80
CA THR F 467 -46.63 -3.12 -2.14
C THR F 467 -47.72 -3.98 -1.53
N ALA F 468 -48.04 -3.76 -0.25
CA ALA F 468 -49.02 -4.61 0.41
C ALA F 468 -50.39 -4.51 -0.23
N MET F 469 -50.62 -3.49 -1.04
CA MET F 469 -51.87 -3.42 -1.79
C MET F 469 -51.72 -4.08 -3.16
N LYS F 470 -50.52 -3.96 -3.75
CA LYS F 470 -50.31 -4.55 -5.07
C LYS F 470 -50.41 -6.06 -5.02
N TYR F 471 -50.06 -6.66 -3.88
CA TYR F 471 -50.05 -8.11 -3.73
C TYR F 471 -51.08 -8.60 -2.73
N ASN F 472 -51.83 -7.69 -2.11
CA ASN F 472 -52.90 -8.04 -1.18
C ASN F 472 -52.37 -8.88 -0.02
N LEU F 473 -51.47 -8.27 0.74
CA LEU F 473 -50.92 -8.89 1.94
C LEU F 473 -51.60 -8.40 3.21
N GLY F 474 -52.62 -7.57 3.09
CA GLY F 474 -53.41 -7.18 4.25
C GLY F 474 -52.56 -6.47 5.28
N LEU F 475 -52.43 -7.09 6.44
CA LEU F 475 -51.68 -6.49 7.54
C LEU F 475 -50.28 -7.08 7.69
N ASP F 476 -49.93 -8.08 6.89
CA ASP F 476 -48.58 -8.64 6.91
C ASP F 476 -47.62 -7.68 6.18
N LEU F 477 -47.46 -6.51 6.78
CA LEU F 477 -46.53 -5.53 6.23
C LEU F 477 -45.11 -6.10 6.18
N ARG F 478 -44.78 -6.98 7.13
CA ARG F 478 -43.47 -7.63 7.14
C ARG F 478 -43.16 -8.26 5.79
N THR F 479 -44.04 -9.15 5.33
CA THR F 479 -43.85 -9.77 4.03
C THR F 479 -43.79 -8.72 2.94
N ALA F 480 -44.62 -7.67 3.06
CA ALA F 480 -44.55 -6.59 2.09
C ALA F 480 -43.22 -5.88 2.14
N ALA F 481 -42.59 -5.83 3.31
CA ALA F 481 -41.30 -5.16 3.42
C ALA F 481 -40.22 -5.95 2.69
N TYR F 482 -40.13 -7.24 2.96
CA TYR F 482 -39.15 -8.10 2.29
C TYR F 482 -39.31 -8.08 0.78
N VAL F 483 -40.54 -7.98 0.30
CA VAL F 483 -40.76 -7.88 -1.14
C VAL F 483 -40.03 -6.67 -1.70
N ASN F 484 -40.22 -5.50 -1.07
CA ASN F 484 -39.49 -4.32 -1.52
C ASN F 484 -38.00 -4.50 -1.32
N ALA F 485 -37.60 -5.20 -0.27
CA ALA F 485 -36.18 -5.43 -0.04
C ALA F 485 -35.60 -6.32 -1.12
N ILE F 486 -36.23 -7.47 -1.37
CA ILE F 486 -35.69 -8.42 -2.32
C ILE F 486 -35.66 -7.83 -3.73
N GLU F 487 -36.73 -7.14 -4.10
CA GLU F 487 -36.77 -6.56 -5.44
C GLU F 487 -35.61 -5.60 -5.68
N LYS F 488 -35.14 -4.93 -4.63
CA LYS F 488 -34.06 -3.97 -4.80
C LYS F 488 -32.71 -4.67 -4.91
N VAL F 489 -32.40 -5.57 -3.98
CA VAL F 489 -31.11 -6.26 -4.02
C VAL F 489 -31.02 -7.13 -5.25
N PHE F 490 -32.16 -7.55 -5.80
CA PHE F 490 -32.14 -8.39 -6.97
C PHE F 490 -31.61 -7.62 -8.17
N ARG F 491 -32.15 -6.43 -8.43
CA ARG F 491 -31.71 -5.64 -9.56
C ARG F 491 -30.23 -5.31 -9.51
N VAL F 492 -29.58 -5.46 -8.36
CA VAL F 492 -28.17 -5.18 -8.24
C VAL F 492 -27.40 -6.39 -8.75
N TYR F 493 -27.74 -7.57 -8.24
CA TYR F 493 -27.11 -8.79 -8.73
C TYR F 493 -27.42 -9.01 -10.20
N ASN F 494 -28.69 -8.88 -10.59
CA ASN F 494 -29.10 -9.14 -11.97
C ASN F 494 -28.22 -8.38 -12.95
N GLU F 495 -28.13 -7.06 -12.78
CA GLU F 495 -27.44 -6.23 -13.77
C GLU F 495 -25.94 -6.27 -13.62
N ALA F 496 -25.42 -6.67 -12.46
CA ALA F 496 -23.98 -6.59 -12.23
C ALA F 496 -23.19 -7.63 -13.00
N GLY F 497 -23.83 -8.54 -13.72
CA GLY F 497 -23.08 -9.63 -14.30
C GLY F 497 -22.47 -10.40 -13.15
N VAL F 498 -23.32 -11.06 -12.36
CA VAL F 498 -23.14 -11.24 -10.91
C VAL F 498 -21.69 -11.49 -10.54
N THR F 499 -21.01 -12.34 -11.30
CA THR F 499 -19.63 -12.70 -11.00
C THR F 499 -18.82 -12.74 -12.28
N PHE F 500 -17.51 -12.84 -12.10
CA PHE F 500 -16.59 -13.17 -13.19
C PHE F 500 -16.54 -14.67 -13.45
N THR F 501 -17.52 -15.40 -12.93
CA THR F 501 -17.56 -16.85 -13.02
C THR F 501 -18.59 -17.28 -14.07
PA NAI G . 23.55 -1.60 31.01
O1A NAI G . 22.40 -1.21 30.13
O2A NAI G . 23.48 -2.85 31.83
O5B NAI G . 23.85 -0.40 32.03
C5B NAI G . 25.21 -0.02 32.26
C4B NAI G . 25.50 -0.14 33.74
O4B NAI G . 26.52 0.78 34.09
C3B NAI G . 24.29 0.17 34.59
O3B NAI G . 23.93 -0.97 35.37
C2B NAI G . 24.69 1.32 35.50
O2B NAI G . 24.46 0.95 36.86
C1B NAI G . 26.17 1.51 35.27
N9A NAI G . 26.41 2.96 35.05
C8A NAI G . 25.71 3.73 34.21
N7A NAI G . 26.16 5.01 34.24
C5A NAI G . 27.16 5.06 35.13
C6A NAI G . 28.08 6.10 35.65
N6A NAI G . 28.00 7.37 35.20
N1A NAI G . 28.98 5.73 36.57
C2A NAI G . 29.06 4.46 37.01
N3A NAI G . 28.27 3.47 36.58
C4A NAI G . 27.32 3.71 35.66
O3 NAI G . 24.91 -1.59 30.15
PN NAI G . 24.87 -1.39 28.56
O1N NAI G . 24.25 -0.05 28.29
O2N NAI G . 24.30 -2.64 27.93
O5D NAI G . 26.42 -1.26 28.18
C5D NAI G . 27.10 -0.09 28.59
C4D NAI G . 27.60 0.72 27.40
O4D NAI G . 27.89 -0.12 26.29
C3D NAI G . 26.52 1.68 26.93
O3D NAI G . 26.91 3.01 27.28
C2D NAI G . 26.45 1.54 25.43
O2D NAI G . 26.78 2.77 24.81
C1D NAI G . 27.50 0.51 25.07
N1N NAI G . 26.94 -0.48 24.16
C2N NAI G . 26.18 -1.45 24.64
C3N NAI G . 25.62 -2.42 23.83
C7N NAI G . 24.77 -3.48 24.45
O7N NAI G . 24.14 -4.24 23.73
N7N NAI G . 24.71 -3.57 25.78
C4N NAI G . 25.86 -2.42 22.35
C5N NAI G . 26.71 -1.31 21.95
C6N NAI G . 27.21 -0.40 22.86
PG GTP H . 30.42 -19.21 25.57
O1G GTP H . 31.55 -19.90 24.87
O2G GTP H . 30.79 -18.94 27.01
O3G GTP H . 30.11 -17.91 24.87
O3B GTP H . 29.12 -20.16 25.52
PB GTP H . 28.73 -20.86 24.13
O1B GTP H . 29.83 -21.80 23.73
O2B GTP H . 28.47 -19.82 23.07
O3A GTP H . 27.41 -21.73 24.44
PA GTP H . 26.95 -22.01 25.95
O1A GTP H . 28.15 -22.34 26.81
O2A GTP H . 25.94 -23.13 25.97
O5' GTP H . 26.27 -20.66 26.46
C5' GTP H . 25.02 -20.26 25.95
C4' GTP H . 25.04 -18.76 25.78
O4' GTP H . 24.61 -18.18 27.00
C3' GTP H . 26.45 -18.28 25.53
O3' GTP H . 26.66 -17.98 24.18
C2' GTP H . 26.59 -17.04 26.38
O2' GTP H . 26.34 -15.91 25.58
C1' GTP H . 25.49 -17.16 27.42
N9 GTP H . 26.09 -17.59 28.70
C8 GTP H . 26.88 -18.69 28.88
N7 GTP H . 27.23 -18.74 30.18
C5 GTP H . 26.66 -17.70 30.84
C6 GTP H . 26.70 -17.29 32.15
O6 GTP H . 27.34 -17.94 32.98
N1 GTP H . 26.01 -16.17 32.53
C2 GTP H . 25.29 -15.45 31.60
N2 GTP H . 24.63 -14.37 31.95
N3 GTP H . 25.27 -15.86 30.28
C4 GTP H . 25.95 -16.97 29.91
PA NAI I . 16.03 -23.23 15.85
O1A NAI I . 17.12 -22.35 16.39
O2A NAI I . 16.27 -24.70 15.60
O5B NAI I . 14.74 -23.09 16.79
C5B NAI I . 14.90 -22.48 18.06
C4B NAI I . 13.70 -22.82 18.92
O4B NAI I . 12.50 -22.57 18.20
C3B NAI I . 13.72 -24.29 19.28
O3B NAI I . 13.70 -24.44 20.70
C2B NAI I . 12.45 -24.86 18.70
O2B NAI I . 11.83 -25.73 19.65
C1B NAI I . 11.59 -23.63 18.45
N9A NAI I . 10.70 -23.87 17.29
C8A NAI I . 11.07 -24.28 16.07
N7A NAI I . 10.00 -24.40 15.26
C5A NAI I . 8.91 -24.08 15.97
C6A NAI I . 7.47 -23.99 15.74
N6A NAI I . 6.93 -24.29 14.54
N1A NAI I . 6.67 -23.61 16.75
C2A NAI I . 7.19 -23.30 17.95
N3A NAI I . 8.50 -23.36 18.24
C4A NAI I . 9.39 -23.74 17.31
O3 NAI I . 15.50 -22.57 14.48
PN NAI I . 15.38 -20.98 14.46
O1N NAI I . 16.75 -20.39 14.30
O2N NAI I . 14.51 -20.56 15.60
O5D NAI I . 14.55 -20.73 13.12
C5D NAI I . 13.24 -20.22 13.26
C4D NAI I . 12.95 -19.28 12.10
O4D NAI I . 11.66 -18.73 12.31
C3D NAI I . 13.93 -18.14 12.11
O3D NAI I . 14.71 -18.20 10.92
C2D NAI I . 13.11 -16.89 12.07
O2D NAI I . 13.36 -16.26 10.82
C1D NAI I . 11.66 -17.33 12.08
N1N NAI I . 10.95 -16.69 13.18
C2N NAI I . 9.81 -16.05 12.96
C3N NAI I . 9.12 -15.45 14.00
C7N NAI I . 7.86 -14.72 13.75
O7N NAI I . 7.57 -14.37 12.62
N7N NAI I . 7.07 -14.46 14.79
C4N NAI I . 9.63 -15.52 15.41
C5N NAI I . 10.87 -16.26 15.50
C6N NAI I . 11.46 -16.81 14.39
PA NAI J . 28.72 0.46 -26.36
O1A NAI J . 27.49 0.87 -25.61
O2A NAI J . 30.07 0.84 -25.83
O5B NAI J . 28.63 1.01 -27.86
C5B NAI J . 28.99 0.15 -28.93
C4B NAI J . 30.09 0.81 -29.73
O4B NAI J . 30.02 0.35 -31.08
C3B NAI J . 29.94 2.32 -29.75
O3B NAI J . 31.10 2.92 -29.18
C2B NAI J . 29.83 2.70 -31.20
O2B NAI J . 30.81 3.69 -31.52
C1B NAI J . 30.10 1.44 -31.98
N9A NAI J . 29.05 1.30 -33.01
C8A NAI J . 27.72 1.39 -32.79
N7A NAI J . 27.02 1.23 -33.93
C5A NAI J . 27.90 1.03 -34.92
C6A NAI J . 27.83 0.79 -36.37
N6A NAI J . 26.64 0.74 -37.01
N1A NAI J . 28.99 0.64 -37.04
C2A NAI J . 30.17 0.70 -36.41
N3A NAI J . 30.31 0.91 -35.09
C4A NAI J . 29.24 1.09 -34.31
O3 NAI J . 28.70 -1.13 -26.62
PN NAI J . 27.54 -2.04 -25.96
O1N NAI J . 26.22 -1.54 -26.47
O2N NAI J . 27.81 -2.16 -24.49
O5D NAI J . 27.78 -3.47 -26.65
C5D NAI J . 27.46 -3.60 -28.03
C4D NAI J . 26.34 -4.60 -28.26
O4D NAI J . 26.36 -5.62 -27.28
C3D NAI J . 24.99 -3.91 -28.16
O3D NAI J . 24.40 -3.84 -29.45
C2D NAI J . 24.15 -4.78 -27.25
O2D NAI J . 23.00 -5.23 -27.96
C1D NAI J . 25.02 -5.97 -26.90
N1N NAI J . 24.95 -6.23 -25.47
C2N NAI J . 25.65 -5.46 -24.63
C3N NAI J . 25.62 -5.68 -23.27
C7N NAI J . 26.43 -4.78 -22.38
O7N NAI J . 26.27 -4.83 -21.17
N7N NAI J . 27.30 -3.95 -22.93
C4N NAI J . 24.80 -6.77 -22.66
C5N NAI J . 24.09 -7.52 -23.67
C6N NAI J . 24.19 -7.22 -25.02
PG GTP K . 40.17 -10.61 -14.84
O1G GTP K . 40.61 -12.02 -14.56
O2G GTP K . 41.01 -10.02 -15.94
O3G GTP K . 38.72 -10.59 -15.24
O3B GTP K . 40.36 -9.75 -13.50
PB GTP K . 39.86 -10.37 -12.11
O1B GTP K . 40.67 -11.60 -11.81
O2B GTP K . 38.38 -10.70 -12.16
O3A GTP K . 40.18 -9.27 -10.99
PA GTP K . 41.14 -8.03 -11.31
O1A GTP K . 42.32 -8.49 -12.13
O2A GTP K . 41.58 -7.39 -10.01
O5' GTP K . 40.26 -7.00 -12.14
C5' GTP K . 39.22 -6.30 -11.52
C4' GTP K . 38.07 -6.20 -12.51
O4' GTP K . 38.27 -5.05 -13.29
C3' GTP K . 38.09 -7.39 -13.44
O3' GTP K . 37.10 -8.33 -13.09
C2' GTP K . 37.80 -6.80 -14.80
O2' GTP K . 36.42 -6.94 -15.08
C1' GTP K . 38.14 -5.33 -14.67
N9 GTP K . 39.43 -5.07 -15.32
C8 GTP K . 40.60 -5.73 -15.06
N7 GTP K . 41.56 -5.21 -15.85
C5 GTP K . 41.02 -4.24 -16.60
C6 GTP K . 41.55 -3.39 -17.57
O6 GTP K . 42.75 -3.48 -17.86
N1 GTP K . 40.75 -2.47 -18.19
C2 GTP K . 39.41 -2.39 -17.84
N2 GTP K . 38.63 -1.50 -18.44
N3 GTP K . 38.89 -3.22 -16.89
C4 GTP K . 39.68 -4.14 -16.28
PA NAI L . 31.82 -5.88 0.17
O1A NAI L . 31.92 -6.26 -1.27
O2A NAI L . 32.80 -6.43 1.18
O5B NAI L . 31.83 -4.29 0.28
C5B NAI L . 32.22 -3.54 -0.86
C4B NAI L . 32.58 -2.13 -0.44
O4B NAI L . 31.53 -1.58 0.37
C3B NAI L . 33.84 -2.14 0.41
O3B NAI L . 34.81 -1.27 -0.17
C2B NAI L . 33.42 -1.60 1.76
O2B NAI L . 34.41 -0.69 2.24
C1B NAI L . 32.11 -0.89 1.47
N9A NAI L . 31.26 -0.95 2.67
C8A NAI L . 30.94 -2.03 3.38
N7A NAI L . 30.14 -1.71 4.42
C5A NAI L . 29.93 -0.39 4.37
C6A NAI L . 29.18 0.61 5.17
N6A NAI L . 28.47 0.25 6.25
N1A NAI L . 29.23 1.89 4.78
C2A NAI L . 29.93 2.27 3.70
N3A NAI L . 30.63 1.42 2.93
C4A NAI L . 30.67 0.10 3.22
O3 NAI L . 30.33 -6.22 0.67
PN NAI L . 29.16 -5.96 -0.37
O1N NAI L . 29.13 -7.09 -1.36
O2N NAI L . 29.24 -4.53 -0.83
O5D NAI L . 27.86 -6.06 0.57
C5D NAI L . 27.11 -4.88 0.77
C4D NAI L . 25.64 -5.24 0.86
O4D NAI L . 24.91 -4.03 1.03
C3D NAI L . 25.19 -5.87 -0.44
O3D NAI L . 24.77 -7.21 -0.19
C2D NAI L . 23.98 -5.07 -0.87
O2D NAI L . 22.87 -5.94 -0.83
C1D NAI L . 23.78 -4.01 0.17
N1N NAI L . 23.74 -2.70 -0.46
C2N NAI L . 22.75 -1.85 -0.22
C3N NAI L . 22.71 -0.61 -0.82
C7N NAI L . 21.57 0.34 -0.56
O7N NAI L . 20.54 -0.08 -0.08
N7N NAI L . 21.75 1.63 -0.86
C4N NAI L . 23.79 -0.15 -1.75
C5N NAI L . 24.81 -1.15 -1.91
C6N NAI L . 24.75 -2.38 -1.27
PA NAI M . 15.77 -25.45 -12.26
O1A NAI M . 15.19 -26.48 -11.33
O2A NAI M . 17.13 -25.66 -12.88
O5B NAI M . 14.72 -25.18 -13.43
C5B NAI M . 13.63 -26.09 -13.59
C4B NAI M . 13.04 -25.90 -14.97
O4B NAI M . 12.78 -24.53 -15.22
C3B NAI M . 14.04 -26.37 -16.03
O3B NAI M . 13.45 -27.38 -16.84
C2B NAI M . 14.32 -25.15 -16.87
O2B NAI M . 14.31 -25.51 -18.25
C1B NAI M . 13.17 -24.21 -16.55
N9A NAI M . 13.62 -22.81 -16.66
C8A NAI M . 14.69 -22.26 -16.07
N7A NAI M . 14.81 -20.96 -16.39
C5A NAI M . 13.80 -20.66 -17.22
C6A NAI M . 13.33 -19.46 -17.94
N6A NAI M . 13.97 -18.28 -17.83
N1A NAI M . 12.23 -19.56 -18.69
C2A NAI M . 11.57 -20.72 -18.80
N3A NAI M . 11.93 -21.85 -18.18
C4A NAI M . 13.02 -21.88 -17.39
O3 NAI M . 15.76 -24.04 -11.49
PN NAI M . 14.50 -23.73 -10.58
O1N NAI M . 14.64 -24.49 -9.29
O2N NAI M . 13.27 -23.88 -11.42
O5D NAI M . 14.69 -22.17 -10.28
C5D NAI M . 13.76 -21.27 -10.85
C4D NAI M . 13.49 -20.14 -9.89
O4D NAI M . 12.50 -19.31 -10.44
C3D NAI M . 12.96 -20.69 -8.58
O3D NAI M . 13.89 -20.42 -7.54
C2D NAI M . 11.70 -19.92 -8.30
O2D NAI M . 11.94 -19.13 -7.14
C1D NAI M . 11.52 -18.97 -9.47
N1N NAI M . 10.21 -19.16 -10.06
C2N NAI M . 9.40 -18.13 -10.28
C3N NAI M . 8.16 -18.29 -10.85
C7N NAI M . 7.26 -17.13 -11.08
O7N NAI M . 7.47 -16.08 -10.50
N7N NAI M . 6.22 -17.29 -11.90
C4N NAI M . 7.66 -19.65 -11.27
C5N NAI M . 8.64 -20.68 -10.98
C6N NAI M . 9.87 -20.39 -10.40
PA NAI N . -6.11 -38.43 -1.90
O1A NAI N . -6.38 -36.95 -1.95
O2A NAI N . -5.53 -39.13 -3.10
O5B NAI N . -7.46 -39.21 -1.53
C5B NAI N . -7.39 -40.26 -0.57
C4B NAI N . -7.94 -41.53 -1.21
O4B NAI N . -8.47 -42.37 -0.18
C3B NAI N . -9.06 -41.23 -2.19
O3B NAI N . -8.71 -41.71 -3.48
C2B NAI N . -10.27 -41.97 -1.68
O2B NAI N . -10.80 -42.80 -2.71
C1B NAI N . -9.76 -42.84 -0.54
N9A NAI N . -10.67 -42.67 0.61
C8A NAI N . -11.09 -41.49 1.11
N7A NAI N . -11.93 -41.68 2.16
C5A NAI N . -12.07 -42.99 2.33
C6A NAI N . -12.81 -43.87 3.27
N6A NAI N . -13.59 -43.34 4.24
N1A NAI N . -12.67 -45.19 3.12
C2A NAI N . -11.90 -45.72 2.15
N3A NAI N . -11.19 -44.99 1.27
C4A NAI N . -11.24 -43.65 1.31
O3 NAI N . -5.22 -38.77 -0.61
PN NAI N . -4.48 -37.61 0.23
O1N NAI N . -5.55 -36.72 0.80
O2N NAI N . -3.38 -37.03 -0.61
O5D NAI N . -3.86 -38.42 1.46
C5D NAI N . -4.74 -39.04 2.38
C4D NAI N . -4.60 -38.46 3.77
O4D NAI N . -3.27 -38.00 3.99
C3D NAI N . -5.50 -37.26 3.94
O3D NAI N . -6.55 -37.59 4.85
C2D NAI N . -4.64 -36.15 4.51
O2D NAI N . -5.17 -35.73 5.77
C1D NAI N . -3.29 -36.77 4.73
N1N NAI N . -2.25 -35.88 4.24
C2N NAI N . -2.01 -35.80 2.94
C3N NAI N . -1.02 -34.98 2.42
C7N NAI N . -0.82 -34.93 0.94
O7N NAI N . -0.09 -34.08 0.46
N7N NAI N . -1.44 -35.84 0.18
C4N NAI N . -0.18 -34.12 3.32
C5N NAI N . -0.55 -34.30 4.71
C6N NAI N . -1.55 -35.16 5.12
PG GTP O . 12.88 -41.82 -5.77
O1G GTP O . 14.19 -42.17 -5.13
O2G GTP O . 12.08 -43.06 -6.05
O3G GTP O . 12.10 -40.91 -4.84
O3B GTP O . 13.18 -41.03 -7.14
PB GTP O . 14.28 -39.88 -7.13
O1B GTP O . 15.63 -40.52 -6.88
O2B GTP O . 13.96 -38.83 -6.10
O3A GTP O . 14.30 -39.27 -8.62
PA GTP O . 13.60 -40.03 -9.83
O1A GTP O . 13.84 -41.51 -9.72
O2A GTP O . 14.09 -39.49 -11.14
O5' GTP O . 12.03 -39.73 -9.69
C5' GTP O . 11.54 -38.44 -9.95
C4' GTP O . 10.45 -38.14 -8.93
O4' GTP O . 9.23 -38.62 -9.44
C3' GTP O . 10.73 -38.90 -7.65
O3' GTP O . 11.25 -38.04 -6.67
C2' GTP O . 9.38 -39.43 -7.24
O2' GTP O . 8.81 -38.55 -6.29
C1' GTP O . 8.54 -39.41 -8.50
N9 GTP O . 8.44 -40.78 -9.02
C8 GTP O . 9.48 -41.61 -9.30
N7 GTP O . 8.98 -42.78 -9.77
C5 GTP O . 7.64 -42.69 -9.80
C6 GTP O . 6.66 -43.58 -10.19
O6 GTP O . 6.96 -44.70 -10.61
N1 GTP O . 5.33 -43.21 -10.11
C2 GTP O . 5.00 -41.96 -9.65
N2 GTP O . 3.73 -41.60 -9.57
N3 GTP O . 5.98 -41.07 -9.26
C4 GTP O . 7.29 -41.43 -9.34
PA NAI P . -22.57 2.68 -31.64
O1A NAI P . -21.52 2.17 -30.69
O2A NAI P . -24.01 2.29 -31.44
O5B NAI P . -22.17 2.27 -33.13
C5B NAI P . -22.31 3.24 -34.16
C4B NAI P . -23.22 2.68 -35.24
O4B NAI P . -22.90 3.28 -36.49
C3B NAI P . -23.05 1.18 -35.39
O3B NAI P . -24.29 0.53 -35.12
C2B NAI P . -22.66 0.95 -36.83
O2B NAI P . -23.56 0.03 -37.43
C1B NAI P . -22.77 2.29 -37.50
N9A NAI P . -21.53 2.53 -38.28
C8A NAI P . -20.29 2.36 -37.80
N7A NAI P . -19.36 2.64 -38.75
C5A NAI P . -20.02 2.97 -39.86
C6A NAI P . -19.65 3.38 -41.24
N6A NAI P . -18.35 3.48 -41.60
N1A NAI P . -20.64 3.64 -42.10
C2A NAI P . -21.94 3.55 -41.74
N3A NAI P . -22.34 3.19 -40.51
C4A NAI P . -21.45 2.89 -39.56
O3 NAI P . -22.47 4.28 -31.74
PN NAI P . -21.56 5.12 -30.72
O1N NAI P . -20.13 4.69 -30.92
O2N NAI P . -22.19 5.08 -29.36
O5D NAI P . -21.65 6.61 -31.31
C5D NAI P . -21.06 6.86 -32.57
C4D NAI P . -19.92 7.87 -32.47
O4D NAI P . -20.15 8.78 -31.39
C3D NAI P . -18.62 7.17 -32.15
O3D NAI P . -17.77 7.22 -33.30
C2D NAI P . -17.98 7.95 -31.02
O2D NAI P . -16.72 8.48 -31.44
C1D NAI P . -18.93 9.08 -30.73
N1N NAI P . -19.17 9.19 -29.29
C2N NAI P . -20.01 8.35 -28.71
C3N NAI P . -20.29 8.40 -27.36
C7N NAI P . -21.25 7.42 -26.77
O7N NAI P . -21.37 7.34 -25.57
N7N NAI P . -21.97 6.65 -27.59
C4N NAI P . -19.62 9.41 -26.46
C5N NAI P . -18.71 10.26 -27.22
C6N NAI P . -18.53 10.11 -28.59
PG GTP Q . -36.35 12.56 -21.66
O1G GTP Q . -36.85 13.95 -21.34
O2G GTP Q . -36.94 12.08 -22.95
O3G GTP Q . -34.84 12.59 -21.75
O3B GTP Q . -36.79 11.58 -20.46
PB GTP Q . -36.59 12.05 -18.95
O1B GTP Q . -37.46 13.25 -18.69
O2B GTP Q . -35.14 12.35 -18.67
O3A GTP Q . -37.12 10.84 -18.05
PA GTP Q . -37.98 9.65 -18.67
O1A GTP Q . -38.97 10.19 -19.66
O2A GTP Q . -38.66 8.87 -17.57
O5' GTP Q . -36.93 8.70 -19.43
C5' GTP Q . -36.04 7.92 -18.68
C4' GTP Q . -34.70 7.94 -19.41
O4' GTP Q . -34.70 6.88 -20.33
C3' GTP Q . -34.55 9.22 -20.18
O3' GTP Q . -33.68 10.11 -19.52
C2' GTP Q . -33.96 8.78 -21.51
O2' GTP Q . -32.56 8.93 -21.46
C1' GTP Q . -34.29 7.31 -21.61
N9 GTP Q . -35.42 7.14 -22.53
C8 GTP Q . -36.63 7.76 -22.45
N7 GTP Q . -37.40 7.35 -23.47
C5 GTP Q . -36.71 6.45 -24.20
C6 GTP Q . -37.02 5.72 -25.34
O6 GTP Q . -38.13 5.85 -25.86
N1 GTP Q . -36.10 4.86 -25.87
C2 GTP Q . -34.86 4.73 -25.27
N2 GTP Q . -33.96 3.90 -25.78
N3 GTP Q . -34.56 5.45 -24.15
C4 GTP Q . -35.46 6.31 -23.62
PA NAI R . -31.23 6.21 -5.80
O1A NAI R . -31.05 6.75 -7.19
O2A NAI R . -32.40 6.64 -4.95
O5B NAI R . -31.24 4.60 -5.89
C5B NAI R . -31.40 4.00 -7.16
C4B NAI R . -31.80 2.54 -6.97
O4B NAI R . -30.93 1.92 -6.03
C3B NAI R . -33.20 2.46 -6.41
O3B NAI R . -34.02 1.68 -7.28
C2B NAI R . -33.07 1.76 -5.08
O2B NAI R . -34.10 0.78 -4.95
C1B NAI R . -31.70 1.10 -5.17
N9A NAI R . -31.10 1.01 -3.82
C8A NAI R . -30.94 2.03 -2.95
N7A NAI R . -30.37 1.58 -1.81
C5A NAI R . -30.17 0.26 -1.93
C6A NAI R . -29.62 -0.82 -1.11
N6A NAI R . -29.14 -0.59 0.13
N1A NAI R . -29.59 -2.06 -1.62
C2A NAI R . -30.06 -2.31 -2.85
N3A NAI R . -30.58 -1.38 -3.66
C4A NAI R . -30.67 -0.10 -3.26
O3 NAI R . -29.87 6.47 -4.99
PN NAI R . -28.51 6.27 -5.79
O1N NAI R . -28.29 7.46 -6.68
O2N NAI R . -28.50 4.88 -6.35
O5D NAI R . -27.43 6.30 -4.61
C5D NAI R . -26.73 5.09 -4.34
C4D NAI R . -25.31 5.42 -3.93
O4D NAI R . -24.62 4.20 -3.74
C3D NAI R . -24.62 6.17 -5.05
O3D NAI R . -24.29 7.48 -4.59
C2D NAI R . -23.34 5.41 -5.30
O2D NAI R . -22.27 6.27 -4.93
C1D NAI R . -23.35 4.24 -4.36
N1N NAI R . -23.17 3.00 -5.10
C2N NAI R . -22.24 2.13 -4.76
C3N NAI R . -22.08 0.94 -5.45
C7N NAI R . -21.02 -0.03 -5.06
O7N NAI R . -20.09 0.33 -4.36
N7N NAI R . -21.11 -1.28 -5.52
C4N NAI R . -22.96 0.58 -6.62
C5N NAI R . -23.92 1.62 -6.88
C6N NAI R . -24.00 2.77 -6.11
PA NAI S . 5.94 38.37 3.48
O1A NAI S . 6.24 36.90 3.35
O2A NAI S . 5.67 39.19 2.25
O5B NAI S . 7.17 39.08 4.24
C5B NAI S . 6.88 40.03 5.26
C4B NAI S . 7.54 41.35 4.90
O4B NAI S . 7.83 42.06 6.10
C3B NAI S . 8.84 41.12 4.16
O3B NAI S . 8.77 41.73 2.87
C2B NAI S . 9.91 41.81 4.98
O2B NAI S . 10.63 42.73 4.17
C1B NAI S . 9.17 42.56 6.08
N9A NAI S . 9.83 42.25 7.36
C8A NAI S . 10.13 41.02 7.81
N7A NAI S . 10.74 41.07 9.01
C5A NAI S . 10.83 42.35 9.35
C6A NAI S . 11.37 43.11 10.51
N6A NAI S . 11.94 42.47 11.56
N1A NAI S . 11.27 44.45 10.48
C2A NAI S . 10.71 45.09 9.44
N3A NAI S . 10.20 44.47 8.36
C4A NAI S . 10.23 43.14 8.26
O3 NAI S . 4.76 38.60 4.54
PN NAI S . 3.97 37.34 5.17
O1N NAI S . 4.98 36.49 5.88
O2N NAI S . 3.09 36.76 4.10
O5D NAI S . 3.07 38.01 6.30
C5D NAI S . 3.71 38.52 7.46
C4D NAI S . 3.27 37.77 8.72
O4D NAI S . 1.94 37.32 8.60
C3D NAI S . 4.15 36.55 8.92
O3D NAI S . 4.99 36.76 10.05
C2D NAI S . 3.20 35.41 9.21
O2D NAI S . 3.46 34.87 10.50
C1D NAI S . 1.81 36.02 9.20
N1N NAI S . 0.91 35.19 8.41
C2N NAI S . 0.95 35.26 7.08
C3N NAI S . 0.11 34.51 6.29
C7N NAI S . 0.22 34.63 4.79
O7N NAI S . -0.38 33.84 4.08
N7N NAI S . 0.96 35.60 4.29
C4N NAI S . -0.89 33.57 6.88
C5N NAI S . -0.83 33.58 8.33
C6N NAI S . 0.06 34.38 9.02
PG GTP T . -11.86 42.32 -3.84
O1G GTP T . -13.29 42.63 -3.46
O2G GTP T . -11.04 43.59 -3.83
O3G GTP T . -11.29 41.34 -2.87
O3B GTP T . -11.85 41.68 -5.31
PB GTP T . -12.93 40.54 -5.66
O1B GTP T . -14.31 41.15 -5.59
O2B GTP T . -12.79 39.36 -4.73
O3A GTP T . -12.64 40.12 -7.18
PA GTP T . -11.70 41.02 -8.12
O1A GTP T . -11.98 42.48 -7.90
O2A GTP T . -11.91 40.63 -9.57
O5' GTP T . -10.20 40.67 -7.68
C5' GTP T . -9.66 39.41 -7.99
C4' GTP T . -8.80 38.99 -6.81
O4' GTP T . -7.51 39.51 -7.00
C3' GTP T . -9.33 39.60 -5.54
O3' GTP T . -10.03 38.64 -4.78
C2' GTP T . -8.10 40.07 -4.79
O2' GTP T . -7.73 39.09 -3.85
C1' GTP T . -7.03 40.18 -5.86
N9 GTP T . -6.83 41.59 -6.19
C8 GTP T . -7.80 42.47 -6.58
N7 GTP T . -7.23 43.67 -6.81
C5 GTP T . -5.91 43.57 -6.57
C6 GTP T . -4.87 44.49 -6.64
O6 GTP T . -5.09 45.64 -6.98
N1 GTP T . -3.59 44.10 -6.33
C2 GTP T . -3.35 42.79 -5.95
N2 GTP T . -2.11 42.40 -5.66
N3 GTP T . -4.37 41.89 -5.88
C4 GTP T . -5.64 42.27 -6.18
PA NAI U . -13.14 26.79 -12.50
O1A NAI U . -12.77 27.71 -11.36
O2A NAI U . -14.35 27.09 -13.36
O5B NAI U . -11.87 26.64 -13.46
C5B NAI U . -10.78 27.54 -13.29
C4B NAI U . -9.92 27.51 -14.53
O4B NAI U . -9.59 26.16 -14.86
C3B NAI U . -10.67 28.08 -15.71
O3B NAI U . -9.93 29.16 -16.28
C2B NAI U . -10.77 26.96 -16.71
O2B NAI U . -10.51 27.45 -18.03
C1B NAI U . -9.71 25.99 -16.26
N9A NAI U . -10.11 24.62 -16.61
C8A NAI U . -11.29 24.03 -16.34
N7A NAI U . -11.32 22.76 -16.83
C5A NAI U . -10.15 22.54 -17.42
C6A NAI U . -9.51 21.41 -18.14
N6A NAI U . -10.16 20.24 -18.33
N1A NAI U . -8.27 21.58 -18.61
C2A NAI U . -7.62 22.74 -18.44
N3A NAI U . -8.12 23.80 -17.80
C4A NAI U . -9.36 23.76 -17.29
O3 NAI U . -13.29 25.31 -11.92
PN NAI U . -12.26 24.88 -10.78
O1N NAI U . -12.70 25.49 -9.46
O2N NAI U . -10.87 25.12 -11.29
O5D NAI U . -12.47 23.30 -10.70
C5D NAI U . -11.41 22.48 -11.12
C4D NAI U . -11.37 21.23 -10.28
O4D NAI U . -10.27 20.44 -10.70
C3D NAI U . -11.13 21.61 -8.83
O3D NAI U . -12.26 21.21 -8.05
C2D NAI U . -9.95 20.80 -8.39
O2D NAI U . -10.41 19.90 -7.39
C1D NAI U . -9.51 19.99 -9.58
N1N NAI U . -8.12 20.23 -9.87
C2N NAI U . -7.27 19.21 -10.00
C3N NAI U . -5.92 19.43 -10.28
C7N NAI U . -4.97 18.29 -10.42
O7N NAI U . -5.28 17.20 -9.99
N7N NAI U . -3.80 18.53 -11.01
C4N NAI U . -5.37 20.82 -10.45
C5N NAI U . -6.41 21.82 -10.27
C6N NAI U . -7.72 21.48 -10.00
PA NAI V . -19.23 21.58 14.54
O1A NAI V . -20.38 20.65 14.77
O2A NAI V . -19.44 23.07 14.41
O5B NAI V . -18.15 21.33 15.70
C5B NAI V . -18.55 20.58 16.84
C4B NAI V . -17.57 20.83 17.97
O4B NAI V . -16.23 20.65 17.51
C3B NAI V . -17.69 22.26 18.45
O3B NAI V . -17.99 22.28 19.84
C2B NAI V . -16.33 22.89 18.21
O2B NAI V . -15.96 23.66 19.34
C1B NAI V . -15.41 21.69 18.04
N9A NAI V . -14.32 22.03 17.13
C8A NAI V . -14.43 22.57 15.90
N7A NAI V . -13.21 22.75 15.35
C5A NAI V . -12.29 22.34 16.23
C6A NAI V . -10.82 22.26 16.28
N6A NAI V . -10.06 22.67 15.25
N1A NAI V . -10.25 21.77 17.40
C2A NAI V . -11.00 21.36 18.44
N3A NAI V . -12.34 21.40 18.45
C4A NAI V . -13.03 21.88 17.40
O3 NAI V . -18.43 21.06 13.26
PN NAI V . -18.29 19.49 13.08
O1N NAI V . -19.60 18.94 12.56
O2N NAI V . -17.68 18.92 14.34
O5D NAI V . -17.18 19.37 11.93
C5D NAI V . -15.92 18.86 12.29
C4D NAI V . -15.38 18.02 11.14
O4D NAI V . -14.16 17.45 11.55
C3D NAI V . -16.34 16.90 10.82
O3D NAI V . -16.87 17.09 9.52
C2D NAI V . -15.51 15.65 10.83
O2D NAI V . -15.49 15.15 9.49
C1D NAI V . -14.11 16.07 11.18
N1N NAI V . -13.63 15.31 12.33
C2N NAI V . -12.46 14.69 12.31
C3N NAI V . -12.00 13.99 13.40
C7N NAI V . -10.69 13.28 13.34
O7N NAI V . -10.15 13.08 12.28
N7N NAI V . -10.15 12.88 14.50
C4N NAI V . -12.80 13.90 14.67
C5N NAI V . -14.04 14.62 14.56
C6N NAI V . -14.41 15.30 13.41
PA NAI W . -29.50 -1.46 25.41
O1A NAI W . -28.17 -1.76 24.76
O2A NAI W . -29.64 -0.27 26.32
O5B NAI W . -29.98 -2.74 26.25
C5B NAI W . -31.35 -3.13 26.15
C4B NAI W . -31.95 -3.15 27.55
O4B NAI W . -33.01 -4.10 27.57
C3B NAI W . -30.93 -3.58 28.59
O3B NAI W . -30.78 -2.54 29.56
C2B NAI W . -31.49 -4.81 29.25
O2B NAI W . -31.54 -4.62 30.66
C1B NAI W . -32.90 -4.96 28.71
N9A NAI W . -33.09 -6.36 28.28
C8A NAI W . -32.25 -7.06 27.50
N7A NAI W . -32.69 -8.31 27.30
C5A NAI W . -33.84 -8.44 27.97
C6A NAI W . -34.84 -9.52 28.19
N6A NAI W . -34.68 -10.74 27.63
N1A NAI W . -35.91 -9.23 28.95
C2A NAI W . -36.07 -8.02 29.52
N3A NAI W . -35.22 -7.00 29.37
C4A NAI W . -34.10 -7.14 28.62
O3 NAI W . -30.65 -1.40 24.29
PN NAI W . -30.28 -1.33 22.72
O1N NAI W . -29.55 -2.59 22.37
O2N NAI W . -29.67 0.01 22.43
O5D NAI W . -31.71 -1.43 22.03
C5D NAI W . -32.46 -2.63 22.18
C4D NAI W . -32.69 -3.32 20.85
O4D NAI W . -32.76 -2.36 19.80
C3D NAI W . -31.54 -4.24 20.52
O3D NAI W . -31.99 -5.60 20.60
C2D NAI W . -31.12 -3.91 19.11
O2D NAI W . -31.25 -5.07 18.28
C1D NAI W . -32.10 -2.86 18.63
N1N NAI W . -31.38 -1.79 17.96
C2N NAI W . -30.73 -0.88 18.68
C3N NAI W . -30.05 0.17 18.09
C7N NAI W . -29.34 1.15 18.97
O7N NAI W . -28.58 1.96 18.47
N7N NAI W . -29.56 1.11 20.28
C4N NAI W . -29.99 0.32 16.60
C5N NAI W . -30.73 -0.74 15.93
C6N NAI W . -31.39 -1.74 16.63
PG GTP X . -35.29 16.71 20.57
O1G GTP X . -36.24 17.48 19.69
O2G GTP X . -35.98 16.28 21.84
O3G GTP X . -34.79 15.49 19.83
O3B GTP X . -34.04 17.65 20.92
PB GTP X . -33.38 18.50 19.74
O1B GTP X . -34.37 19.52 19.26
O2B GTP X . -32.93 17.59 18.62
O3A GTP X . -32.14 19.28 20.40
PA GTP X . -32.00 19.42 21.99
O1A GTP X . -33.35 19.65 22.61
O2A GTP X . -31.03 20.51 22.33
O5' GTP X . -31.42 18.01 22.49
C5' GTP X . -30.09 17.66 22.20
C4' GTP X . -30.06 16.18 21.88
O4' GTP X . -29.90 15.48 23.09
C3' GTP X . -31.39 15.76 21.30
O3' GTP X . -31.29 15.59 19.90
C2' GTP X . -31.68 14.43 21.96
O2' GTP X . -31.27 13.39 21.13
C1' GTP X . -30.83 14.43 23.22
N9 GTP X . -31.69 14.73 24.38
C8 GTP X . -32.52 15.81 24.52
N7 GTP X . -33.13 15.73 25.72
C5 GTP X . -32.70 14.62 26.35
C6 GTP X . -33.00 14.07 27.58
O6 GTP X . -33.80 14.63 28.33
N1 GTP X . -32.39 12.90 27.98
C2 GTP X . -31.48 12.29 27.14
N2 GTP X . -30.90 11.16 27.51
N3 GTP X . -31.19 12.83 25.91
C4 GTP X . -31.79 13.99 25.52
#